data_9M5V
#
_entry.id   9M5V
#
_cell.length_a   1.00
_cell.length_b   1.00
_cell.length_c   1.00
_cell.angle_alpha   90.00
_cell.angle_beta   90.00
_cell.angle_gamma   90.00
#
_symmetry.space_group_name_H-M   'P 1'
#
loop_
_entity.id
_entity.type
_entity.pdbx_description
1 polymer 'Short transient receptor potential channel 5'
2 non-polymer 'CHOLESTEROL HEMISUCCINATE'
3 non-polymer 'ZINC ION'
4 non-polymer 'CALCIUM ION'
5 non-polymer PHOSPHATIDYLETHANOLAMINE
6 non-polymer '(-)-englerin A'
#
_entity_poly.entity_id   1
_entity_poly.type   'polypeptide(L)'
_entity_poly.pdbx_seq_one_letter_code
;PEFMAQLYYKKVNYSPYRDRIPLQIVRAETELSAEEKAFLNAVEKGDYATVKQALQEAEIYYNVNINCMDPLGRSALLIA
IENENLEIMELLLNHSVYVGDALLYAIRKEVVGAVELLLSYRRPSGEKQVPTLMMDTQFSEFTPDITPIMLAAHTNNYEI
IKLLVQKRVTIPRPHQIRCNCVECVSSSEVDSLRHSRSRLNIYKALASPSLIALSSEDPILTAFRLGWELKELSKVENEF
KAEYEELSQQCKLFAKDLLDQARSSRELEIILNHRDDHSEELDPQKYHDLAKLKVAIKYHQKEFVAQPNCQQLLATLWYD
GFPGWRRKHWVVKLLTCMTIGFLFPMLSIAYLISPRSNLGLFIKKPFIKFICHTASYLTFLFMLLLASQHIVRTDLHVQG
PPPTVVEWMILPWVLGFIWGEIKEMWDGGFTEYIHDWWNLMDFAMNSLYLATISLKIVAYVKYNGSRPREEWEMWHPTLI
AEALFAISNILSSLRLISLFTANSHLGPLQISLGRMLLDILKFLFIYCLVLLAFANGLNQLYFYYETRAIDEPNNCKGIR
CEKQNNAFSTLFETLQSLFWSVFGLLNLYVTNVKARHEFTEFVGATMFGTYNVISLVVLLNMLIAMMNNSYQLIADHADI
EWKFARTKLWMSYFDEGGTLPPPFNIIPSPKSFLYLGNWFNNTFCPKRDPDGRRRRRNLRSFTERNADSLIQNQHYQEVI
RNLVKRYVAAMIRNSKTHEGLTEENFKELKQDISSFRYEVLDLLGNRKHPRSFSTSSTELSQRDDNNDGSGGARAKSKSV
SFNLGCKKKTCHGPPLIRTMPRSSGAQGKSKAESSSKRSFMGPSLKKLGLLFSKFNGHMSEPSSEPMYTISDGIVQQHCM
WQDIRYSQMEKGKAEACSQSEINLSEVELGEVQGAAQSSECPLACSSSLHCASSICSSNSKLLDSSEDVFETWGEACDLL
MHKWGDGQEEQVTTRL
;
_entity_poly.pdbx_strand_id   A,B,C,D
#
# COMPACT_ATOMS: atom_id res chain seq x y z
N PRO A 1 9.47 46.29 -16.18
CA PRO A 1 9.52 44.95 -15.58
C PRO A 1 8.29 44.62 -14.73
N GLU A 2 7.54 43.61 -15.15
CA GLU A 2 6.36 43.21 -14.40
C GLU A 2 6.76 42.59 -13.07
N PHE A 3 6.14 43.06 -11.99
CA PHE A 3 6.46 42.63 -10.64
C PHE A 3 5.20 42.14 -9.94
N MET A 4 5.42 41.38 -8.86
CA MET A 4 4.33 41.03 -7.94
C MET A 4 4.04 42.27 -7.10
N ALA A 5 2.93 42.94 -7.40
CA ALA A 5 2.68 44.27 -6.86
C ALA A 5 2.60 44.25 -5.33
N GLN A 6 1.84 43.31 -4.78
CA GLN A 6 1.62 43.25 -3.33
C GLN A 6 1.70 41.81 -2.86
N LEU A 7 2.76 41.49 -2.13
CA LEU A 7 2.91 40.19 -1.50
C LEU A 7 2.84 40.27 0.02
N TYR A 8 3.64 41.14 0.62
CA TYR A 8 3.68 41.30 2.07
C TYR A 8 3.05 42.60 2.55
N TYR A 9 2.91 43.60 1.68
CA TYR A 9 2.37 44.90 2.06
C TYR A 9 1.44 45.40 0.98
N LYS A 10 0.49 46.25 1.37
CA LYS A 10 -0.49 46.81 0.44
C LYS A 10 -0.13 48.25 0.06
N LYS A 11 0.00 49.14 1.05
CA LYS A 11 0.19 50.55 0.78
C LYS A 11 1.63 50.92 0.43
N VAL A 12 2.59 50.04 0.72
CA VAL A 12 3.98 50.36 0.42
C VAL A 12 4.19 50.51 -1.08
N ASN A 13 3.62 49.59 -1.86
CA ASN A 13 3.67 49.56 -3.33
C ASN A 13 4.84 50.30 -3.98
N ARG A 18 10.97 49.49 -5.31
CA ARG A 18 10.12 49.02 -6.40
C ARG A 18 10.47 47.58 -6.77
N ASP A 19 11.75 47.32 -6.98
CA ASP A 19 12.23 45.98 -7.32
C ASP A 19 12.63 45.16 -6.09
N ARG A 20 12.45 45.70 -4.90
CA ARG A 20 12.79 45.02 -3.66
C ARG A 20 11.55 44.86 -2.78
N ILE A 21 11.68 44.05 -1.74
CA ILE A 21 10.64 43.89 -0.75
C ILE A 21 11.24 44.20 0.62
N PRO A 22 11.15 45.46 1.09
CA PRO A 22 11.70 45.79 2.40
C PRO A 22 11.02 45.00 3.51
N LEU A 23 11.81 44.61 4.51
CA LEU A 23 11.32 43.81 5.62
C LEU A 23 11.40 44.61 6.91
N GLN A 24 10.31 44.60 7.69
CA GLN A 24 10.23 45.32 8.95
C GLN A 24 9.41 44.47 9.92
N ILE A 25 9.56 44.77 11.21
CA ILE A 25 8.75 44.11 12.23
C ILE A 25 7.40 44.81 12.24
N VAL A 26 6.43 44.24 11.51
CA VAL A 26 5.12 44.87 11.37
C VAL A 26 4.38 44.85 12.71
N ARG A 27 4.35 43.70 13.37
CA ARG A 27 3.78 43.60 14.72
C ARG A 27 4.91 43.66 15.74
N ALA A 28 5.47 44.87 15.87
CA ALA A 28 6.62 45.07 16.73
C ALA A 28 6.24 44.88 18.20
N GLU A 29 7.16 44.31 18.96
CA GLU A 29 6.99 44.09 20.39
C GLU A 29 8.08 44.86 21.15
N THR A 30 8.13 44.65 22.46
CA THR A 30 9.13 45.31 23.30
C THR A 30 10.37 44.44 23.36
N GLU A 31 11.48 44.95 22.85
CA GLU A 31 12.73 44.20 22.82
C GLU A 31 13.38 44.19 24.20
N LEU A 32 14.12 43.12 24.46
CA LEU A 32 14.85 43.01 25.71
C LEU A 32 16.09 43.91 25.67
N SER A 33 16.43 44.47 26.83
CA SER A 33 17.61 45.30 26.94
C SER A 33 18.87 44.43 27.02
N ALA A 34 20.02 45.09 27.16
CA ALA A 34 21.29 44.36 27.19
C ALA A 34 21.42 43.52 28.46
N GLU A 35 21.14 44.12 29.62
CA GLU A 35 21.30 43.40 30.88
C GLU A 35 20.25 42.29 31.02
N GLU A 36 19.02 42.54 30.57
CA GLU A 36 18.00 41.51 30.61
C GLU A 36 18.37 40.34 29.69
N LYS A 37 18.89 40.65 28.49
CA LYS A 37 19.34 39.60 27.59
C LYS A 37 20.49 38.81 28.21
N ALA A 38 21.43 39.48 28.86
CA ALA A 38 22.54 38.79 29.51
C ALA A 38 22.04 37.90 30.64
N PHE A 39 21.08 38.38 31.43
CA PHE A 39 20.53 37.57 32.51
C PHE A 39 19.82 36.33 31.98
N LEU A 40 19.01 36.50 30.92
CA LEU A 40 18.33 35.35 30.35
C LEU A 40 19.31 34.37 29.72
N ASN A 41 20.38 34.87 29.10
CA ASN A 41 21.40 33.99 28.55
C ASN A 41 22.12 33.22 29.66
N ALA A 42 22.40 33.89 30.78
CA ALA A 42 23.00 33.20 31.92
C ALA A 42 22.07 32.11 32.45
N VAL A 43 20.77 32.39 32.49
CA VAL A 43 19.81 31.37 32.91
C VAL A 43 19.80 30.21 31.92
N GLU A 44 19.84 30.50 30.62
CA GLU A 44 19.86 29.45 29.60
C GLU A 44 21.11 28.58 29.74
N LYS A 45 22.27 29.20 29.94
CA LYS A 45 23.51 28.45 30.13
C LYS A 45 23.58 27.75 31.48
N GLY A 46 22.71 28.11 32.43
CA GLY A 46 22.61 27.42 33.71
C GLY A 46 23.67 27.75 34.74
N ASP A 47 24.46 28.79 34.53
CA ASP A 47 25.48 29.17 35.52
C ASP A 47 24.78 29.84 36.69
N TYR A 48 24.79 29.18 37.86
CA TYR A 48 24.13 29.72 39.04
C TYR A 48 24.76 31.05 39.47
N ALA A 49 26.05 31.25 39.15
CA ALA A 49 26.82 32.36 39.70
C ALA A 49 26.29 33.72 39.25
N THR A 50 26.39 34.04 37.96
CA THR A 50 25.97 35.37 37.53
C THR A 50 24.45 35.50 37.57
N VAL A 51 23.72 34.38 37.51
CA VAL A 51 22.27 34.44 37.71
C VAL A 51 21.94 34.98 39.10
N LYS A 52 22.56 34.40 40.13
CA LYS A 52 22.36 34.89 41.48
C LYS A 52 22.85 36.33 41.63
N GLN A 53 24.02 36.64 41.03
CA GLN A 53 24.58 37.98 41.14
C GLN A 53 23.64 39.02 40.52
N ALA A 54 23.08 38.71 39.35
CA ALA A 54 22.14 39.63 38.71
C ALA A 54 20.85 39.74 39.51
N LEU A 55 20.41 38.65 40.14
CA LEU A 55 19.22 38.72 40.98
C LEU A 55 19.44 39.68 42.15
N GLN A 56 20.57 39.56 42.83
CA GLN A 56 20.86 40.48 43.93
C GLN A 56 21.03 41.91 43.43
N GLU A 57 21.68 42.08 42.26
CA GLU A 57 21.88 43.41 41.72
C GLU A 57 20.55 44.07 41.37
N ALA A 58 19.62 43.30 40.82
CA ALA A 58 18.29 43.84 40.52
C ALA A 58 17.51 44.12 41.80
N GLU A 59 17.69 43.29 42.83
CA GLU A 59 17.04 43.57 44.11
C GLU A 59 17.54 44.86 44.72
N ILE A 60 18.84 45.13 44.60
CA ILE A 60 19.43 46.30 45.25
C ILE A 60 19.20 47.56 44.44
N TYR A 61 19.44 47.52 43.12
CA TYR A 61 19.45 48.71 42.29
C TYR A 61 18.26 48.82 41.35
N TYR A 62 17.45 47.76 41.21
CA TYR A 62 16.29 47.75 40.32
C TYR A 62 16.69 48.02 38.86
N ASN A 63 17.92 47.66 38.50
CA ASN A 63 18.39 47.89 37.14
C ASN A 63 17.85 46.86 36.15
N VAL A 64 17.53 45.66 36.62
CA VAL A 64 17.13 44.55 35.75
C VAL A 64 15.75 44.09 36.17
N ASN A 65 14.87 43.91 35.18
CA ASN A 65 13.54 43.35 35.43
C ASN A 65 13.67 41.84 35.43
N ILE A 66 13.61 41.24 36.63
CA ILE A 66 13.76 39.80 36.76
C ILE A 66 12.60 39.02 36.18
N ASN A 67 11.51 39.70 35.80
CA ASN A 67 10.38 39.08 35.13
C ASN A 67 10.41 39.31 33.62
N CYS A 68 11.56 39.70 33.08
CA CYS A 68 11.67 39.95 31.64
C CYS A 68 11.38 38.70 30.84
N MET A 69 10.70 38.86 29.72
CA MET A 69 10.28 37.75 28.87
C MET A 69 11.08 37.76 27.58
N ASP A 70 11.65 36.61 27.24
CA ASP A 70 12.22 36.43 25.92
C ASP A 70 11.12 36.67 24.89
N PRO A 71 11.38 37.48 23.83
CA PRO A 71 10.34 37.79 22.84
C PRO A 71 9.58 36.59 22.31
N LEU A 72 10.10 35.38 22.54
CA LEU A 72 9.39 34.16 22.21
C LEU A 72 8.38 33.76 23.29
N GLY A 73 8.32 34.50 24.39
CA GLY A 73 7.36 34.25 25.45
C GLY A 73 7.93 33.62 26.71
N ARG A 74 9.14 33.07 26.66
CA ARG A 74 9.73 32.42 27.82
C ARG A 74 10.36 33.44 28.76
N SER A 75 10.17 33.24 30.06
CA SER A 75 10.79 34.05 31.08
C SER A 75 11.95 33.28 31.71
N ALA A 76 12.56 33.87 32.74
CA ALA A 76 13.65 33.18 33.44
C ALA A 76 13.15 31.90 34.10
N LEU A 77 11.99 31.95 34.75
CA LEU A 77 11.41 30.76 35.36
C LEU A 77 11.07 29.71 34.30
N LEU A 78 10.52 30.15 33.17
CA LEU A 78 10.18 29.21 32.11
C LEU A 78 11.44 28.56 31.53
N ILE A 79 12.50 29.35 31.36
CA ILE A 79 13.76 28.78 30.85
C ILE A 79 14.33 27.79 31.86
N ALA A 80 14.30 28.12 33.15
CA ALA A 80 14.81 27.22 34.17
C ALA A 80 14.01 25.91 34.19
N ILE A 81 12.69 26.00 34.05
CA ILE A 81 11.86 24.80 33.98
C ILE A 81 12.21 23.98 32.74
N GLU A 82 12.38 24.64 31.59
CA GLU A 82 12.72 23.94 30.36
C GLU A 82 14.09 23.28 30.45
N ASN A 83 15.04 23.91 31.16
CA ASN A 83 16.36 23.34 31.34
C ASN A 83 16.41 22.28 32.42
N GLU A 84 15.29 22.04 33.13
CA GLU A 84 15.21 21.04 34.19
C GLU A 84 16.25 21.32 35.28
N ASN A 85 16.52 22.58 35.53
CA ASN A 85 17.50 23.01 36.53
C ASN A 85 16.74 23.42 37.79
N LEU A 86 16.76 22.53 38.80
CA LEU A 86 16.01 22.79 40.02
C LEU A 86 16.68 23.83 40.91
N GLU A 87 18.01 23.94 40.86
CA GLU A 87 18.69 24.91 41.72
C GLU A 87 18.41 26.34 41.30
N ILE A 88 18.50 26.63 40.00
CA ILE A 88 18.19 27.97 39.51
C ILE A 88 16.70 28.27 39.71
N MET A 89 15.84 27.26 39.54
CA MET A 89 14.42 27.47 39.79
C MET A 89 14.16 27.81 41.25
N GLU A 90 14.83 27.12 42.17
CA GLU A 90 14.73 27.45 43.59
C GLU A 90 15.21 28.86 43.86
N LEU A 91 16.32 29.25 43.24
CA LEU A 91 16.85 30.60 43.42
C LEU A 91 15.87 31.65 42.93
N LEU A 92 15.26 31.42 41.77
CA LEU A 92 14.27 32.36 41.24
C LEU A 92 13.04 32.43 42.13
N LEU A 93 12.56 31.28 42.61
CA LEU A 93 11.38 31.28 43.47
C LEU A 93 11.66 32.02 44.78
N ASN A 94 12.86 31.85 45.33
CA ASN A 94 13.23 32.57 46.54
C ASN A 94 13.35 34.08 46.31
N HIS A 95 13.48 34.51 45.05
CA HIS A 95 13.53 35.93 44.72
C HIS A 95 12.19 36.46 44.23
N SER A 96 11.13 35.67 44.35
CA SER A 96 9.75 36.06 44.02
C SER A 96 9.64 36.54 42.57
N VAL A 97 9.91 35.62 41.64
CA VAL A 97 9.59 35.87 40.24
C VAL A 97 8.11 35.58 40.00
N TYR A 98 7.61 36.06 38.86
CA TYR A 98 6.23 35.78 38.50
C TYR A 98 6.05 34.30 38.19
N VAL A 99 5.12 33.66 38.88
CA VAL A 99 4.94 32.21 38.83
C VAL A 99 3.68 31.83 38.07
N GLY A 100 2.99 32.81 37.47
CA GLY A 100 1.75 32.55 36.76
C GLY A 100 1.89 31.54 35.62
N ASP A 101 1.08 30.49 35.67
CA ASP A 101 1.01 29.44 34.66
C ASP A 101 2.32 28.66 34.50
N ALA A 102 3.31 28.89 35.37
CA ALA A 102 4.54 28.13 35.29
C ALA A 102 4.34 26.68 35.68
N LEU A 103 3.36 26.40 36.53
CA LEU A 103 3.05 25.03 36.90
C LEU A 103 2.60 24.23 35.67
N LEU A 104 1.83 24.87 34.78
CA LEU A 104 1.41 24.19 33.56
C LEU A 104 2.61 23.84 32.69
N TYR A 105 3.57 24.77 32.56
CA TYR A 105 4.77 24.48 31.77
C TYR A 105 5.59 23.34 32.39
N ALA A 106 5.73 23.35 33.71
CA ALA A 106 6.45 22.27 34.38
C ALA A 106 5.74 20.94 34.18
N ILE A 107 4.41 20.94 34.26
CA ILE A 107 3.65 19.71 34.05
C ILE A 107 3.84 19.20 32.63
N ARG A 108 3.75 20.10 31.64
CA ARG A 108 3.89 19.69 30.25
C ARG A 108 5.30 19.14 29.99
N LYS A 109 6.33 19.79 30.53
CA LYS A 109 7.67 19.26 30.39
C LYS A 109 7.90 18.02 31.25
N GLU A 110 6.98 17.71 32.16
CA GLU A 110 7.02 16.50 32.98
C GLU A 110 8.26 16.46 33.88
N VAL A 111 8.48 17.57 34.59
CA VAL A 111 9.54 17.66 35.60
C VAL A 111 8.87 17.49 36.95
N VAL A 112 9.04 16.32 37.55
CA VAL A 112 8.41 16.04 38.85
C VAL A 112 8.93 16.99 39.92
N GLY A 113 10.25 17.19 39.96
CA GLY A 113 10.82 18.09 40.95
C GLY A 113 10.31 19.51 40.80
N ALA A 114 10.19 19.98 39.55
CA ALA A 114 9.62 21.30 39.33
C ALA A 114 8.18 21.36 39.79
N VAL A 115 7.41 20.29 39.58
CA VAL A 115 6.02 20.27 40.02
C VAL A 115 5.93 20.39 41.53
N GLU A 116 6.75 19.62 42.25
CA GLU A 116 6.75 19.73 43.71
C GLU A 116 7.21 21.11 44.16
N LEU A 117 8.23 21.67 43.49
CA LEU A 117 8.73 22.99 43.86
C LEU A 117 7.65 24.05 43.70
N LEU A 118 6.89 24.00 42.60
CA LEU A 118 5.86 25.00 42.35
C LEU A 118 4.63 24.77 43.22
N LEU A 119 4.33 23.52 43.57
CA LEU A 119 3.23 23.27 44.49
C LEU A 119 3.56 23.70 45.91
N SER A 120 4.83 23.60 46.29
CA SER A 120 5.26 24.04 47.62
C SER A 120 5.53 25.53 47.71
N TYR A 121 5.42 26.25 46.60
CA TYR A 121 5.66 27.69 46.55
C TYR A 121 7.05 28.04 47.05
N GLN A 138 -1.19 38.00 30.56
CA GLN A 138 -0.05 37.89 29.65
C GLN A 138 -0.29 36.78 28.62
N PHE A 139 0.75 36.49 27.83
CA PHE A 139 0.67 35.43 26.84
C PHE A 139 0.94 34.07 27.48
N SER A 140 0.18 33.06 27.05
CA SER A 140 0.35 31.70 27.54
C SER A 140 0.20 30.74 26.38
N GLU A 141 0.88 29.60 26.50
CA GLU A 141 0.79 28.55 25.49
C GLU A 141 -0.40 27.61 25.73
N PHE A 142 -1.19 27.84 26.78
CA PHE A 142 -2.32 27.00 27.13
C PHE A 142 -3.59 27.81 27.12
N THR A 143 -4.69 27.16 26.74
CA THR A 143 -5.99 27.80 26.75
C THR A 143 -6.42 28.10 28.19
N PRO A 144 -7.25 29.13 28.38
CA PRO A 144 -7.61 29.53 29.76
C PRO A 144 -8.33 28.45 30.56
N ASP A 145 -9.01 27.50 29.90
CA ASP A 145 -9.73 26.46 30.63
C ASP A 145 -8.82 25.37 31.17
N ILE A 146 -7.56 25.32 30.72
CA ILE A 146 -6.65 24.26 31.15
C ILE A 146 -6.32 24.44 32.62
N THR A 147 -6.48 23.37 33.40
CA THR A 147 -6.12 23.32 34.80
C THR A 147 -4.94 22.37 35.00
N PRO A 148 -4.19 22.52 36.09
CA PRO A 148 -3.01 21.66 36.28
C PRO A 148 -3.33 20.16 36.25
N ILE A 149 -4.44 19.75 36.85
CA ILE A 149 -4.80 18.34 36.84
C ILE A 149 -5.20 17.90 35.43
N MET A 150 -5.92 18.76 34.71
CA MET A 150 -6.31 18.44 33.34
C MET A 150 -5.09 18.26 32.45
N LEU A 151 -4.13 19.18 32.55
CA LEU A 151 -2.93 19.07 31.73
C LEU A 151 -2.07 17.87 32.15
N ALA A 152 -2.04 17.58 33.45
CA ALA A 152 -1.30 16.40 33.92
C ALA A 152 -1.91 15.13 33.35
N ALA A 153 -3.25 15.05 33.32
CA ALA A 153 -3.91 13.91 32.71
C ALA A 153 -3.64 13.86 31.21
N HIS A 154 -3.59 15.03 30.57
CA HIS A 154 -3.26 15.06 29.15
C HIS A 154 -1.87 14.50 28.88
N THR A 155 -0.90 14.84 29.73
CA THR A 155 0.45 14.31 29.59
C THR A 155 0.54 12.84 29.96
N ASN A 156 -0.44 12.32 30.70
CA ASN A 156 -0.50 10.90 31.09
C ASN A 156 0.71 10.50 31.93
N ASN A 157 1.22 11.42 32.74
CA ASN A 157 2.34 11.15 33.63
C ASN A 157 1.78 10.72 34.98
N TYR A 158 2.03 9.47 35.36
CA TYR A 158 1.44 8.91 36.57
C TYR A 158 1.92 9.66 37.82
N GLU A 159 3.21 10.03 37.85
CA GLU A 159 3.76 10.70 39.02
C GLU A 159 3.12 12.06 39.25
N ILE A 160 3.05 12.88 38.20
CA ILE A 160 2.49 14.22 38.35
C ILE A 160 0.98 14.16 38.61
N ILE A 161 0.29 13.23 37.95
CA ILE A 161 -1.14 13.07 38.21
C ILE A 161 -1.39 12.68 39.65
N LYS A 162 -0.61 11.72 40.16
CA LYS A 162 -0.77 11.33 41.56
C LYS A 162 -0.45 12.48 42.50
N LEU A 163 0.62 13.23 42.21
CA LEU A 163 1.01 14.35 43.05
C LEU A 163 -0.10 15.40 43.11
N LEU A 164 -0.73 15.69 41.98
CA LEU A 164 -1.81 16.68 41.97
C LEU A 164 -3.07 16.13 42.62
N VAL A 165 -3.33 14.83 42.48
CA VAL A 165 -4.54 14.25 43.07
C VAL A 165 -4.43 14.18 44.58
N GLN A 166 -3.21 14.01 45.13
CA GLN A 166 -3.06 14.04 46.58
C GLN A 166 -3.57 15.33 47.18
N LYS A 167 -3.48 16.43 46.44
CA LYS A 167 -4.19 17.65 46.78
C LYS A 167 -5.60 17.60 46.19
N ARG A 168 -6.55 18.19 46.90
CA ARG A 168 -7.94 18.04 46.52
C ARG A 168 -8.26 18.83 45.25
N VAL A 169 -8.05 18.20 44.10
CA VAL A 169 -8.36 18.80 42.81
C VAL A 169 -9.63 18.15 42.27
N THR A 170 -10.28 18.84 41.34
CA THR A 170 -11.51 18.36 40.73
C THR A 170 -11.45 18.56 39.22
N ILE A 171 -12.19 17.72 38.51
CA ILE A 171 -12.39 17.84 37.07
C ILE A 171 -13.85 18.20 36.84
N PRO A 172 -14.15 19.28 36.10
CA PRO A 172 -15.56 19.62 35.85
C PRO A 172 -16.28 18.48 35.15
N ARG A 173 -17.50 18.21 35.61
CA ARG A 173 -18.26 17.08 35.09
C ARG A 173 -18.85 17.45 33.73
N PRO A 174 -18.52 16.72 32.67
CA PRO A 174 -19.09 17.04 31.36
C PRO A 174 -20.59 16.78 31.32
N HIS A 175 -21.28 17.58 30.50
CA HIS A 175 -22.71 17.40 30.32
C HIS A 175 -22.96 16.27 29.31
N GLN A 176 -24.23 15.83 29.27
CA GLN A 176 -24.59 14.79 28.32
C GLN A 176 -24.61 15.34 26.90
N ILE A 177 -24.59 14.43 25.93
CA ILE A 177 -24.58 14.81 24.53
C ILE A 177 -25.87 15.55 24.17
N ARG A 178 -27.00 15.02 24.62
CA ARG A 178 -28.30 15.61 24.32
C ARG A 178 -28.75 16.63 25.36
N CYS A 179 -27.81 17.14 26.17
CA CYS A 179 -28.16 18.15 27.17
C CYS A 179 -28.58 19.44 26.49
N ASN A 180 -29.63 20.07 27.02
CA ASN A 180 -30.15 21.33 26.51
C ASN A 180 -30.40 22.30 27.65
N CYS A 181 -29.51 22.31 28.64
CA CYS A 181 -29.65 23.21 29.77
C CYS A 181 -29.30 24.64 29.37
N VAL A 182 -29.64 25.58 30.24
CA VAL A 182 -29.37 26.99 29.96
C VAL A 182 -27.88 27.25 29.89
N GLU A 183 -27.10 26.59 30.76
CA GLU A 183 -25.66 26.80 30.78
C GLU A 183 -25.03 26.34 29.47
N CYS A 184 -25.38 25.13 29.02
CA CYS A 184 -24.78 24.58 27.81
C CYS A 184 -25.11 25.43 26.58
N VAL A 185 -26.38 25.80 26.43
CA VAL A 185 -26.78 26.57 25.25
C VAL A 185 -26.19 27.98 25.31
N SER A 186 -26.14 28.58 26.49
CA SER A 186 -25.56 29.91 26.63
C SER A 186 -24.08 29.89 26.28
N SER A 187 -23.35 28.88 26.76
CA SER A 187 -21.93 28.76 26.44
C SER A 187 -21.73 28.51 24.95
N SER A 188 -22.59 27.68 24.34
CA SER A 188 -22.44 27.38 22.92
C SER A 188 -22.71 28.62 22.07
N GLU A 189 -23.74 29.40 22.39
CA GLU A 189 -24.03 30.60 21.61
C GLU A 189 -22.98 31.67 21.83
N VAL A 190 -22.55 31.88 23.08
CA VAL A 190 -21.56 32.91 23.37
C VAL A 190 -20.22 32.54 22.76
N ASP A 191 -19.76 31.31 23.00
CA ASP A 191 -18.46 30.87 22.49
C ASP A 191 -18.54 29.37 22.19
N SER A 192 -18.84 29.04 20.93
CA SER A 192 -18.89 27.64 20.54
C SER A 192 -17.50 27.02 20.50
N LEU A 193 -16.51 27.78 20.01
CA LEU A 193 -15.15 27.26 19.95
C LEU A 193 -14.61 26.96 21.33
N ARG A 194 -14.78 27.89 22.27
CA ARG A 194 -14.29 27.67 23.63
C ARG A 194 -15.03 26.51 24.30
N HIS A 195 -16.34 26.41 24.08
CA HIS A 195 -17.10 25.31 24.68
C HIS A 195 -16.63 23.96 24.14
N SER A 196 -16.44 23.87 22.82
CA SER A 196 -15.97 22.61 22.23
C SER A 196 -14.57 22.26 22.73
N ARG A 197 -13.69 23.26 22.80
CA ARG A 197 -12.33 23.01 23.30
C ARG A 197 -12.35 22.57 24.75
N SER A 198 -13.19 23.19 25.58
CA SER A 198 -13.29 22.81 26.98
C SER A 198 -13.82 21.38 27.12
N ARG A 199 -14.84 21.04 26.35
CA ARG A 199 -15.37 19.67 26.40
C ARG A 199 -14.31 18.66 25.99
N LEU A 200 -13.59 18.95 24.90
CA LEU A 200 -12.56 18.04 24.42
C LEU A 200 -11.44 17.90 25.44
N ASN A 201 -11.05 19.00 26.08
CA ASN A 201 -10.01 18.93 27.10
C ASN A 201 -10.46 18.13 28.32
N ILE A 202 -11.71 18.32 28.74
CA ILE A 202 -12.25 17.57 29.87
C ILE A 202 -12.26 16.08 29.56
N TYR A 203 -12.70 15.71 28.36
CA TYR A 203 -12.73 14.29 27.99
C TYR A 203 -11.33 13.73 27.79
N LYS A 204 -10.38 14.55 27.32
CA LYS A 204 -9.00 14.10 27.23
C LYS A 204 -8.43 13.82 28.61
N ALA A 205 -8.75 14.68 29.58
CA ALA A 205 -8.30 14.44 30.95
C ALA A 205 -8.95 13.18 31.50
N LEU A 206 -10.25 13.01 31.30
CA LEU A 206 -10.95 11.84 31.83
C LEU A 206 -10.46 10.56 31.18
N ALA A 207 -10.21 10.59 29.87
CA ALA A 207 -9.78 9.40 29.14
C ALA A 207 -8.31 9.09 29.34
N SER A 208 -7.64 9.75 30.27
CA SER A 208 -6.23 9.49 30.52
C SER A 208 -6.07 8.14 31.20
N PRO A 209 -5.31 7.20 30.63
CA PRO A 209 -5.14 5.89 31.29
C PRO A 209 -4.54 6.00 32.68
N SER A 210 -3.63 6.94 32.91
CA SER A 210 -3.05 7.11 34.23
C SER A 210 -4.07 7.68 35.23
N LEU A 211 -4.93 8.58 34.77
CA LEU A 211 -5.97 9.12 35.65
C LEU A 211 -7.09 8.11 35.89
N ILE A 212 -7.34 7.22 34.94
CA ILE A 212 -8.30 6.14 35.18
C ILE A 212 -7.70 5.10 36.12
N ALA A 213 -6.39 4.88 36.05
CA ALA A 213 -5.74 3.95 36.96
C ALA A 213 -5.94 4.39 38.41
N LEU A 214 -5.75 5.69 38.68
CA LEU A 214 -6.15 6.26 39.96
C LEU A 214 -7.62 6.69 39.89
N SER A 215 -8.12 7.19 41.01
CA SER A 215 -9.36 7.96 41.07
C SER A 215 -10.57 7.28 40.44
N SER A 216 -10.48 5.98 40.17
CA SER A 216 -11.57 5.24 39.56
C SER A 216 -11.86 3.98 40.35
N GLU A 217 -13.11 3.81 40.77
CA GLU A 217 -13.49 2.63 41.53
C GLU A 217 -13.36 1.37 40.69
N ASP A 218 -13.78 1.43 39.43
CA ASP A 218 -13.68 0.30 38.50
C ASP A 218 -13.02 0.81 37.23
N PRO A 219 -11.69 0.69 37.13
CA PRO A 219 -11.01 1.20 35.92
C PRO A 219 -11.47 0.56 34.63
N ILE A 220 -11.73 -0.73 34.66
CA ILE A 220 -12.17 -1.45 33.49
C ILE A 220 -13.52 -0.97 33.04
N LEU A 221 -14.44 -0.86 33.98
CA LEU A 221 -15.76 -0.38 33.69
C LEU A 221 -15.74 1.08 33.23
N THR A 222 -14.92 1.89 33.87
CA THR A 222 -14.81 3.29 33.48
C THR A 222 -14.31 3.43 32.06
N ALA A 223 -13.33 2.62 31.70
CA ALA A 223 -12.79 2.64 30.35
C ALA A 223 -13.84 2.23 29.33
N PHE A 224 -14.67 1.23 29.67
CA PHE A 224 -15.72 0.77 28.78
C PHE A 224 -16.75 1.85 28.53
N ARG A 225 -17.13 2.56 29.59
CA ARG A 225 -18.11 3.63 29.52
C ARG A 225 -17.55 4.87 28.85
N LEU A 226 -16.29 5.18 29.11
CA LEU A 226 -15.65 6.35 28.51
C LEU A 226 -15.46 6.14 27.01
N GLY A 227 -15.00 4.95 26.61
CA GLY A 227 -14.86 4.68 25.19
C GLY A 227 -16.19 4.74 24.46
N TRP A 228 -17.24 4.20 25.07
CA TRP A 228 -18.57 4.24 24.45
C TRP A 228 -19.03 5.68 24.25
N GLU A 229 -18.98 6.50 25.31
CA GLU A 229 -19.46 7.87 25.17
C GLU A 229 -18.55 8.70 24.27
N LEU A 230 -17.25 8.39 24.20
CA LEU A 230 -16.38 9.11 23.28
C LEU A 230 -16.68 8.75 21.83
N LYS A 231 -17.03 7.48 21.57
CA LYS A 231 -17.46 7.11 20.23
C LYS A 231 -18.79 7.80 19.87
N GLU A 232 -19.72 7.86 20.84
CA GLU A 232 -20.97 8.57 20.59
C GLU A 232 -20.72 10.05 20.32
N LEU A 233 -19.80 10.67 21.05
CA LEU A 233 -19.44 12.06 20.80
C LEU A 233 -18.83 12.24 19.42
N SER A 234 -17.95 11.33 19.02
CA SER A 234 -17.37 11.40 17.68
C SER A 234 -18.45 11.30 16.62
N LYS A 235 -19.47 10.47 16.86
CA LYS A 235 -20.62 10.43 15.96
C LYS A 235 -21.35 11.78 15.93
N VAL A 236 -21.67 12.30 17.11
CA VAL A 236 -22.46 13.54 17.17
C VAL A 236 -21.62 14.74 16.78
N GLU A 237 -20.42 14.86 17.35
CA GLU A 237 -19.53 15.95 16.98
C GLU A 237 -18.90 15.65 15.63
N ASN A 238 -19.53 16.14 14.55
CA ASN A 238 -19.00 15.91 13.22
C ASN A 238 -17.60 16.49 13.07
N GLU A 239 -17.40 17.71 13.56
CA GLU A 239 -16.07 18.26 13.70
C GLU A 239 -15.42 17.72 14.96
N PHE A 240 -14.08 17.78 14.99
CA PHE A 240 -13.27 17.21 16.06
C PHE A 240 -13.54 15.71 16.24
N LYS A 241 -13.97 15.05 15.18
CA LYS A 241 -14.33 13.63 15.26
C LYS A 241 -13.11 12.76 15.52
N ALA A 242 -11.97 13.10 14.91
CA ALA A 242 -10.76 12.28 15.06
C ALA A 242 -10.28 12.26 16.50
N GLU A 243 -10.37 13.40 17.20
CA GLU A 243 -9.92 13.47 18.58
C GLU A 243 -10.76 12.55 19.47
N TYR A 244 -12.08 12.59 19.31
CA TYR A 244 -12.94 11.71 20.11
C TYR A 244 -12.73 10.24 19.75
N GLU A 245 -12.53 9.94 18.47
CA GLU A 245 -12.26 8.57 18.07
C GLU A 245 -10.96 8.05 18.69
N GLU A 246 -9.91 8.87 18.68
CA GLU A 246 -8.64 8.42 19.25
C GLU A 246 -8.71 8.35 20.77
N LEU A 247 -9.51 9.19 21.41
CA LEU A 247 -9.73 9.05 22.85
C LEU A 247 -10.45 7.75 23.18
N SER A 248 -11.48 7.40 22.40
CA SER A 248 -12.16 6.13 22.61
C SER A 248 -11.22 4.95 22.36
N GLN A 249 -10.39 5.04 21.33
CA GLN A 249 -9.41 4.00 21.07
C GLN A 249 -8.41 3.89 22.22
N GLN A 250 -8.03 5.03 22.81
CA GLN A 250 -7.14 5.02 23.96
C GLN A 250 -7.79 4.31 25.14
N CYS A 251 -9.07 4.57 25.40
CA CYS A 251 -9.78 3.89 26.48
C CYS A 251 -9.85 2.39 26.23
N LYS A 252 -10.15 1.98 24.99
CA LYS A 252 -10.21 0.57 24.66
C LYS A 252 -8.84 -0.09 24.84
N LEU A 253 -7.77 0.59 24.40
CA LEU A 253 -6.43 0.05 24.57
C LEU A 253 -6.06 -0.07 26.04
N PHE A 254 -6.46 0.90 26.86
CA PHE A 254 -6.19 0.83 28.28
C PHE A 254 -6.88 -0.36 28.91
N ALA A 255 -8.15 -0.60 28.57
CA ALA A 255 -8.85 -1.76 29.08
C ALA A 255 -8.19 -3.06 28.63
N LYS A 256 -7.80 -3.12 27.36
CA LYS A 256 -7.16 -4.33 26.83
C LYS A 256 -5.83 -4.59 27.53
N ASP A 257 -5.06 -3.54 27.80
CA ASP A 257 -3.78 -3.71 28.49
C ASP A 257 -3.97 -4.12 29.94
N LEU A 258 -5.01 -3.57 30.59
CA LEU A 258 -5.33 -4.01 31.94
C LEU A 258 -5.64 -5.50 31.97
N LEU A 259 -6.43 -5.97 30.99
CA LEU A 259 -6.66 -7.40 30.87
C LEU A 259 -5.37 -8.16 30.54
N ASP A 260 -4.48 -7.53 29.78
CA ASP A 260 -3.20 -8.15 29.45
C ASP A 260 -2.34 -8.39 30.68
N GLN A 261 -2.41 -7.49 31.66
CA GLN A 261 -1.57 -7.60 32.84
C GLN A 261 -1.93 -8.78 33.74
N ALA A 262 -3.05 -9.46 33.48
CA ALA A 262 -3.44 -10.61 34.28
C ALA A 262 -2.36 -11.69 34.21
N ARG A 263 -2.01 -12.24 35.37
CA ARG A 263 -0.92 -13.20 35.49
C ARG A 263 -1.37 -14.61 35.85
N SER A 264 -2.64 -14.80 36.20
CA SER A 264 -3.14 -16.12 36.55
C SER A 264 -4.59 -16.25 36.10
N SER A 265 -5.06 -17.49 35.99
CA SER A 265 -6.43 -17.74 35.59
C SER A 265 -7.42 -17.28 36.66
N ARG A 266 -7.04 -17.38 37.93
CA ARG A 266 -7.93 -16.94 39.01
C ARG A 266 -8.23 -15.45 38.89
N GLU A 267 -7.20 -14.65 38.62
CA GLU A 267 -7.42 -13.21 38.43
C GLU A 267 -8.32 -12.95 37.24
N LEU A 268 -8.13 -13.70 36.14
CA LEU A 268 -8.96 -13.51 34.96
C LEU A 268 -10.42 -13.83 35.25
N GLU A 269 -10.68 -14.93 35.97
CA GLU A 269 -12.06 -15.25 36.34
C GLU A 269 -12.65 -14.22 37.27
N ILE A 270 -11.83 -13.67 38.18
CA ILE A 270 -12.31 -12.61 39.06
C ILE A 270 -12.72 -11.39 38.26
N ILE A 271 -11.89 -11.01 37.27
CA ILE A 271 -12.18 -9.84 36.46
C ILE A 271 -13.45 -10.07 35.63
N LEU A 272 -13.52 -11.19 34.93
CA LEU A 272 -14.58 -11.38 33.94
C LEU A 272 -15.92 -11.70 34.58
N ASN A 273 -15.94 -12.32 35.76
CA ASN A 273 -17.18 -12.68 36.42
C ASN A 273 -17.66 -11.62 37.40
N HIS A 274 -16.98 -10.48 37.47
CA HIS A 274 -17.36 -9.43 38.41
C HIS A 274 -18.61 -8.70 37.93
N ARG A 275 -19.58 -8.55 38.83
CA ARG A 275 -20.79 -7.78 38.56
C ARG A 275 -20.70 -6.46 39.28
N ASP A 276 -20.90 -5.36 38.54
CA ASP A 276 -20.88 -4.04 39.16
C ASP A 276 -21.99 -3.89 40.18
N ASP A 277 -23.18 -4.37 39.86
CA ASP A 277 -24.31 -4.30 40.78
C ASP A 277 -24.16 -5.32 41.91
N ASP A 289 -22.60 -16.05 34.85
CA ASP A 289 -21.21 -15.67 34.98
C ASP A 289 -20.76 -14.83 33.78
N LEU A 290 -19.47 -14.46 33.79
CA LEU A 290 -18.89 -13.61 32.74
C LEU A 290 -19.67 -12.31 32.57
N ALA A 291 -20.04 -11.70 33.71
CA ALA A 291 -20.81 -10.46 33.66
C ALA A 291 -20.01 -9.33 33.01
N LYS A 292 -18.75 -9.17 33.40
CA LYS A 292 -17.95 -8.09 32.85
C LYS A 292 -17.64 -8.32 31.36
N LEU A 293 -17.52 -9.58 30.95
CA LEU A 293 -17.35 -9.86 29.53
C LEU A 293 -18.60 -9.51 28.74
N LYS A 294 -19.77 -9.76 29.31
CA LYS A 294 -21.01 -9.34 28.67
C LYS A 294 -21.12 -7.82 28.60
N VAL A 295 -20.64 -7.13 29.64
CA VAL A 295 -20.60 -5.66 29.61
C VAL A 295 -19.67 -5.18 28.51
N ALA A 296 -18.52 -5.83 28.37
CA ALA A 296 -17.58 -5.47 27.30
C ALA A 296 -18.19 -5.70 25.93
N ILE A 297 -18.92 -6.79 25.77
CA ILE A 297 -19.60 -7.05 24.49
C ILE A 297 -20.67 -6.00 24.23
N LYS A 298 -21.36 -5.56 25.29
CA LYS A 298 -22.38 -4.53 25.13
C LYS A 298 -21.79 -3.22 24.62
N TYR A 299 -20.61 -2.84 25.13
CA TYR A 299 -19.93 -1.64 24.70
C TYR A 299 -19.05 -1.86 23.47
N HIS A 300 -19.12 -3.05 22.87
CA HIS A 300 -18.35 -3.38 21.66
C HIS A 300 -16.85 -3.19 21.89
N GLN A 301 -16.36 -3.63 23.04
CA GLN A 301 -14.93 -3.59 23.36
C GLN A 301 -14.24 -4.79 22.71
N LYS A 302 -14.08 -4.69 21.39
CA LYS A 302 -13.59 -5.82 20.59
C LYS A 302 -12.17 -6.21 20.98
N GLU A 303 -11.30 -5.22 21.21
CA GLU A 303 -9.93 -5.52 21.62
C GLU A 303 -9.89 -6.20 22.98
N PHE A 304 -10.71 -5.73 23.92
CA PHE A 304 -10.76 -6.37 25.24
C PHE A 304 -11.28 -7.80 25.13
N VAL A 305 -12.30 -8.02 24.31
CA VAL A 305 -12.88 -9.35 24.17
C VAL A 305 -11.93 -10.30 23.47
N ALA A 306 -11.24 -9.81 22.43
CA ALA A 306 -10.33 -10.65 21.64
C ALA A 306 -8.98 -10.86 22.33
N GLN A 307 -8.87 -10.56 23.61
CA GLN A 307 -7.63 -10.78 24.33
C GLN A 307 -7.33 -12.27 24.40
N PRO A 308 -6.06 -12.67 24.23
CA PRO A 308 -5.74 -14.12 24.19
C PRO A 308 -6.17 -14.89 25.42
N ASN A 309 -6.02 -14.31 26.61
CA ASN A 309 -6.42 -15.04 27.83
C ASN A 309 -7.93 -15.16 27.94
N CYS A 310 -8.65 -14.08 27.62
CA CYS A 310 -10.11 -14.14 27.61
C CYS A 310 -10.61 -15.14 26.58
N GLN A 311 -10.00 -15.17 25.40
CA GLN A 311 -10.36 -16.15 24.39
C GLN A 311 -10.02 -17.57 24.84
N GLN A 312 -8.92 -17.75 25.57
CA GLN A 312 -8.59 -19.07 26.11
C GLN A 312 -9.65 -19.54 27.09
N LEU A 313 -10.08 -18.65 27.99
CA LEU A 313 -11.14 -19.00 28.93
C LEU A 313 -12.45 -19.30 28.20
N LEU A 314 -12.77 -18.50 27.19
CA LEU A 314 -13.99 -18.73 26.41
C LEU A 314 -13.93 -20.06 25.67
N ALA A 315 -12.77 -20.43 25.14
CA ALA A 315 -12.62 -21.73 24.49
C ALA A 315 -12.72 -22.87 25.48
N THR A 316 -12.19 -22.69 26.70
CA THR A 316 -12.32 -23.70 27.74
C THR A 316 -13.79 -23.92 28.10
N LEU A 317 -14.55 -22.83 28.23
CA LEU A 317 -15.98 -22.96 28.50
C LEU A 317 -16.73 -23.52 27.29
N TRP A 318 -16.26 -23.22 26.08
CA TRP A 318 -16.95 -23.63 24.87
C TRP A 318 -16.85 -25.14 24.65
N TYR A 319 -15.64 -25.68 24.78
CA TYR A 319 -15.41 -27.12 24.65
C TYR A 319 -15.50 -27.79 26.03
N ASP A 320 -16.69 -27.70 26.61
CA ASP A 320 -16.90 -28.25 27.95
C ASP A 320 -16.75 -29.76 27.95
N GLY A 321 -17.37 -30.44 26.98
CA GLY A 321 -17.32 -31.89 26.94
C GLY A 321 -15.93 -32.44 26.62
N PHE A 322 -15.23 -31.79 25.69
CA PHE A 322 -13.94 -32.30 25.22
C PHE A 322 -12.82 -31.50 25.85
N PRO A 323 -12.05 -32.06 26.79
CA PRO A 323 -10.93 -31.32 27.36
C PRO A 323 -9.74 -31.17 26.42
N GLY A 324 -9.65 -31.99 25.37
CA GLY A 324 -8.53 -31.95 24.47
C GLY A 324 -8.93 -31.78 23.01
N TRP A 325 -9.99 -31.02 22.76
CA TRP A 325 -10.42 -30.77 21.39
C TRP A 325 -9.35 -30.02 20.59
N ARG A 326 -8.57 -29.16 21.26
CA ARG A 326 -7.55 -28.38 20.56
C ARG A 326 -6.50 -29.28 19.91
N ARG A 327 -6.04 -30.29 20.64
CA ARG A 327 -5.07 -31.24 20.11
C ARG A 327 -5.76 -32.50 19.64
N LYS A 328 -6.42 -32.38 18.48
CA LYS A 328 -7.10 -33.51 17.85
C LYS A 328 -6.96 -33.39 16.34
N HIS A 329 -6.87 -34.56 15.69
CA HIS A 329 -6.72 -34.60 14.25
C HIS A 329 -8.04 -34.21 13.57
N TRP A 330 -7.93 -33.57 12.41
CA TRP A 330 -9.10 -33.00 11.74
C TRP A 330 -10.14 -34.08 11.42
N VAL A 331 -9.68 -35.28 11.05
CA VAL A 331 -10.61 -36.37 10.78
C VAL A 331 -11.39 -36.74 12.02
N VAL A 332 -10.72 -36.76 13.18
CA VAL A 332 -11.41 -37.07 14.44
C VAL A 332 -12.46 -36.01 14.75
N LYS A 333 -12.11 -34.73 14.56
CA LYS A 333 -13.06 -33.66 14.80
C LYS A 333 -14.27 -33.78 13.89
N LEU A 334 -14.03 -34.05 12.60
CA LEU A 334 -15.11 -34.18 11.64
C LEU A 334 -16.01 -35.36 11.99
N LEU A 335 -15.43 -36.50 12.36
CA LEU A 335 -16.22 -37.66 12.73
C LEU A 335 -17.05 -37.39 13.98
N THR A 336 -16.46 -36.74 14.99
CA THR A 336 -17.21 -36.41 16.20
C THR A 336 -18.36 -35.46 15.89
N CYS A 337 -18.10 -34.46 15.05
CA CYS A 337 -19.15 -33.50 14.70
C CYS A 337 -20.29 -34.19 13.97
N MET A 338 -19.97 -35.06 13.01
CA MET A 338 -21.02 -35.79 12.29
C MET A 338 -21.80 -36.71 13.23
N THR A 339 -21.10 -37.37 14.15
CA THR A 339 -21.78 -38.27 15.09
C THR A 339 -22.74 -37.50 15.98
N ILE A 340 -22.30 -36.35 16.50
CA ILE A 340 -23.18 -35.55 17.35
C ILE A 340 -24.34 -34.97 16.55
N GLY A 341 -24.09 -34.57 15.31
CA GLY A 341 -25.17 -34.07 14.48
C GLY A 341 -26.21 -35.11 14.17
N PHE A 342 -25.78 -36.34 13.89
CA PHE A 342 -26.73 -37.43 13.66
C PHE A 342 -27.49 -37.77 14.93
N LEU A 343 -26.84 -37.63 16.08
CA LEU A 343 -27.44 -37.94 17.37
C LEU A 343 -28.23 -36.79 17.97
N PHE A 344 -28.36 -35.67 17.24
CA PHE A 344 -29.08 -34.52 17.78
C PHE A 344 -30.53 -34.81 18.18
N PRO A 345 -31.32 -35.58 17.41
CA PRO A 345 -32.70 -35.83 17.88
C PRO A 345 -32.75 -36.57 19.20
N MET A 346 -31.89 -37.58 19.38
CA MET A 346 -31.89 -38.33 20.64
C MET A 346 -31.45 -37.46 21.80
N LEU A 347 -30.45 -36.60 21.58
CA LEU A 347 -30.03 -35.68 22.64
C LEU A 347 -31.14 -34.71 23.01
N SER A 348 -31.85 -34.18 22.02
CA SER A 348 -32.96 -33.27 22.30
C SER A 348 -34.06 -33.98 23.07
N ILE A 349 -34.40 -35.21 22.67
CA ILE A 349 -35.44 -35.96 23.38
C ILE A 349 -35.01 -36.28 24.80
N ALA A 350 -33.73 -36.63 24.98
CA ALA A 350 -33.23 -36.91 26.32
C ALA A 350 -33.30 -35.69 27.22
N TYR A 351 -32.92 -34.52 26.68
CA TYR A 351 -33.07 -33.29 27.46
C TYR A 351 -34.53 -33.00 27.78
N LEU A 352 -35.43 -33.26 26.82
CA LEU A 352 -36.84 -33.01 27.05
C LEU A 352 -37.39 -33.90 28.17
N ILE A 353 -37.03 -35.18 28.17
CA ILE A 353 -37.59 -36.11 29.13
C ILE A 353 -36.87 -36.01 30.48
N SER A 354 -35.57 -36.30 30.49
CA SER A 354 -34.76 -36.32 31.71
C SER A 354 -33.59 -35.37 31.55
N PRO A 355 -33.73 -34.11 31.99
CA PRO A 355 -32.60 -33.17 31.90
C PRO A 355 -31.39 -33.59 32.72
N ARG A 356 -31.57 -34.43 33.74
CA ARG A 356 -30.47 -34.87 34.61
C ARG A 356 -30.18 -36.33 34.29
N SER A 357 -29.18 -36.56 33.43
CA SER A 357 -28.76 -37.90 33.06
C SER A 357 -27.44 -37.76 32.31
N ASN A 358 -26.90 -38.90 31.86
CA ASN A 358 -25.66 -38.88 31.08
C ASN A 358 -25.86 -38.19 29.74
N LEU A 359 -27.06 -38.29 29.16
CA LEU A 359 -27.35 -37.63 27.90
C LEU A 359 -28.28 -36.42 28.04
N GLY A 360 -28.95 -36.27 29.18
CA GLY A 360 -29.85 -35.15 29.35
C GLY A 360 -29.14 -33.81 29.37
N LEU A 361 -28.02 -33.72 30.10
CA LEU A 361 -27.25 -32.49 30.18
C LEU A 361 -26.11 -32.45 29.18
N PHE A 362 -26.00 -33.45 28.31
CA PHE A 362 -24.96 -33.44 27.29
C PHE A 362 -25.20 -32.31 26.29
N ILE A 363 -26.46 -32.08 25.91
CA ILE A 363 -26.77 -31.00 24.98
C ILE A 363 -26.65 -29.64 25.65
N LYS A 364 -26.60 -29.60 26.99
CA LYS A 364 -26.42 -28.33 27.70
C LYS A 364 -25.04 -27.73 27.44
N LYS A 365 -24.08 -28.53 26.99
CA LYS A 365 -22.76 -28.01 26.69
C LYS A 365 -22.81 -27.09 25.47
N PRO A 366 -22.12 -25.95 25.51
CA PRO A 366 -22.26 -24.97 24.42
C PRO A 366 -21.89 -25.51 23.04
N PHE A 367 -20.83 -26.31 22.94
CA PHE A 367 -20.44 -26.84 21.63
C PHE A 367 -21.39 -27.93 21.18
N ILE A 368 -21.85 -28.79 22.11
CA ILE A 368 -22.84 -29.78 21.78
C ILE A 368 -24.14 -29.12 21.32
N LYS A 369 -24.53 -28.06 22.03
CA LYS A 369 -25.72 -27.30 21.63
C LYS A 369 -25.57 -26.69 20.24
N PHE A 370 -24.39 -26.12 19.96
CA PHE A 370 -24.15 -25.54 18.65
C PHE A 370 -24.22 -26.61 17.55
N ILE A 371 -23.62 -27.78 17.79
CA ILE A 371 -23.67 -28.86 16.81
C ILE A 371 -25.09 -29.33 16.59
N CYS A 372 -25.86 -29.47 17.67
CA CYS A 372 -27.25 -29.91 17.54
C CYS A 372 -28.09 -28.91 16.77
N HIS A 373 -27.91 -27.61 17.03
CA HIS A 373 -28.66 -26.59 16.31
C HIS A 373 -28.27 -26.56 14.84
N THR A 374 -26.97 -26.69 14.55
CA THR A 374 -26.53 -26.74 13.16
C THR A 374 -27.10 -27.95 12.44
N ALA A 375 -27.12 -29.10 13.11
CA ALA A 375 -27.69 -30.30 12.51
C ALA A 375 -29.19 -30.13 12.25
N SER A 376 -29.91 -29.51 13.19
CA SER A 376 -31.33 -29.28 12.98
C SER A 376 -31.57 -28.36 11.79
N TYR A 377 -30.78 -27.29 11.68
CA TYR A 377 -30.97 -26.37 10.56
C TYR A 377 -30.60 -27.02 9.24
N LEU A 378 -29.55 -27.87 9.24
CA LEU A 378 -29.19 -28.59 8.02
C LEU A 378 -30.29 -29.58 7.63
N THR A 379 -30.91 -30.22 8.62
CA THR A 379 -32.05 -31.09 8.32
C THR A 379 -33.21 -30.29 7.73
N PHE A 380 -33.45 -29.09 8.26
CA PHE A 380 -34.49 -28.23 7.70
C PHE A 380 -34.18 -27.88 6.24
N LEU A 381 -32.93 -27.56 5.94
CA LEU A 381 -32.56 -27.21 4.56
C LEU A 381 -32.65 -28.43 3.66
N PHE A 382 -32.28 -29.61 4.15
CA PHE A 382 -32.44 -30.83 3.37
C PHE A 382 -33.91 -31.10 3.08
N MET A 383 -34.78 -30.86 4.06
CA MET A 383 -36.21 -31.01 3.84
C MET A 383 -36.73 -29.99 2.84
N LEU A 384 -36.19 -28.77 2.85
CA LEU A 384 -36.55 -27.79 1.83
C LEU A 384 -36.16 -28.29 0.44
N LEU A 385 -34.95 -28.84 0.32
CA LEU A 385 -34.50 -29.39 -0.96
C LEU A 385 -35.39 -30.54 -1.41
N LEU A 386 -35.79 -31.40 -0.47
CA LEU A 386 -36.70 -32.50 -0.81
C LEU A 386 -38.05 -31.96 -1.25
N ALA A 387 -38.54 -30.90 -0.61
CA ALA A 387 -39.77 -30.26 -1.03
C ALA A 387 -39.65 -29.73 -2.45
N SER A 388 -38.46 -29.24 -2.81
CA SER A 388 -38.22 -28.82 -4.19
C SER A 388 -38.34 -29.99 -5.16
N GLN A 389 -38.04 -31.20 -4.70
CA GLN A 389 -38.15 -32.39 -5.55
C GLN A 389 -39.61 -32.78 -5.77
N LEU A 396 -50.14 -31.11 -9.40
CA LEU A 396 -49.60 -30.07 -10.27
C LEU A 396 -50.72 -29.24 -10.90
N HIS A 397 -51.95 -29.74 -10.80
CA HIS A 397 -53.11 -29.04 -11.35
C HIS A 397 -54.22 -28.91 -10.32
N VAL A 398 -53.92 -29.10 -9.05
CA VAL A 398 -54.91 -28.98 -7.99
C VAL A 398 -54.82 -27.58 -7.41
N GLN A 399 -55.93 -26.84 -7.44
CA GLN A 399 -55.98 -25.52 -6.84
C GLN A 399 -56.11 -25.67 -5.33
N GLY A 400 -55.11 -25.19 -4.61
CA GLY A 400 -55.07 -25.34 -3.17
C GLY A 400 -54.98 -26.79 -2.72
N PRO A 401 -53.88 -27.45 -3.04
CA PRO A 401 -53.71 -28.85 -2.65
C PRO A 401 -53.35 -28.96 -1.18
N PRO A 402 -53.64 -30.09 -0.55
CA PRO A 402 -53.20 -30.30 0.83
C PRO A 402 -51.69 -30.39 0.88
N PRO A 403 -51.07 -29.94 1.97
CA PRO A 403 -49.61 -30.04 2.08
C PRO A 403 -49.14 -31.48 2.05
N THR A 404 -47.99 -31.69 1.42
CA THR A 404 -47.43 -33.03 1.31
C THR A 404 -46.77 -33.44 2.62
N VAL A 405 -46.19 -34.65 2.63
CA VAL A 405 -45.51 -35.13 3.82
C VAL A 405 -44.29 -34.26 4.12
N VAL A 406 -43.60 -33.80 3.08
CA VAL A 406 -42.43 -32.94 3.29
C VAL A 406 -42.84 -31.62 3.92
N GLU A 407 -43.93 -31.01 3.43
CA GLU A 407 -44.41 -29.77 4.03
C GLU A 407 -44.91 -29.99 5.45
N TRP A 408 -45.55 -31.13 5.70
CA TRP A 408 -45.99 -31.45 7.05
C TRP A 408 -44.81 -31.59 8.01
N MET A 409 -43.70 -32.16 7.52
CA MET A 409 -42.50 -32.25 8.34
C MET A 409 -41.81 -30.89 8.50
N ILE A 410 -41.93 -30.03 7.49
CA ILE A 410 -41.33 -28.70 7.55
C ILE A 410 -42.05 -27.83 8.57
N LEU A 411 -43.38 -27.97 8.66
CA LEU A 411 -44.19 -27.09 9.50
C LEU A 411 -43.71 -26.99 10.95
N PRO A 412 -43.39 -28.07 11.66
CA PRO A 412 -42.87 -27.90 13.03
C PRO A 412 -41.57 -27.12 13.08
N TRP A 413 -40.71 -27.24 12.08
CA TRP A 413 -39.49 -26.43 12.04
C TRP A 413 -39.81 -24.95 11.92
N VAL A 414 -40.78 -24.60 11.07
CA VAL A 414 -41.17 -23.20 10.91
C VAL A 414 -41.78 -22.68 12.21
N LEU A 415 -42.63 -23.48 12.85
CA LEU A 415 -43.21 -23.08 14.13
C LEU A 415 -42.13 -22.89 15.18
N GLY A 416 -41.13 -23.77 15.19
CA GLY A 416 -40.02 -23.62 16.12
C GLY A 416 -39.22 -22.36 15.87
N PHE A 417 -38.97 -22.04 14.60
CA PHE A 417 -38.26 -20.81 14.28
C PHE A 417 -39.05 -19.59 14.75
N ILE A 418 -40.36 -19.58 14.51
CA ILE A 418 -41.19 -18.44 14.93
C ILE A 418 -41.20 -18.33 16.45
N TRP A 419 -41.35 -19.45 17.14
CA TRP A 419 -41.38 -19.43 18.60
C TRP A 419 -40.04 -18.98 19.17
N GLY A 420 -38.93 -19.42 18.57
CA GLY A 420 -37.63 -18.95 19.01
C GLY A 420 -37.44 -17.47 18.77
N GLU A 421 -37.96 -16.96 17.65
CA GLU A 421 -37.91 -15.53 17.39
C GLU A 421 -38.65 -14.75 18.47
N ILE A 422 -39.90 -15.13 18.75
CA ILE A 422 -40.68 -14.39 19.74
C ILE A 422 -40.09 -14.59 21.14
N LYS A 423 -39.47 -15.73 21.40
CA LYS A 423 -38.83 -15.94 22.69
C LYS A 423 -37.58 -15.08 22.84
N GLU A 424 -36.83 -14.88 21.76
CA GLU A 424 -35.72 -13.93 21.79
C GLU A 424 -36.22 -12.52 22.02
N MET A 425 -37.35 -12.16 21.40
CA MET A 425 -37.97 -10.86 21.68
C MET A 425 -38.31 -10.73 23.15
N TRP A 426 -38.91 -11.78 23.73
CA TRP A 426 -39.37 -11.71 25.11
C TRP A 426 -38.20 -11.67 26.09
N ASP A 427 -37.14 -12.42 25.83
CA ASP A 427 -36.02 -12.54 26.77
C ASP A 427 -35.00 -11.42 26.58
N GLY A 428 -34.41 -11.32 25.39
CA GLY A 428 -33.38 -10.32 25.17
C GLY A 428 -33.90 -8.91 25.06
N GLY A 429 -35.19 -8.74 24.81
CA GLY A 429 -35.80 -7.44 24.64
C GLY A 429 -35.94 -7.09 23.17
N PHE A 430 -36.60 -5.95 22.93
CA PHE A 430 -36.82 -5.48 21.57
C PHE A 430 -35.62 -4.75 21.00
N THR A 431 -34.95 -3.93 21.81
CA THR A 431 -33.80 -3.17 21.32
C THR A 431 -32.65 -4.07 20.91
N GLU A 432 -32.37 -5.10 21.72
CA GLU A 432 -31.26 -5.99 21.40
C GLU A 432 -31.51 -6.78 20.12
N TYR A 433 -32.75 -7.23 19.92
CA TYR A 433 -33.07 -8.02 18.74
C TYR A 433 -32.87 -7.23 17.45
N ILE A 434 -33.38 -5.99 17.42
CA ILE A 434 -33.38 -5.23 16.18
C ILE A 434 -31.99 -4.76 15.79
N HIS A 435 -31.05 -4.76 16.72
CA HIS A 435 -29.67 -4.38 16.38
C HIS A 435 -29.05 -5.37 15.41
N ASP A 436 -29.27 -6.67 15.62
CA ASP A 436 -28.74 -7.68 14.72
C ASP A 436 -29.45 -7.64 13.38
N TRP A 437 -28.68 -7.83 12.31
CA TRP A 437 -29.24 -7.89 10.97
C TRP A 437 -29.61 -9.31 10.56
N TRP A 438 -28.91 -10.30 11.09
CA TRP A 438 -29.36 -11.68 10.95
C TRP A 438 -30.74 -11.85 11.59
N ASN A 439 -31.02 -11.10 12.63
CA ASN A 439 -32.37 -11.09 13.21
C ASN A 439 -33.37 -10.52 12.22
N LEU A 440 -32.98 -9.49 11.47
CA LEU A 440 -33.85 -8.95 10.43
C LEU A 440 -34.12 -9.99 9.34
N MET A 441 -33.07 -10.71 8.93
CA MET A 441 -33.25 -11.77 7.94
C MET A 441 -34.15 -12.87 8.46
N ASP A 442 -33.99 -13.25 9.72
CA ASP A 442 -34.87 -14.25 10.32
C ASP A 442 -36.31 -13.78 10.37
N PHE A 443 -36.52 -12.49 10.70
CA PHE A 443 -37.88 -11.95 10.70
C PHE A 443 -38.49 -12.00 9.31
N ALA A 444 -37.72 -11.61 8.29
CA ALA A 444 -38.23 -11.65 6.92
C ALA A 444 -38.57 -13.08 6.52
N MET A 445 -37.69 -14.03 6.82
CA MET A 445 -37.93 -15.42 6.46
C MET A 445 -39.16 -15.98 7.17
N ASN A 446 -39.30 -15.68 8.47
CA ASN A 446 -40.45 -16.19 9.22
C ASN A 446 -41.75 -15.56 8.75
N SER A 447 -41.72 -14.27 8.41
CA SER A 447 -42.91 -13.62 7.86
C SER A 447 -43.28 -14.22 6.52
N LEU A 448 -42.29 -14.53 5.69
CA LEU A 448 -42.56 -15.16 4.40
C LEU A 448 -43.15 -16.56 4.60
N TYR A 449 -42.63 -17.32 5.57
CA TYR A 449 -43.19 -18.64 5.85
C TYR A 449 -44.63 -18.54 6.37
N LEU A 450 -44.89 -17.56 7.24
CA LEU A 450 -46.26 -17.36 7.74
C LEU A 450 -47.21 -16.99 6.60
N ALA A 451 -46.76 -16.11 5.70
CA ALA A 451 -47.58 -15.74 4.55
C ALA A 451 -47.82 -16.94 3.65
N THR A 452 -46.81 -17.79 3.47
CA THR A 452 -46.98 -19.01 2.67
C THR A 452 -48.00 -19.93 3.29
N ILE A 453 -47.94 -20.11 4.62
CA ILE A 453 -48.90 -20.98 5.30
C ILE A 453 -50.31 -20.41 5.16
N SER A 454 -50.45 -19.10 5.37
CA SER A 454 -51.77 -18.48 5.26
C SER A 454 -52.33 -18.59 3.85
N LEU A 455 -51.48 -18.39 2.84
CA LEU A 455 -51.95 -18.49 1.46
C LEU A 455 -52.31 -19.93 1.11
N LYS A 456 -51.54 -20.90 1.62
CA LYS A 456 -51.90 -22.30 1.39
C LYS A 456 -53.24 -22.63 2.02
N ILE A 457 -53.49 -22.14 3.24
CA ILE A 457 -54.77 -22.37 3.88
C ILE A 457 -55.90 -21.73 3.08
N VAL A 458 -55.68 -20.49 2.62
CA VAL A 458 -56.71 -19.79 1.85
C VAL A 458 -57.01 -20.54 0.55
N ALA A 459 -55.97 -21.01 -0.14
CA ALA A 459 -56.17 -21.76 -1.36
C ALA A 459 -56.89 -23.08 -1.11
N TYR A 460 -56.55 -23.75 0.01
CA TYR A 460 -57.22 -24.99 0.34
C TYR A 460 -58.70 -24.78 0.63
N VAL A 461 -59.04 -23.70 1.34
CA VAL A 461 -60.43 -23.49 1.74
C VAL A 461 -61.27 -22.80 0.67
N LYS A 462 -60.66 -22.12 -0.30
CA LYS A 462 -61.39 -21.42 -1.34
C LYS A 462 -61.25 -22.08 -2.71
N TYR A 463 -60.62 -23.24 -2.79
CA TYR A 463 -60.46 -23.96 -4.05
C TYR A 463 -60.53 -25.45 -3.80
N ASN A 464 -61.36 -26.13 -4.57
CA ASN A 464 -61.55 -27.58 -4.43
C ASN A 464 -61.27 -28.36 -5.70
N GLY A 465 -61.63 -27.82 -6.86
CA GLY A 465 -61.47 -28.53 -8.11
C GLY A 465 -60.03 -28.61 -8.56
N SER A 466 -59.83 -29.37 -9.64
CA SER A 466 -58.51 -29.59 -10.22
C SER A 466 -58.50 -28.95 -11.61
N ARG A 467 -58.16 -27.66 -11.68
CA ARG A 467 -58.07 -26.91 -12.91
C ARG A 467 -56.62 -26.87 -13.39
N PRO A 468 -56.35 -27.10 -14.67
CA PRO A 468 -54.97 -27.08 -15.15
C PRO A 468 -54.31 -25.73 -14.89
N ARG A 469 -53.02 -25.78 -14.56
CA ARG A 469 -52.31 -24.58 -14.13
C ARG A 469 -52.19 -23.53 -15.23
N GLU A 470 -52.33 -23.93 -16.49
CA GLU A 470 -52.16 -22.97 -17.59
C GLU A 470 -53.24 -21.90 -17.58
N GLU A 471 -54.42 -22.20 -17.05
CA GLU A 471 -55.53 -21.25 -17.03
C GLU A 471 -55.74 -20.63 -15.65
N TRP A 472 -54.80 -20.80 -14.73
CA TRP A 472 -54.91 -20.17 -13.43
C TRP A 472 -54.76 -18.66 -13.54
N GLU A 473 -55.31 -17.95 -12.55
CA GLU A 473 -55.16 -16.50 -12.49
C GLU A 473 -53.71 -16.14 -12.19
N MET A 474 -53.31 -14.94 -12.62
CA MET A 474 -51.95 -14.48 -12.38
C MET A 474 -51.67 -14.37 -10.89
N TRP A 475 -52.63 -13.88 -10.12
CA TRP A 475 -52.51 -13.76 -8.67
C TRP A 475 -53.22 -14.91 -7.95
N HIS A 476 -53.16 -16.11 -8.51
CA HIS A 476 -53.74 -17.28 -7.86
C HIS A 476 -53.03 -17.51 -6.53
N PRO A 477 -53.77 -17.85 -5.47
CA PRO A 477 -53.13 -18.03 -4.15
C PRO A 477 -52.04 -19.10 -4.16
N THR A 478 -52.22 -20.17 -4.92
CA THR A 478 -51.20 -21.23 -4.95
C THR A 478 -49.90 -20.72 -5.55
N LEU A 479 -49.99 -19.93 -6.63
CA LEU A 479 -48.78 -19.40 -7.26
C LEU A 479 -48.04 -18.46 -6.32
N ILE A 480 -48.77 -17.57 -5.64
CA ILE A 480 -48.13 -16.63 -4.72
C ILE A 480 -47.53 -17.38 -3.54
N ALA A 481 -48.22 -18.41 -3.05
CA ALA A 481 -47.68 -19.22 -1.96
C ALA A 481 -46.40 -19.92 -2.39
N GLU A 482 -46.36 -20.46 -3.60
CA GLU A 482 -45.15 -21.10 -4.09
C GLU A 482 -44.01 -20.09 -4.23
N ALA A 483 -44.30 -18.89 -4.73
CA ALA A 483 -43.26 -17.88 -4.86
C ALA A 483 -42.69 -17.48 -3.51
N LEU A 484 -43.58 -17.26 -2.53
CA LEU A 484 -43.12 -16.89 -1.19
C LEU A 484 -42.34 -18.02 -0.56
N PHE A 485 -42.77 -19.27 -0.77
CA PHE A 485 -42.03 -20.41 -0.24
C PHE A 485 -40.64 -20.51 -0.87
N ALA A 486 -40.52 -20.24 -2.16
CA ALA A 486 -39.22 -20.28 -2.80
C ALA A 486 -38.29 -19.17 -2.28
N ILE A 487 -38.84 -17.96 -2.10
CA ILE A 487 -38.04 -16.89 -1.52
C ILE A 487 -37.62 -17.23 -0.10
N SER A 488 -38.51 -17.84 0.67
CA SER A 488 -38.19 -18.27 2.03
C SER A 488 -37.09 -19.33 2.01
N ASN A 489 -37.14 -20.24 1.03
CA ASN A 489 -36.08 -21.24 0.89
C ASN A 489 -34.74 -20.57 0.60
N ILE A 490 -34.74 -19.57 -0.27
CA ILE A 490 -33.49 -18.85 -0.56
C ILE A 490 -32.95 -18.20 0.70
N LEU A 491 -33.82 -17.53 1.46
CA LEU A 491 -33.38 -16.86 2.68
C LEU A 491 -32.88 -17.86 3.72
N SER A 492 -33.59 -18.98 3.86
CA SER A 492 -33.18 -20.00 4.84
C SER A 492 -31.83 -20.59 4.48
N SER A 493 -31.59 -20.86 3.20
CA SER A 493 -30.31 -21.40 2.79
C SER A 493 -29.19 -20.37 2.92
N LEU A 494 -29.50 -19.09 2.69
CA LEU A 494 -28.50 -18.04 2.89
C LEU A 494 -28.23 -17.76 4.36
N ARG A 495 -29.14 -18.15 5.25
CA ARG A 495 -28.90 -18.00 6.68
C ARG A 495 -27.70 -18.79 7.17
N LEU A 496 -27.21 -19.76 6.40
CA LEU A 496 -26.04 -20.53 6.80
C LEU A 496 -24.78 -19.68 6.88
N ILE A 497 -24.77 -18.51 6.25
CA ILE A 497 -23.58 -17.66 6.25
C ILE A 497 -23.25 -17.19 7.66
N SER A 498 -24.25 -17.07 8.52
CA SER A 498 -23.99 -16.67 9.91
C SER A 498 -23.16 -17.71 10.64
N LEU A 499 -23.25 -18.97 10.24
CA LEU A 499 -22.45 -20.02 10.88
C LEU A 499 -20.98 -19.97 10.48
N PHE A 500 -20.62 -19.16 9.48
CA PHE A 500 -19.21 -19.00 9.12
C PHE A 500 -18.39 -18.40 10.24
N THR A 501 -19.03 -17.72 11.19
CA THR A 501 -18.30 -17.06 12.26
C THR A 501 -17.55 -18.06 13.13
N ALA A 502 -18.14 -19.24 13.37
CA ALA A 502 -17.52 -20.22 14.24
C ALA A 502 -16.28 -20.86 13.64
N ASN A 503 -16.02 -20.65 12.36
CA ASN A 503 -14.87 -21.25 11.69
C ASN A 503 -13.70 -20.26 11.63
N SER A 504 -12.49 -20.80 11.69
CA SER A 504 -11.30 -19.94 11.69
C SER A 504 -11.02 -19.35 10.32
N HIS A 505 -11.40 -20.04 9.25
CA HIS A 505 -11.13 -19.57 7.91
C HIS A 505 -12.30 -18.78 7.33
N LEU A 506 -13.53 -19.24 7.54
CA LEU A 506 -14.70 -18.57 7.00
C LEU A 506 -15.15 -17.38 7.84
N GLY A 507 -14.65 -17.24 9.06
CA GLY A 507 -15.04 -16.17 9.95
C GLY A 507 -14.61 -14.80 9.46
N PRO A 508 -13.29 -14.58 9.35
CA PRO A 508 -12.82 -13.30 8.82
C PRO A 508 -13.30 -13.02 7.41
N LEU A 509 -13.54 -14.06 6.61
CA LEU A 509 -14.15 -13.85 5.30
C LEU A 509 -15.55 -13.26 5.43
N GLN A 510 -16.35 -13.80 6.34
CA GLN A 510 -17.69 -13.27 6.58
C GLN A 510 -17.61 -11.83 7.10
N ILE A 511 -16.65 -11.55 7.96
CA ILE A 511 -16.46 -10.19 8.46
C ILE A 511 -16.12 -9.25 7.30
N SER A 512 -15.25 -9.69 6.38
CA SER A 512 -14.88 -8.86 5.25
C SER A 512 -16.07 -8.57 4.34
N LEU A 513 -16.87 -9.60 4.06
CA LEU A 513 -18.08 -9.37 3.27
C LEU A 513 -19.02 -8.40 3.96
N GLY A 514 -19.19 -8.55 5.28
CA GLY A 514 -20.04 -7.63 6.01
C GLY A 514 -19.55 -6.20 5.95
N ARG A 515 -18.23 -6.00 6.04
CA ARG A 515 -17.68 -4.65 5.95
C ARG A 515 -17.85 -4.07 4.56
N MET A 516 -17.66 -4.87 3.52
CA MET A 516 -17.79 -4.33 2.17
C MET A 516 -19.23 -4.18 1.71
N LEU A 517 -20.19 -4.79 2.39
CA LEU A 517 -21.58 -4.54 2.04
C LEU A 517 -21.96 -3.08 2.25
N LEU A 518 -21.30 -2.39 3.15
CA LEU A 518 -21.53 -0.95 3.31
C LEU A 518 -21.14 -0.19 2.05
N ASP A 519 -19.97 -0.51 1.49
CA ASP A 519 -19.58 0.09 0.21
C ASP A 519 -20.54 -0.33 -0.90
N ILE A 520 -21.03 -1.57 -0.85
CA ILE A 520 -22.04 -2.01 -1.81
C ILE A 520 -23.25 -1.08 -1.78
N LEU A 521 -23.74 -0.78 -0.58
CA LEU A 521 -24.91 0.09 -0.45
C LEU A 521 -24.60 1.52 -0.90
N LYS A 522 -23.42 2.04 -0.50
CA LYS A 522 -23.05 3.39 -0.87
C LYS A 522 -22.97 3.55 -2.38
N PHE A 523 -22.37 2.58 -3.06
CA PHE A 523 -22.31 2.62 -4.52
C PHE A 523 -23.68 2.36 -5.14
N LEU A 524 -24.50 1.52 -4.50
CA LEU A 524 -25.83 1.21 -5.03
C LEU A 524 -26.73 2.43 -5.04
N PHE A 525 -26.55 3.34 -4.08
CA PHE A 525 -27.34 4.58 -4.10
C PHE A 525 -27.16 5.32 -5.43
N ILE A 526 -25.92 5.59 -5.81
CA ILE A 526 -25.70 6.35 -7.03
C ILE A 526 -25.92 5.49 -8.27
N TYR A 527 -25.74 4.17 -8.16
CA TYR A 527 -26.11 3.29 -9.26
C TYR A 527 -27.60 3.39 -9.55
N CYS A 528 -28.43 3.39 -8.51
CA CYS A 528 -29.87 3.56 -8.68
C CYS A 528 -30.20 4.94 -9.21
N LEU A 529 -29.47 5.97 -8.79
CA LEU A 529 -29.71 7.31 -9.32
C LEU A 529 -29.45 7.36 -10.83
N VAL A 530 -28.30 6.84 -11.26
CA VAL A 530 -27.97 6.82 -12.68
C VAL A 530 -28.95 5.95 -13.45
N LEU A 531 -29.34 4.81 -12.86
CA LEU A 531 -30.32 3.93 -13.48
C LEU A 531 -31.64 4.66 -13.69
N LEU A 532 -32.11 5.40 -12.69
CA LEU A 532 -33.36 6.15 -12.83
C LEU A 532 -33.22 7.23 -13.89
N ALA A 533 -32.10 7.94 -13.93
CA ALA A 533 -31.91 8.97 -14.94
C ALA A 533 -31.98 8.39 -16.35
N PHE A 534 -31.21 7.33 -16.61
CA PHE A 534 -31.18 6.78 -17.96
C PHE A 534 -32.47 6.06 -18.30
N ALA A 535 -33.14 5.45 -17.31
CA ALA A 535 -34.44 4.84 -17.57
C ALA A 535 -35.48 5.89 -17.92
N ASN A 536 -35.47 7.03 -17.22
CA ASN A 536 -36.35 8.13 -17.56
C ASN A 536 -36.11 8.59 -19.00
N GLY A 537 -34.85 8.79 -19.37
CA GLY A 537 -34.55 9.23 -20.72
C GLY A 537 -34.98 8.23 -21.78
N LEU A 538 -34.63 6.95 -21.57
CA LEU A 538 -34.94 5.92 -22.56
C LEU A 538 -36.44 5.71 -22.69
N ASN A 539 -37.17 5.71 -21.56
CA ASN A 539 -38.61 5.55 -21.63
C ASN A 539 -39.27 6.76 -22.29
N GLN A 540 -38.80 7.97 -21.97
CA GLN A 540 -39.33 9.16 -22.63
C GLN A 540 -39.12 9.09 -24.13
N LEU A 541 -37.99 8.51 -24.57
CA LEU A 541 -37.77 8.37 -26.01
C LEU A 541 -38.64 7.28 -26.63
N TYR A 542 -38.78 6.15 -25.95
CA TYR A 542 -39.29 4.94 -26.58
C TYR A 542 -40.74 4.61 -26.25
N PHE A 543 -41.42 5.42 -25.42
CA PHE A 543 -42.78 5.04 -25.06
C PHE A 543 -43.78 5.28 -26.19
N TYR A 544 -43.40 6.03 -27.24
CA TYR A 544 -44.29 6.19 -28.37
C TYR A 544 -44.42 4.92 -29.20
N TYR A 545 -43.45 4.02 -29.14
CA TYR A 545 -43.41 2.83 -29.96
C TYR A 545 -43.81 1.57 -29.20
N GLU A 546 -44.50 1.72 -28.06
CA GLU A 546 -45.01 0.56 -27.34
C GLU A 546 -45.98 -0.22 -28.22
N THR A 547 -45.80 -1.53 -28.27
CA THR A 547 -46.61 -2.40 -29.11
C THR A 547 -47.36 -3.42 -28.26
N ARG A 548 -48.53 -3.81 -28.74
CA ARG A 548 -49.32 -4.82 -28.06
C ARG A 548 -48.64 -6.18 -28.14
N ALA A 549 -48.88 -7.02 -27.12
CA ALA A 549 -48.30 -8.35 -27.11
C ALA A 549 -48.79 -9.20 -28.28
N ILE A 550 -50.00 -8.91 -28.78
CA ILE A 550 -50.54 -9.70 -29.89
C ILE A 550 -49.67 -9.52 -31.14
N ASP A 551 -49.16 -8.32 -31.37
CA ASP A 551 -48.34 -8.05 -32.54
C ASP A 551 -46.97 -8.71 -32.47
N GLU A 552 -46.59 -9.27 -31.32
CA GLU A 552 -45.30 -9.90 -31.18
C GLU A 552 -45.31 -11.29 -31.81
N PRO A 553 -44.13 -11.79 -32.24
CA PRO A 553 -44.10 -13.08 -32.94
C PRO A 553 -44.69 -14.24 -32.14
N ASN A 554 -44.47 -14.27 -30.82
CA ASN A 554 -44.94 -15.37 -29.98
C ASN A 554 -45.93 -14.89 -28.93
N ASN A 555 -46.59 -13.76 -29.17
CA ASN A 555 -47.52 -13.16 -28.20
C ASN A 555 -46.82 -12.86 -26.88
N CYS A 556 -45.53 -12.60 -26.93
CA CYS A 556 -44.71 -12.33 -25.75
C CYS A 556 -44.21 -10.89 -25.79
N LYS A 557 -44.49 -10.14 -24.73
CA LYS A 557 -44.09 -8.75 -24.62
C LYS A 557 -43.12 -8.60 -23.46
N GLY A 558 -41.99 -7.96 -23.72
CA GLY A 558 -40.97 -7.72 -22.72
C GLY A 558 -39.63 -8.30 -23.13
N ILE A 559 -38.67 -8.20 -22.20
CA ILE A 559 -37.32 -8.68 -22.46
C ILE A 559 -37.10 -10.11 -21.99
N ARG A 560 -38.07 -10.72 -21.31
CA ARG A 560 -37.98 -12.12 -20.92
C ARG A 560 -38.45 -13.06 -22.02
N CYS A 561 -38.53 -12.58 -23.26
CA CYS A 561 -38.94 -13.37 -24.40
C CYS A 561 -37.71 -13.76 -25.23
N GLU A 562 -37.90 -14.78 -26.08
CA GLU A 562 -36.79 -15.22 -26.93
C GLU A 562 -36.35 -14.11 -27.87
N LYS A 563 -37.30 -13.39 -28.46
CA LYS A 563 -37.02 -12.18 -29.23
C LYS A 563 -37.43 -10.99 -28.38
N GLN A 564 -36.44 -10.36 -27.73
CA GLN A 564 -36.73 -9.27 -26.82
C GLN A 564 -37.37 -8.09 -27.56
N ASN A 565 -38.36 -7.48 -26.91
CA ASN A 565 -39.10 -6.38 -27.51
C ASN A 565 -39.67 -5.53 -26.39
N ASN A 566 -40.05 -4.29 -26.75
CA ASN A 566 -40.67 -3.35 -25.82
C ASN A 566 -39.82 -3.14 -24.57
N ALA A 567 -38.50 -3.07 -24.78
CA ALA A 567 -37.58 -2.97 -23.65
C ALA A 567 -37.72 -1.66 -22.90
N PHE A 568 -38.05 -0.57 -23.61
CA PHE A 568 -38.17 0.75 -23.00
C PHE A 568 -39.55 1.34 -23.22
N SER A 569 -40.56 0.48 -23.37
CA SER A 569 -41.93 0.97 -23.57
C SER A 569 -42.47 1.59 -22.29
N THR A 570 -42.31 0.90 -21.16
CA THR A 570 -42.75 1.40 -19.86
C THR A 570 -41.54 1.66 -18.97
N LEU A 571 -41.79 2.34 -17.86
CA LEU A 571 -40.70 2.72 -16.96
C LEU A 571 -40.16 1.50 -16.21
N PHE A 572 -41.06 0.63 -15.74
CA PHE A 572 -40.61 -0.57 -15.02
C PHE A 572 -39.84 -1.50 -15.95
N GLU A 573 -40.34 -1.69 -17.18
CA GLU A 573 -39.62 -2.50 -18.15
C GLU A 573 -38.28 -1.86 -18.51
N THR A 574 -38.24 -0.54 -18.60
CA THR A 574 -36.97 0.15 -18.87
C THR A 574 -35.97 -0.09 -17.74
N LEU A 575 -36.45 -0.02 -16.49
CA LEU A 575 -35.56 -0.30 -15.36
C LEU A 575 -35.04 -1.73 -15.41
N GLN A 576 -35.92 -2.70 -15.70
CA GLN A 576 -35.47 -4.08 -15.80
C GLN A 576 -34.47 -4.26 -16.93
N SER A 577 -34.71 -3.63 -18.07
CA SER A 577 -33.80 -3.74 -19.21
C SER A 577 -32.44 -3.15 -18.89
N LEU A 578 -32.41 -1.98 -18.24
CA LEU A 578 -31.13 -1.36 -17.90
C LEU A 578 -30.42 -2.15 -16.81
N PHE A 579 -31.16 -2.80 -15.90
CA PHE A 579 -30.54 -3.70 -14.95
C PHE A 579 -29.90 -4.90 -15.65
N TRP A 580 -30.62 -5.49 -16.60
CA TRP A 580 -30.13 -6.69 -17.28
C TRP A 580 -29.04 -6.39 -18.28
N SER A 581 -28.93 -5.14 -18.73
CA SER A 581 -27.82 -4.76 -19.59
C SER A 581 -26.48 -4.81 -18.87
N VAL A 582 -26.48 -4.73 -17.54
CA VAL A 582 -25.24 -4.82 -16.78
C VAL A 582 -24.59 -6.18 -16.96
N PHE A 583 -25.40 -7.23 -17.10
CA PHE A 583 -24.91 -8.58 -17.27
C PHE A 583 -24.90 -9.04 -18.72
N GLY A 584 -25.18 -8.12 -19.64
CA GLY A 584 -25.17 -8.46 -21.06
C GLY A 584 -26.36 -9.26 -21.55
N LEU A 585 -27.41 -9.37 -20.75
CA LEU A 585 -28.57 -10.17 -21.10
C LEU A 585 -29.59 -9.41 -21.93
N LEU A 586 -29.36 -8.13 -22.20
CA LEU A 586 -30.24 -7.33 -23.06
C LEU A 586 -29.58 -7.17 -24.41
N ASN A 587 -30.24 -7.68 -25.46
CA ASN A 587 -29.69 -7.65 -26.80
C ASN A 587 -29.76 -6.24 -27.37
N LEU A 588 -28.91 -5.98 -28.37
CA LEU A 588 -28.78 -4.65 -28.93
C LEU A 588 -29.96 -4.25 -29.81
N TYR A 589 -30.69 -5.21 -30.38
CA TYR A 589 -31.77 -4.87 -31.28
C TYR A 589 -32.98 -4.28 -30.56
N VAL A 590 -33.00 -4.29 -29.23
CA VAL A 590 -34.10 -3.67 -28.48
C VAL A 590 -34.12 -2.16 -28.63
N THR A 591 -33.06 -1.55 -29.15
CA THR A 591 -33.01 -0.12 -29.41
C THR A 591 -33.56 0.23 -30.78
N ASN A 592 -34.10 -0.74 -31.51
CA ASN A 592 -34.66 -0.53 -32.84
C ASN A 592 -36.18 -0.53 -32.76
N VAL A 593 -36.80 0.47 -33.38
CA VAL A 593 -38.24 0.57 -33.41
C VAL A 593 -38.76 -0.02 -34.72
N LYS A 594 -40.04 -0.35 -34.74
CA LYS A 594 -40.63 -0.97 -35.93
C LYS A 594 -40.60 -0.01 -37.12
N ALA A 595 -40.85 1.28 -36.88
CA ALA A 595 -40.82 2.26 -37.95
C ALA A 595 -39.37 2.54 -38.37
N ARG A 596 -39.23 3.27 -39.48
CA ARG A 596 -37.92 3.61 -40.02
C ARG A 596 -37.44 4.96 -39.48
N HIS A 597 -37.35 5.04 -38.15
CA HIS A 597 -36.89 6.22 -37.45
C HIS A 597 -35.43 6.00 -37.08
N GLU A 598 -34.54 6.24 -38.05
CA GLU A 598 -33.12 5.99 -37.83
C GLU A 598 -32.54 6.94 -36.79
N PHE A 599 -32.97 8.19 -36.79
CA PHE A 599 -32.44 9.15 -35.81
C PHE A 599 -32.88 8.77 -34.40
N THR A 600 -34.14 8.41 -34.23
CA THR A 600 -34.63 7.99 -32.90
C THR A 600 -33.93 6.74 -32.42
N GLU A 601 -33.76 5.76 -33.32
CA GLU A 601 -33.08 4.52 -32.95
C GLU A 601 -31.63 4.79 -32.58
N PHE A 602 -30.96 5.68 -33.33
CA PHE A 602 -29.57 6.02 -33.00
C PHE A 602 -29.47 6.74 -31.67
N VAL A 603 -30.42 7.65 -31.39
CA VAL A 603 -30.40 8.35 -30.11
C VAL A 603 -30.63 7.37 -28.96
N GLY A 604 -31.55 6.44 -29.13
CA GLY A 604 -31.78 5.43 -28.10
C GLY A 604 -30.58 4.53 -27.90
N ALA A 605 -29.93 4.11 -28.99
CA ALA A 605 -28.72 3.31 -28.88
C ALA A 605 -27.59 4.09 -28.25
N THR A 606 -27.53 5.40 -28.46
CA THR A 606 -26.49 6.22 -27.86
C THR A 606 -26.74 6.41 -26.36
N MET A 607 -28.00 6.57 -25.96
CA MET A 607 -28.31 6.55 -24.53
C MET A 607 -27.95 5.22 -23.91
N PHE A 608 -28.28 4.12 -24.60
CA PHE A 608 -27.96 2.80 -24.09
C PHE A 608 -26.46 2.59 -23.95
N GLY A 609 -25.70 3.05 -24.95
CA GLY A 609 -24.25 2.94 -24.87
C GLY A 609 -23.64 3.82 -23.79
N THR A 610 -24.17 5.03 -23.61
CA THR A 610 -23.70 5.89 -22.54
C THR A 610 -23.99 5.29 -21.18
N TYR A 611 -25.19 4.70 -21.02
CA TYR A 611 -25.51 4.02 -19.77
C TYR A 611 -24.58 2.83 -19.55
N ASN A 612 -24.32 2.04 -20.60
CA ASN A 612 -23.41 0.91 -20.46
C ASN A 612 -22.03 1.38 -20.02
N VAL A 613 -21.48 2.37 -20.72
CA VAL A 613 -20.17 2.92 -20.36
C VAL A 613 -20.17 3.36 -18.90
N ILE A 614 -21.02 4.34 -18.57
CA ILE A 614 -21.05 4.93 -17.25
C ILE A 614 -21.20 3.83 -16.21
N SER A 615 -22.35 3.14 -16.23
CA SER A 615 -22.64 2.15 -15.21
C SER A 615 -21.53 1.10 -15.15
N LEU A 616 -21.39 0.28 -16.20
CA LEU A 616 -20.44 -0.82 -16.11
C LEU A 616 -19.05 -0.31 -15.83
N VAL A 617 -18.42 0.40 -16.79
CA VAL A 617 -17.02 0.74 -16.63
C VAL A 617 -16.85 1.59 -15.38
N VAL A 618 -17.42 2.80 -15.38
CA VAL A 618 -17.08 3.76 -14.33
C VAL A 618 -17.57 3.26 -12.99
N LEU A 619 -18.87 2.93 -12.88
CA LEU A 619 -19.44 2.63 -11.58
C LEU A 619 -18.93 1.29 -11.05
N LEU A 620 -18.89 0.24 -11.87
CA LEU A 620 -18.44 -1.05 -11.38
C LEU A 620 -16.96 -1.02 -11.01
N ASN A 621 -16.12 -0.36 -11.82
CA ASN A 621 -14.71 -0.29 -11.47
C ASN A 621 -14.46 0.62 -10.28
N MET A 622 -15.27 1.68 -10.13
CA MET A 622 -15.23 2.49 -8.91
C MET A 622 -15.58 1.64 -7.70
N LEU A 623 -16.61 0.80 -7.81
CA LEU A 623 -16.96 -0.10 -6.71
C LEU A 623 -15.82 -1.07 -6.42
N ILE A 624 -15.16 -1.56 -7.46
CA ILE A 624 -14.02 -2.44 -7.26
C ILE A 624 -12.92 -1.73 -6.48
N ALA A 625 -12.64 -0.47 -6.84
CA ALA A 625 -11.62 0.29 -6.13
C ALA A 625 -12.00 0.54 -4.67
N MET A 626 -13.26 0.93 -4.43
CA MET A 626 -13.71 1.14 -3.05
C MET A 626 -13.61 -0.12 -2.23
N MET A 627 -14.02 -1.26 -2.81
CA MET A 627 -13.92 -2.53 -2.09
C MET A 627 -12.47 -2.92 -1.85
N ASN A 628 -11.59 -2.67 -2.81
CA ASN A 628 -10.17 -2.95 -2.61
C ASN A 628 -9.63 -2.16 -1.42
N ASN A 629 -9.88 -0.84 -1.42
CA ASN A 629 -9.39 -0.01 -0.31
C ASN A 629 -10.02 -0.42 1.02
N SER A 630 -11.32 -0.72 1.01
CA SER A 630 -11.98 -1.17 2.23
C SER A 630 -11.37 -2.46 2.74
N TYR A 631 -11.01 -3.37 1.82
CA TYR A 631 -10.38 -4.63 2.22
C TYR A 631 -9.03 -4.37 2.87
N GLN A 632 -8.22 -3.46 2.31
CA GLN A 632 -6.95 -3.13 2.95
C GLN A 632 -7.17 -2.55 4.33
N LEU A 633 -8.18 -1.69 4.49
CA LEU A 633 -8.46 -1.13 5.81
C LEU A 633 -8.89 -2.20 6.81
N ILE A 634 -9.73 -3.15 6.39
CA ILE A 634 -10.27 -4.11 7.36
C ILE A 634 -9.26 -5.23 7.67
N ALA A 635 -8.35 -5.52 6.75
CA ALA A 635 -7.43 -6.65 6.94
C ALA A 635 -6.60 -6.50 8.19
N ASP A 636 -6.27 -5.26 8.59
CA ASP A 636 -5.50 -5.06 9.82
C ASP A 636 -6.30 -5.47 11.05
N HIS A 637 -7.60 -5.14 11.07
CA HIS A 637 -8.46 -5.40 12.21
C HIS A 637 -9.41 -6.58 12.00
N ALA A 638 -9.17 -7.40 10.97
CA ALA A 638 -10.10 -8.49 10.66
C ALA A 638 -10.10 -9.54 11.77
N ASP A 639 -8.94 -9.86 12.33
CA ASP A 639 -8.86 -10.91 13.34
C ASP A 639 -9.63 -10.54 14.60
N ILE A 640 -9.48 -9.30 15.06
CA ILE A 640 -10.18 -8.87 16.28
C ILE A 640 -11.68 -8.85 16.06
N GLU A 641 -12.12 -8.37 14.89
CA GLU A 641 -13.54 -8.36 14.56
C GLU A 641 -14.10 -9.79 14.54
N TRP A 642 -13.37 -10.72 13.91
CA TRP A 642 -13.85 -12.09 13.88
C TRP A 642 -13.90 -12.71 15.27
N LYS A 643 -12.89 -12.43 16.10
CA LYS A 643 -12.90 -12.96 17.46
C LYS A 643 -14.08 -12.42 18.26
N PHE A 644 -14.38 -11.13 18.11
CA PHE A 644 -15.53 -10.55 18.81
C PHE A 644 -16.84 -11.19 18.34
N ALA A 645 -17.00 -11.35 17.02
CA ALA A 645 -18.22 -11.96 16.51
C ALA A 645 -18.35 -13.41 16.96
N ARG A 646 -17.24 -14.16 16.96
CA ARG A 646 -17.27 -15.55 17.42
C ARG A 646 -17.54 -15.64 18.91
N THR A 647 -17.04 -14.68 19.70
CA THR A 647 -17.39 -14.63 21.11
C THR A 647 -18.87 -14.39 21.31
N LYS A 648 -19.46 -13.49 20.52
CA LYS A 648 -20.91 -13.28 20.60
C LYS A 648 -21.66 -14.56 20.26
N LEU A 649 -21.22 -15.25 19.21
CA LEU A 649 -21.86 -16.52 18.84
C LEU A 649 -21.73 -17.55 19.96
N TRP A 650 -20.55 -17.62 20.59
CA TRP A 650 -20.34 -18.60 21.66
C TRP A 650 -21.21 -18.30 22.87
N MET A 651 -21.22 -17.04 23.33
CA MET A 651 -22.06 -16.68 24.46
C MET A 651 -23.55 -16.79 24.13
N SER A 652 -23.92 -16.77 22.85
CA SER A 652 -25.30 -17.07 22.50
C SER A 652 -25.69 -18.49 22.87
N TYR A 653 -24.73 -19.41 22.97
CA TYR A 653 -24.98 -20.80 23.33
C TYR A 653 -24.63 -21.11 24.78
N PHE A 654 -24.22 -20.12 25.57
CA PHE A 654 -23.88 -20.37 26.96
C PHE A 654 -25.10 -20.39 27.87
N ASP A 655 -26.16 -19.67 27.50
CA ASP A 655 -27.31 -19.50 28.38
C ASP A 655 -28.13 -20.78 28.48
N GLU A 656 -28.84 -20.90 29.60
CA GLU A 656 -29.71 -22.06 29.82
C GLU A 656 -30.84 -22.11 28.81
N GLY A 657 -31.46 -20.96 28.52
CA GLY A 657 -32.57 -20.93 27.60
C GLY A 657 -32.15 -21.12 26.16
N GLY A 658 -33.10 -21.57 25.35
CA GLY A 658 -32.85 -21.79 23.94
C GLY A 658 -31.93 -22.95 23.66
N THR A 659 -31.85 -23.93 24.57
CA THR A 659 -30.96 -25.07 24.36
C THR A 659 -31.53 -26.02 23.32
N LEU A 660 -32.84 -26.24 23.33
CA LEU A 660 -33.46 -27.18 22.40
C LEU A 660 -33.59 -26.54 21.02
N PRO A 661 -33.04 -27.14 19.97
CA PRO A 661 -33.23 -26.60 18.63
C PRO A 661 -34.60 -26.97 18.08
N PRO A 662 -35.06 -26.31 17.03
CA PRO A 662 -36.32 -26.71 16.42
C PRO A 662 -36.20 -28.10 15.83
N PRO A 663 -37.31 -28.86 15.80
CA PRO A 663 -38.65 -28.45 16.25
C PRO A 663 -38.92 -28.81 17.70
N PHE A 664 -37.87 -29.09 18.47
CA PHE A 664 -38.03 -29.52 19.85
C PHE A 664 -38.23 -28.36 20.82
N ASN A 665 -38.12 -27.12 20.35
CA ASN A 665 -38.33 -25.98 21.23
C ASN A 665 -39.80 -25.63 21.41
N ILE A 666 -40.69 -26.22 20.61
CA ILE A 666 -42.13 -25.98 20.73
C ILE A 666 -42.84 -27.15 21.40
N ILE A 667 -42.10 -28.08 21.98
CA ILE A 667 -42.67 -29.22 22.70
C ILE A 667 -42.75 -28.84 24.17
N PRO A 668 -43.94 -28.70 24.75
CA PRO A 668 -44.03 -28.33 26.17
C PRO A 668 -43.43 -29.39 27.06
N SER A 669 -42.44 -28.98 27.85
CA SER A 669 -41.80 -29.90 28.79
C SER A 669 -42.76 -30.24 29.93
N PRO A 670 -42.58 -31.41 30.56
CA PRO A 670 -43.43 -31.75 31.70
C PRO A 670 -43.32 -30.77 32.85
N LYS A 671 -42.16 -30.13 33.02
CA LYS A 671 -41.97 -29.14 34.08
C LYS A 671 -42.86 -27.93 33.88
N ASN A 706 -25.02 -7.30 49.95
CA ASN A 706 -24.95 -8.59 50.61
C ASN A 706 -23.50 -8.93 50.97
N ALA A 707 -23.33 -9.87 51.91
CA ALA A 707 -21.99 -10.28 52.31
C ALA A 707 -21.25 -10.96 51.18
N ASP A 708 -21.95 -11.80 50.41
CA ASP A 708 -21.31 -12.49 49.28
C ASP A 708 -20.86 -11.50 48.21
N SER A 709 -21.67 -10.47 47.96
CA SER A 709 -21.29 -9.46 46.98
C SER A 709 -20.07 -8.66 47.45
N LEU A 710 -19.99 -8.37 48.76
CA LEU A 710 -18.90 -7.55 49.27
C LEU A 710 -17.55 -8.24 49.11
N ILE A 711 -17.48 -9.54 49.38
CA ILE A 711 -16.20 -10.24 49.25
C ILE A 711 -15.78 -10.34 47.79
N GLN A 712 -16.74 -10.49 46.87
CA GLN A 712 -16.42 -10.44 45.45
C GLN A 712 -15.86 -9.07 45.07
N ASN A 713 -16.45 -8.01 45.61
CA ASN A 713 -15.93 -6.67 45.36
C ASN A 713 -14.53 -6.50 45.89
N GLN A 714 -14.24 -7.04 47.08
CA GLN A 714 -12.90 -6.93 47.64
C GLN A 714 -11.88 -7.70 46.80
N HIS A 715 -12.24 -8.90 46.36
CA HIS A 715 -11.34 -9.66 45.49
C HIS A 715 -11.08 -8.93 44.19
N TYR A 716 -12.13 -8.37 43.59
CA TYR A 716 -11.98 -7.61 42.35
C TYR A 716 -11.10 -6.38 42.58
N GLN A 717 -11.26 -5.72 43.73
CA GLN A 717 -10.46 -4.54 44.03
C GLN A 717 -8.99 -4.90 44.19
N GLU A 718 -8.69 -6.01 44.86
CA GLU A 718 -7.30 -6.44 44.99
C GLU A 718 -6.70 -6.80 43.63
N VAL A 719 -7.45 -7.54 42.80
CA VAL A 719 -6.98 -7.88 41.48
C VAL A 719 -6.74 -6.62 40.65
N ILE A 720 -7.65 -5.65 40.75
CA ILE A 720 -7.53 -4.41 40.00
C ILE A 720 -6.32 -3.61 40.48
N ARG A 721 -6.06 -3.61 41.79
CA ARG A 721 -4.88 -2.93 42.31
C ARG A 721 -3.60 -3.54 41.73
N ASN A 722 -3.52 -4.87 41.72
CA ASN A 722 -2.36 -5.54 41.14
C ASN A 722 -2.23 -5.22 39.65
N LEU A 723 -3.35 -5.25 38.93
CA LEU A 723 -3.34 -4.96 37.50
C LEU A 723 -2.89 -3.52 37.24
N VAL A 724 -3.35 -2.58 38.05
CA VAL A 724 -2.97 -1.19 37.86
C VAL A 724 -1.49 -0.99 38.12
N LYS A 725 -0.98 -1.61 39.18
CA LYS A 725 0.46 -1.51 39.46
C LYS A 725 1.27 -2.07 38.30
N ARG A 726 0.89 -3.26 37.81
CA ARG A 726 1.60 -3.88 36.70
C ARG A 726 1.51 -3.02 35.44
N TYR A 727 0.33 -2.45 35.17
CA TYR A 727 0.14 -1.62 33.98
C TYR A 727 0.99 -0.37 34.04
N VAL A 728 1.04 0.28 35.21
CA VAL A 728 1.85 1.48 35.35
C VAL A 728 3.32 1.16 35.15
N ALA A 729 3.80 0.07 35.76
CA ALA A 729 5.19 -0.33 35.57
C ALA A 729 5.48 -0.62 34.10
N ALA A 730 4.57 -1.35 33.44
CA ALA A 730 4.78 -1.71 32.04
C ALA A 730 4.77 -0.49 31.14
N MET A 731 3.89 0.48 31.41
CA MET A 731 3.84 1.68 30.59
C MET A 731 5.08 2.54 30.79
N ILE A 732 5.57 2.64 32.03
CA ILE A 732 6.82 3.36 32.26
C ILE A 732 7.97 2.67 31.53
N ARG A 733 8.02 1.34 31.58
CA ARG A 733 9.05 0.61 30.86
C ARG A 733 8.95 0.84 29.35
N ASN A 734 7.74 0.84 28.81
CA ASN A 734 7.54 1.07 27.38
C ASN A 734 7.99 2.47 26.99
N SER A 735 7.66 3.47 27.81
CA SER A 735 8.10 4.83 27.53
C SER A 735 9.62 4.95 27.58
N LYS A 736 10.25 4.30 28.56
CA LYS A 736 11.69 4.40 28.73
C LYS A 736 12.45 3.75 27.57
N THR A 737 11.93 2.65 27.02
CA THR A 737 12.59 1.91 25.97
C THR A 737 12.07 2.25 24.58
N HIS A 738 11.71 3.51 24.34
CA HIS A 738 11.25 3.97 23.04
C HIS A 738 12.41 4.62 22.31
N GLU A 739 12.75 4.09 21.13
CA GLU A 739 13.86 4.62 20.36
C GLU A 739 13.56 6.03 19.86
N GLY A 740 14.57 6.90 19.92
CA GLY A 740 14.42 8.25 19.43
C GLY A 740 14.41 9.29 20.53
N LEU A 741 15.46 10.10 20.60
CA LEU A 741 15.56 11.19 21.56
C LEU A 741 15.22 12.51 20.88
N THR A 742 14.41 13.32 21.56
CA THR A 742 14.11 14.66 21.08
C THR A 742 15.20 15.63 21.53
N GLU A 743 15.25 16.78 20.87
CA GLU A 743 16.32 17.74 21.15
C GLU A 743 16.17 18.46 22.47
N GLU A 744 15.01 18.38 23.14
CA GLU A 744 14.93 18.95 24.48
C GLU A 744 15.84 18.21 25.45
N ASN A 745 15.98 16.90 25.28
CA ASN A 745 16.94 16.14 26.07
C ASN A 745 18.37 16.58 25.77
N PHE A 746 18.68 16.84 24.51
CA PHE A 746 20.00 17.35 24.14
C PHE A 746 20.26 18.70 24.79
N LYS A 747 19.29 19.60 24.76
CA LYS A 747 19.47 20.92 25.38
C LYS A 747 19.61 20.82 26.90
N GLU A 748 18.88 19.90 27.53
CA GLU A 748 18.99 19.78 28.98
C GLU A 748 20.32 19.13 29.36
N LEU A 749 20.81 18.19 28.55
CA LEU A 749 22.15 17.65 28.76
C LEU A 749 23.20 18.74 28.63
N LYS A 750 23.05 19.59 27.61
CA LYS A 750 23.90 20.77 27.48
C LYS A 750 23.81 21.64 28.72
N GLN A 751 22.61 21.81 29.27
CA GLN A 751 22.42 22.61 30.47
C GLN A 751 23.17 22.02 31.66
N ASP A 752 23.08 20.71 31.85
CA ASP A 752 23.81 20.07 32.94
C ASP A 752 25.31 20.23 32.77
N ILE A 753 25.81 20.01 31.55
CA ILE A 753 27.25 20.10 31.29
C ILE A 753 27.73 21.53 31.51
N SER A 754 26.96 22.51 31.04
CA SER A 754 27.35 23.91 31.19
C SER A 754 27.31 24.35 32.66
N SER A 755 26.29 23.91 33.40
CA SER A 755 26.23 24.23 34.82
C SER A 755 27.43 23.64 35.56
N PHE A 756 27.81 22.41 35.22
CA PHE A 756 28.98 21.80 35.83
C PHE A 756 30.25 22.59 35.48
N ARG A 757 30.38 23.01 34.22
CA ARG A 757 31.56 23.78 33.80
C ARG A 757 31.65 25.08 34.57
N TYR A 758 30.54 25.84 34.63
CA TYR A 758 30.57 27.12 35.32
C TYR A 758 30.78 26.95 36.82
N GLU A 759 30.19 25.91 37.42
CA GLU A 759 30.40 25.66 38.84
C GLU A 759 31.85 25.34 39.14
N VAL A 760 32.50 24.53 38.29
CA VAL A 760 33.92 24.25 38.45
C VAL A 760 34.74 25.51 38.31
N LEU A 761 34.40 26.35 37.32
CA LEU A 761 35.12 27.61 37.12
C LEU A 761 34.99 28.51 38.35
N ASP A 762 33.79 28.59 38.92
CA ASP A 762 33.59 29.39 40.13
C ASP A 762 34.39 28.83 41.29
N LEU A 763 34.40 27.50 41.46
CA LEU A 763 35.18 26.89 42.52
C LEU A 763 36.68 27.09 42.29
N LEU A 764 37.12 26.95 41.05
CA LEU A 764 38.53 27.12 40.73
C LEU A 764 38.80 28.49 40.11
N PRO B 1 44.09 -13.09 -19.45
CA PRO B 1 42.98 -12.74 -18.57
C PRO B 1 42.23 -11.48 -19.01
N GLU B 2 40.96 -11.64 -19.36
CA GLU B 2 40.16 -10.49 -19.78
C GLU B 2 39.91 -9.56 -18.60
N PHE B 3 40.17 -8.27 -18.80
CA PHE B 3 40.05 -7.27 -17.76
C PHE B 3 39.14 -6.14 -18.22
N MET B 4 38.65 -5.37 -17.24
CA MET B 4 37.96 -4.11 -17.52
C MET B 4 39.03 -3.09 -17.89
N ALA B 5 39.13 -2.78 -19.18
CA ALA B 5 40.27 -2.02 -19.70
C ALA B 5 40.37 -0.65 -19.06
N GLN B 6 39.25 0.08 -19.01
CA GLN B 6 39.24 1.45 -18.51
C GLN B 6 38.02 1.66 -17.62
N LEU B 7 38.27 1.80 -16.32
CA LEU B 7 37.22 2.13 -15.37
C LEU B 7 37.41 3.52 -14.77
N TYR B 8 38.59 3.80 -14.23
CA TYR B 8 38.89 5.08 -13.62
C TYR B 8 39.83 5.95 -14.44
N TYR B 9 40.59 5.36 -15.36
CA TYR B 9 41.56 6.09 -16.16
C TYR B 9 41.51 5.60 -17.60
N LYS B 10 41.90 6.48 -18.52
CA LYS B 10 41.90 6.16 -19.95
C LYS B 10 43.31 5.84 -20.45
N LYS B 11 44.26 6.76 -20.27
CA LYS B 11 45.59 6.61 -20.84
C LYS B 11 46.50 5.69 -20.03
N VAL B 12 46.15 5.41 -18.77
CA VAL B 12 47.00 4.56 -17.95
C VAL B 12 47.09 3.16 -18.53
N ASN B 13 45.93 2.61 -18.94
CA ASN B 13 45.78 1.28 -19.56
C ASN B 13 46.89 0.27 -19.25
N ARG B 18 48.66 -3.76 -14.69
CA ARG B 18 47.76 -4.39 -15.66
C ARG B 18 46.59 -5.04 -14.95
N ASP B 19 46.88 -5.83 -13.93
CA ASP B 19 45.86 -6.51 -13.13
C ASP B 19 45.40 -5.70 -11.92
N ARG B 20 45.93 -4.50 -11.75
CA ARG B 20 45.58 -3.63 -10.63
C ARG B 20 44.99 -2.32 -11.14
N ILE B 21 44.42 -1.55 -10.22
CA ILE B 21 43.92 -0.22 -10.52
C ILE B 21 44.59 0.76 -9.56
N PRO B 22 45.73 1.36 -9.95
CA PRO B 22 46.39 2.31 -9.06
C PRO B 22 45.50 3.51 -8.76
N LEU B 23 45.57 4.00 -7.53
CA LEU B 23 44.76 5.11 -7.06
C LEU B 23 45.63 6.31 -6.76
N GLN B 24 45.23 7.48 -7.26
CA GLN B 24 45.96 8.72 -7.05
C GLN B 24 44.95 9.85 -6.90
N ILE B 25 45.40 10.96 -6.32
CA ILE B 25 44.56 12.15 -6.21
C ILE B 25 44.61 12.84 -7.57
N VAL B 26 43.62 12.56 -8.42
CA VAL B 26 43.61 13.10 -9.77
C VAL B 26 43.40 14.62 -9.74
N ARG B 27 42.42 15.09 -8.98
CA ARG B 27 42.22 16.52 -8.77
C ARG B 27 42.85 16.93 -7.44
N ALA B 28 44.19 16.93 -7.45
CA ALA B 28 44.95 17.21 -6.25
C ALA B 28 44.75 18.65 -5.81
N GLU B 29 44.70 18.85 -4.49
CA GLU B 29 44.57 20.17 -3.88
C GLU B 29 45.80 20.44 -3.01
N THR B 30 45.77 21.56 -2.29
CA THR B 30 46.86 21.93 -1.40
C THR B 30 46.62 21.32 -0.03
N GLU B 31 47.50 20.43 0.39
CA GLU B 31 47.36 19.76 1.67
C GLU B 31 47.76 20.69 2.81
N LEU B 32 47.15 20.46 3.97
CA LEU B 32 47.48 21.23 5.16
C LEU B 32 48.81 20.75 5.73
N SER B 33 49.58 21.68 6.29
CA SER B 33 50.84 21.35 6.91
C SER B 33 50.60 20.76 8.30
N ALA B 34 51.69 20.44 8.99
CA ALA B 34 51.59 19.81 10.31
C ALA B 34 51.01 20.78 11.34
N GLU B 35 51.55 22.01 11.39
CA GLU B 35 51.09 22.96 12.39
C GLU B 35 49.66 23.42 12.10
N GLU B 36 49.31 23.61 10.83
CA GLU B 36 47.95 23.98 10.48
C GLU B 36 46.97 22.86 10.85
N LYS B 37 47.35 21.61 10.58
CA LYS B 37 46.52 20.47 10.97
C LYS B 37 46.35 20.42 12.48
N ALA B 38 47.43 20.66 13.23
CA ALA B 38 47.34 20.65 14.69
C ALA B 38 46.43 21.76 15.19
N PHE B 39 46.53 22.95 14.59
CA PHE B 39 45.67 24.06 14.99
C PHE B 39 44.21 23.77 14.71
N LEU B 40 43.91 23.21 13.53
CA LEU B 40 42.53 22.87 13.22
C LEU B 40 42.01 21.75 14.12
N ASN B 41 42.86 20.79 14.47
CA ASN B 41 42.45 19.74 15.39
C ASN B 41 42.17 20.31 16.78
N ALA B 42 43.00 21.26 17.23
CA ALA B 42 42.74 21.92 18.51
C ALA B 42 41.41 22.67 18.48
N VAL B 43 41.12 23.33 17.35
CA VAL B 43 39.83 24.01 17.22
C VAL B 43 38.69 23.00 17.26
N GLU B 44 38.84 21.86 16.58
CA GLU B 44 37.81 20.83 16.58
C GLU B 44 37.58 20.28 17.99
N LYS B 45 38.65 20.01 18.73
CA LYS B 45 38.52 19.54 20.10
C LYS B 45 38.06 20.62 21.06
N GLY B 46 38.09 21.90 20.65
CA GLY B 46 37.56 22.99 21.45
C GLY B 46 38.41 23.46 22.61
N ASP B 47 39.66 23.05 22.70
CA ASP B 47 40.53 23.51 23.79
C ASP B 47 40.94 24.95 23.49
N TYR B 48 40.48 25.90 24.30
CA TYR B 48 40.79 27.31 24.09
C TYR B 48 42.30 27.56 24.22
N ALA B 49 42.99 26.72 25.00
CA ALA B 49 44.37 27.00 25.39
C ALA B 49 45.33 27.00 24.19
N THR B 50 45.54 25.84 23.55
CA THR B 50 46.51 25.82 22.46
C THR B 50 45.98 26.55 21.24
N VAL B 51 44.66 26.69 21.11
CA VAL B 51 44.11 27.52 20.03
C VAL B 51 44.59 28.95 20.19
N LYS B 52 44.43 29.53 21.38
CA LYS B 52 44.92 30.88 21.63
C LYS B 52 46.43 30.95 21.47
N GLN B 53 47.15 29.94 21.99
CA GLN B 53 48.60 29.96 21.90
C GLN B 53 49.08 29.94 20.45
N ALA B 54 48.45 29.12 19.61
CA ALA B 54 48.81 29.08 18.20
C ALA B 54 48.43 30.38 17.50
N LEU B 55 47.32 31.00 17.90
CA LEU B 55 46.96 32.29 17.31
C LEU B 55 48.02 33.34 17.61
N GLN B 56 48.47 33.43 18.86
CA GLN B 56 49.53 34.38 19.20
C GLN B 56 50.83 34.02 18.51
N GLU B 57 51.15 32.73 18.41
CA GLU B 57 52.39 32.31 17.76
C GLU B 57 52.38 32.68 16.28
N ALA B 58 51.23 32.51 15.62
CA ALA B 58 51.12 32.91 14.22
C ALA B 58 51.17 34.42 14.07
N GLU B 59 50.59 35.16 15.02
CA GLU B 59 50.68 36.62 14.98
C GLU B 59 52.12 37.09 15.10
N ILE B 60 52.91 36.43 15.95
CA ILE B 60 54.27 36.88 16.22
C ILE B 60 55.23 36.41 15.13
N TYR B 61 55.17 35.13 14.75
CA TYR B 61 56.16 34.53 13.87
C TYR B 61 55.66 34.25 12.47
N TYR B 62 54.35 34.36 12.22
CA TYR B 62 53.76 34.09 10.91
C TYR B 62 54.03 32.65 10.44
N ASN B 63 54.20 31.73 11.40
CA ASN B 63 54.48 30.34 11.06
C ASN B 63 53.23 29.59 10.62
N VAL B 64 52.06 30.01 11.08
CA VAL B 64 50.80 29.29 10.84
C VAL B 64 49.84 30.22 10.14
N ASN B 65 49.21 29.72 9.08
CA ASN B 65 48.16 30.47 8.38
C ASN B 65 46.86 30.24 9.12
N ILE B 66 46.41 31.25 9.88
CA ILE B 66 45.19 31.13 10.66
C ILE B 66 43.94 31.04 9.82
N ASN B 67 44.05 31.27 8.51
CA ASN B 67 42.94 31.11 7.57
C ASN B 67 43.02 29.80 6.81
N CYS B 68 43.80 28.84 7.31
CA CYS B 68 43.94 27.55 6.64
C CYS B 68 42.61 26.82 6.58
N MET B 69 42.36 26.15 5.47
CA MET B 69 41.10 25.46 5.22
C MET B 69 41.32 23.95 5.26
N ASP B 70 40.51 23.26 6.03
CA ASP B 70 40.46 21.81 5.96
C ASP B 70 40.10 21.42 4.53
N PRO B 71 40.84 20.46 3.92
CA PRO B 71 40.58 20.09 2.52
C PRO B 71 39.13 19.81 2.18
N LEU B 72 38.29 19.64 3.21
CA LEU B 72 36.85 19.52 3.01
C LEU B 72 36.17 20.89 2.88
N GLY B 73 36.91 21.98 3.02
CA GLY B 73 36.38 23.32 2.86
C GLY B 73 36.17 24.10 4.14
N ARG B 74 36.20 23.45 5.30
CA ARG B 74 35.97 24.13 6.56
C ARG B 74 37.25 24.81 7.05
N SER B 75 37.11 26.01 7.58
CA SER B 75 38.21 26.75 8.19
C SER B 75 38.07 26.69 9.70
N ALA B 76 38.96 27.40 10.41
CA ALA B 76 38.87 27.45 11.87
C ALA B 76 37.57 28.11 12.32
N LEU B 77 37.18 29.21 11.67
CA LEU B 77 35.93 29.86 12.00
C LEU B 77 34.73 28.96 11.69
N LEU B 78 34.78 28.26 10.57
CA LEU B 78 33.69 27.35 10.22
C LEU B 78 33.59 26.20 11.21
N ILE B 79 34.74 25.66 11.64
CA ILE B 79 34.72 24.59 12.63
C ILE B 79 34.17 25.10 13.96
N ALA B 80 34.58 26.30 14.38
CA ALA B 80 34.08 26.87 15.63
C ALA B 80 32.57 27.09 15.56
N ILE B 81 32.07 27.57 14.42
CA ILE B 81 30.63 27.74 14.24
C ILE B 81 29.92 26.38 14.30
N GLU B 82 30.48 25.37 13.64
CA GLU B 82 29.88 24.04 13.64
C GLU B 82 29.88 23.43 15.03
N ASN B 83 30.92 23.71 15.83
CA ASN B 83 30.99 23.20 17.19
C ASN B 83 30.16 24.02 18.17
N GLU B 84 29.54 25.11 17.72
CA GLU B 84 28.71 25.98 18.56
C GLU B 84 29.50 26.51 19.75
N ASN B 85 30.78 26.76 19.54
CA ASN B 85 31.68 27.25 20.58
C ASN B 85 31.84 28.76 20.39
N LEU B 86 31.15 29.54 21.24
CA LEU B 86 31.18 30.99 21.09
C LEU B 86 32.49 31.60 21.58
N GLU B 87 33.15 30.98 22.55
CA GLU B 87 34.39 31.55 23.07
C GLU B 87 35.51 31.47 22.05
N ILE B 88 35.69 30.31 21.42
CA ILE B 88 36.71 30.18 20.38
C ILE B 88 36.37 31.05 19.18
N MET B 89 35.08 31.17 18.85
CA MET B 89 34.69 32.06 17.76
C MET B 89 35.02 33.51 18.08
N GLU B 90 34.77 33.94 19.31
CA GLU B 90 35.16 35.28 19.74
C GLU B 90 36.66 35.47 19.63
N LEU B 91 37.43 34.47 20.07
CA LEU B 91 38.89 34.55 19.99
C LEU B 91 39.36 34.68 18.56
N LEU B 92 38.78 33.90 17.65
CA LEU B 92 39.15 33.98 16.24
C LEU B 92 38.77 35.34 15.65
N LEU B 93 37.58 35.84 15.97
CA LEU B 93 37.16 37.13 15.44
C LEU B 93 38.07 38.25 15.94
N ASN B 94 38.49 38.17 17.21
CA ASN B 94 39.40 39.17 17.74
C ASN B 94 40.79 39.09 17.09
N HIS B 95 41.11 37.97 16.44
CA HIS B 95 42.38 37.82 15.73
C HIS B 95 42.23 38.05 14.23
N SER B 96 41.08 38.54 13.79
CA SER B 96 40.81 38.92 12.39
C SER B 96 41.06 37.74 11.44
N VAL B 97 40.26 36.69 11.62
CA VAL B 97 40.20 35.62 10.63
C VAL B 97 39.29 36.03 9.47
N TYR B 98 39.40 35.30 8.36
CA TYR B 98 38.52 35.57 7.23
C TYR B 98 37.08 35.20 7.59
N VAL B 99 36.17 36.15 7.43
CA VAL B 99 34.79 36.02 7.88
C VAL B 99 33.84 35.86 6.71
N GLY B 100 34.36 35.75 5.48
CA GLY B 100 33.53 35.65 4.30
C GLY B 100 32.58 34.46 4.32
N ASP B 101 31.29 34.74 4.15
CA ASP B 101 30.22 33.75 4.08
C ASP B 101 30.07 32.93 5.36
N ALA B 102 30.78 33.28 6.43
CA ALA B 102 30.62 32.57 7.69
C ALA B 102 29.26 32.83 8.32
N LEU B 103 28.68 34.00 8.05
CA LEU B 103 27.35 34.30 8.56
C LEU B 103 26.32 33.32 7.99
N LEU B 104 26.47 32.95 6.71
CA LEU B 104 25.57 31.97 6.11
C LEU B 104 25.69 30.62 6.80
N TYR B 105 26.92 30.19 7.11
CA TYR B 105 27.09 28.91 7.81
C TYR B 105 26.48 28.97 9.21
N ALA B 106 26.68 30.07 9.92
CA ALA B 106 26.08 30.22 11.25
C ALA B 106 24.56 30.20 11.16
N ILE B 107 23.99 30.86 10.15
CA ILE B 107 22.55 30.87 9.98
C ILE B 107 22.03 29.47 9.70
N ARG B 108 22.71 28.74 8.80
CA ARG B 108 22.27 27.40 8.46
C ARG B 108 22.35 26.47 9.68
N LYS B 109 23.43 26.56 10.45
CA LYS B 109 23.51 25.77 11.67
C LYS B 109 22.58 26.29 12.76
N GLU B 110 22.00 27.47 12.58
CA GLU B 110 21.00 28.03 13.50
C GLU B 110 21.58 28.27 14.89
N VAL B 111 22.74 28.94 14.92
CA VAL B 111 23.37 29.37 16.17
C VAL B 111 23.07 30.84 16.33
N VAL B 112 22.14 31.16 17.23
CA VAL B 112 21.74 32.56 17.44
C VAL B 112 22.93 33.38 17.93
N GLY B 113 23.67 32.85 18.91
CA GLY B 113 24.82 33.58 19.42
C GLY B 113 25.87 33.84 18.36
N ALA B 114 26.12 32.85 17.50
CA ALA B 114 27.04 33.07 16.39
C ALA B 114 26.52 34.13 15.44
N VAL B 115 25.21 34.15 15.20
CA VAL B 115 24.64 35.17 14.31
C VAL B 115 24.86 36.56 14.88
N GLU B 116 24.58 36.74 16.17
CA GLU B 116 24.82 38.05 16.78
C GLU B 116 26.30 38.40 16.77
N LEU B 117 27.17 37.42 17.03
CA LEU B 117 28.61 37.68 17.03
C LEU B 117 29.09 38.15 15.66
N LEU B 118 28.61 37.50 14.59
CA LEU B 118 29.04 37.86 13.25
C LEU B 118 28.40 39.16 12.77
N LEU B 119 27.18 39.46 13.22
CA LEU B 119 26.57 40.73 12.88
C LEU B 119 27.24 41.89 13.60
N SER B 120 27.73 41.65 14.82
CA SER B 120 28.43 42.69 15.57
C SER B 120 29.89 42.82 15.19
N TYR B 121 30.39 41.98 14.29
CA TYR B 121 31.78 41.99 13.85
C TYR B 121 32.74 41.85 15.03
N GLN B 138 36.58 32.12 -3.12
CA GLN B 138 36.88 30.79 -2.59
C GLN B 138 35.68 29.85 -2.78
N PHE B 139 35.79 28.65 -2.20
CA PHE B 139 34.71 27.68 -2.27
C PHE B 139 33.66 27.97 -1.19
N SER B 140 32.39 27.81 -1.56
CA SER B 140 31.29 28.02 -0.63
C SER B 140 30.25 26.93 -0.86
N GLU B 141 29.52 26.59 0.21
CA GLU B 141 28.44 25.63 0.12
C GLU B 141 27.12 26.25 -0.31
N PHE B 142 27.09 27.56 -0.55
CA PHE B 142 25.88 28.28 -0.92
C PHE B 142 26.07 28.94 -2.27
N THR B 143 24.97 29.02 -3.02
CA THR B 143 25.00 29.69 -4.31
C THR B 143 25.22 31.19 -4.12
N PRO B 144 25.80 31.85 -5.12
CA PRO B 144 26.14 33.29 -4.95
C PRO B 144 24.94 34.18 -4.70
N ASP B 145 23.73 33.80 -5.12
CA ASP B 145 22.56 34.64 -4.92
C ASP B 145 22.02 34.58 -3.50
N ILE B 146 22.47 33.61 -2.69
CA ILE B 146 21.95 33.46 -1.34
C ILE B 146 22.40 34.63 -0.49
N THR B 147 21.44 35.27 0.19
CA THR B 147 21.68 36.34 1.13
C THR B 147 21.36 35.88 2.54
N PRO B 148 21.92 36.53 3.57
CA PRO B 148 21.66 36.07 4.94
C PRO B 148 20.18 36.00 5.31
N ILE B 149 19.39 36.98 4.88
CA ILE B 149 17.96 36.97 5.19
C ILE B 149 17.27 35.85 4.42
N MET B 150 17.66 35.64 3.17
CA MET B 150 17.08 34.56 2.37
C MET B 150 17.35 33.21 3.01
N LEU B 151 18.60 32.96 3.42
CA LEU B 151 18.94 31.69 4.04
C LEU B 151 18.27 31.55 5.40
N ALA B 152 18.15 32.64 6.15
CA ALA B 152 17.45 32.58 7.44
C ALA B 152 15.99 32.21 7.23
N ALA B 153 15.34 32.77 6.21
CA ALA B 153 13.97 32.39 5.89
C ALA B 153 13.90 30.93 5.45
N HIS B 154 14.91 30.47 4.70
CA HIS B 154 14.94 29.07 4.30
C HIS B 154 15.01 28.15 5.50
N THR B 155 15.80 28.51 6.51
CA THR B 155 15.89 27.71 7.72
C THR B 155 14.65 27.83 8.59
N ASN B 156 13.83 28.86 8.37
CA ASN B 156 12.57 29.07 9.10
C ASN B 156 12.81 29.22 10.60
N ASN B 157 13.93 29.82 10.98
CA ASN B 157 14.26 30.08 12.38
C ASN B 157 13.75 31.47 12.73
N TYR B 158 12.77 31.54 13.64
CA TYR B 158 12.14 32.83 13.95
C TYR B 158 13.14 33.79 14.58
N GLU B 159 14.03 33.29 15.45
CA GLU B 159 14.97 34.16 16.13
C GLU B 159 15.94 34.81 15.15
N ILE B 160 16.55 34.01 14.28
CA ILE B 160 17.53 34.56 13.34
C ILE B 160 16.86 35.45 12.30
N ILE B 161 15.66 35.07 11.85
CA ILE B 161 14.93 35.92 10.91
C ILE B 161 14.62 37.26 11.54
N LYS B 162 14.13 37.25 12.78
CA LYS B 162 13.84 38.51 13.46
C LYS B 162 15.11 39.34 13.65
N LEU B 163 16.21 38.69 14.04
CA LEU B 163 17.47 39.40 14.25
C LEU B 163 17.94 40.07 12.97
N LEU B 164 17.82 39.39 11.83
CA LEU B 164 18.25 39.97 10.57
C LEU B 164 17.28 41.05 10.11
N VAL B 165 15.99 40.89 10.38
CA VAL B 165 15.00 41.88 9.95
C VAL B 165 15.14 43.17 10.75
N GLN B 166 15.55 43.08 12.03
CA GLN B 166 15.78 44.31 12.79
C GLN B 166 16.78 45.22 12.12
N LYS B 167 17.74 44.66 11.38
CA LYS B 167 18.57 45.42 10.47
C LYS B 167 17.86 45.52 9.12
N ARG B 168 18.05 46.65 8.44
CA ARG B 168 17.28 46.92 7.24
C ARG B 168 17.74 46.03 6.08
N VAL B 169 17.14 44.84 5.99
CA VAL B 169 17.43 43.91 4.91
C VAL B 169 16.25 43.92 3.94
N THR B 170 16.51 43.47 2.72
CA THR B 170 15.49 43.42 1.68
C THR B 170 15.55 42.09 0.96
N ILE B 171 14.41 41.68 0.41
CA ILE B 171 14.30 40.51 -0.45
C ILE B 171 13.97 41.00 -1.86
N PRO B 172 14.74 40.62 -2.88
CA PRO B 172 14.42 41.06 -4.24
C PRO B 172 13.01 40.63 -4.64
N ARG B 173 12.30 41.56 -5.28
CA ARG B 173 10.91 41.30 -5.63
C ARG B 173 10.85 40.41 -6.87
N PRO B 174 10.24 39.24 -6.79
CA PRO B 174 10.16 38.36 -7.96
C PRO B 174 9.28 38.97 -9.04
N HIS B 175 9.62 38.65 -10.29
CA HIS B 175 8.83 39.10 -11.42
C HIS B 175 7.61 38.19 -11.60
N GLN B 176 6.67 38.67 -12.43
CA GLN B 176 5.49 37.87 -12.70
C GLN B 176 5.84 36.69 -13.60
N ILE B 177 4.93 35.71 -13.64
CA ILE B 177 5.15 34.50 -14.42
C ILE B 177 5.23 34.85 -15.90
N ARG B 178 4.31 35.70 -16.37
CA ARG B 178 4.25 36.08 -17.77
C ARG B 178 5.08 37.33 -18.09
N CYS B 179 6.01 37.69 -17.20
CA CYS B 179 6.87 38.85 -17.45
C CYS B 179 7.79 38.59 -18.63
N ASN B 180 7.95 39.60 -19.48
CA ASN B 180 8.81 39.53 -20.65
C ASN B 180 9.69 40.77 -20.74
N CYS B 181 10.17 41.24 -19.60
CA CYS B 181 11.03 42.42 -19.58
C CYS B 181 12.43 42.07 -20.09
N VAL B 182 13.21 43.11 -20.36
CA VAL B 182 14.56 42.91 -20.87
C VAL B 182 15.43 42.21 -19.84
N GLU B 183 15.25 42.56 -18.55
CA GLU B 183 16.06 41.94 -17.50
C GLU B 183 15.79 40.45 -17.40
N CYS B 184 14.51 40.06 -17.37
CA CYS B 184 14.16 38.66 -17.22
C CYS B 184 14.66 37.82 -18.39
N VAL B 185 14.44 38.30 -19.62
CA VAL B 185 14.84 37.52 -20.79
C VAL B 185 16.36 37.48 -20.90
N SER B 186 17.04 38.58 -20.57
CA SER B 186 18.50 38.59 -20.62
C SER B 186 19.09 37.62 -19.60
N SER B 187 18.53 37.60 -18.39
CA SER B 187 19.00 36.66 -17.37
C SER B 187 18.72 35.23 -17.78
N SER B 188 17.55 34.98 -18.38
CA SER B 188 17.21 33.61 -18.79
C SER B 188 18.12 33.12 -19.90
N GLU B 189 18.41 33.96 -20.89
CA GLU B 189 19.29 33.54 -21.98
C GLU B 189 20.73 33.40 -21.51
N VAL B 190 21.22 34.34 -20.69
CA VAL B 190 22.59 34.27 -20.23
C VAL B 190 22.78 33.09 -19.29
N ASP B 191 21.89 32.94 -18.30
CA ASP B 191 22.01 31.86 -17.33
C ASP B 191 20.59 31.46 -16.89
N SER B 192 20.05 30.43 -17.56
CA SER B 192 18.73 29.94 -17.18
C SER B 192 18.76 29.21 -15.85
N LEU B 193 19.82 28.42 -15.61
CA LEU B 193 19.94 27.69 -14.36
C LEU B 193 20.02 28.64 -13.18
N ARG B 194 20.88 29.67 -13.28
CA ARG B 194 21.02 30.63 -12.20
C ARG B 194 19.73 31.41 -11.97
N HIS B 195 19.06 31.79 -13.06
CA HIS B 195 17.80 32.53 -12.91
C HIS B 195 16.74 31.68 -12.22
N SER B 196 16.61 30.42 -12.64
CA SER B 196 15.62 29.55 -12.01
C SER B 196 15.96 29.31 -10.53
N ARG B 197 17.23 29.10 -10.22
CA ARG B 197 17.64 28.90 -8.83
C ARG B 197 17.38 30.14 -8.00
N SER B 198 17.65 31.33 -8.55
CA SER B 198 17.41 32.56 -7.82
C SER B 198 15.91 32.76 -7.57
N ARG B 199 15.09 32.49 -8.58
CA ARG B 199 13.64 32.61 -8.39
C ARG B 199 13.14 31.65 -7.33
N LEU B 200 13.61 30.40 -7.38
CA LEU B 200 13.19 29.41 -6.40
C LEU B 200 13.64 29.79 -5.00
N ASN B 201 14.86 30.31 -4.87
CA ASN B 201 15.33 30.75 -3.56
C ASN B 201 14.54 31.93 -3.03
N ILE B 202 14.22 32.89 -3.90
CA ILE B 202 13.42 34.04 -3.49
C ILE B 202 12.04 33.60 -3.01
N TYR B 203 11.41 32.68 -3.74
CA TYR B 203 10.09 32.20 -3.34
C TYR B 203 10.16 31.33 -2.09
N LYS B 204 11.26 30.58 -1.91
CA LYS B 204 11.44 29.83 -0.67
C LYS B 204 11.57 30.76 0.52
N ALA B 205 12.29 31.87 0.35
CA ALA B 205 12.40 32.86 1.42
C ALA B 205 11.05 33.49 1.70
N LEU B 206 10.31 33.87 0.65
CA LEU B 206 9.02 34.52 0.84
C LEU B 206 8.01 33.56 1.47
N ALA B 207 8.02 32.30 1.06
CA ALA B 207 7.06 31.32 1.57
C ALA B 207 7.43 30.80 2.95
N SER B 208 8.40 31.40 3.61
CA SER B 208 8.80 30.96 4.94
C SER B 208 7.71 31.33 5.95
N PRO B 209 7.14 30.37 6.68
CA PRO B 209 6.11 30.73 7.67
C PRO B 209 6.59 31.70 8.72
N SER B 210 7.85 31.61 9.14
CA SER B 210 8.37 32.55 10.12
C SER B 210 8.54 33.95 9.54
N LEU B 211 8.94 34.04 8.27
CA LEU B 211 9.06 35.34 7.63
C LEU B 211 7.71 35.94 7.28
N ILE B 212 6.70 35.10 7.04
CA ILE B 212 5.34 35.62 6.85
C ILE B 212 4.76 36.06 8.18
N ALA B 213 5.11 35.38 9.27
CA ALA B 213 4.64 35.79 10.58
C ALA B 213 5.10 37.22 10.90
N LEU B 214 6.37 37.52 10.62
CA LEU B 214 6.84 38.90 10.65
C LEU B 214 6.59 39.55 9.28
N SER B 215 6.93 40.83 9.19
CA SER B 215 7.09 41.53 7.91
C SER B 215 5.90 41.43 6.97
N SER B 216 4.75 41.00 7.46
CA SER B 216 3.56 40.86 6.64
C SER B 216 2.39 41.54 7.31
N GLU B 217 1.73 42.46 6.59
CA GLU B 217 0.58 43.16 7.14
C GLU B 217 -0.58 42.21 7.39
N ASP B 218 -0.82 41.29 6.46
CA ASP B 218 -1.88 40.28 6.59
C ASP B 218 -1.27 38.92 6.32
N PRO B 219 -0.81 38.22 7.37
CA PRO B 219 -0.18 36.91 7.14
C PRO B 219 -1.07 35.89 6.46
N ILE B 220 -2.35 35.88 6.82
CA ILE B 220 -3.29 34.94 6.25
C ILE B 220 -3.48 35.22 4.78
N LEU B 221 -3.69 36.48 4.44
CA LEU B 221 -3.85 36.87 3.06
C LEU B 221 -2.57 36.62 2.26
N THR B 222 -1.43 36.92 2.85
CA THR B 222 -0.16 36.70 2.16
C THR B 222 0.04 35.23 1.86
N ALA B 223 -0.30 34.37 2.81
CA ALA B 223 -0.19 32.94 2.61
C ALA B 223 -1.10 32.45 1.50
N PHE B 224 -2.32 33.01 1.42
CA PHE B 224 -3.27 32.65 0.38
C PHE B 224 -2.76 33.00 -0.99
N ARG B 225 -2.18 34.20 -1.11
CA ARG B 225 -1.65 34.70 -2.36
C ARG B 225 -0.36 34.00 -2.75
N LEU B 226 0.48 33.71 -1.78
CA LEU B 226 1.74 33.03 -2.04
C LEU B 226 1.50 31.59 -2.48
N GLY B 227 0.59 30.88 -1.80
CA GLY B 227 0.27 29.53 -2.22
C GLY B 227 -0.32 29.49 -3.62
N TRP B 228 -1.19 30.44 -3.94
CA TRP B 228 -1.78 30.49 -5.28
C TRP B 228 -0.71 30.69 -6.34
N GLU B 229 0.15 31.70 -6.17
CA GLU B 229 1.17 31.95 -7.18
C GLU B 229 2.21 30.85 -7.23
N LEU B 230 2.48 30.18 -6.11
CA LEU B 230 3.41 29.05 -6.14
C LEU B 230 2.83 27.87 -6.90
N LYS B 231 1.51 27.63 -6.74
CA LYS B 231 0.86 26.60 -7.54
C LYS B 231 0.88 26.95 -9.03
N GLU B 232 0.63 28.23 -9.35
CA GLU B 232 0.71 28.66 -10.74
C GLU B 232 2.12 28.49 -11.29
N LEU B 233 3.14 28.79 -10.50
CA LEU B 233 4.52 28.57 -10.92
C LEU B 233 4.81 27.10 -11.15
N SER B 234 4.33 26.24 -10.24
CA SER B 234 4.51 24.80 -10.42
C SER B 234 3.86 24.33 -11.72
N LYS B 235 2.70 24.91 -12.06
CA LYS B 235 2.08 24.62 -13.35
C LYS B 235 2.98 25.08 -14.50
N VAL B 236 3.43 26.33 -14.45
CA VAL B 236 4.20 26.89 -15.56
C VAL B 236 5.61 26.30 -15.58
N GLU B 237 6.28 26.29 -14.44
CA GLU B 237 7.61 25.69 -14.37
C GLU B 237 7.48 24.17 -14.36
N ASN B 238 7.55 23.55 -15.55
CA ASN B 238 7.44 22.11 -15.64
C ASN B 238 8.55 21.43 -14.85
N GLU B 239 9.77 21.91 -14.99
CA GLU B 239 10.85 21.50 -14.11
C GLU B 239 10.77 22.26 -12.80
N PHE B 240 11.39 21.70 -11.76
CA PHE B 240 11.33 22.22 -10.40
C PHE B 240 9.88 22.32 -9.89
N LYS B 241 9.00 21.49 -10.44
CA LYS B 241 7.58 21.56 -10.08
C LYS B 241 7.35 21.14 -8.64
N ALA B 242 8.08 20.13 -8.16
CA ALA B 242 7.88 19.63 -6.80
C ALA B 242 8.21 20.69 -5.77
N GLU B 243 9.26 21.47 -6.00
CA GLU B 243 9.64 22.51 -5.05
C GLU B 243 8.54 23.56 -4.92
N TYR B 244 8.00 24.01 -6.04
CA TYR B 244 6.92 25.01 -5.98
C TYR B 244 5.66 24.43 -5.37
N GLU B 245 5.35 23.16 -5.66
CA GLU B 245 4.19 22.52 -5.04
C GLU B 245 4.35 22.42 -3.53
N GLU B 246 5.53 22.04 -3.06
CA GLU B 246 5.72 21.93 -1.61
C GLU B 246 5.77 23.29 -0.94
N LEU B 247 6.25 24.33 -1.64
CA LEU B 247 6.17 25.68 -1.10
C LEU B 247 4.72 26.14 -0.96
N SER B 248 3.89 25.86 -1.97
CA SER B 248 2.48 26.21 -1.88
C SER B 248 1.79 25.43 -0.76
N GLN B 249 2.14 24.15 -0.61
CA GLN B 249 1.59 23.36 0.48
C GLN B 249 2.03 23.92 1.83
N GLN B 250 3.28 24.40 1.92
CA GLN B 250 3.76 25.03 3.14
C GLN B 250 2.96 26.28 3.47
N CYS B 251 2.67 27.11 2.46
CA CYS B 251 1.86 28.31 2.68
C CYS B 251 0.45 27.94 3.15
N LYS B 252 -0.16 26.93 2.53
CA LYS B 252 -1.49 26.49 2.93
C LYS B 252 -1.48 25.96 4.36
N LEU B 253 -0.45 25.17 4.72
CA LEU B 253 -0.35 24.65 6.07
C LEU B 253 -0.16 25.78 7.08
N PHE B 254 0.63 26.80 6.73
CA PHE B 254 0.82 27.93 7.61
C PHE B 254 -0.49 28.66 7.86
N ALA B 255 -1.28 28.89 6.81
CA ALA B 255 -2.57 29.53 6.99
C ALA B 255 -3.50 28.68 7.85
N LYS B 256 -3.51 27.37 7.60
CA LYS B 256 -4.38 26.47 8.37
C LYS B 256 -3.98 26.46 9.85
N ASP B 257 -2.67 26.48 10.13
CA ASP B 257 -2.22 26.49 11.52
C ASP B 257 -2.52 27.82 12.20
N LEU B 258 -2.41 28.93 11.45
CA LEU B 258 -2.82 30.22 11.99
C LEU B 258 -4.28 30.20 12.39
N LEU B 259 -5.13 29.63 11.53
CA LEU B 259 -6.54 29.46 11.90
C LEU B 259 -6.70 28.50 13.08
N ASP B 260 -5.82 27.50 13.17
CA ASP B 260 -5.86 26.56 14.28
C ASP B 260 -5.59 27.24 15.62
N GLN B 261 -4.72 28.25 15.63
CA GLN B 261 -4.35 28.90 16.87
C GLN B 261 -5.48 29.72 17.49
N ALA B 262 -6.59 29.91 16.78
CA ALA B 262 -7.71 30.66 17.33
C ALA B 262 -8.22 29.99 18.60
N ARG B 263 -8.46 30.80 19.63
CA ARG B 263 -8.84 30.30 20.94
C ARG B 263 -10.27 30.64 21.35
N SER B 264 -10.95 31.50 20.59
CA SER B 264 -12.32 31.88 20.91
C SER B 264 -13.10 32.12 19.63
N SER B 265 -14.42 32.08 19.74
CA SER B 265 -15.27 32.31 18.58
C SER B 265 -15.18 33.76 18.10
N ARG B 266 -14.99 34.71 19.01
CA ARG B 266 -14.87 36.11 18.62
C ARG B 266 -13.67 36.31 17.70
N GLU B 267 -12.53 35.71 18.04
CA GLU B 267 -11.35 35.81 17.18
C GLU B 267 -11.62 35.19 15.82
N LEU B 268 -12.32 34.04 15.79
CA LEU B 268 -12.62 33.39 14.52
C LEU B 268 -13.50 34.26 13.64
N GLU B 269 -14.53 34.88 14.23
CA GLU B 269 -15.38 35.79 13.46
C GLU B 269 -14.60 37.01 12.98
N ILE B 270 -13.68 37.51 13.80
CA ILE B 270 -12.85 38.63 13.37
C ILE B 270 -12.00 38.24 12.18
N ILE B 271 -11.40 37.05 12.22
CA ILE B 271 -10.55 36.60 11.12
C ILE B 271 -11.38 36.41 9.85
N LEU B 272 -12.49 35.68 9.95
CA LEU B 272 -13.20 35.26 8.76
C LEU B 272 -14.00 36.39 8.12
N ASN B 273 -14.45 37.36 8.91
CA ASN B 273 -15.25 38.46 8.39
C ASN B 273 -14.40 39.67 8.01
N HIS B 274 -13.08 39.57 8.08
CA HIS B 274 -12.21 40.70 7.77
C HIS B 274 -12.13 40.91 6.26
N ARG B 275 -12.33 42.17 5.85
CA ARG B 275 -12.19 42.56 4.45
C ARG B 275 -10.89 43.32 4.28
N ASP B 276 -10.06 42.88 3.33
CA ASP B 276 -8.80 43.57 3.08
C ASP B 276 -9.04 45.00 2.60
N ASP B 277 -10.02 45.19 1.73
CA ASP B 277 -10.35 46.52 1.22
C ASP B 277 -11.09 47.33 2.28
N ASP B 289 -20.75 39.10 4.84
CA ASP B 289 -19.80 38.63 5.83
C ASP B 289 -18.96 37.48 5.29
N LEU B 290 -18.08 36.95 6.14
CA LEU B 290 -17.17 35.86 5.77
C LEU B 290 -16.35 36.21 4.52
N ALA B 291 -15.85 37.45 4.50
CA ALA B 291 -15.07 37.91 3.35
C ALA B 291 -13.78 37.12 3.20
N LYS B 292 -13.06 36.91 4.30
CA LYS B 292 -11.80 36.19 4.23
C LYS B 292 -12.01 34.71 3.89
N LEU B 293 -13.13 34.14 4.33
CA LEU B 293 -13.45 32.77 3.94
C LEU B 293 -13.74 32.67 2.45
N LYS B 294 -14.41 33.68 1.89
CA LYS B 294 -14.63 33.71 0.45
C LYS B 294 -13.32 33.88 -0.30
N VAL B 295 -12.39 34.67 0.25
CA VAL B 295 -11.06 34.80 -0.35
C VAL B 295 -10.33 33.46 -0.32
N ALA B 296 -10.44 32.74 0.80
CA ALA B 296 -9.82 31.42 0.89
C ALA B 296 -10.41 30.45 -0.11
N ILE B 297 -11.73 30.50 -0.30
CA ILE B 297 -12.37 29.65 -1.30
C ILE B 297 -11.91 30.03 -2.70
N LYS B 298 -11.71 31.32 -2.95
CA LYS B 298 -11.23 31.76 -4.26
C LYS B 298 -9.85 31.19 -4.57
N TYR B 299 -8.96 31.17 -3.58
CA TYR B 299 -7.62 30.62 -3.75
C TYR B 299 -7.57 29.12 -3.53
N HIS B 300 -8.73 28.47 -3.35
CA HIS B 300 -8.81 27.01 -3.15
C HIS B 300 -7.97 26.57 -1.95
N GLN B 301 -8.05 27.31 -0.85
CA GLN B 301 -7.37 26.96 0.39
C GLN B 301 -8.22 25.93 1.14
N LYS B 302 -8.18 24.71 0.63
CA LYS B 302 -9.07 23.65 1.13
C LYS B 302 -8.77 23.31 2.58
N GLU B 303 -7.49 23.24 2.95
CA GLU B 303 -7.13 22.95 4.34
C GLU B 303 -7.59 24.06 5.28
N PHE B 304 -7.44 25.32 4.87
CA PHE B 304 -7.90 26.43 5.68
C PHE B 304 -9.42 26.40 5.84
N VAL B 305 -10.14 26.10 4.76
CA VAL B 305 -11.59 26.08 4.80
C VAL B 305 -12.11 24.92 5.63
N ALA B 306 -11.47 23.75 5.49
CA ALA B 306 -11.91 22.54 6.20
C ALA B 306 -11.45 22.52 7.66
N GLN B 307 -11.02 23.65 8.20
CA GLN B 307 -10.61 23.70 9.60
C GLN B 307 -11.82 23.45 10.50
N PRO B 308 -11.65 22.68 11.59
CA PRO B 308 -12.82 22.33 12.42
C PRO B 308 -13.58 23.53 12.97
N ASN B 309 -12.88 24.58 13.38
CA ASN B 309 -13.59 25.75 13.93
C ASN B 309 -14.33 26.51 12.84
N CYS B 310 -13.70 26.68 11.68
CA CYS B 310 -14.38 27.32 10.55
C CYS B 310 -15.59 26.51 10.12
N GLN B 311 -15.47 25.19 10.08
CA GLN B 311 -16.61 24.34 9.75
C GLN B 311 -17.69 24.41 10.82
N GLN B 312 -17.31 24.55 12.09
CA GLN B 312 -18.30 24.72 13.15
C GLN B 312 -19.08 26.01 12.96
N LEU B 313 -18.38 27.11 12.66
CA LEU B 313 -19.06 28.37 12.40
C LEU B 313 -19.96 28.28 11.17
N LEU B 314 -19.48 27.61 10.12
CA LEU B 314 -20.28 27.44 8.91
C LEU B 314 -21.53 26.61 9.17
N ALA B 315 -21.41 25.57 10.01
CA ALA B 315 -22.57 24.78 10.37
C ALA B 315 -23.55 25.57 11.23
N THR B 316 -23.04 26.43 12.12
CA THR B 316 -23.91 27.29 12.91
C THR B 316 -24.70 28.24 12.01
N LEU B 317 -24.03 28.83 11.02
CA LEU B 317 -24.73 29.69 10.07
C LEU B 317 -25.68 28.89 9.17
N TRP B 318 -25.32 27.64 8.87
CA TRP B 318 -26.10 26.83 7.95
C TRP B 318 -27.43 26.41 8.57
N TYR B 319 -27.39 25.92 9.81
CA TYR B 319 -28.60 25.53 10.54
C TYR B 319 -29.11 26.71 11.37
N ASP B 320 -29.48 27.78 10.66
CA ASP B 320 -29.93 28.99 11.33
C ASP B 320 -31.23 28.74 12.09
N GLY B 321 -32.19 28.08 11.45
CA GLY B 321 -33.48 27.85 12.09
C GLY B 321 -33.41 26.88 13.26
N PHE B 322 -32.61 25.82 13.12
CA PHE B 322 -32.57 24.77 14.13
C PHE B 322 -31.31 24.91 14.96
N PRO B 323 -31.40 25.33 16.23
CA PRO B 323 -30.19 25.43 17.06
C PRO B 323 -29.65 24.08 17.50
N GLY B 324 -30.44 23.01 17.44
CA GLY B 324 -30.01 21.71 17.89
C GLY B 324 -30.17 20.62 16.84
N TRP B 325 -29.96 20.97 15.58
CA TRP B 325 -30.05 19.97 14.51
C TRP B 325 -29.00 18.88 14.67
N ARG B 326 -27.83 19.22 15.23
CA ARG B 326 -26.76 18.24 15.38
C ARG B 326 -27.18 17.09 16.28
N ARG B 327 -27.83 17.40 17.41
CA ARG B 327 -28.31 16.39 18.34
C ARG B 327 -29.79 16.13 18.11
N LYS B 328 -30.07 15.41 17.02
CA LYS B 328 -31.43 15.03 16.68
C LYS B 328 -31.42 13.64 16.05
N HIS B 329 -32.49 12.88 16.32
CA HIS B 329 -32.60 11.53 15.79
C HIS B 329 -32.87 11.57 14.29
N TRP B 330 -32.37 10.57 13.58
CA TRP B 330 -32.42 10.57 12.12
C TRP B 330 -33.86 10.62 11.61
N VAL B 331 -34.78 9.95 12.31
CA VAL B 331 -36.19 9.98 11.92
C VAL B 331 -36.73 11.41 12.02
N VAL B 332 -36.36 12.13 13.08
CA VAL B 332 -36.81 13.51 13.24
C VAL B 332 -36.28 14.38 12.12
N LYS B 333 -35.00 14.21 11.77
CA LYS B 333 -34.41 14.98 10.67
C LYS B 333 -35.13 14.69 9.36
N LEU B 334 -35.39 13.41 9.08
CA LEU B 334 -36.07 13.03 7.85
C LEU B 334 -37.48 13.61 7.80
N LEU B 335 -38.22 13.54 8.91
CA LEU B 335 -39.56 14.09 8.94
C LEU B 335 -39.56 15.60 8.74
N THR B 336 -38.62 16.29 9.39
CA THR B 336 -38.53 17.75 9.22
C THR B 336 -38.20 18.10 7.77
N CYS B 337 -37.26 17.36 7.17
CA CYS B 337 -36.89 17.64 5.78
C CYS B 337 -38.06 17.41 4.85
N MET B 338 -38.81 16.32 5.03
CA MET B 338 -39.98 16.06 4.19
C MET B 338 -41.04 17.14 4.39
N THR B 339 -41.26 17.56 5.63
CA THR B 339 -42.26 18.59 5.91
C THR B 339 -41.89 19.90 5.23
N ILE B 340 -40.62 20.30 5.32
CA ILE B 340 -40.20 21.55 4.69
C ILE B 340 -40.25 21.43 3.17
N GLY B 341 -39.91 20.26 2.63
CA GLY B 341 -39.99 20.06 1.19
C GLY B 341 -41.41 20.14 0.68
N PHE B 342 -42.35 19.55 1.40
CA PHE B 342 -43.76 19.64 1.02
C PHE B 342 -44.27 21.07 1.14
N LEU B 343 -43.76 21.81 2.12
CA LEU B 343 -44.17 23.18 2.36
C LEU B 343 -43.42 24.21 1.53
N PHE B 344 -42.54 23.76 0.62
CA PHE B 344 -41.75 24.69 -0.19
C PHE B 344 -42.60 25.66 -1.02
N PRO B 345 -43.71 25.25 -1.66
CA PRO B 345 -44.47 26.25 -2.43
C PRO B 345 -45.04 27.35 -1.55
N MET B 346 -45.55 27.01 -0.37
CA MET B 346 -46.11 28.03 0.51
C MET B 346 -45.02 28.98 1.02
N LEU B 347 -43.85 28.43 1.34
CA LEU B 347 -42.74 29.28 1.76
C LEU B 347 -42.31 30.23 0.65
N SER B 348 -42.23 29.73 -0.58
CA SER B 348 -41.86 30.58 -1.70
C SER B 348 -42.90 31.68 -1.93
N ILE B 349 -44.18 31.33 -1.85
CA ILE B 349 -45.23 32.33 -2.04
C ILE B 349 -45.20 33.36 -0.92
N ALA B 350 -44.95 32.91 0.32
CA ALA B 350 -44.86 33.83 1.44
C ALA B 350 -43.71 34.80 1.28
N TYR B 351 -42.55 34.31 0.83
CA TYR B 351 -41.43 35.20 0.56
C TYR B 351 -41.76 36.17 -0.57
N LEU B 352 -42.48 35.70 -1.60
CA LEU B 352 -42.84 36.56 -2.71
C LEU B 352 -43.76 37.69 -2.26
N ILE B 353 -44.75 37.38 -1.44
CA ILE B 353 -45.74 38.37 -1.05
C ILE B 353 -45.21 39.25 0.09
N SER B 354 -44.91 38.65 1.23
CA SER B 354 -44.47 39.37 2.43
C SER B 354 -43.13 38.82 2.88
N PRO B 355 -42.01 39.41 2.44
CA PRO B 355 -40.70 38.94 2.89
C PRO B 355 -40.47 39.08 4.38
N ARG B 356 -41.21 39.96 5.06
CA ARG B 356 -41.05 40.18 6.50
C ARG B 356 -42.26 39.60 7.20
N SER B 357 -42.13 38.37 7.69
CA SER B 357 -43.19 37.68 8.42
C SER B 357 -42.57 36.43 9.06
N ASN B 358 -43.40 35.67 9.76
CA ASN B 358 -42.94 34.43 10.37
C ASN B 358 -42.52 33.41 9.32
N LEU B 359 -43.18 33.42 8.15
CA LEU B 359 -42.85 32.51 7.07
C LEU B 359 -42.14 33.20 5.90
N GLY B 360 -42.18 34.53 5.83
CA GLY B 360 -41.54 35.22 4.72
C GLY B 360 -40.03 35.07 4.72
N LEU B 361 -39.40 35.22 5.89
CA LEU B 361 -37.96 35.10 6.01
C LEU B 361 -37.53 33.70 6.44
N PHE B 362 -38.47 32.76 6.55
CA PHE B 362 -38.11 31.39 6.90
C PHE B 362 -37.29 30.76 5.78
N ILE B 363 -37.66 31.01 4.53
CA ILE B 363 -36.91 30.46 3.40
C ILE B 363 -35.58 31.16 3.23
N LYS B 364 -35.39 32.32 3.86
CA LYS B 364 -34.11 33.02 3.79
C LYS B 364 -33.00 32.24 4.49
N LYS B 365 -33.35 31.32 5.38
CA LYS B 365 -32.35 30.53 6.07
C LYS B 365 -31.66 29.58 5.09
N PRO B 366 -30.34 29.43 5.17
CA PRO B 366 -29.62 28.65 4.15
C PRO B 366 -30.08 27.20 4.04
N PHE B 367 -30.35 26.54 5.16
CA PHE B 367 -30.79 25.14 5.10
C PHE B 367 -32.22 25.04 4.61
N ILE B 368 -33.09 25.96 5.03
CA ILE B 368 -34.45 26.00 4.52
C ILE B 368 -34.45 26.26 3.02
N LYS B 369 -33.59 27.18 2.58
CA LYS B 369 -33.46 27.46 1.15
C LYS B 369 -32.99 26.23 0.38
N PHE B 370 -31.99 25.52 0.94
CA PHE B 370 -31.50 24.31 0.29
C PHE B 370 -32.59 23.25 0.18
N ILE B 371 -33.36 23.06 1.25
CA ILE B 371 -34.44 22.08 1.23
C ILE B 371 -35.50 22.47 0.22
N CYS B 372 -35.85 23.75 0.15
CA CYS B 372 -36.86 24.21 -0.81
C CYS B 372 -36.39 24.01 -2.23
N HIS B 373 -35.12 24.33 -2.52
CA HIS B 373 -34.60 24.14 -3.88
C HIS B 373 -34.54 22.66 -4.24
N THR B 374 -34.13 21.81 -3.30
CA THR B 374 -34.11 20.38 -3.56
C THR B 374 -35.52 19.85 -3.83
N ALA B 375 -36.50 20.32 -3.05
CA ALA B 375 -37.88 19.90 -3.27
C ALA B 375 -38.39 20.36 -4.63
N SER B 376 -38.06 21.59 -5.03
CA SER B 376 -38.47 22.07 -6.34
C SER B 376 -37.86 21.24 -7.47
N TYR B 377 -36.58 20.90 -7.34
CA TYR B 377 -35.94 20.11 -8.38
C TYR B 377 -36.49 18.69 -8.42
N LEU B 378 -36.80 18.12 -7.24
CA LEU B 378 -37.41 16.80 -7.20
C LEU B 378 -38.81 16.82 -7.82
N THR B 379 -39.56 17.90 -7.59
CA THR B 379 -40.85 18.04 -8.25
C THR B 379 -40.69 18.14 -9.77
N PHE B 380 -39.67 18.86 -10.22
CA PHE B 380 -39.39 18.92 -11.65
C PHE B 380 -39.08 17.54 -12.23
N LEU B 381 -38.28 16.75 -11.51
CA LEU B 381 -37.95 15.40 -12.00
C LEU B 381 -39.17 14.50 -11.97
N PHE B 382 -40.02 14.63 -10.95
CA PHE B 382 -41.26 13.87 -10.92
C PHE B 382 -42.17 14.23 -12.08
N MET B 383 -42.23 15.52 -12.43
CA MET B 383 -43.00 15.95 -13.59
C MET B 383 -42.40 15.42 -14.88
N LEU B 384 -41.07 15.33 -14.97
CA LEU B 384 -40.44 14.70 -16.13
C LEU B 384 -40.85 13.24 -16.24
N LEU B 385 -40.84 12.52 -15.11
CA LEU B 385 -41.27 11.12 -15.11
C LEU B 385 -42.72 10.98 -15.52
N LEU B 386 -43.58 11.90 -15.04
CA LEU B 386 -44.98 11.88 -15.45
C LEU B 386 -45.13 12.16 -16.94
N ALA B 387 -44.32 13.07 -17.47
CA ALA B 387 -44.32 13.32 -18.91
C ALA B 387 -43.92 12.06 -19.68
N SER B 388 -43.00 11.27 -19.11
CA SER B 388 -42.66 9.99 -19.73
C SER B 388 -43.86 9.05 -19.77
N GLN B 389 -44.77 9.18 -18.82
CA GLN B 389 -45.97 8.33 -18.78
C GLN B 389 -46.96 8.75 -19.87
N LEU B 396 -50.31 10.45 -30.48
CA LEU B 396 -49.23 9.56 -30.89
C LEU B 396 -49.03 9.60 -32.40
N HIS B 397 -50.00 10.18 -33.11
CA HIS B 397 -49.92 10.29 -34.57
C HIS B 397 -50.18 11.72 -35.03
N VAL B 398 -50.10 12.69 -34.13
CA VAL B 398 -50.31 14.09 -34.48
C VAL B 398 -48.96 14.73 -34.74
N GLN B 399 -48.78 15.27 -35.94
CA GLN B 399 -47.55 16.00 -36.27
C GLN B 399 -47.59 17.37 -35.62
N GLY B 400 -46.67 17.62 -34.71
CA GLY B 400 -46.64 18.86 -33.96
C GLY B 400 -47.86 19.05 -33.08
N PRO B 401 -48.02 18.18 -32.07
CA PRO B 401 -49.17 18.29 -31.18
C PRO B 401 -48.97 19.42 -30.18
N PRO B 402 -50.05 19.98 -29.65
CA PRO B 402 -49.91 20.98 -28.59
C PRO B 402 -49.35 20.34 -27.34
N PRO B 403 -48.57 21.08 -26.54
CA PRO B 403 -48.02 20.51 -25.31
C PRO B 403 -49.12 20.10 -24.35
N THR B 404 -48.88 19.00 -23.64
CA THR B 404 -49.85 18.49 -22.68
C THR B 404 -49.82 19.31 -21.40
N VAL B 405 -50.65 18.92 -20.43
CA VAL B 405 -50.68 19.60 -19.15
C VAL B 405 -49.35 19.44 -18.43
N VAL B 406 -48.74 18.26 -18.55
CA VAL B 406 -47.45 18.02 -17.90
C VAL B 406 -46.38 18.92 -18.50
N GLU B 407 -46.34 19.05 -19.83
CA GLU B 407 -45.37 19.94 -20.46
C GLU B 407 -45.65 21.39 -20.12
N TRP B 408 -46.92 21.77 -20.02
CA TRP B 408 -47.27 23.13 -19.62
C TRP B 408 -46.79 23.42 -18.19
N MET B 409 -46.88 22.43 -17.31
CA MET B 409 -46.36 22.61 -15.96
C MET B 409 -44.84 22.60 -15.92
N ILE B 410 -44.21 21.86 -16.84
CA ILE B 410 -42.76 21.80 -16.90
C ILE B 410 -42.18 23.14 -17.36
N LEU B 411 -42.86 23.79 -18.31
CA LEU B 411 -42.34 25.01 -18.94
C LEU B 411 -41.91 26.08 -17.95
N PRO B 412 -42.67 26.45 -16.92
CA PRO B 412 -42.17 27.45 -15.96
C PRO B 412 -40.90 27.00 -15.25
N TRP B 413 -40.74 25.71 -14.97
CA TRP B 413 -39.50 25.23 -14.37
C TRP B 413 -38.31 25.44 -15.31
N VAL B 414 -38.50 25.16 -16.60
CA VAL B 414 -37.42 25.36 -17.57
C VAL B 414 -37.09 26.85 -17.68
N LEU B 415 -38.11 27.71 -17.72
CA LEU B 415 -37.87 29.14 -17.76
C LEU B 415 -37.14 29.62 -16.52
N GLY B 416 -37.50 29.07 -15.35
CA GLY B 416 -36.81 29.42 -14.13
C GLY B 416 -35.35 28.99 -14.14
N PHE B 417 -35.08 27.79 -14.66
CA PHE B 417 -33.70 27.33 -14.77
C PHE B 417 -32.90 28.25 -15.69
N ILE B 418 -33.47 28.62 -16.83
CA ILE B 418 -32.77 29.50 -17.78
C ILE B 418 -32.52 30.86 -17.14
N TRP B 419 -33.53 31.41 -16.47
CA TRP B 419 -33.38 32.71 -15.84
C TRP B 419 -32.35 32.67 -14.72
N GLY B 420 -32.33 31.60 -13.93
CA GLY B 420 -31.31 31.46 -12.91
C GLY B 420 -29.92 31.34 -13.50
N GLU B 421 -29.79 30.64 -14.63
CA GLU B 421 -28.51 30.55 -15.31
C GLU B 421 -28.02 31.94 -15.74
N ILE B 422 -28.87 32.70 -16.43
CA ILE B 422 -28.45 34.01 -16.90
C ILE B 422 -28.24 34.96 -15.72
N LYS B 423 -28.98 34.79 -14.63
CA LYS B 423 -28.76 35.62 -13.46
C LYS B 423 -27.44 35.29 -12.78
N GLU B 424 -27.04 34.02 -12.76
CA GLU B 424 -25.71 33.66 -12.27
C GLU B 424 -24.64 34.26 -13.16
N MET B 425 -24.85 34.26 -14.48
CA MET B 425 -23.92 34.93 -15.38
C MET B 425 -23.82 36.41 -15.04
N TRP B 426 -24.95 37.06 -14.80
CA TRP B 426 -24.96 38.51 -14.57
C TRP B 426 -24.33 38.86 -13.23
N ASP B 427 -24.57 38.05 -12.19
CA ASP B 427 -24.11 38.37 -10.84
C ASP B 427 -22.69 37.88 -10.60
N GLY B 428 -22.46 36.58 -10.72
CA GLY B 428 -21.14 36.04 -10.43
C GLY B 428 -20.10 36.34 -11.48
N GLY B 429 -20.53 36.72 -12.68
CA GLY B 429 -19.64 36.99 -13.78
C GLY B 429 -19.52 35.79 -14.71
N PHE B 430 -18.81 36.02 -15.81
CA PHE B 430 -18.61 34.97 -16.81
C PHE B 430 -17.50 34.01 -16.43
N THR B 431 -16.39 34.52 -15.88
CA THR B 431 -15.26 33.66 -15.53
C THR B 431 -15.62 32.68 -14.42
N GLU B 432 -16.35 33.14 -13.40
CA GLU B 432 -16.70 32.26 -12.30
C GLU B 432 -17.65 31.14 -12.74
N TYR B 433 -18.60 31.47 -13.61
CA TYR B 433 -19.56 30.47 -14.07
C TYR B 433 -18.88 29.33 -14.83
N ILE B 434 -17.99 29.69 -15.77
CA ILE B 434 -17.44 28.67 -16.66
C ILE B 434 -16.46 27.76 -15.94
N HIS B 435 -15.96 28.16 -14.78
CA HIS B 435 -15.06 27.29 -14.01
C HIS B 435 -15.78 26.03 -13.55
N ASP B 436 -17.02 26.17 -13.08
CA ASP B 436 -17.79 25.01 -12.64
C ASP B 436 -18.19 24.15 -13.82
N TRP B 437 -18.13 22.83 -13.62
CA TRP B 437 -18.55 21.88 -14.65
C TRP B 437 -20.02 21.52 -14.52
N TRP B 438 -20.56 21.56 -13.31
CA TRP B 438 -22.01 21.47 -13.15
C TRP B 438 -22.69 22.63 -13.87
N ASN B 439 -22.03 23.78 -13.94
CA ASN B 439 -22.54 24.89 -14.74
C ASN B 439 -22.56 24.53 -16.21
N LEU B 440 -21.54 23.82 -16.68
CA LEU B 440 -21.53 23.35 -18.06
C LEU B 440 -22.68 22.38 -18.32
N MET B 441 -22.92 21.46 -17.38
CA MET B 441 -24.04 20.54 -17.53
C MET B 441 -25.37 21.27 -17.54
N ASP B 442 -25.52 22.28 -16.67
CA ASP B 442 -26.74 23.08 -16.67
C ASP B 442 -26.92 23.83 -17.98
N PHE B 443 -25.83 24.36 -18.54
CA PHE B 443 -25.92 25.04 -19.83
C PHE B 443 -26.36 24.07 -20.92
N ALA B 444 -25.78 22.87 -20.94
CA ALA B 444 -26.17 21.88 -21.95
C ALA B 444 -27.63 21.51 -21.80
N MET B 445 -28.08 21.27 -20.57
CA MET B 445 -29.47 20.89 -20.33
C MET B 445 -30.43 22.01 -20.73
N ASN B 446 -30.10 23.25 -20.38
CA ASN B 446 -30.98 24.38 -20.73
C ASN B 446 -31.01 24.61 -22.23
N SER B 447 -29.87 24.46 -22.91
CA SER B 447 -29.85 24.58 -24.37
C SER B 447 -30.67 23.49 -25.01
N LEU B 448 -30.61 22.27 -24.48
CA LEU B 448 -31.42 21.18 -25.01
C LEU B 448 -32.91 21.44 -24.79
N TYR B 449 -33.28 21.98 -23.62
CA TYR B 449 -34.67 22.33 -23.39
C TYR B 449 -35.14 23.44 -24.31
N LEU B 450 -34.30 24.45 -24.54
CA LEU B 450 -34.66 25.53 -25.47
C LEU B 450 -34.84 24.99 -26.89
N ALA B 451 -33.94 24.10 -27.32
CA ALA B 451 -34.07 23.49 -28.63
C ALA B 451 -35.34 22.66 -28.72
N THR B 452 -35.68 21.94 -27.66
CA THR B 452 -36.93 21.16 -27.64
C THR B 452 -38.13 22.07 -27.78
N ILE B 453 -38.15 23.19 -27.04
CA ILE B 453 -39.27 24.12 -27.12
C ILE B 453 -39.38 24.70 -28.53
N SER B 454 -38.24 25.10 -29.10
CA SER B 454 -38.25 25.67 -30.45
C SER B 454 -38.73 24.65 -31.48
N LEU B 455 -38.28 23.40 -31.36
CA LEU B 455 -38.71 22.38 -32.30
C LEU B 455 -40.19 22.06 -32.14
N LYS B 456 -40.68 22.05 -30.90
CA LYS B 456 -42.12 21.84 -30.69
C LYS B 456 -42.93 22.96 -31.31
N ILE B 457 -42.48 24.21 -31.17
CA ILE B 457 -43.17 25.33 -31.79
C ILE B 457 -43.15 25.20 -33.31
N VAL B 458 -41.99 24.84 -33.86
CA VAL B 458 -41.88 24.70 -35.31
C VAL B 458 -42.81 23.60 -35.82
N ALA B 459 -42.84 22.46 -35.12
CA ALA B 459 -43.72 21.38 -35.52
C ALA B 459 -45.19 21.77 -35.41
N TYR B 460 -45.54 22.53 -34.36
CA TYR B 460 -46.91 22.98 -34.20
C TYR B 460 -47.33 23.92 -35.32
N VAL B 461 -46.44 24.83 -35.73
CA VAL B 461 -46.80 25.83 -36.72
C VAL B 461 -46.65 25.34 -38.16
N LYS B 462 -45.86 24.29 -38.40
CA LYS B 462 -45.65 23.78 -39.75
C LYS B 462 -46.32 22.43 -39.98
N TYR B 463 -47.10 21.93 -39.03
CA TYR B 463 -47.79 20.66 -39.17
C TYR B 463 -49.14 20.74 -38.49
N ASN B 464 -50.18 20.34 -39.20
CA ASN B 464 -51.55 20.39 -38.68
C ASN B 464 -52.25 19.04 -38.70
N GLY B 465 -52.03 18.24 -39.74
CA GLY B 465 -52.73 16.97 -39.87
C GLY B 465 -52.23 15.92 -38.92
N SER B 466 -52.92 14.79 -38.93
CA SER B 466 -52.61 13.65 -38.06
C SER B 466 -52.17 12.49 -38.96
N ARG B 467 -50.87 12.44 -39.27
CA ARG B 467 -50.28 11.39 -40.07
C ARG B 467 -49.67 10.32 -39.16
N PRO B 468 -49.88 9.03 -39.44
CA PRO B 468 -49.32 7.99 -38.58
C PRO B 468 -47.80 8.09 -38.52
N ARG B 469 -47.26 7.80 -37.33
CA ARG B 469 -45.83 8.00 -37.08
C ARG B 469 -44.95 7.10 -37.93
N GLU B 470 -45.49 6.00 -38.44
CA GLU B 470 -44.66 5.06 -39.22
C GLU B 470 -44.16 5.68 -40.51
N GLU B 471 -44.88 6.64 -41.07
CA GLU B 471 -44.50 7.27 -42.33
C GLU B 471 -43.90 8.66 -42.13
N TRP B 472 -43.55 9.03 -40.91
CA TRP B 472 -42.91 10.32 -40.67
C TRP B 472 -41.51 10.32 -41.24
N GLU B 473 -41.01 11.53 -41.53
CA GLU B 473 -39.64 11.70 -41.99
C GLU B 473 -38.66 11.35 -40.87
N MET B 474 -37.45 10.94 -41.26
CA MET B 474 -36.43 10.59 -40.28
C MET B 474 -36.07 11.80 -39.42
N TRP B 475 -35.97 12.97 -40.04
CA TRP B 475 -35.67 14.22 -39.34
C TRP B 475 -36.94 15.04 -39.07
N HIS B 476 -38.05 14.36 -38.78
CA HIS B 476 -39.28 15.06 -38.45
C HIS B 476 -39.06 15.90 -37.19
N PRO B 477 -39.58 17.13 -37.15
CA PRO B 477 -39.33 17.99 -35.97
C PRO B 477 -39.83 17.38 -34.67
N THR B 478 -40.95 16.65 -34.70
CA THR B 478 -41.46 16.04 -33.47
C THR B 478 -40.51 14.99 -32.94
N LEU B 479 -39.94 14.16 -33.82
CA LEU B 479 -39.01 13.13 -33.39
C LEU B 479 -37.76 13.74 -32.77
N ILE B 480 -37.20 14.77 -33.41
CA ILE B 480 -36.00 15.41 -32.89
C ILE B 480 -36.30 16.10 -31.57
N ALA B 481 -37.47 16.72 -31.46
CA ALA B 481 -37.86 17.35 -30.20
C ALA B 481 -37.98 16.32 -29.09
N GLU B 482 -38.57 15.16 -29.38
CA GLU B 482 -38.68 14.10 -28.38
C GLU B 482 -37.30 13.59 -27.98
N ALA B 483 -36.39 13.42 -28.94
CA ALA B 483 -35.04 12.95 -28.61
C ALA B 483 -34.31 13.95 -27.72
N LEU B 484 -34.40 15.24 -28.07
CA LEU B 484 -33.75 16.26 -27.26
C LEU B 484 -34.37 16.34 -25.87
N PHE B 485 -35.69 16.20 -25.78
CA PHE B 485 -36.35 16.20 -24.48
C PHE B 485 -35.90 15.01 -23.63
N ALA B 486 -35.74 13.84 -24.23
CA ALA B 486 -35.28 12.68 -23.49
C ALA B 486 -33.84 12.87 -23.00
N ILE B 487 -32.97 13.42 -23.85
CA ILE B 487 -31.60 13.69 -23.42
C ILE B 487 -31.59 14.72 -22.30
N SER B 488 -32.45 15.74 -22.39
CA SER B 488 -32.57 16.74 -21.34
C SER B 488 -33.05 16.11 -20.04
N ASN B 489 -33.98 15.15 -20.13
CA ASN B 489 -34.44 14.44 -18.95
C ASN B 489 -33.30 13.66 -18.31
N ILE B 490 -32.48 13.00 -19.13
CA ILE B 490 -31.32 12.27 -18.58
C ILE B 490 -30.39 13.23 -17.85
N LEU B 491 -30.08 14.37 -18.49
CA LEU B 491 -29.18 15.33 -17.86
C LEU B 491 -29.77 15.91 -16.58
N SER B 492 -31.06 16.22 -16.60
CA SER B 492 -31.71 16.78 -15.41
C SER B 492 -31.70 15.79 -14.26
N SER B 493 -31.96 14.52 -14.54
CA SER B 493 -31.94 13.52 -13.49
C SER B 493 -30.52 13.25 -12.99
N LEU B 494 -29.52 13.34 -13.87
CA LEU B 494 -28.13 13.19 -13.44
C LEU B 494 -27.62 14.41 -12.68
N ARG B 495 -28.28 15.55 -12.82
CA ARG B 495 -27.91 16.74 -12.05
C ARG B 495 -28.05 16.54 -10.55
N LEU B 496 -28.79 15.52 -10.11
CA LEU B 496 -28.94 15.26 -8.69
C LEU B 496 -27.63 14.87 -8.02
N ILE B 497 -26.63 14.44 -8.79
CA ILE B 497 -25.36 14.01 -8.21
C ILE B 497 -24.66 15.16 -7.50
N SER B 498 -24.89 16.39 -7.96
CA SER B 498 -24.29 17.55 -7.29
C SER B 498 -24.80 17.71 -5.87
N LEU B 499 -26.02 17.24 -5.59
CA LEU B 499 -26.56 17.32 -4.24
C LEU B 499 -25.92 16.32 -3.28
N PHE B 500 -25.13 15.37 -3.79
CA PHE B 500 -24.42 14.44 -2.92
C PHE B 500 -23.42 15.13 -2.01
N THR B 501 -22.99 16.34 -2.38
CA THR B 501 -21.98 17.05 -1.60
C THR B 501 -22.48 17.36 -0.19
N ALA B 502 -23.77 17.70 -0.05
CA ALA B 502 -24.30 18.07 1.24
C ALA B 502 -24.40 16.91 2.22
N ASN B 503 -24.23 15.68 1.76
CA ASN B 503 -24.33 14.50 2.61
C ASN B 503 -22.95 14.04 3.08
N SER B 504 -22.91 13.49 4.28
CA SER B 504 -21.63 13.06 4.85
C SER B 504 -21.11 11.79 4.20
N HIS B 505 -22.00 10.93 3.71
CA HIS B 505 -21.59 9.67 3.11
C HIS B 505 -21.43 9.78 1.60
N LEU B 506 -22.36 10.46 0.92
CA LEU B 506 -22.31 10.59 -0.53
C LEU B 506 -21.35 11.68 -1.00
N GLY B 507 -20.89 12.55 -0.11
CA GLY B 507 -20.01 13.64 -0.46
C GLY B 507 -18.64 13.18 -0.93
N PRO B 508 -17.89 12.51 -0.03
CA PRO B 508 -16.59 11.98 -0.44
C PRO B 508 -16.68 10.98 -1.59
N LEU B 509 -17.79 10.26 -1.70
CA LEU B 509 -17.99 9.39 -2.85
C LEU B 509 -18.04 10.20 -4.14
N GLN B 510 -18.79 11.31 -4.13
CA GLN B 510 -18.86 12.18 -5.30
C GLN B 510 -17.49 12.78 -5.61
N ILE B 511 -16.74 13.14 -4.58
CA ILE B 511 -15.39 13.66 -4.78
C ILE B 511 -14.51 12.60 -5.44
N SER B 512 -14.62 11.34 -4.99
CA SER B 512 -13.82 10.27 -5.56
C SER B 512 -14.16 10.03 -7.02
N LEU B 513 -15.46 10.02 -7.35
CA LEU B 513 -15.85 9.89 -8.76
C LEU B 513 -15.31 11.04 -9.58
N GLY B 514 -15.39 12.26 -9.06
CA GLY B 514 -14.86 13.40 -9.78
C GLY B 514 -13.36 13.29 -10.03
N ARG B 515 -12.62 12.81 -9.04
CA ARG B 515 -11.17 12.65 -9.21
C ARG B 515 -10.85 11.56 -10.23
N MET B 516 -11.59 10.45 -10.21
CA MET B 516 -11.30 9.37 -11.15
C MET B 516 -11.82 9.63 -12.55
N LEU B 517 -12.72 10.60 -12.74
CA LEU B 517 -13.12 10.94 -14.10
C LEU B 517 -11.95 11.47 -14.92
N LEU B 518 -10.95 12.05 -14.28
CA LEU B 518 -9.75 12.47 -15.00
C LEU B 518 -9.01 11.27 -15.58
N ASP B 519 -8.86 10.20 -14.78
CA ASP B 519 -8.28 8.97 -15.31
C ASP B 519 -9.18 8.36 -16.39
N ILE B 520 -10.49 8.49 -16.23
CA ILE B 520 -11.41 8.03 -17.27
C ILE B 520 -11.09 8.71 -18.60
N LEU B 521 -10.92 10.03 -18.57
CA LEU B 521 -10.62 10.77 -19.80
C LEU B 521 -9.24 10.41 -20.35
N LYS B 522 -8.24 10.29 -19.47
CA LYS B 522 -6.90 9.96 -19.92
C LYS B 522 -6.87 8.60 -20.61
N PHE B 523 -7.55 7.62 -20.04
CA PHE B 523 -7.63 6.30 -20.67
C PHE B 523 -8.51 6.34 -21.91
N LEU B 524 -9.55 7.17 -21.92
CA LEU B 524 -10.45 7.26 -23.07
C LEU B 524 -9.75 7.80 -24.29
N PHE B 525 -8.75 8.68 -24.11
CA PHE B 525 -7.98 9.16 -25.25
C PHE B 525 -7.36 7.99 -26.03
N ILE B 526 -6.63 7.13 -25.34
CA ILE B 526 -5.96 6.04 -26.04
C ILE B 526 -6.95 4.94 -26.42
N TYR B 527 -8.06 4.80 -25.66
CA TYR B 527 -9.11 3.88 -26.09
C TYR B 527 -9.68 4.31 -27.43
N CYS B 528 -9.93 5.60 -27.61
CA CYS B 528 -10.42 6.11 -28.88
C CYS B 528 -9.37 5.96 -29.97
N LEU B 529 -8.09 6.13 -29.64
CA LEU B 529 -7.04 5.92 -30.64
C LEU B 529 -7.03 4.48 -31.13
N VAL B 530 -7.05 3.52 -30.21
CA VAL B 530 -7.06 2.10 -30.59
C VAL B 530 -8.34 1.76 -31.33
N LEU B 531 -9.47 2.33 -30.90
CA LEU B 531 -10.74 2.11 -31.57
C LEU B 531 -10.67 2.60 -33.01
N LEU B 532 -10.11 3.79 -33.24
CA LEU B 532 -9.98 4.31 -34.60
C LEU B 532 -9.05 3.44 -35.43
N ALA B 533 -7.94 2.98 -34.87
CA ALA B 533 -7.03 2.11 -35.61
C ALA B 533 -7.71 0.84 -36.06
N PHE B 534 -8.37 0.14 -35.13
CA PHE B 534 -8.98 -1.13 -35.49
C PHE B 534 -10.21 -0.94 -36.34
N ALA B 535 -10.94 0.16 -36.16
CA ALA B 535 -12.07 0.44 -37.04
C ALA B 535 -11.61 0.72 -38.46
N ASN B 536 -10.51 1.46 -38.62
CA ASN B 536 -9.94 1.69 -39.93
C ASN B 536 -9.56 0.36 -40.58
N GLY B 537 -8.87 -0.50 -39.84
CA GLY B 537 -8.48 -1.78 -40.42
C GLY B 537 -9.67 -2.65 -40.81
N LEU B 538 -10.65 -2.77 -39.90
CA LEU B 538 -11.80 -3.63 -40.16
C LEU B 538 -12.64 -3.10 -41.30
N ASN B 539 -12.85 -1.78 -41.36
CA ASN B 539 -13.61 -1.20 -42.45
C ASN B 539 -12.87 -1.35 -43.78
N GLN B 540 -11.55 -1.14 -43.78
CA GLN B 540 -10.77 -1.34 -45.00
C GLN B 540 -10.89 -2.78 -45.48
N LEU B 541 -10.98 -3.73 -44.55
CA LEU B 541 -11.14 -5.13 -44.97
C LEU B 541 -12.55 -5.42 -45.47
N TYR B 542 -13.57 -4.88 -44.80
CA TYR B 542 -14.93 -5.36 -44.97
C TYR B 542 -15.81 -4.45 -45.83
N PHE B 543 -15.30 -3.32 -46.33
CA PHE B 543 -16.19 -2.44 -47.07
C PHE B 543 -16.51 -2.97 -48.47
N TYR B 544 -15.78 -3.97 -48.96
CA TYR B 544 -16.12 -4.57 -50.24
C TYR B 544 -17.39 -5.39 -50.19
N TYR B 545 -17.78 -5.87 -49.01
CA TYR B 545 -18.91 -6.76 -48.86
C TYR B 545 -20.15 -6.05 -48.28
N GLU B 546 -20.20 -4.72 -48.38
CA GLU B 546 -21.38 -3.99 -47.96
C GLU B 546 -22.59 -4.43 -48.80
N THR B 547 -23.69 -4.71 -48.13
CA THR B 547 -24.90 -5.20 -48.77
C THR B 547 -26.06 -4.23 -48.54
N ARG B 548 -26.95 -4.17 -49.51
CA ARG B 548 -28.13 -3.34 -49.40
C ARG B 548 -29.08 -3.87 -48.33
N ALA B 549 -29.83 -2.96 -47.70
CA ALA B 549 -30.78 -3.37 -46.68
C ALA B 549 -31.86 -4.29 -47.24
N ILE B 550 -32.17 -4.17 -48.52
CA ILE B 550 -33.21 -4.99 -49.13
C ILE B 550 -32.81 -6.46 -49.08
N ASP B 551 -31.53 -6.75 -49.30
CA ASP B 551 -31.05 -8.13 -49.30
C ASP B 551 -31.05 -8.76 -47.91
N GLU B 552 -31.28 -7.98 -46.85
CA GLU B 552 -31.28 -8.50 -45.51
C GLU B 552 -32.59 -9.23 -45.22
N PRO B 553 -32.58 -10.18 -44.28
CA PRO B 553 -33.80 -10.98 -44.03
C PRO B 553 -35.01 -10.14 -43.64
N ASN B 554 -34.82 -9.08 -42.85
CA ASN B 554 -35.92 -8.25 -42.38
C ASN B 554 -35.81 -6.82 -42.88
N ASN B 555 -35.11 -6.60 -43.99
CA ASN B 555 -34.87 -5.26 -44.53
C ASN B 555 -34.17 -4.36 -43.51
N CYS B 556 -33.39 -4.95 -42.63
CA CYS B 556 -32.69 -4.24 -41.57
C CYS B 556 -31.19 -4.33 -41.80
N LYS B 557 -30.53 -3.18 -41.85
CA LYS B 557 -29.10 -3.10 -42.08
C LYS B 557 -28.44 -2.48 -40.86
N GLY B 558 -27.40 -3.15 -40.35
CA GLY B 558 -26.65 -2.69 -39.20
C GLY B 558 -26.64 -3.72 -38.10
N ILE B 559 -26.05 -3.32 -36.96
CA ILE B 559 -25.93 -4.21 -35.81
C ILE B 559 -27.07 -4.07 -34.82
N ARG B 560 -27.98 -3.10 -35.02
CA ARG B 560 -29.16 -2.95 -34.18
C ARG B 560 -30.31 -3.83 -34.65
N CYS B 561 -30.03 -4.84 -35.47
CA CYS B 561 -31.02 -5.76 -35.98
C CYS B 561 -30.93 -7.09 -35.23
N GLU B 562 -32.00 -7.88 -35.33
CA GLU B 562 -32.02 -9.18 -34.66
C GLU B 562 -30.91 -10.08 -35.22
N LYS B 563 -30.73 -10.09 -36.53
CA LYS B 563 -29.60 -10.76 -37.17
C LYS B 563 -28.62 -9.68 -37.60
N GLN B 564 -27.57 -9.47 -36.80
CA GLN B 564 -26.62 -8.41 -37.08
C GLN B 564 -25.91 -8.63 -38.41
N ASN B 565 -25.73 -7.54 -39.15
CA ASN B 565 -25.11 -7.61 -40.47
C ASN B 565 -24.48 -6.26 -40.78
N ASN B 566 -23.57 -6.26 -41.75
CA ASN B 566 -22.90 -5.05 -42.22
C ASN B 566 -22.23 -4.31 -41.07
N ALA B 567 -21.62 -5.07 -40.16
CA ALA B 567 -21.02 -4.47 -38.96
C ALA B 567 -19.83 -3.59 -39.29
N PHE B 568 -19.07 -3.94 -40.33
CA PHE B 568 -17.87 -3.19 -40.71
C PHE B 568 -17.95 -2.69 -42.14
N SER B 569 -19.17 -2.48 -42.64
CA SER B 569 -19.34 -1.98 -44.01
C SER B 569 -18.89 -0.52 -44.12
N THR B 570 -19.33 0.32 -43.19
CA THR B 570 -18.94 1.72 -43.15
C THR B 570 -18.11 2.00 -41.91
N LEU B 571 -17.49 3.18 -41.89
CA LEU B 571 -16.61 3.53 -40.78
C LEU B 571 -17.40 3.81 -39.50
N PHE B 572 -18.52 4.53 -39.63
CA PHE B 572 -19.34 4.82 -38.45
C PHE B 572 -19.93 3.54 -37.87
N GLU B 573 -20.43 2.65 -38.74
CA GLU B 573 -20.95 1.37 -38.27
C GLU B 573 -19.83 0.53 -37.65
N THR B 574 -18.64 0.59 -38.22
CA THR B 574 -17.50 -0.13 -37.64
C THR B 574 -17.18 0.39 -36.24
N LEU B 575 -17.20 1.71 -36.08
CA LEU B 575 -16.96 2.29 -34.75
C LEU B 575 -18.03 1.84 -33.76
N GLN B 576 -19.30 1.86 -34.17
CA GLN B 576 -20.37 1.41 -33.28
C GLN B 576 -20.21 -0.06 -32.93
N SER B 577 -19.85 -0.89 -33.91
CA SER B 577 -19.67 -2.32 -33.66
C SER B 577 -18.53 -2.58 -32.70
N LEU B 578 -17.41 -1.87 -32.87
CA LEU B 578 -16.27 -2.07 -31.98
C LEU B 578 -16.57 -1.52 -30.59
N PHE B 579 -17.38 -0.46 -30.49
CA PHE B 579 -17.83 0.00 -29.18
C PHE B 579 -18.70 -1.05 -28.50
N TRP B 580 -19.63 -1.64 -29.24
CA TRP B 580 -20.56 -2.59 -28.67
C TRP B 580 -19.93 -3.94 -28.38
N SER B 581 -18.80 -4.25 -29.03
CA SER B 581 -18.06 -5.46 -28.71
C SER B 581 -17.47 -5.43 -27.31
N VAL B 582 -17.27 -4.24 -26.74
CA VAL B 582 -16.74 -4.13 -25.38
C VAL B 582 -17.71 -4.75 -24.38
N PHE B 583 -19.01 -4.63 -24.64
CA PHE B 583 -20.03 -5.16 -23.76
C PHE B 583 -20.58 -6.49 -24.22
N GLY B 584 -19.97 -7.09 -25.24
CA GLY B 584 -20.40 -8.39 -25.73
C GLY B 584 -21.67 -8.38 -26.55
N LEU B 585 -22.14 -7.21 -26.97
CA LEU B 585 -23.39 -7.10 -27.70
C LEU B 585 -23.23 -7.29 -29.20
N LEU B 586 -22.00 -7.48 -29.68
CA LEU B 586 -21.74 -7.75 -31.09
C LEU B 586 -21.45 -9.23 -31.25
N ASN B 587 -22.29 -9.92 -32.03
CA ASN B 587 -22.16 -11.35 -32.23
C ASN B 587 -20.97 -11.66 -33.14
N LEU B 588 -20.47 -12.89 -33.04
CA LEU B 588 -19.27 -13.29 -33.75
C LEU B 588 -19.51 -13.49 -35.24
N TYR B 589 -20.74 -13.79 -35.66
CA TYR B 589 -20.98 -14.06 -37.07
C TYR B 589 -20.90 -12.81 -37.94
N VAL B 590 -20.79 -11.62 -37.35
CA VAL B 590 -20.63 -10.39 -38.12
C VAL B 590 -19.30 -10.34 -38.85
N THR B 591 -18.34 -11.20 -38.51
CA THR B 591 -17.06 -11.29 -39.19
C THR B 591 -17.11 -12.21 -40.39
N ASN B 592 -18.29 -12.73 -40.74
CA ASN B 592 -18.46 -13.63 -41.87
C ASN B 592 -19.11 -12.88 -43.03
N VAL B 593 -18.54 -13.04 -44.22
CA VAL B 593 -19.06 -12.40 -45.41
C VAL B 593 -19.94 -13.40 -46.15
N LYS B 594 -20.79 -12.88 -47.03
CA LYS B 594 -21.71 -13.75 -47.78
C LYS B 594 -20.95 -14.70 -48.69
N ALA B 595 -19.88 -14.23 -49.32
CA ALA B 595 -19.08 -15.07 -50.20
C ALA B 595 -18.26 -16.05 -49.37
N ARG B 596 -17.64 -17.01 -50.07
CA ARG B 596 -16.83 -18.04 -49.43
C ARG B 596 -15.36 -17.61 -49.39
N HIS B 597 -15.12 -16.48 -48.74
CA HIS B 597 -13.79 -15.92 -48.57
C HIS B 597 -13.33 -16.27 -47.16
N GLU B 598 -12.83 -17.50 -47.00
CA GLU B 598 -12.43 -17.97 -45.68
C GLU B 598 -11.23 -17.20 -45.15
N PHE B 599 -10.28 -16.85 -46.02
CA PHE B 599 -9.11 -16.11 -45.57
C PHE B 599 -9.49 -14.71 -45.11
N THR B 600 -10.35 -14.02 -45.87
CA THR B 600 -10.80 -12.69 -45.48
C THR B 600 -11.58 -12.73 -44.18
N GLU B 601 -12.48 -13.71 -44.04
CA GLU B 601 -13.26 -13.84 -42.81
C GLU B 601 -12.36 -14.13 -41.62
N PHE B 602 -11.35 -14.99 -41.81
CA PHE B 602 -10.42 -15.28 -40.72
C PHE B 602 -9.60 -14.06 -40.34
N VAL B 603 -9.16 -13.28 -41.33
CA VAL B 603 -8.40 -12.06 -41.04
C VAL B 603 -9.27 -11.06 -40.28
N GLY B 604 -10.52 -10.91 -40.69
CA GLY B 604 -11.42 -10.02 -39.98
C GLY B 604 -11.70 -10.48 -38.56
N ALA B 605 -11.90 -11.79 -38.37
CA ALA B 605 -12.09 -12.33 -37.04
C ALA B 605 -10.84 -12.18 -36.19
N THR B 606 -9.66 -12.24 -36.80
CA THR B 606 -8.43 -12.07 -36.05
C THR B 606 -8.22 -10.62 -35.65
N MET B 607 -8.57 -9.68 -36.52
CA MET B 607 -8.58 -8.27 -36.11
C MET B 607 -9.57 -8.04 -34.98
N PHE B 608 -10.76 -8.64 -35.09
CA PHE B 608 -11.77 -8.48 -34.05
C PHE B 608 -11.30 -9.06 -32.73
N GLY B 609 -10.65 -10.23 -32.77
CA GLY B 609 -10.13 -10.82 -31.55
C GLY B 609 -8.97 -10.03 -30.95
N THR B 610 -8.09 -9.50 -31.80
CA THR B 610 -7.01 -8.65 -31.31
C THR B 610 -7.55 -7.39 -30.67
N TYR B 611 -8.57 -6.78 -31.29
CA TYR B 611 -9.21 -5.61 -30.68
C TYR B 611 -9.86 -5.97 -29.35
N ASN B 612 -10.55 -7.11 -29.30
CA ASN B 612 -11.17 -7.53 -28.04
C ASN B 612 -10.11 -7.71 -26.95
N VAL B 613 -9.05 -8.46 -27.26
CA VAL B 613 -7.97 -8.65 -26.30
C VAL B 613 -7.43 -7.31 -25.83
N ILE B 614 -6.89 -6.52 -26.76
CA ILE B 614 -6.24 -5.26 -26.43
C ILE B 614 -7.19 -4.41 -25.61
N SER B 615 -8.30 -3.99 -26.23
CA SER B 615 -9.22 -3.08 -25.57
C SER B 615 -9.68 -3.65 -24.23
N LEU B 616 -10.46 -4.73 -24.26
CA LEU B 616 -11.04 -5.22 -23.00
C LEU B 616 -9.95 -5.53 -22.00
N VAL B 617 -9.14 -6.57 -22.24
CA VAL B 617 -8.22 -7.02 -21.21
C VAL B 617 -7.26 -5.89 -20.87
N VAL B 618 -6.41 -5.49 -21.83
CA VAL B 618 -5.31 -4.60 -21.49
C VAL B 618 -5.84 -3.25 -21.06
N LEU B 619 -6.68 -2.61 -21.89
CA LEU B 619 -7.07 -1.24 -21.62
C LEU B 619 -8.00 -1.15 -20.42
N LEU B 620 -9.01 -2.03 -20.31
CA LEU B 620 -9.93 -1.94 -19.19
C LEU B 620 -9.23 -2.27 -17.88
N ASN B 621 -8.36 -3.28 -17.87
CA ASN B 621 -7.66 -3.61 -16.63
C ASN B 621 -6.62 -2.55 -16.28
N MET B 622 -6.00 -1.93 -17.28
CA MET B 622 -5.14 -0.77 -17.05
C MET B 622 -5.93 0.35 -16.41
N LEU B 623 -7.14 0.62 -16.92
CA LEU B 623 -7.99 1.64 -16.31
C LEU B 623 -8.35 1.28 -14.88
N ILE B 624 -8.61 0.00 -14.62
CA ILE B 624 -8.89 -0.44 -13.26
C ILE B 624 -7.70 -0.16 -12.35
N ALA B 625 -6.49 -0.44 -12.83
CA ALA B 625 -5.30 -0.19 -12.02
C ALA B 625 -5.10 1.30 -11.76
N MET B 626 -5.27 2.12 -12.81
CA MET B 626 -5.13 3.57 -12.63
C MET B 626 -6.15 4.10 -11.64
N MET B 627 -7.41 3.65 -11.74
CA MET B 627 -8.43 4.08 -10.80
C MET B 627 -8.14 3.61 -9.39
N ASN B 628 -7.63 2.39 -9.25
CA ASN B 628 -7.25 1.89 -7.92
C ASN B 628 -6.20 2.80 -7.29
N ASN B 629 -5.12 3.07 -8.04
CA ASN B 629 -4.06 3.93 -7.51
C ASN B 629 -4.57 5.34 -7.23
N SER B 630 -5.39 5.88 -8.12
CA SER B 630 -5.97 7.21 -7.90
C SER B 630 -6.81 7.23 -6.64
N TYR B 631 -7.57 6.15 -6.39
CA TYR B 631 -8.39 6.07 -5.18
C TYR B 631 -7.51 6.07 -3.94
N GLN B 632 -6.41 5.32 -3.95
CA GLN B 632 -5.50 5.36 -2.80
C GLN B 632 -4.94 6.76 -2.59
N LEU B 633 -4.59 7.45 -3.67
CA LEU B 633 -4.08 8.81 -3.53
C LEU B 633 -5.13 9.76 -2.96
N ILE B 634 -6.38 9.65 -3.41
CA ILE B 634 -7.38 10.63 -2.99
C ILE B 634 -7.92 10.33 -1.59
N ALA B 635 -7.89 9.06 -1.16
CA ALA B 635 -8.49 8.69 0.12
C ALA B 635 -7.88 9.45 1.28
N ASP B 636 -6.59 9.79 1.20
CA ASP B 636 -5.96 10.57 2.28
C ASP B 636 -6.55 11.97 2.37
N HIS B 637 -6.81 12.60 1.23
CA HIS B 637 -7.30 13.97 1.18
C HIS B 637 -8.79 14.07 0.84
N ALA B 638 -9.52 12.95 0.90
CA ALA B 638 -10.92 12.96 0.49
C ALA B 638 -11.77 13.83 1.44
N ASP B 639 -11.50 13.76 2.74
CA ASP B 639 -12.31 14.49 3.70
C ASP B 639 -12.19 16.01 3.51
N ILE B 640 -10.96 16.49 3.32
CA ILE B 640 -10.76 17.93 3.14
C ILE B 640 -11.41 18.41 1.85
N GLU B 641 -11.28 17.63 0.77
CA GLU B 641 -11.91 17.98 -0.49
C GLU B 641 -13.43 18.05 -0.35
N TRP B 642 -14.01 17.06 0.33
CA TRP B 642 -15.46 17.07 0.53
C TRP B 642 -15.90 18.25 1.38
N LYS B 643 -15.14 18.57 2.43
CA LYS B 643 -15.49 19.71 3.26
C LYS B 643 -15.43 21.02 2.48
N PHE B 644 -14.42 21.17 1.62
CA PHE B 644 -14.32 22.37 0.79
C PHE B 644 -15.50 22.47 -0.18
N ALA B 645 -15.84 21.35 -0.83
CA ALA B 645 -16.96 21.37 -1.76
C ALA B 645 -18.27 21.66 -1.05
N ARG B 646 -18.47 21.08 0.14
CA ARG B 646 -19.69 21.34 0.91
C ARG B 646 -19.75 22.76 1.41
N THR B 647 -18.59 23.35 1.75
CA THR B 647 -18.56 24.76 2.10
C THR B 647 -18.96 25.63 0.93
N LYS B 648 -18.48 25.31 -0.28
CA LYS B 648 -18.90 26.05 -1.46
C LYS B 648 -20.41 25.93 -1.66
N LEU B 649 -20.94 24.72 -1.50
CA LEU B 649 -22.38 24.53 -1.64
C LEU B 649 -23.15 25.33 -0.59
N TRP B 650 -22.65 25.36 0.65
CA TRP B 650 -23.33 26.10 1.71
C TRP B 650 -23.32 27.60 1.45
N MET B 651 -22.15 28.16 1.12
CA MET B 651 -22.08 29.58 0.82
C MET B 651 -22.85 29.94 -0.45
N SER B 652 -23.11 28.97 -1.33
CA SER B 652 -24.01 29.25 -2.45
C SER B 652 -25.42 29.58 -1.99
N TYR B 653 -25.81 29.13 -0.80
CA TYR B 653 -27.14 29.40 -0.25
C TYR B 653 -27.13 30.49 0.81
N PHE B 654 -25.99 31.12 1.07
CA PHE B 654 -25.93 32.17 2.09
C PHE B 654 -26.39 33.52 1.54
N ASP B 655 -26.23 33.75 0.24
CA ASP B 655 -26.48 35.07 -0.33
C ASP B 655 -27.97 35.38 -0.39
N GLU B 656 -28.28 36.68 -0.39
CA GLU B 656 -29.67 37.12 -0.48
C GLU B 656 -30.30 36.72 -1.81
N GLY B 657 -29.56 36.88 -2.90
CA GLY B 657 -30.09 36.57 -4.21
C GLY B 657 -30.22 35.08 -4.45
N GLY B 658 -31.11 34.74 -5.38
CA GLY B 658 -31.34 33.35 -5.72
C GLY B 658 -32.01 32.55 -4.64
N THR B 659 -32.77 33.21 -3.75
CA THR B 659 -33.44 32.48 -2.67
C THR B 659 -34.64 31.70 -3.19
N LEU B 660 -35.39 32.28 -4.12
CA LEU B 660 -36.59 31.61 -4.63
C LEU B 660 -36.20 30.53 -5.63
N PRO B 661 -36.61 29.28 -5.41
CA PRO B 661 -36.34 28.24 -6.40
C PRO B 661 -37.31 28.33 -7.57
N PRO B 662 -37.01 27.68 -8.69
CA PRO B 662 -37.96 27.65 -9.78
C PRO B 662 -39.23 26.92 -9.37
N PRO B 663 -40.39 27.30 -9.93
CA PRO B 663 -40.55 28.34 -10.95
C PRO B 663 -40.84 29.71 -10.35
N PHE B 664 -40.58 29.88 -9.06
CA PHE B 664 -40.90 31.13 -8.38
C PHE B 664 -39.85 32.21 -8.59
N ASN B 665 -38.73 31.90 -9.24
CA ASN B 665 -37.71 32.90 -9.49
C ASN B 665 -38.01 33.76 -10.71
N ILE B 666 -39.00 33.39 -11.52
CA ILE B 666 -39.38 34.16 -12.70
C ILE B 666 -40.67 34.94 -12.45
N ILE B 667 -41.14 35.01 -11.22
CA ILE B 667 -42.34 35.77 -10.86
C ILE B 667 -41.89 37.15 -10.41
N PRO B 668 -42.21 38.21 -11.14
CA PRO B 668 -41.78 39.57 -10.74
C PRO B 668 -42.40 39.95 -9.41
N SER B 669 -41.53 40.26 -8.45
CA SER B 669 -41.99 40.69 -7.13
C SER B 669 -42.60 42.09 -7.22
N PRO B 670 -43.51 42.43 -6.31
CA PRO B 670 -44.08 43.79 -6.31
C PRO B 670 -43.03 44.87 -6.11
N LYS B 671 -41.95 44.58 -5.39
CA LYS B 671 -40.87 45.55 -5.18
C LYS B 671 -40.19 45.91 -6.49
N ASN B 706 -12.47 54.60 6.09
CA ASN B 706 -13.53 55.01 7.00
C ASN B 706 -13.18 54.63 8.44
N ALA B 707 -13.86 55.28 9.39
CA ALA B 707 -13.62 54.99 10.80
C ALA B 707 -14.03 53.56 11.16
N ASP B 708 -15.15 53.10 10.61
CA ASP B 708 -15.61 51.74 10.89
C ASP B 708 -14.63 50.70 10.34
N SER B 709 -14.07 50.96 9.15
CA SER B 709 -13.09 50.05 8.59
C SER B 709 -11.81 50.01 9.42
N LEU B 710 -11.39 51.16 9.95
CA LEU B 710 -10.14 51.23 10.70
C LEU B 710 -10.19 50.40 11.97
N ILE B 711 -11.31 50.45 12.70
CA ILE B 711 -11.40 49.68 13.94
C ILE B 711 -11.45 48.19 13.65
N GLN B 712 -12.08 47.79 12.54
CA GLN B 712 -12.04 46.39 12.13
C GLN B 712 -10.61 45.97 11.82
N ASN B 713 -9.86 46.83 11.15
CA ASN B 713 -8.45 46.54 10.87
C ASN B 713 -7.65 46.39 12.16
N GLN B 714 -7.90 47.26 13.14
CA GLN B 714 -7.17 47.17 14.40
C GLN B 714 -7.50 45.89 15.14
N HIS B 715 -8.78 45.50 15.18
CA HIS B 715 -9.16 44.24 15.81
C HIS B 715 -8.52 43.06 15.11
N TYR B 716 -8.53 43.07 13.78
CA TYR B 716 -7.90 41.99 13.02
C TYR B 716 -6.40 41.95 13.29
N GLN B 717 -5.76 43.11 13.41
CA GLN B 717 -4.32 43.16 13.67
C GLN B 717 -4.00 42.59 15.06
N GLU B 718 -4.81 42.93 16.06
CA GLU B 718 -4.59 42.37 17.39
C GLU B 718 -4.78 40.85 17.39
N VAL B 719 -5.85 40.37 16.74
CA VAL B 719 -6.08 38.94 16.66
C VAL B 719 -4.93 38.25 15.94
N ILE B 720 -4.43 38.87 14.86
CA ILE B 720 -3.34 38.30 14.09
C ILE B 720 -2.06 38.27 14.92
N ARG B 721 -1.82 39.31 15.71
CA ARG B 721 -0.65 39.33 16.59
C ARG B 721 -0.72 38.17 17.59
N ASN B 722 -1.88 37.97 18.21
CA ASN B 722 -2.03 36.85 19.14
C ASN B 722 -1.83 35.51 18.43
N LEU B 723 -2.42 35.37 17.24
CA LEU B 723 -2.28 34.14 16.48
C LEU B 723 -0.82 33.87 16.11
N VAL B 724 -0.10 34.91 15.71
CA VAL B 724 1.30 34.74 15.33
C VAL B 724 2.14 34.33 16.53
N LYS B 725 1.90 34.97 17.68
CA LYS B 725 2.64 34.58 18.89
C LYS B 725 2.36 33.12 19.24
N ARG B 726 1.09 32.72 19.22
CA ARG B 726 0.73 31.34 19.53
C ARG B 726 1.34 30.37 18.53
N TYR B 727 1.32 30.72 17.24
CA TYR B 727 1.86 29.84 16.21
C TYR B 727 3.36 29.68 16.37
N VAL B 728 4.08 30.77 16.67
CA VAL B 728 5.52 30.67 16.85
C VAL B 728 5.84 29.80 18.06
N ALA B 729 5.13 30.00 19.17
CA ALA B 729 5.35 29.15 20.34
C ALA B 729 5.06 27.69 20.03
N ALA B 730 3.96 27.41 19.33
CA ALA B 730 3.59 26.04 19.00
C ALA B 730 4.60 25.39 18.07
N MET B 731 5.12 26.14 17.10
CA MET B 731 6.10 25.59 16.17
C MET B 731 7.42 25.31 16.87
N ILE B 732 7.83 26.20 17.78
CA ILE B 732 9.04 25.92 18.56
C ILE B 732 8.84 24.68 19.42
N ARG B 733 7.67 24.55 20.05
CA ARG B 733 7.38 23.36 20.84
C ARG B 733 7.41 22.10 19.98
N ASN B 734 6.83 22.16 18.78
CA ASN B 734 6.82 21.01 17.88
C ASN B 734 8.23 20.63 17.47
N SER B 735 9.07 21.62 17.16
CA SER B 735 10.46 21.33 16.80
C SER B 735 11.22 20.72 17.96
N LYS B 736 11.00 21.23 19.18
CA LYS B 736 11.72 20.74 20.35
C LYS B 736 11.35 19.30 20.69
N THR B 737 10.09 18.91 20.49
CA THR B 737 9.60 17.59 20.85
C THR B 737 9.55 16.64 19.67
N HIS B 738 10.51 16.74 18.75
CA HIS B 738 10.59 15.85 17.60
C HIS B 738 11.61 14.75 17.91
N GLU B 739 11.17 13.50 17.86
CA GLU B 739 12.04 12.38 18.16
C GLU B 739 13.13 12.23 17.11
N GLY B 740 14.35 11.94 17.56
CA GLY B 740 15.46 11.73 16.65
C GLY B 740 16.49 12.84 16.70
N LEU B 741 17.67 12.53 17.21
CA LEU B 741 18.79 13.46 17.26
C LEU B 741 19.77 13.17 16.14
N THR B 742 20.21 14.22 15.47
CA THR B 742 21.23 14.10 14.44
C THR B 742 22.62 14.12 15.09
N GLU B 743 23.62 13.66 14.34
CA GLU B 743 24.95 13.53 14.90
C GLU B 743 25.67 14.85 15.09
N GLU B 744 25.17 15.95 14.51
CA GLU B 744 25.78 17.25 14.82
C GLU B 744 25.59 17.61 16.29
N ASN B 745 24.45 17.23 16.87
CA ASN B 745 24.26 17.42 18.30
C ASN B 745 25.24 16.57 19.10
N PHE B 746 25.48 15.34 18.67
CA PHE B 746 26.47 14.49 19.32
C PHE B 746 27.86 15.11 19.25
N LYS B 747 28.25 15.63 18.08
CA LYS B 747 29.57 16.25 17.96
C LYS B 747 29.69 17.50 18.80
N GLU B 748 28.61 18.29 18.90
CA GLU B 748 28.69 19.52 19.70
C GLU B 748 28.71 19.18 21.19
N LEU B 749 28.00 18.13 21.60
CA LEU B 749 28.11 17.65 22.97
C LEU B 749 29.53 17.19 23.28
N LYS B 750 30.13 16.46 22.34
CA LYS B 750 31.54 16.11 22.44
C LYS B 750 32.40 17.35 22.58
N GLN B 751 32.09 18.39 21.81
CA GLN B 751 32.85 19.63 21.87
C GLN B 751 32.75 20.28 23.25
N ASP B 752 31.55 20.34 23.81
CA ASP B 752 31.39 20.90 25.15
C ASP B 752 32.16 20.09 26.18
N ILE B 753 32.06 18.76 26.12
CA ILE B 753 32.73 17.90 27.09
C ILE B 753 34.24 18.05 26.96
N SER B 754 34.75 18.09 25.73
CA SER B 754 36.19 18.22 25.51
C SER B 754 36.70 19.59 25.96
N SER B 755 35.94 20.65 25.69
CA SER B 755 36.35 21.97 26.15
C SER B 755 36.40 22.02 27.67
N PHE B 756 35.42 21.40 28.33
CA PHE B 756 35.44 21.34 29.79
C PHE B 756 36.66 20.57 30.29
N ARG B 757 36.97 19.43 29.65
CA ARG B 757 38.12 18.63 30.06
C ARG B 757 39.41 19.43 29.93
N TYR B 758 39.62 20.07 28.77
CA TYR B 758 40.85 20.82 28.56
C TYR B 758 40.93 22.03 29.48
N GLU B 759 39.80 22.70 29.72
CA GLU B 759 39.81 23.84 30.64
C GLU B 759 40.16 23.42 32.05
N VAL B 760 39.64 22.27 32.51
CA VAL B 760 40.00 21.75 33.82
C VAL B 760 41.48 21.40 33.87
N LEU B 761 41.99 20.78 32.80
CA LEU B 761 43.41 20.43 32.74
C LEU B 761 44.28 21.68 32.82
N ASP B 762 43.90 22.74 32.10
CA ASP B 762 44.64 23.99 32.16
C ASP B 762 44.59 24.60 33.54
N LEU B 763 43.42 24.59 34.19
CA LEU B 763 43.31 25.10 35.54
C LEU B 763 44.11 24.25 36.52
N LEU B 764 44.06 22.94 36.37
CA LEU B 764 44.77 22.03 37.27
C LEU B 764 46.06 21.53 36.61
N PRO C 1 5.24 -38.54 31.32
CA PRO C 1 5.16 -37.22 30.69
C PRO C 1 5.93 -37.13 29.37
N GLU C 2 5.21 -36.89 28.28
CA GLU C 2 5.86 -36.77 26.98
C GLU C 2 6.70 -35.50 26.93
N PHE C 3 7.95 -35.64 26.50
CA PHE C 3 8.90 -34.54 26.45
C PHE C 3 9.48 -34.41 25.05
N MET C 4 10.06 -33.23 24.79
CA MET C 4 10.87 -33.03 23.59
C MET C 4 12.21 -33.72 23.83
N ALA C 5 12.40 -34.86 23.19
CA ALA C 5 13.52 -35.74 23.53
C ALA C 5 14.86 -35.05 23.32
N GLN C 6 15.04 -34.42 22.16
CA GLN C 6 16.32 -33.81 21.80
C GLN C 6 16.07 -32.45 21.15
N LEU C 7 16.43 -31.40 21.87
CA LEU C 7 16.36 -30.04 21.34
C LEU C 7 17.75 -29.43 21.18
N TYR C 8 18.56 -29.45 22.24
CA TYR C 8 19.90 -28.89 22.20
C TYR C 8 21.00 -29.93 22.20
N TYR C 9 20.71 -31.17 22.63
CA TYR C 9 21.71 -32.22 22.72
C TYR C 9 21.11 -33.53 22.23
N LYS C 10 21.97 -34.42 21.76
CA LYS C 10 21.55 -35.72 21.24
C LYS C 10 21.82 -36.84 22.26
N LYS C 11 23.07 -36.99 22.69
CA LYS C 11 23.44 -38.11 23.54
C LYS C 11 23.09 -37.91 25.01
N VAL C 12 22.81 -36.67 25.43
CA VAL C 12 22.49 -36.42 26.83
C VAL C 12 21.20 -37.14 27.22
N ASN C 13 20.18 -37.06 26.36
CA ASN C 13 18.87 -37.69 26.53
C ASN C 13 18.45 -38.03 27.96
N ARG C 18 16.03 -35.27 33.11
CA ARG C 18 14.99 -35.81 32.25
C ARG C 18 13.97 -34.72 31.91
N ASP C 19 13.48 -34.03 32.94
CA ASP C 19 12.51 -32.96 32.79
C ASP C 19 13.16 -31.59 32.64
N ARG C 20 14.48 -31.53 32.62
CA ARG C 20 15.23 -30.27 32.49
C ARG C 20 16.10 -30.32 31.25
N ILE C 21 16.63 -29.15 30.89
CA ILE C 21 17.59 -29.02 29.79
C ILE C 21 18.84 -28.37 30.35
N PRO C 22 19.84 -29.14 30.80
CA PRO C 22 21.06 -28.54 31.33
C PRO C 22 21.78 -27.74 30.26
N LEU C 23 22.38 -26.62 30.67
CA LEU C 23 23.06 -25.71 29.77
C LEU C 23 24.55 -25.69 30.09
N GLN C 24 25.38 -25.81 29.06
CA GLN C 24 26.83 -25.81 29.20
C GLN C 24 27.43 -25.08 27.99
N ILE C 25 28.68 -24.64 28.14
CA ILE C 25 29.39 -24.03 27.03
C ILE C 25 29.91 -25.16 26.16
N VAL C 26 29.15 -25.51 25.11
CA VAL C 26 29.50 -26.65 24.27
C VAL C 26 30.78 -26.34 23.48
N ARG C 27 30.85 -25.17 22.85
CA ARG C 27 32.07 -24.73 22.18
C ARG C 27 32.83 -23.79 23.11
N ALA C 28 33.41 -24.40 24.16
CA ALA C 28 34.10 -23.64 25.18
C ALA C 28 35.36 -22.99 24.62
N GLU C 29 35.64 -21.77 25.09
CA GLU C 29 36.83 -21.02 24.71
C GLU C 29 37.68 -20.77 25.95
N THR C 30 38.74 -19.98 25.78
CA THR C 30 39.63 -19.64 26.88
C THR C 30 39.11 -18.39 27.57
N GLU C 31 38.73 -18.53 28.84
CA GLU C 31 38.18 -17.40 29.59
C GLU C 31 39.30 -16.46 30.03
N LEU C 32 38.95 -15.18 30.16
CA LEU C 32 39.89 -14.19 30.64
C LEU C 32 40.08 -14.34 32.15
N SER C 33 41.31 -14.07 32.61
CA SER C 33 41.61 -14.13 34.02
C SER C 33 41.11 -12.86 34.72
N ALA C 34 41.36 -12.77 36.02
CA ALA C 34 40.87 -11.63 36.80
C ALA C 34 41.59 -10.34 36.41
N GLU C 35 42.93 -10.39 36.33
CA GLU C 35 43.69 -9.19 36.02
C GLU C 35 43.46 -8.75 34.57
N GLU C 36 43.36 -9.71 33.65
CA GLU C 36 43.07 -9.35 32.26
C GLU C 36 41.68 -8.72 32.13
N LYS C 37 40.70 -9.28 32.84
CA LYS C 37 39.36 -8.70 32.84
C LYS C 37 39.39 -7.29 33.42
N ALA C 38 40.13 -7.08 34.50
CA ALA C 38 40.23 -5.75 35.10
C ALA C 38 40.89 -4.76 34.15
N PHE C 39 41.94 -5.20 33.45
CA PHE C 39 42.61 -4.33 32.49
C PHE C 39 41.69 -3.95 31.33
N LEU C 40 40.95 -4.94 30.80
CA LEU C 40 40.03 -4.63 29.72
C LEU C 40 38.88 -3.74 30.19
N ASN C 41 38.41 -3.93 31.43
CA ASN C 41 37.38 -3.04 31.96
C ASN C 41 37.91 -1.62 32.14
N ALA C 42 39.16 -1.48 32.58
CA ALA C 42 39.77 -0.15 32.69
C ALA C 42 39.87 0.50 31.31
N VAL C 43 40.23 -0.28 30.29
CA VAL C 43 40.28 0.26 28.93
C VAL C 43 38.88 0.68 28.48
N GLU C 44 37.86 -0.12 28.78
CA GLU C 44 36.49 0.21 28.40
C GLU C 44 36.04 1.51 29.09
N LYS C 45 36.33 1.65 30.38
CA LYS C 45 35.97 2.87 31.10
C LYS C 45 36.84 4.06 30.71
N GLY C 46 37.97 3.83 30.02
CA GLY C 46 38.79 4.90 29.50
C GLY C 46 39.69 5.61 30.49
N ASP C 47 39.87 5.08 31.69
CA ASP C 47 40.76 5.71 32.67
C ASP C 47 42.20 5.42 32.25
N TYR C 48 42.93 6.47 31.85
CA TYR C 48 44.31 6.31 31.41
C TYR C 48 45.20 5.78 32.54
N ALA C 49 44.82 6.06 33.79
CA ALA C 49 45.70 5.82 34.93
C ALA C 49 45.99 4.34 35.14
N THR C 50 44.98 3.53 35.51
CA THR C 50 45.26 2.13 35.79
C THR C 50 45.57 1.37 34.51
N VAL C 51 45.13 1.86 33.35
CA VAL C 51 45.53 1.25 32.08
C VAL C 51 47.04 1.34 31.92
N LYS C 52 47.60 2.54 32.10
CA LYS C 52 49.05 2.70 32.02
C LYS C 52 49.75 1.89 33.11
N GLN C 53 49.20 1.90 34.33
CA GLN C 53 49.83 1.18 35.44
C GLN C 53 49.88 -0.32 35.15
N ALA C 54 48.79 -0.88 34.63
CA ALA C 54 48.77 -2.29 34.28
C ALA C 54 49.71 -2.59 33.12
N LEU C 55 49.84 -1.66 32.17
CA LEU C 55 50.78 -1.87 31.08
C LEU C 55 52.21 -1.96 31.60
N GLN C 56 52.60 -1.04 32.48
CA GLN C 56 53.94 -1.09 33.06
C GLN C 56 54.10 -2.34 33.93
N GLU C 57 53.07 -2.73 34.68
CA GLU C 57 53.17 -3.90 35.53
C GLU C 57 53.35 -5.17 34.70
N ALA C 58 52.65 -5.26 33.57
CA ALA C 58 52.82 -6.41 32.68
C ALA C 58 54.18 -6.38 32.00
N GLU C 59 54.69 -5.19 31.67
CA GLU C 59 56.03 -5.10 31.11
C GLU C 59 57.09 -5.57 32.10
N ILE C 60 56.91 -5.25 33.38
CA ILE C 60 57.93 -5.57 34.38
C ILE C 60 57.81 -7.02 34.84
N TYR C 61 56.60 -7.48 35.15
CA TYR C 61 56.40 -8.78 35.79
C TYR C 61 55.80 -9.83 34.88
N TYR C 62 55.31 -9.46 33.69
CA TYR C 62 54.69 -10.38 32.75
C TYR C 62 53.47 -11.08 33.35
N ASN C 63 52.81 -10.43 34.31
CA ASN C 63 51.64 -11.01 34.96
C ASN C 63 50.39 -10.93 34.10
N VAL C 64 50.31 -9.95 33.22
CA VAL C 64 49.10 -9.68 32.42
C VAL C 64 49.46 -9.76 30.96
N ASN C 65 48.64 -10.48 30.19
CA ASN C 65 48.80 -10.54 28.73
C ASN C 65 48.10 -9.33 28.15
N ILE C 66 48.89 -8.34 27.71
CA ILE C 66 48.34 -7.11 27.16
C ILE C 66 47.64 -7.31 25.83
N ASN C 67 47.77 -8.49 25.23
CA ASN C 67 47.06 -8.84 24.00
C ASN C 67 45.84 -9.70 24.27
N CYS C 68 45.37 -9.73 25.52
CA CYS C 68 44.20 -10.54 25.87
C CYS C 68 42.97 -10.08 25.10
N MET C 69 42.16 -11.03 24.69
CA MET C 69 40.97 -10.77 23.88
C MET C 69 39.71 -11.02 24.70
N ASP C 70 38.82 -10.04 24.71
CA ASP C 70 37.48 -10.26 25.25
C ASP C 70 36.85 -11.42 24.48
N PRO C 71 36.24 -12.40 25.19
CA PRO C 71 35.66 -13.57 24.51
C PRO C 71 34.76 -13.24 23.33
N LEU C 72 34.34 -11.98 23.21
CA LEU C 72 33.61 -11.53 22.05
C LEU C 72 34.52 -11.18 20.87
N GLY C 73 35.84 -11.25 21.06
CA GLY C 73 36.80 -11.00 20.00
C GLY C 73 37.53 -9.68 20.09
N ARG C 74 37.07 -8.74 20.91
CA ARG C 74 37.71 -7.45 21.02
C ARG C 74 38.91 -7.50 21.96
N SER C 75 39.99 -6.83 21.58
CA SER C 75 41.18 -6.70 22.41
C SER C 75 41.21 -5.30 23.01
N ALA C 76 42.30 -4.98 23.73
CA ALA C 76 42.45 -3.65 24.30
C ALA C 76 42.52 -2.59 23.20
N LEU C 77 43.28 -2.86 22.14
CA LEU C 77 43.37 -1.92 21.03
C LEU C 77 42.02 -1.77 20.33
N LEU C 78 41.30 -2.87 20.16
CA LEU C 78 39.98 -2.80 19.53
C LEU C 78 39.00 -2.01 20.39
N ILE C 79 39.05 -2.21 21.71
CA ILE C 79 38.18 -1.45 22.60
C ILE C 79 38.53 0.03 22.55
N ALA C 80 39.81 0.37 22.56
CA ALA C 80 40.23 1.76 22.49
C ALA C 80 39.78 2.40 21.18
N ILE C 81 39.88 1.67 20.07
CA ILE C 81 39.40 2.19 18.79
C ILE C 81 37.89 2.39 18.83
N GLU C 82 37.15 1.43 19.40
CA GLU C 82 35.70 1.55 19.48
C GLU C 82 35.29 2.71 20.38
N ASN C 83 36.06 2.99 21.44
CA ASN C 83 35.77 4.11 22.32
C ASN C 83 36.24 5.44 21.77
N GLU C 84 36.91 5.44 20.61
CA GLU C 84 37.42 6.66 19.97
C GLU C 84 38.35 7.43 20.92
N ASN C 85 39.10 6.69 21.72
CA ASN C 85 40.03 7.28 22.69
C ASN C 85 41.43 7.21 22.09
N LEU C 86 41.92 8.35 21.61
CA LEU C 86 43.22 8.40 20.95
C LEU C 86 44.38 8.31 21.94
N GLU C 87 44.19 8.80 23.17
CA GLU C 87 45.29 8.78 24.14
C GLU C 87 45.60 7.36 24.59
N ILE C 88 44.57 6.58 24.93
CA ILE C 88 44.79 5.19 25.31
C ILE C 88 45.31 4.38 24.13
N MET C 89 44.84 4.68 22.92
CA MET C 89 45.36 4.00 21.74
C MET C 89 46.84 4.31 21.53
N GLU C 90 47.24 5.56 21.72
CA GLU C 90 48.65 5.92 21.65
C GLU C 90 49.45 5.18 22.70
N LEU C 91 48.93 5.10 23.92
CA LEU C 91 49.61 4.39 25.00
C LEU C 91 49.79 2.92 24.67
N LEU C 92 48.76 2.29 24.13
CA LEU C 92 48.85 0.88 23.74
C LEU C 92 49.85 0.68 22.61
N LEU C 93 49.83 1.56 21.61
CA LEU C 93 50.76 1.43 20.49
C LEU C 93 52.20 1.61 20.95
N ASN C 94 52.43 2.53 21.89
CA ASN C 94 53.77 2.71 22.43
C ASN C 94 54.23 1.50 23.26
N HIS C 95 53.30 0.65 23.69
CA HIS C 95 53.64 -0.56 24.42
C HIS C 95 53.64 -1.81 23.53
N SER C 96 53.55 -1.61 22.21
CA SER C 96 53.63 -2.69 21.22
C SER C 96 52.58 -3.78 21.48
N VAL C 97 51.31 -3.39 21.37
CA VAL C 97 50.23 -4.37 21.33
C VAL C 97 50.10 -4.94 19.92
N TYR C 98 49.39 -6.05 19.81
CA TYR C 98 49.14 -6.63 18.50
C TYR C 98 48.23 -5.72 17.69
N VAL C 99 48.69 -5.33 16.50
CA VAL C 99 48.01 -4.34 15.67
C VAL C 99 47.35 -4.97 14.46
N GLY C 100 47.36 -6.30 14.36
CA GLY C 100 46.80 -6.98 13.22
C GLY C 100 45.33 -6.69 12.98
N ASP C 101 45.01 -6.23 11.78
CA ASP C 101 43.66 -5.92 11.32
C ASP C 101 42.98 -4.81 12.12
N ALA C 102 43.70 -4.14 13.02
CA ALA C 102 43.11 -3.05 13.77
C ALA C 102 42.83 -1.85 12.88
N LEU C 103 43.60 -1.68 11.80
CA LEU C 103 43.35 -0.60 10.86
C LEU C 103 41.97 -0.76 10.21
N LEU C 104 41.59 -2.01 9.90
CA LEU C 104 40.26 -2.25 9.34
C LEU C 104 39.17 -1.85 10.32
N TYR C 105 39.33 -2.18 11.60
CA TYR C 105 38.33 -1.79 12.60
C TYR C 105 38.25 -0.27 12.73
N ALA C 106 39.40 0.41 12.74
CA ALA C 106 39.40 1.86 12.81
C ALA C 106 38.72 2.47 11.58
N ILE C 107 38.98 1.91 10.41
CA ILE C 107 38.35 2.40 9.19
C ILE C 107 36.84 2.22 9.25
N ARG C 108 36.39 1.03 9.68
CA ARG C 108 34.96 0.77 9.75
C ARG C 108 34.28 1.70 10.75
N LYS C 109 34.90 1.92 11.91
CA LYS C 109 34.34 2.86 12.86
C LYS C 109 34.52 4.31 12.41
N GLU C 110 35.31 4.55 11.37
CA GLU C 110 35.47 5.88 10.77
C GLU C 110 36.07 6.87 11.76
N VAL C 111 37.17 6.47 12.40
CA VAL C 111 37.95 7.34 13.28
C VAL C 111 39.16 7.79 12.49
N VAL C 112 39.14 9.04 12.04
CA VAL C 112 40.24 9.57 11.23
C VAL C 112 41.54 9.58 12.03
N GLY C 113 41.47 10.04 13.28
CA GLY C 113 42.67 10.07 14.11
C GLY C 113 43.25 8.69 14.34
N ALA C 114 42.38 7.69 14.56
CA ALA C 114 42.86 6.32 14.69
C ALA C 114 43.51 5.84 13.41
N VAL C 115 42.94 6.22 12.26
CA VAL C 115 43.52 5.81 10.98
C VAL C 115 44.93 6.38 10.82
N GLU C 116 45.09 7.67 11.11
CA GLU C 116 46.43 8.26 11.03
C GLU C 116 47.38 7.63 12.03
N LEU C 117 46.90 7.35 13.25
CA LEU C 117 47.74 6.73 14.27
C LEU C 117 48.24 5.36 13.82
N LEU C 118 47.35 4.56 13.24
CA LEU C 118 47.73 3.22 12.82
C LEU C 118 48.57 3.23 11.54
N LEU C 119 48.36 4.22 10.67
CA LEU C 119 49.21 4.34 9.49
C LEU C 119 50.61 4.81 9.85
N SER C 120 50.72 5.65 10.89
CA SER C 120 52.03 6.12 11.35
C SER C 120 52.74 5.15 12.27
N TYR C 121 52.10 4.03 12.61
CA TYR C 121 52.67 3.01 13.49
C TYR C 121 53.07 3.61 14.84
N GLN C 138 44.22 -15.35 13.74
CA GLN C 138 43.20 -15.17 14.77
C GLN C 138 41.83 -14.91 14.14
N PHE C 139 40.86 -14.59 15.00
CA PHE C 139 39.51 -14.28 14.53
C PHE C 139 39.43 -12.82 14.07
N SER C 140 38.71 -12.59 12.97
CA SER C 140 38.51 -11.26 12.44
C SER C 140 37.07 -11.12 11.98
N GLU C 141 36.55 -9.89 12.04
CA GLU C 141 35.22 -9.60 11.55
C GLU C 141 35.17 -9.31 10.06
N PHE C 142 36.31 -9.36 9.37
CA PHE C 142 36.40 -9.06 7.96
C PHE C 142 36.94 -10.26 7.21
N THR C 143 36.47 -10.43 5.97
CA THR C 143 36.96 -11.50 5.13
C THR C 143 38.42 -11.26 4.76
N PRO C 144 39.18 -12.32 4.48
CA PRO C 144 40.62 -12.15 4.22
C PRO C 144 40.94 -11.28 3.01
N ASP C 145 40.03 -11.17 2.03
CA ASP C 145 40.31 -10.37 0.85
C ASP C 145 40.17 -8.86 1.10
N ILE C 146 39.56 -8.47 2.22
CA ILE C 146 39.34 -7.06 2.49
C ILE C 146 40.66 -6.36 2.73
N THR C 147 40.89 -5.26 2.02
CA THR C 147 42.05 -4.40 2.18
C THR C 147 41.63 -3.06 2.76
N PRO C 148 42.55 -2.33 3.40
CA PRO C 148 42.16 -1.05 4.01
C PRO C 148 41.50 -0.07 3.05
N ILE C 149 42.01 0.03 1.81
CA ILE C 149 41.41 0.94 0.85
C ILE C 149 40.03 0.44 0.42
N MET C 150 39.89 -0.88 0.25
CA MET C 150 38.59 -1.45 -0.11
C MET C 150 37.55 -1.18 0.97
N LEU C 151 37.91 -1.40 2.23
CA LEU C 151 36.97 -1.15 3.31
C LEU C 151 36.69 0.34 3.47
N ALA C 152 37.69 1.19 3.25
CA ALA C 152 37.46 2.63 3.31
C ALA C 152 36.48 3.07 2.23
N ALA C 153 36.61 2.51 1.02
CA ALA C 153 35.65 2.80 -0.04
C ALA C 153 34.27 2.27 0.32
N HIS C 154 34.22 1.10 0.96
CA HIS C 154 32.93 0.56 1.40
C HIS C 154 32.25 1.49 2.39
N THR C 155 33.01 2.07 3.32
CA THR C 155 32.45 3.01 4.27
C THR C 155 32.10 4.35 3.64
N ASN C 156 32.66 4.64 2.46
CA ASN C 156 32.38 5.88 1.72
C ASN C 156 32.76 7.12 2.52
N ASN C 157 33.82 7.02 3.33
CA ASN C 157 34.32 8.15 4.10
C ASN C 157 35.39 8.85 3.28
N TYR C 158 35.12 10.10 2.89
CA TYR C 158 36.04 10.81 1.99
C TYR C 158 37.39 11.04 2.65
N GLU C 159 37.40 11.35 3.96
CA GLU C 159 38.66 11.63 4.64
C GLU C 159 39.56 10.41 4.68
N ILE C 160 39.02 9.27 5.10
CA ILE C 160 39.84 8.06 5.22
C ILE C 160 40.26 7.55 3.84
N ILE C 161 39.36 7.64 2.86
CA ILE C 161 39.72 7.23 1.50
C ILE C 161 40.85 8.09 0.97
N LYS C 162 40.75 9.41 1.16
CA LYS C 162 41.83 10.29 0.70
C LYS C 162 43.13 9.99 1.44
N LEU C 163 43.05 9.76 2.75
CA LEU C 163 44.25 9.47 3.54
C LEU C 163 44.94 8.20 3.04
N LEU C 164 44.16 7.17 2.72
CA LEU C 164 44.75 5.93 2.24
C LEU C 164 45.26 6.08 0.81
N VAL C 165 44.59 6.89 -0.01
CA VAL C 165 45.02 7.06 -1.40
C VAL C 165 46.31 7.87 -1.47
N GLN C 166 46.53 8.80 -0.53
CA GLN C 166 47.81 9.52 -0.52
C GLN C 166 48.99 8.57 -0.43
N LYS C 167 48.82 7.44 0.23
CA LYS C 167 49.77 6.34 0.14
C LYS C 167 49.43 5.48 -1.07
N ARG C 168 50.46 4.92 -1.70
CA ARG C 168 50.25 4.23 -2.96
C ARG C 168 49.54 2.90 -2.75
N VAL C 169 48.21 2.94 -2.76
CA VAL C 169 47.39 1.75 -2.63
C VAL C 169 46.80 1.42 -4.01
N THR C 170 46.39 0.17 -4.17
CA THR C 170 45.81 -0.30 -5.41
C THR C 170 44.57 -1.13 -5.13
N ILE C 171 43.67 -1.15 -6.10
CA ILE C 171 42.48 -2.00 -6.09
C ILE C 171 42.65 -3.04 -7.19
N PRO C 172 42.53 -4.33 -6.89
CA PRO C 172 42.67 -5.35 -7.94
C PRO C 172 41.64 -5.13 -9.05
N ARG C 173 42.10 -5.26 -10.29
CA ARG C 173 41.25 -4.98 -11.43
C ARG C 173 40.30 -6.16 -11.66
N PRO C 174 38.99 -5.95 -11.61
CA PRO C 174 38.05 -7.05 -11.84
C PRO C 174 38.12 -7.55 -13.27
N HIS C 175 37.86 -8.84 -13.44
CA HIS C 175 37.82 -9.44 -14.76
C HIS C 175 36.47 -9.16 -15.41
N GLN C 176 36.41 -9.41 -16.73
CA GLN C 176 35.16 -9.22 -17.45
C GLN C 176 34.16 -10.31 -17.07
N ILE C 177 32.89 -10.06 -17.39
CA ILE C 177 31.83 -11.00 -17.06
C ILE C 177 32.02 -12.30 -17.82
N ARG C 178 32.35 -12.21 -19.11
CA ARG C 178 32.54 -13.37 -19.96
C ARG C 178 33.98 -13.88 -19.97
N CYS C 179 34.79 -13.46 -18.99
CA CYS C 179 36.17 -13.93 -18.93
C CYS C 179 36.22 -15.42 -18.63
N ASN C 180 37.12 -16.12 -19.31
CA ASN C 180 37.31 -17.56 -19.14
C ASN C 180 38.79 -17.88 -19.02
N CYS C 181 39.53 -17.03 -18.32
CA CYS C 181 40.96 -17.25 -18.14
C CYS C 181 41.20 -18.38 -17.12
N VAL C 182 42.44 -18.84 -17.07
CA VAL C 182 42.79 -19.92 -16.16
C VAL C 182 42.63 -19.48 -14.71
N GLU C 183 42.99 -18.23 -14.41
CA GLU C 183 42.89 -17.73 -13.04
C GLU C 183 41.43 -17.70 -12.58
N CYS C 184 40.55 -17.15 -13.41
CA CYS C 184 39.14 -17.02 -13.02
C CYS C 184 38.50 -18.38 -12.80
N VAL C 185 38.71 -19.31 -13.74
CA VAL C 185 38.08 -20.62 -13.62
C VAL C 185 38.68 -21.40 -12.46
N SER C 186 39.98 -21.29 -12.24
CA SER C 186 40.62 -21.98 -11.12
C SER C 186 40.09 -21.45 -9.80
N SER C 187 39.96 -20.13 -9.67
CA SER C 187 39.41 -19.56 -8.44
C SER C 187 37.96 -19.97 -8.25
N SER C 188 37.18 -20.00 -9.33
CA SER C 188 35.77 -20.37 -9.21
C SER C 188 35.61 -21.82 -8.79
N GLU C 189 36.39 -22.73 -9.37
CA GLU C 189 36.29 -24.14 -8.99
C GLU C 189 36.82 -24.39 -7.58
N VAL C 190 37.95 -23.77 -7.23
CA VAL C 190 38.52 -23.98 -5.91
C VAL C 190 37.63 -23.38 -4.84
N ASP C 191 37.21 -22.11 -5.03
CA ASP C 191 36.38 -21.44 -4.03
C ASP C 191 35.46 -20.46 -4.78
N SER C 192 34.24 -20.92 -5.08
CA SER C 192 33.27 -20.06 -5.74
C SER C 192 32.76 -18.99 -4.80
N LEU C 193 32.52 -19.34 -3.52
CA LEU C 193 32.04 -18.37 -2.56
C LEU C 193 33.04 -17.25 -2.35
N ARG C 194 34.32 -17.61 -2.16
CA ARG C 194 35.36 -16.59 -1.96
C ARG C 194 35.52 -15.73 -3.20
N HIS C 195 35.47 -16.34 -4.39
CA HIS C 195 35.61 -15.56 -5.62
C HIS C 195 34.46 -14.57 -5.78
N SER C 196 33.23 -15.03 -5.54
CA SER C 196 32.08 -14.14 -5.66
C SER C 196 32.16 -13.01 -4.63
N ARG C 197 32.54 -13.33 -3.40
CA ARG C 197 32.67 -12.30 -2.36
C ARG C 197 33.75 -11.30 -2.71
N SER C 198 34.89 -11.77 -3.25
CA SER C 198 35.95 -10.87 -3.63
C SER C 198 35.52 -9.96 -4.78
N ARG C 199 34.83 -10.51 -5.77
CA ARG C 199 34.34 -9.68 -6.87
C ARG C 199 33.36 -8.63 -6.37
N LEU C 200 32.43 -9.03 -5.50
CA LEU C 200 31.46 -8.10 -4.97
C LEU C 200 32.13 -7.01 -4.15
N ASN C 201 33.13 -7.37 -3.35
CA ASN C 201 33.85 -6.38 -2.57
C ASN C 201 34.63 -5.41 -3.44
N ILE C 202 35.27 -5.92 -4.50
CA ILE C 202 36.00 -5.06 -5.42
C ILE C 202 35.06 -4.08 -6.10
N TYR C 203 33.89 -4.55 -6.54
CA TYR C 203 32.94 -3.66 -7.19
C TYR C 203 32.31 -2.69 -6.20
N LYS C 204 32.12 -3.11 -4.94
CA LYS C 204 31.64 -2.18 -3.93
C LYS C 204 32.64 -1.07 -3.68
N ALA C 205 33.93 -1.42 -3.65
CA ALA C 205 34.97 -0.41 -3.49
C ALA C 205 34.99 0.53 -4.70
N LEU C 206 34.92 -0.03 -5.91
CA LEU C 206 34.96 0.79 -7.11
C LEU C 206 33.73 1.70 -7.22
N ALA C 207 32.56 1.18 -6.87
CA ALA C 207 31.32 1.94 -6.97
C ALA C 207 31.14 2.93 -5.84
N SER C 208 32.16 3.16 -5.03
CA SER C 208 32.06 4.11 -3.93
C SER C 208 32.03 5.53 -4.48
N PRO C 209 31.00 6.32 -4.19
CA PRO C 209 30.97 7.70 -4.71
C PRO C 209 32.15 8.54 -4.26
N SER C 210 32.65 8.33 -3.04
CA SER C 210 33.81 9.08 -2.59
C SER C 210 35.08 8.65 -3.30
N LEU C 211 35.21 7.36 -3.60
CA LEU C 211 36.38 6.89 -4.35
C LEU C 211 36.29 7.26 -5.82
N ILE C 212 35.09 7.39 -6.37
CA ILE C 212 34.95 7.90 -7.74
C ILE C 212 35.23 9.40 -7.79
N ALA C 213 34.87 10.12 -6.72
CA ALA C 213 35.17 11.54 -6.67
C ALA C 213 36.67 11.79 -6.77
N LEU C 214 37.47 11.01 -6.03
CA LEU C 214 38.91 10.99 -6.23
C LEU C 214 39.26 9.97 -7.32
N SER C 215 40.54 9.87 -7.63
CA SER C 215 41.12 8.75 -8.38
C SER C 215 40.43 8.44 -9.70
N SER C 216 39.59 9.35 -10.20
CA SER C 216 38.88 9.14 -11.45
C SER C 216 39.06 10.34 -12.35
N GLU C 217 39.53 10.09 -13.58
CA GLU C 217 39.72 11.18 -14.53
C GLU C 217 38.39 11.81 -14.93
N ASP C 218 37.37 10.99 -15.15
CA ASP C 218 36.03 11.46 -15.50
C ASP C 218 35.04 10.78 -14.56
N PRO C 219 34.71 11.42 -13.44
CA PRO C 219 33.78 10.78 -12.49
C PRO C 219 32.42 10.46 -13.07
N ILE C 220 31.90 11.35 -13.90
CA ILE C 220 30.59 11.16 -14.50
C ILE C 220 30.62 9.97 -15.44
N LEU C 221 31.63 9.91 -16.28
CA LEU C 221 31.78 8.81 -17.20
C LEU C 221 32.03 7.50 -16.46
N THR C 222 32.84 7.54 -15.42
CA THR C 222 33.12 6.34 -14.64
C THR C 222 31.85 5.81 -14.00
N ALA C 223 31.03 6.70 -13.48
CA ALA C 223 29.77 6.30 -12.87
C ALA C 223 28.83 5.67 -13.89
N PHE C 224 28.81 6.21 -15.11
CA PHE C 224 27.98 5.68 -16.18
C PHE C 224 28.38 4.27 -16.55
N ARG C 225 29.69 4.05 -16.66
CA ARG C 225 30.25 2.76 -17.02
C ARG C 225 30.14 1.76 -15.89
N LEU C 226 30.33 2.21 -14.66
CA LEU C 226 30.23 1.33 -13.50
C LEU C 226 28.79 0.88 -13.29
N GLY C 227 27.83 1.80 -13.39
CA GLY C 227 26.44 1.42 -13.27
C GLY C 227 26.02 0.43 -14.34
N TRP C 228 26.47 0.66 -15.58
CA TRP C 228 26.13 -0.26 -16.67
C TRP C 228 26.66 -1.66 -16.39
N GLU C 229 27.96 -1.77 -16.07
CA GLU C 229 28.52 -3.10 -15.83
C GLU C 229 27.97 -3.74 -14.57
N LEU C 230 27.59 -2.95 -13.56
CA LEU C 230 26.98 -3.53 -12.37
C LEU C 230 25.59 -4.07 -12.68
N LYS C 231 24.83 -3.38 -13.54
CA LYS C 231 23.55 -3.91 -13.97
C LYS C 231 23.73 -5.20 -14.78
N GLU C 232 24.74 -5.22 -15.66
CA GLU C 232 25.03 -6.44 -16.42
C GLU C 232 25.42 -7.58 -15.49
N LEU C 233 26.21 -7.29 -14.45
CA LEU C 233 26.56 -8.31 -13.48
C LEU C 233 25.34 -8.82 -12.73
N SER C 234 24.45 -7.90 -12.32
CA SER C 234 23.22 -8.32 -11.66
C SER C 234 22.39 -9.23 -12.56
N LYS C 235 22.38 -8.94 -13.87
CA LYS C 235 21.74 -9.84 -14.82
C LYS C 235 22.42 -11.21 -14.83
N VAL C 236 23.74 -11.21 -14.98
CA VAL C 236 24.47 -12.48 -15.11
C VAL C 236 24.54 -13.20 -13.77
N GLU C 237 24.93 -12.49 -12.72
CA GLU C 237 24.96 -13.09 -11.39
C GLU C 237 23.54 -13.21 -10.84
N ASN C 238 22.90 -14.36 -11.07
CA ASN C 238 21.55 -14.57 -10.59
C ASN C 238 21.49 -14.45 -9.07
N GLU C 239 22.43 -15.06 -8.38
CA GLU C 239 22.61 -14.82 -6.96
C GLU C 239 23.38 -13.52 -6.76
N PHE C 240 23.25 -12.95 -5.55
CA PHE C 240 23.82 -11.65 -5.21
C PHE C 240 23.34 -10.55 -6.15
N LYS C 241 22.17 -10.73 -6.75
CA LYS C 241 21.65 -9.77 -7.73
C LYS C 241 21.31 -8.44 -7.08
N ALA C 242 20.76 -8.47 -5.86
CA ALA C 242 20.36 -7.23 -5.19
C ALA C 242 21.55 -6.34 -4.91
N GLU C 243 22.68 -6.92 -4.52
CA GLU C 243 23.87 -6.13 -4.23
C GLU C 243 24.36 -5.39 -5.47
N TYR C 244 24.42 -6.08 -6.61
CA TYR C 244 24.86 -5.44 -7.84
C TYR C 244 23.86 -4.39 -8.31
N GLU C 245 22.55 -4.66 -8.15
CA GLU C 245 21.55 -3.67 -8.52
C GLU C 245 21.67 -2.41 -7.66
N GLU C 246 21.88 -2.57 -6.35
CA GLU C 246 22.00 -1.39 -5.50
C GLU C 246 23.31 -0.66 -5.74
N LEU C 247 24.38 -1.37 -6.11
CA LEU C 247 25.61 -0.69 -6.50
C LEU C 247 25.42 0.13 -7.77
N SER C 248 24.72 -0.42 -8.76
CA SER C 248 24.43 0.33 -9.97
C SER C 248 23.55 1.54 -9.68
N GLN C 249 22.56 1.36 -8.80
CA GLN C 249 21.72 2.49 -8.40
C GLN C 249 22.54 3.55 -7.67
N GLN C 250 23.52 3.13 -6.86
CA GLN C 250 24.40 4.07 -6.20
C GLN C 250 25.22 4.87 -7.20
N CYS C 251 25.74 4.20 -8.24
CA CYS C 251 26.49 4.90 -9.28
C CYS C 251 25.60 5.90 -10.01
N LYS C 252 24.38 5.50 -10.35
CA LYS C 252 23.45 6.41 -11.02
C LYS C 252 23.11 7.60 -10.14
N LEU C 253 22.89 7.38 -8.85
CA LEU C 253 22.59 8.46 -7.93
C LEU C 253 23.78 9.40 -7.80
N PHE C 254 25.00 8.85 -7.77
CA PHE C 254 26.18 9.69 -7.70
C PHE C 254 26.30 10.59 -8.92
N ALA C 255 26.07 10.03 -10.11
CA ALA C 255 26.11 10.85 -11.32
C ALA C 255 25.03 11.93 -11.30
N LYS C 256 23.82 11.55 -10.87
CA LYS C 256 22.72 12.52 -10.82
C LYS C 256 23.02 13.64 -9.83
N ASP C 257 23.62 13.32 -8.68
CA ASP C 257 23.97 14.34 -7.70
C ASP C 257 25.09 15.24 -8.20
N LEU C 258 26.06 14.66 -8.92
CA LEU C 258 27.10 15.47 -9.53
C LEU C 258 26.50 16.48 -10.50
N LEU C 259 25.54 16.03 -11.31
CA LEU C 259 24.82 16.96 -12.18
C LEU C 259 24.01 17.97 -11.36
N ASP C 260 23.49 17.54 -10.21
CA ASP C 260 22.73 18.43 -9.34
C ASP C 260 23.59 19.57 -8.80
N GLN C 261 24.87 19.31 -8.55
CA GLN C 261 25.74 20.32 -7.97
C GLN C 261 26.04 21.48 -8.92
N ALA C 262 25.67 21.37 -10.19
CA ALA C 262 25.91 22.45 -11.14
C ALA C 262 25.22 23.72 -10.68
N ARG C 263 25.95 24.84 -10.74
CA ARG C 263 25.45 26.11 -10.24
C ARG C 263 25.19 27.15 -11.32
N SER C 264 25.60 26.89 -12.56
CA SER C 264 25.39 27.83 -13.65
C SER C 264 25.15 27.07 -14.94
N SER C 265 24.55 27.75 -15.92
CA SER C 265 24.29 27.14 -17.21
C SER C 265 25.58 26.84 -17.96
N ARG C 266 26.60 27.68 -17.80
CA ARG C 266 27.87 27.44 -18.48
C ARG C 266 28.49 26.11 -18.04
N GLU C 267 28.47 25.84 -16.74
CA GLU C 267 28.98 24.56 -16.25
C GLU C 267 28.17 23.40 -16.80
N LEU C 268 26.84 23.55 -16.88
CA LEU C 268 26.00 22.48 -17.42
C LEU C 268 26.32 22.20 -18.88
N GLU C 269 26.50 23.26 -19.68
CA GLU C 269 26.88 23.06 -21.08
C GLU C 269 28.26 22.43 -21.21
N ILE C 270 29.18 22.81 -20.32
CA ILE C 270 30.50 22.19 -20.33
C ILE C 270 30.40 20.70 -20.04
N ILE C 271 29.59 20.33 -19.05
CA ILE C 271 29.44 18.92 -18.69
C ILE C 271 28.80 18.15 -19.83
N LEU C 272 27.68 18.65 -20.35
CA LEU C 272 26.88 17.86 -21.28
C LEU C 272 27.49 17.79 -22.68
N ASN C 273 28.25 18.80 -23.08
CA ASN C 273 28.85 18.83 -24.41
C ASN C 273 30.26 18.25 -24.43
N HIS C 274 30.74 17.72 -23.31
CA HIS C 274 32.10 17.18 -23.25
C HIS C 274 32.18 15.84 -23.96
N ARG C 275 33.18 15.71 -24.83
CA ARG C 275 33.46 14.45 -25.52
C ARG C 275 34.69 13.81 -24.90
N ASP C 276 34.55 12.55 -24.49
CA ASP C 276 35.69 11.84 -23.91
C ASP C 276 36.82 11.69 -24.92
N ASP C 277 36.49 11.38 -26.16
CA ASP C 277 37.50 11.24 -27.22
C ASP C 277 38.01 12.61 -27.66
N ASP C 289 26.73 18.22 -30.60
CA ASP C 289 26.81 18.62 -29.21
C ASP C 289 26.07 17.63 -28.31
N LEU C 290 26.06 17.92 -27.00
CA LEU C 290 25.43 17.06 -26.00
C LEU C 290 25.98 15.63 -26.07
N ALA C 291 27.30 15.53 -26.21
CA ALA C 291 27.94 14.22 -26.32
C ALA C 291 27.77 13.41 -25.04
N LYS C 292 27.99 14.04 -23.89
CA LYS C 292 27.88 13.31 -22.62
C LYS C 292 26.42 12.94 -22.32
N LEU C 293 25.47 13.77 -22.76
CA LEU C 293 24.07 13.40 -22.61
C LEU C 293 23.72 12.20 -23.47
N LYS C 294 24.28 12.13 -24.68
CA LYS C 294 24.08 10.95 -25.51
C LYS C 294 24.72 9.72 -24.89
N VAL C 295 25.88 9.88 -24.25
CA VAL C 295 26.50 8.78 -23.54
C VAL C 295 25.62 8.31 -22.38
N ALA C 296 25.03 9.27 -21.66
CA ALA C 296 24.12 8.92 -20.57
C ALA C 296 22.90 8.18 -21.08
N ILE C 297 22.37 8.60 -22.22
CA ILE C 297 21.23 7.91 -22.82
C ILE C 297 21.63 6.50 -23.25
N LYS C 298 22.86 6.35 -23.75
CA LYS C 298 23.33 5.03 -24.16
C LYS C 298 23.38 4.07 -22.98
N TYR C 299 23.83 4.54 -21.82
CA TYR C 299 23.89 3.72 -20.61
C TYR C 299 22.59 3.72 -19.83
N HIS C 300 21.53 4.32 -20.39
CA HIS C 300 20.20 4.36 -19.75
C HIS C 300 20.28 4.99 -18.36
N GLN C 301 21.01 6.09 -18.24
CA GLN C 301 21.11 6.84 -17.00
C GLN C 301 19.90 7.77 -16.89
N LYS C 302 18.76 7.16 -16.57
CA LYS C 302 17.48 7.87 -16.59
C LYS C 302 17.44 8.98 -15.55
N GLU C 303 17.97 8.73 -14.35
CA GLU C 303 17.99 9.77 -13.32
C GLU C 303 18.88 10.93 -13.73
N PHE C 304 20.04 10.65 -14.32
CA PHE C 304 20.92 11.72 -14.79
C PHE C 304 20.25 12.52 -15.89
N VAL C 305 19.57 11.85 -16.82
CA VAL C 305 18.94 12.54 -17.94
C VAL C 305 17.75 13.37 -17.47
N ALA C 306 16.96 12.83 -16.54
CA ALA C 306 15.76 13.51 -16.05
C ALA C 306 16.07 14.59 -15.03
N GLN C 307 17.33 15.01 -14.91
CA GLN C 307 17.68 16.07 -13.99
C GLN C 307 17.02 17.38 -14.42
N PRO C 308 16.51 18.18 -13.47
CA PRO C 308 15.78 19.40 -13.86
C PRO C 308 16.58 20.37 -14.71
N ASN C 309 17.87 20.55 -14.42
CA ASN C 309 18.66 21.49 -15.22
C ASN C 309 18.93 20.94 -16.62
N CYS C 310 19.23 19.65 -16.72
CA CYS C 310 19.42 19.04 -18.04
C CYS C 310 18.12 19.10 -18.85
N GLN C 311 16.99 18.85 -18.21
CA GLN C 311 15.70 18.96 -18.89
C GLN C 311 15.41 20.41 -19.29
N GLN C 312 15.82 21.38 -18.47
CA GLN C 312 15.65 22.78 -18.84
C GLN C 312 16.45 23.12 -20.08
N LEU C 313 17.71 22.67 -20.14
CA LEU C 313 18.53 22.89 -21.32
C LEU C 313 17.94 22.20 -22.55
N LEU C 314 17.45 20.97 -22.36
CA LEU C 314 16.84 20.24 -23.47
C LEU C 314 15.58 20.93 -23.97
N ALA C 315 14.78 21.49 -23.06
CA ALA C 315 13.61 22.24 -23.48
C ALA C 315 13.98 23.53 -24.19
N THR C 316 15.06 24.19 -23.75
CA THR C 316 15.53 25.39 -24.43
C THR C 316 15.97 25.06 -25.86
N LEU C 317 16.68 23.95 -26.04
CA LEU C 317 17.07 23.53 -27.38
C LEU C 317 15.86 23.05 -28.19
N TRP C 318 14.86 22.48 -27.52
CA TRP C 318 13.71 21.92 -28.21
C TRP C 318 12.82 23.01 -28.79
N TYR C 319 12.51 24.04 -28.00
CA TYR C 319 11.72 25.18 -28.45
C TYR C 319 12.64 26.29 -28.97
N ASP C 320 13.37 25.95 -30.03
CA ASP C 320 14.33 26.89 -30.60
C ASP C 320 13.63 28.12 -31.17
N GLY C 321 12.56 27.90 -31.93
CA GLY C 321 11.86 29.02 -32.55
C GLY C 321 11.13 29.91 -31.56
N PHE C 322 10.51 29.30 -30.55
CA PHE C 322 9.68 30.05 -29.61
C PHE C 322 10.43 30.24 -28.31
N PRO C 323 10.89 31.45 -27.98
CA PRO C 323 11.57 31.66 -26.70
C PRO C 323 10.64 31.64 -25.50
N GLY C 324 9.33 31.82 -25.71
CA GLY C 324 8.39 31.87 -24.61
C GLY C 324 7.24 30.89 -24.75
N TRP C 325 7.52 29.71 -25.30
CA TRP C 325 6.48 28.69 -25.44
C TRP C 325 5.97 28.24 -24.08
N ARG C 326 6.83 28.24 -23.05
CA ARG C 326 6.42 27.78 -21.73
C ARG C 326 5.30 28.63 -21.17
N ARG C 327 5.40 29.96 -21.30
CA ARG C 327 4.38 30.88 -20.83
C ARG C 327 3.49 31.31 -21.98
N LYS C 328 2.61 30.38 -22.40
CA LYS C 328 1.65 30.64 -23.46
C LYS C 328 0.36 29.92 -23.14
N HIS C 329 -0.76 30.54 -23.54
CA HIS C 329 -2.07 29.97 -23.29
C HIS C 329 -2.30 28.77 -24.21
N TRP C 330 -3.05 27.79 -23.71
CA TRP C 330 -3.21 26.52 -24.42
C TRP C 330 -3.84 26.72 -25.80
N VAL C 331 -4.76 27.68 -25.92
CA VAL C 331 -5.37 27.97 -27.22
C VAL C 331 -4.31 28.46 -28.20
N VAL C 332 -3.40 29.32 -27.73
CA VAL C 332 -2.34 29.83 -28.59
C VAL C 332 -1.44 28.70 -29.05
N LYS C 333 -1.08 27.79 -28.13
CA LYS C 333 -0.24 26.65 -28.50
C LYS C 333 -0.93 25.78 -29.53
N LEU C 334 -2.22 25.50 -29.33
CA LEU C 334 -2.97 24.66 -30.25
C LEU C 334 -3.06 25.32 -31.63
N LEU C 335 -3.33 26.62 -31.67
CA LEU C 335 -3.41 27.32 -32.95
C LEU C 335 -2.07 27.32 -33.67
N THR C 336 -0.98 27.56 -32.94
CA THR C 336 0.34 27.53 -33.56
C THR C 336 0.67 26.15 -34.10
N CYS C 337 0.35 25.11 -33.33
CA CYS C 337 0.62 23.74 -33.78
C CYS C 337 -0.17 23.42 -35.03
N MET C 338 -1.46 23.78 -35.07
CA MET C 338 -2.27 23.53 -36.26
C MET C 338 -1.74 24.32 -37.46
N THR C 339 -1.33 25.56 -37.24
CA THR C 339 -0.81 26.38 -38.34
C THR C 339 0.46 25.77 -38.91
N ILE C 340 1.37 25.33 -38.04
CA ILE C 340 2.61 24.72 -38.52
C ILE C 340 2.34 23.39 -39.21
N GLY C 341 1.38 22.62 -38.69
CA GLY C 341 1.03 21.36 -39.32
C GLY C 341 0.44 21.55 -40.70
N PHE C 342 -0.42 22.54 -40.86
CA PHE C 342 -0.98 22.84 -42.18
C PHE C 342 0.10 23.34 -43.13
N LEU C 343 1.08 24.07 -42.59
CA LEU C 343 2.16 24.64 -43.39
C LEU C 343 3.32 23.68 -43.61
N PHE C 344 3.21 22.43 -43.14
CA PHE C 344 4.30 21.47 -43.28
C PHE C 344 4.73 21.22 -44.73
N PRO C 345 3.82 21.10 -45.72
CA PRO C 345 4.32 20.89 -47.09
C PRO C 345 5.16 22.05 -47.60
N MET C 346 4.74 23.29 -47.33
CA MET C 346 5.51 24.44 -47.80
C MET C 346 6.87 24.51 -47.11
N LEU C 347 6.91 24.21 -45.81
CA LEU C 347 8.19 24.18 -45.11
C LEU C 347 9.12 23.12 -45.68
N SER C 348 8.59 21.93 -45.96
CA SER C 348 9.41 20.88 -46.54
C SER C 348 9.93 21.27 -47.92
N ILE C 349 9.07 21.87 -48.75
CA ILE C 349 9.50 22.30 -50.08
C ILE C 349 10.55 23.40 -49.98
N ALA C 350 10.37 24.33 -49.03
CA ALA C 350 11.34 25.39 -48.85
C ALA C 350 12.69 24.84 -48.43
N TYR C 351 12.71 23.87 -47.51
CA TYR C 351 13.95 23.23 -47.13
C TYR C 351 14.58 22.50 -48.31
N LEU C 352 13.75 21.85 -49.14
CA LEU C 352 14.26 21.13 -50.29
C LEU C 352 14.93 22.07 -51.29
N ILE C 353 14.30 23.21 -51.56
CA ILE C 353 14.81 24.12 -52.58
C ILE C 353 15.94 24.99 -52.02
N SER C 354 15.63 25.80 -51.01
CA SER C 354 16.58 26.74 -50.43
C SER C 354 16.70 26.48 -48.94
N PRO C 355 17.67 25.66 -48.51
CA PRO C 355 17.85 25.41 -47.08
C PRO C 355 18.22 26.65 -46.28
N ARG C 356 18.76 27.68 -46.92
CA ARG C 356 19.17 28.92 -46.24
C ARG C 356 18.20 30.02 -46.63
N SER C 357 17.19 30.24 -45.78
CA SER C 357 16.18 31.29 -45.99
C SER C 357 15.40 31.43 -44.69
N ASN C 358 14.42 32.33 -44.70
CA ASN C 358 13.56 32.51 -43.54
C ASN C 358 12.72 31.27 -43.26
N LEU C 359 12.34 30.54 -44.31
CA LEU C 359 11.56 29.32 -44.15
C LEU C 359 12.37 28.05 -44.42
N GLY C 360 13.54 28.16 -45.05
CA GLY C 360 14.32 26.97 -45.33
C GLY C 360 14.84 26.28 -44.09
N LEU C 361 15.36 27.05 -43.13
CA LEU C 361 15.87 26.50 -41.89
C LEU C 361 14.84 26.52 -40.77
N PHE C 362 13.61 26.93 -41.06
CA PHE C 362 12.57 26.91 -40.04
C PHE C 362 12.24 25.48 -39.64
N ILE C 363 12.18 24.57 -40.60
CA ILE C 363 11.90 23.17 -40.29
C ILE C 363 13.09 22.50 -39.62
N LYS C 364 14.27 23.12 -39.67
CA LYS C 364 15.44 22.56 -38.99
C LYS C 364 15.29 22.59 -37.48
N LYS C 365 14.39 23.43 -36.96
CA LYS C 365 14.17 23.49 -35.53
C LYS C 365 13.52 22.20 -35.03
N PRO C 366 13.97 21.66 -33.90
CA PRO C 366 13.47 20.34 -33.47
C PRO C 366 11.96 20.28 -33.26
N PHE C 367 11.36 21.32 -32.69
CA PHE C 367 9.91 21.30 -32.47
C PHE C 367 9.16 21.50 -33.77
N ILE C 368 9.65 22.37 -34.66
CA ILE C 368 9.06 22.53 -35.97
C ILE C 368 9.14 21.22 -36.75
N LYS C 369 10.30 20.56 -36.68
CA LYS C 369 10.46 19.27 -37.33
C LYS C 369 9.49 18.23 -36.79
N PHE C 370 9.33 18.20 -35.46
CA PHE C 370 8.40 17.25 -34.86
C PHE C 370 6.96 17.52 -35.31
N ILE C 371 6.57 18.79 -35.35
CA ILE C 371 5.22 19.14 -35.80
C ILE C 371 5.02 18.76 -37.25
N CYS C 372 6.02 19.02 -38.10
CA CYS C 372 5.90 18.67 -39.52
C CYS C 372 5.79 17.17 -39.71
N HIS C 373 6.59 16.39 -38.98
CA HIS C 373 6.52 14.93 -39.11
C HIS C 373 5.18 14.40 -38.61
N THR C 374 4.68 14.96 -37.50
CA THR C 374 3.37 14.55 -37.00
C THR C 374 2.27 14.88 -38.00
N ALA C 375 2.35 16.06 -38.62
CA ALA C 375 1.36 16.43 -39.62
C ALA C 375 1.43 15.51 -40.83
N SER C 376 2.63 15.15 -41.27
CA SER C 376 2.76 14.23 -42.39
C SER C 376 2.17 12.87 -42.07
N TYR C 377 2.43 12.37 -40.86
CA TYR C 377 1.89 11.06 -40.50
C TYR C 377 0.37 11.11 -40.35
N LEU C 378 -0.16 12.22 -39.82
CA LEU C 378 -1.61 12.38 -39.72
C LEU C 378 -2.25 12.46 -41.11
N THR C 379 -1.57 13.12 -42.05
CA THR C 379 -2.06 13.13 -43.43
C THR C 379 -2.05 11.73 -44.03
N PHE C 380 -1.01 10.95 -43.73
CA PHE C 380 -0.98 9.57 -44.19
C PHE C 380 -2.14 8.76 -43.62
N LEU C 381 -2.44 8.94 -42.34
CA LEU C 381 -3.55 8.20 -41.73
C LEU C 381 -4.88 8.67 -42.29
N PHE C 382 -5.03 9.96 -42.56
CA PHE C 382 -6.25 10.46 -43.19
C PHE C 382 -6.42 9.88 -44.58
N MET C 383 -5.32 9.75 -45.34
CA MET C 383 -5.38 9.12 -46.65
C MET C 383 -5.72 7.63 -46.53
N LEU C 384 -5.24 6.96 -45.50
CA LEU C 384 -5.64 5.57 -45.26
C LEU C 384 -7.15 5.49 -45.02
N LEU C 385 -7.67 6.40 -44.20
CA LEU C 385 -9.12 6.42 -43.94
C LEU C 385 -9.91 6.69 -45.21
N LEU C 386 -9.40 7.61 -46.05
CA LEU C 386 -10.06 7.88 -47.33
C LEU C 386 -10.01 6.66 -48.23
N ALA C 387 -8.90 5.92 -48.23
CA ALA C 387 -8.82 4.68 -48.98
C ALA C 387 -9.85 3.68 -48.49
N SER C 388 -10.11 3.66 -47.18
CA SER C 388 -11.17 2.82 -46.65
C SER C 388 -12.54 3.20 -47.21
N GLN C 389 -12.72 4.48 -47.55
CA GLN C 389 -13.99 4.95 -48.12
C GLN C 389 -14.14 4.48 -49.57
N LEU C 396 -15.07 -3.23 -57.72
CA LEU C 396 -15.45 -4.18 -56.69
C LEU C 396 -15.47 -5.60 -57.23
N HIS C 397 -15.43 -5.73 -58.56
CA HIS C 397 -15.44 -7.04 -59.20
C HIS C 397 -14.31 -7.16 -60.22
N VAL C 398 -13.32 -6.29 -60.16
CA VAL C 398 -12.18 -6.34 -61.08
C VAL C 398 -11.05 -7.10 -60.40
N GLN C 399 -10.60 -8.18 -61.03
CA GLN C 399 -9.46 -8.93 -60.52
C GLN C 399 -8.18 -8.18 -60.85
N GLY C 400 -7.47 -7.75 -59.81
CA GLY C 400 -6.27 -6.96 -59.98
C GLY C 400 -6.55 -5.61 -60.61
N PRO C 401 -7.29 -4.75 -59.91
CA PRO C 401 -7.60 -3.42 -60.45
C PRO C 401 -6.41 -2.49 -60.32
N PRO C 402 -6.32 -1.47 -61.17
CA PRO C 402 -5.26 -0.48 -61.00
C PRO C 402 -5.47 0.30 -59.72
N PRO C 403 -4.39 0.75 -59.06
CA PRO C 403 -4.56 1.52 -57.83
C PRO C 403 -5.30 2.82 -58.09
N THR C 404 -6.11 3.21 -57.11
CA THR C 404 -6.90 4.43 -57.22
C THR C 404 -6.02 5.65 -56.96
N VAL C 405 -6.64 6.84 -57.01
CA VAL C 405 -5.91 8.06 -56.74
C VAL C 405 -5.42 8.09 -55.30
N VAL C 406 -6.23 7.56 -54.37
CA VAL C 406 -5.83 7.53 -52.97
C VAL C 406 -4.62 6.63 -52.77
N GLU C 407 -4.62 5.45 -53.41
CA GLU C 407 -3.46 4.57 -53.31
C GLU C 407 -2.24 5.17 -53.98
N TRP C 408 -2.44 5.86 -55.10
CA TRP C 408 -1.33 6.54 -55.77
C TRP C 408 -0.73 7.62 -54.87
N MET C 409 -1.57 8.33 -54.12
CA MET C 409 -1.06 9.32 -53.17
C MET C 409 -0.41 8.66 -51.96
N ILE C 410 -0.89 7.48 -51.56
CA ILE C 410 -0.33 6.77 -50.43
C ILE C 410 1.07 6.26 -50.75
N LEU C 411 1.28 5.80 -51.99
CA LEU C 411 2.53 5.16 -52.38
C LEU C 411 3.78 5.97 -52.05
N PRO C 412 3.88 7.27 -52.33
CA PRO C 412 5.09 8.01 -51.93
C PRO C 412 5.29 8.02 -50.42
N TRP C 413 4.23 8.04 -49.62
CA TRP C 413 4.39 7.95 -48.18
C TRP C 413 5.00 6.62 -47.76
N VAL C 414 4.54 5.52 -48.37
CA VAL C 414 5.09 4.21 -48.05
C VAL C 414 6.56 4.14 -48.47
N LEU C 415 6.89 4.66 -49.65
CA LEU C 415 8.27 4.69 -50.08
C LEU C 415 9.13 5.52 -49.15
N GLY C 416 8.60 6.65 -48.67
CA GLY C 416 9.33 7.46 -47.72
C GLY C 416 9.56 6.75 -46.40
N PHE C 417 8.55 6.02 -45.92
CA PHE C 417 8.72 5.26 -44.69
C PHE C 417 9.80 4.19 -44.86
N ILE C 418 9.78 3.48 -45.99
CA ILE C 418 10.78 2.43 -46.24
C ILE C 418 12.17 3.04 -46.33
N TRP C 419 12.29 4.16 -47.05
CA TRP C 419 13.59 4.80 -47.20
C TRP C 419 14.11 5.33 -45.86
N GLY C 420 13.22 5.89 -45.03
CA GLY C 420 13.63 6.32 -43.71
C GLY C 420 14.06 5.16 -42.84
N GLU C 421 13.38 4.02 -42.95
CA GLU C 421 13.79 2.83 -42.22
C GLU C 421 15.20 2.39 -42.61
N ILE C 422 15.45 2.26 -43.92
CA ILE C 422 16.76 1.80 -44.35
C ILE C 422 17.83 2.87 -44.06
N LYS C 423 17.45 4.14 -44.07
CA LYS C 423 18.41 5.19 -43.72
C LYS C 423 18.75 5.16 -42.23
N GLU C 424 17.77 4.85 -41.38
CA GLU C 424 18.07 4.64 -39.96
C GLU C 424 18.98 3.44 -39.77
N MET C 425 18.76 2.36 -40.53
CA MET C 425 19.67 1.24 -40.50
C MET C 425 21.08 1.66 -40.89
N TRP C 426 21.21 2.46 -41.95
CA TRP C 426 22.52 2.84 -42.46
C TRP C 426 23.24 3.79 -41.50
N ASP C 427 22.51 4.72 -40.88
CA ASP C 427 23.12 5.75 -40.04
C ASP C 427 23.32 5.27 -38.61
N GLY C 428 22.23 4.91 -37.93
CA GLY C 428 22.34 4.51 -36.54
C GLY C 428 22.95 3.14 -36.33
N GLY C 429 23.00 2.32 -37.36
CA GLY C 429 23.51 0.97 -37.28
C GLY C 429 22.40 -0.04 -37.11
N PHE C 430 22.80 -1.31 -37.14
CA PHE C 430 21.85 -2.41 -36.99
C PHE C 430 21.49 -2.69 -35.54
N THR C 431 22.48 -2.63 -34.64
CA THR C 431 22.23 -2.93 -33.24
C THR C 431 21.29 -1.90 -32.60
N GLU C 432 21.50 -0.62 -32.91
CA GLU C 432 20.66 0.41 -32.31
C GLU C 432 19.21 0.32 -32.78
N TYR C 433 19.01 0.00 -34.06
CA TYR C 433 17.66 -0.08 -34.60
C TYR C 433 16.86 -1.20 -33.93
N ILE C 434 17.46 -2.39 -33.81
CA ILE C 434 16.71 -3.55 -33.35
C ILE C 434 16.37 -3.46 -31.87
N HIS C 435 17.06 -2.60 -31.12
CA HIS C 435 16.73 -2.43 -29.70
C HIS C 435 15.34 -1.85 -29.52
N ASP C 436 14.98 -0.86 -30.34
CA ASP C 436 13.65 -0.26 -30.25
C ASP C 436 12.59 -1.23 -30.74
N TRP C 437 11.45 -1.24 -30.05
CA TRP C 437 10.32 -2.07 -30.44
C TRP C 437 9.37 -1.35 -31.39
N TRP C 438 9.29 -0.02 -31.28
CA TRP C 438 8.61 0.76 -32.31
C TRP C 438 9.30 0.57 -33.66
N ASN C 439 10.60 0.35 -33.66
CA ASN C 439 11.30 0.00 -34.89
C ASN C 439 10.83 -1.35 -35.42
N LEU C 440 10.58 -2.30 -34.53
CA LEU C 440 10.03 -3.59 -34.95
C LEU C 440 8.64 -3.42 -35.56
N MET C 441 7.81 -2.59 -34.93
CA MET C 441 6.48 -2.32 -35.49
C MET C 441 6.57 -1.65 -36.84
N ASP C 442 7.50 -0.70 -36.99
CA ASP C 442 7.69 -0.05 -38.29
C ASP C 442 8.16 -1.05 -39.35
N PHE C 443 9.06 -1.96 -38.97
CA PHE C 443 9.50 -2.99 -39.91
C PHE C 443 8.34 -3.88 -40.33
N ALA C 444 7.51 -4.30 -39.39
CA ALA C 444 6.36 -5.13 -39.73
C ALA C 444 5.41 -4.38 -40.65
N MET C 445 5.12 -3.12 -40.35
CA MET C 445 4.20 -2.34 -41.17
C MET C 445 4.76 -2.12 -42.58
N ASN C 446 6.05 -1.82 -42.69
CA ASN C 446 6.66 -1.61 -44.00
C ASN C 446 6.71 -2.89 -44.81
N SER C 447 7.00 -4.01 -44.16
CA SER C 447 6.98 -5.30 -44.86
C SER C 447 5.58 -5.63 -45.34
N LEU C 448 4.56 -5.33 -44.53
CA LEU C 448 3.18 -5.57 -44.94
C LEU C 448 2.80 -4.68 -46.13
N TYR C 449 3.24 -3.41 -46.12
CA TYR C 449 2.98 -2.54 -47.25
C TYR C 449 3.69 -3.01 -48.51
N LEU C 450 4.94 -3.48 -48.37
CA LEU C 450 5.66 -4.01 -49.53
C LEU C 450 4.96 -5.25 -50.09
N ALA C 451 4.51 -6.14 -49.20
CA ALA C 451 3.78 -7.32 -49.64
C ALA C 451 2.47 -6.93 -50.33
N THR C 452 1.79 -5.91 -49.81
CA THR C 452 0.56 -5.44 -50.45
C THR C 452 0.85 -4.91 -51.85
N ILE C 453 1.92 -4.12 -52.00
CA ILE C 453 2.26 -3.57 -53.31
C ILE C 453 2.60 -4.71 -54.28
N SER C 454 3.39 -5.67 -53.81
CA SER C 454 3.77 -6.79 -54.67
C SER C 454 2.55 -7.62 -55.09
N LEU C 455 1.64 -7.86 -54.15
CA LEU C 455 0.44 -8.62 -54.48
C LEU C 455 -0.47 -7.86 -55.43
N LYS C 456 -0.57 -6.54 -55.25
CA LYS C 456 -1.35 -5.73 -56.20
C LYS C 456 -0.75 -5.78 -57.59
N ILE C 457 0.58 -5.71 -57.70
CA ILE C 457 1.24 -5.81 -59.00
C ILE C 457 0.98 -7.19 -59.61
N VAL C 458 1.10 -8.24 -58.81
CA VAL C 458 0.88 -9.60 -59.31
C VAL C 458 -0.55 -9.76 -59.81
N ALA C 459 -1.52 -9.26 -59.04
CA ALA C 459 -2.91 -9.35 -59.45
C ALA C 459 -3.18 -8.54 -60.72
N TYR C 460 -2.55 -7.37 -60.84
CA TYR C 460 -2.71 -6.56 -62.04
C TYR C 460 -2.15 -7.26 -63.26
N VAL C 461 -0.99 -7.91 -63.14
CA VAL C 461 -0.34 -8.51 -64.29
C VAL C 461 -0.86 -9.91 -64.62
N LYS C 462 -1.49 -10.60 -63.67
CA LYS C 462 -1.98 -11.94 -63.90
C LYS C 462 -3.51 -12.01 -63.95
N TYR C 463 -4.20 -10.87 -63.92
CA TYR C 463 -5.65 -10.85 -64.00
C TYR C 463 -6.09 -9.63 -64.78
N ASN C 464 -6.96 -9.83 -65.75
CA ASN C 464 -7.46 -8.75 -66.61
C ASN C 464 -8.97 -8.62 -66.60
N GLY C 465 -9.70 -9.74 -66.56
CA GLY C 465 -11.14 -9.69 -66.64
C GLY C 465 -11.78 -9.19 -65.36
N SER C 466 -13.10 -9.03 -65.43
CA SER C 466 -13.91 -8.54 -64.32
C SER C 466 -14.85 -9.66 -63.88
N ARG C 467 -14.37 -10.53 -62.99
CA ARG C 467 -15.13 -11.63 -62.44
C ARG C 467 -15.74 -11.22 -61.10
N PRO C 468 -17.02 -11.52 -60.85
CA PRO C 468 -17.63 -11.14 -59.58
C PRO C 468 -16.89 -11.75 -58.40
N ARG C 469 -16.81 -10.99 -57.31
CA ARG C 469 -15.99 -11.37 -56.17
C ARG C 469 -16.50 -12.63 -55.48
N GLU C 470 -17.77 -12.97 -55.67
CA GLU C 470 -18.33 -14.14 -54.97
C GLU C 470 -17.68 -15.44 -55.43
N GLU C 471 -17.18 -15.49 -56.66
CA GLU C 471 -16.57 -16.71 -57.19
C GLU C 471 -15.05 -16.63 -57.22
N TRP C 472 -14.45 -15.65 -56.55
CA TRP C 472 -13.00 -15.59 -56.48
C TRP C 472 -12.45 -16.72 -55.64
N GLU C 473 -11.18 -17.05 -55.89
CA GLU C 473 -10.49 -18.06 -55.09
C GLU C 473 -10.28 -17.55 -53.67
N MET C 474 -10.17 -18.48 -52.72
CA MET C 474 -9.94 -18.11 -51.33
C MET C 474 -8.62 -17.38 -51.16
N TRP C 475 -7.59 -17.83 -51.87
CA TRP C 475 -6.27 -17.19 -51.84
C TRP C 475 -6.05 -16.29 -53.06
N HIS C 476 -7.11 -15.61 -53.51
CA HIS C 476 -6.97 -14.68 -54.62
C HIS C 476 -6.00 -13.57 -54.23
N PRO C 477 -5.11 -13.15 -55.15
CA PRO C 477 -4.13 -12.11 -54.78
C PRO C 477 -4.76 -10.81 -54.32
N THR C 478 -5.89 -10.43 -54.91
CA THR C 478 -6.55 -9.18 -54.50
C THR C 478 -7.03 -9.25 -53.06
N LEU C 479 -7.62 -10.39 -52.67
CA LEU C 479 -8.10 -10.55 -51.30
C LEU C 479 -6.96 -10.50 -50.29
N ILE C 480 -5.86 -11.19 -50.59
CA ILE C 480 -4.72 -11.18 -49.68
C ILE C 480 -4.10 -9.80 -49.60
N ALA C 481 -4.03 -9.10 -50.74
CA ALA C 481 -3.52 -7.73 -50.74
C ALA C 481 -4.39 -6.82 -49.89
N GLU C 482 -5.71 -6.95 -50.00
CA GLU C 482 -6.61 -6.15 -49.18
C GLU C 482 -6.44 -6.46 -47.70
N ALA C 483 -6.29 -7.74 -47.35
CA ALA C 483 -6.11 -8.11 -45.95
C ALA C 483 -4.81 -7.53 -45.39
N LEU C 484 -3.72 -7.65 -46.17
CA LEU C 484 -2.45 -7.10 -45.71
C LEU C 484 -2.51 -5.59 -45.61
N PHE C 485 -3.20 -4.93 -46.54
CA PHE C 485 -3.35 -3.48 -46.47
C PHE C 485 -4.15 -3.07 -45.23
N ALA C 486 -5.18 -3.82 -44.88
CA ALA C 486 -5.96 -3.51 -43.69
C ALA C 486 -5.13 -3.69 -42.42
N ILE C 487 -4.34 -4.77 -42.36
CA ILE C 487 -3.47 -4.97 -41.21
C ILE C 487 -2.43 -3.85 -41.12
N SER C 488 -1.90 -3.43 -42.27
CA SER C 488 -0.95 -2.33 -42.31
C SER C 488 -1.60 -1.04 -41.83
N ASN C 489 -2.86 -0.82 -42.20
CA ASN C 489 -3.59 0.36 -41.72
C ASN C 489 -3.73 0.32 -40.21
N ILE C 490 -4.05 -0.85 -39.66
CA ILE C 490 -4.16 -0.98 -38.20
C ILE C 490 -2.83 -0.63 -37.54
N LEU C 491 -1.74 -1.19 -38.06
CA LEU C 491 -0.43 -0.93 -37.48
C LEU C 491 -0.03 0.54 -37.60
N SER C 492 -0.31 1.14 -38.75
CA SER C 492 0.03 2.55 -38.96
C SER C 492 -0.75 3.44 -38.01
N SER C 493 -2.03 3.16 -37.81
CA SER C 493 -2.82 3.96 -36.89
C SER C 493 -2.40 3.74 -35.44
N LEU C 494 -1.98 2.52 -35.09
CA LEU C 494 -1.48 2.26 -33.74
C LEU C 494 -0.09 2.85 -33.51
N ARG C 495 0.64 3.16 -34.58
CA ARG C 495 1.94 3.81 -34.44
C ARG C 495 1.84 5.18 -33.78
N LEU C 496 0.66 5.78 -33.74
CA LEU C 496 0.49 7.08 -33.10
C LEU C 496 0.76 7.03 -31.60
N ILE C 497 0.74 5.85 -30.99
CA ILE C 497 0.94 5.75 -29.55
C ILE C 497 2.34 6.20 -29.16
N SER C 498 3.31 6.05 -30.07
CA SER C 498 4.67 6.49 -29.78
C SER C 498 4.74 8.01 -29.60
N LEU C 499 3.82 8.75 -30.23
CA LEU C 499 3.79 10.20 -30.08
C LEU C 499 3.25 10.64 -28.72
N PHE C 500 2.69 9.72 -27.93
CA PHE C 500 2.24 10.07 -26.59
C PHE C 500 3.38 10.50 -25.68
N THR C 501 4.62 10.13 -26.03
CA THR C 501 5.76 10.45 -25.18
C THR C 501 5.96 11.96 -25.06
N ALA C 502 5.73 12.70 -26.15
CA ALA C 502 5.96 14.14 -26.15
C ALA C 502 4.96 14.90 -25.29
N ASN C 503 3.89 14.27 -24.84
CA ASN C 503 2.87 14.93 -24.04
C ASN C 503 3.09 14.68 -22.55
N SER C 504 2.73 15.66 -21.73
CA SER C 504 2.94 15.54 -20.29
C SER C 504 1.97 14.58 -19.64
N HIS C 505 0.76 14.44 -20.20
CA HIS C 505 -0.25 13.58 -19.62
C HIS C 505 -0.23 12.18 -20.23
N LEU C 506 -0.07 12.08 -21.55
CA LEU C 506 -0.08 10.78 -22.22
C LEU C 506 1.26 10.07 -22.14
N GLY C 507 2.33 10.76 -21.75
CA GLY C 507 3.64 10.18 -21.68
C GLY C 507 3.78 9.09 -20.61
N PRO C 508 3.58 9.47 -19.34
CA PRO C 508 3.62 8.46 -18.28
C PRO C 508 2.58 7.37 -18.45
N LEU C 509 1.44 7.69 -19.07
CA LEU C 509 0.46 6.65 -19.38
C LEU C 509 1.05 5.62 -20.35
N GLN C 510 1.72 6.11 -21.40
CA GLN C 510 2.37 5.20 -22.35
C GLN C 510 3.46 4.38 -21.67
N ILE C 511 4.21 5.01 -20.77
CA ILE C 511 5.23 4.28 -20.01
C ILE C 511 4.59 3.17 -19.18
N SER C 512 3.45 3.48 -18.53
CA SER C 512 2.78 2.49 -17.70
C SER C 512 2.28 1.32 -18.54
N LEU C 513 1.68 1.60 -19.70
CA LEU C 513 1.26 0.52 -20.58
C LEU C 513 2.45 -0.32 -21.03
N GLY C 514 3.56 0.32 -21.37
CA GLY C 514 4.75 -0.42 -21.75
C GLY C 514 5.26 -1.32 -20.65
N ARG C 515 5.24 -0.83 -19.41
CA ARG C 515 5.70 -1.66 -18.29
C ARG C 515 4.76 -2.83 -18.04
N MET C 516 3.45 -2.61 -18.14
CA MET C 516 2.52 -3.71 -17.88
C MET C 516 2.39 -4.68 -19.04
N LEU C 517 2.86 -4.33 -20.24
CA LEU C 517 2.86 -5.31 -21.31
C LEU C 517 3.75 -6.50 -20.99
N LEU C 518 4.77 -6.31 -20.16
CA LEU C 518 5.60 -7.44 -19.72
C LEU C 518 4.77 -8.43 -18.90
N ASP C 519 3.96 -7.92 -17.97
CA ASP C 519 3.05 -8.79 -17.23
C ASP C 519 2.01 -9.42 -18.17
N ILE C 520 1.58 -8.67 -19.18
CA ILE C 520 0.67 -9.24 -20.18
C ILE C 520 1.29 -10.48 -20.82
N LEU C 521 2.56 -10.37 -21.23
CA LEU C 521 3.23 -11.50 -21.86
C LEU C 521 3.44 -12.66 -20.88
N LYS C 522 3.85 -12.34 -19.64
CA LYS C 522 4.08 -13.38 -18.65
C LYS C 522 2.81 -14.17 -18.37
N PHE C 523 1.69 -13.47 -18.23
CA PHE C 523 0.41 -14.15 -18.02
C PHE C 523 -0.05 -14.85 -19.29
N LEU C 524 0.25 -14.29 -20.46
CA LEU C 524 -0.16 -14.90 -21.73
C LEU C 524 0.50 -16.23 -21.96
N PHE C 525 1.74 -16.41 -21.47
CA PHE C 525 2.39 -17.72 -21.58
C PHE C 525 1.53 -18.81 -20.96
N ILE C 526 1.13 -18.64 -19.70
CA ILE C 526 0.37 -19.69 -19.04
C ILE C 526 -1.08 -19.71 -19.52
N TYR C 527 -1.60 -18.56 -19.99
CA TYR C 527 -2.92 -18.57 -20.62
C TYR C 527 -2.91 -19.45 -21.86
N CYS C 528 -1.87 -19.34 -22.68
CA CYS C 528 -1.74 -20.20 -23.86
C CYS C 528 -1.54 -21.66 -23.46
N LEU C 529 -0.80 -21.91 -22.38
CA LEU C 529 -0.64 -23.29 -21.92
C LEU C 529 -1.98 -23.91 -21.52
N VAL C 530 -2.76 -23.19 -20.71
CA VAL C 530 -4.07 -23.69 -20.30
C VAL C 530 -5.00 -23.82 -21.50
N LEU C 531 -4.93 -22.86 -22.42
CA LEU C 531 -5.73 -22.92 -23.63
C LEU C 531 -5.41 -24.16 -24.44
N LEU C 532 -4.11 -24.48 -24.60
CA LEU C 532 -3.72 -25.67 -25.34
C LEU C 532 -4.19 -26.93 -24.62
N ALA C 533 -4.07 -26.98 -23.30
CA ALA C 533 -4.53 -28.15 -22.56
C ALA C 533 -6.01 -28.39 -22.76
N PHE C 534 -6.83 -27.36 -22.55
CA PHE C 534 -8.27 -27.56 -22.66
C PHE C 534 -8.71 -27.74 -24.10
N ALA C 535 -8.02 -27.12 -25.06
CA ALA C 535 -8.33 -27.36 -26.46
C ALA C 535 -8.02 -28.79 -26.86
N ASN C 536 -6.90 -29.33 -26.38
CA ASN C 536 -6.57 -30.73 -26.62
C ASN C 536 -7.67 -31.63 -26.06
N GLY C 537 -8.08 -31.39 -24.82
CA GLY C 537 -9.12 -32.22 -24.23
C GLY C 537 -10.44 -32.14 -24.98
N LEU C 538 -10.88 -30.91 -25.28
CA LEU C 538 -12.17 -30.73 -25.93
C LEU C 538 -12.16 -31.30 -27.34
N ASN C 539 -11.07 -31.10 -28.09
CA ASN C 539 -10.99 -31.66 -29.43
C ASN C 539 -10.93 -33.18 -29.39
N GLN C 540 -10.17 -33.75 -28.44
CA GLN C 540 -10.14 -35.21 -28.29
C GLN C 540 -11.53 -35.75 -28.00
N LEU C 541 -12.34 -35.00 -27.24
CA LEU C 541 -13.70 -35.47 -26.97
C LEU C 541 -14.61 -35.31 -28.18
N TYR C 542 -14.50 -34.20 -28.90
CA TYR C 542 -15.53 -33.79 -29.85
C TYR C 542 -15.17 -34.05 -31.31
N PHE C 543 -13.98 -34.58 -31.62
CA PHE C 543 -13.64 -34.75 -33.02
C PHE C 543 -14.39 -35.90 -33.68
N TYR C 544 -15.03 -36.79 -32.91
CA TYR C 544 -15.83 -37.85 -33.50
C TYR C 544 -17.11 -37.32 -34.13
N TYR C 545 -17.60 -36.16 -33.70
CA TYR C 545 -18.86 -35.62 -34.15
C TYR C 545 -18.70 -34.48 -35.15
N GLU C 546 -17.54 -34.38 -35.80
CA GLU C 546 -17.35 -33.39 -36.84
C GLU C 546 -18.33 -33.64 -37.98
N THR C 547 -19.00 -32.58 -38.43
CA THR C 547 -20.01 -32.67 -39.46
C THR C 547 -19.62 -31.84 -40.68
N ARG C 548 -20.04 -32.29 -41.85
CA ARG C 548 -19.79 -31.55 -43.08
C ARG C 548 -20.57 -30.25 -43.10
N ALA C 549 -20.01 -29.25 -43.79
CA ALA C 549 -20.69 -27.96 -43.90
C ALA C 549 -22.03 -28.09 -44.62
N ILE C 550 -22.18 -29.07 -45.50
CA ILE C 550 -23.42 -29.24 -46.24
C ILE C 550 -24.57 -29.56 -45.28
N ASP C 551 -24.30 -30.36 -44.25
CA ASP C 551 -25.33 -30.74 -43.29
C ASP C 551 -25.76 -29.58 -42.40
N GLU C 552 -25.06 -28.46 -42.42
CA GLU C 552 -25.40 -27.32 -41.60
C GLU C 552 -26.58 -26.56 -42.19
N PRO C 553 -27.35 -25.86 -41.35
CA PRO C 553 -28.56 -25.17 -41.86
C PRO C 553 -28.29 -24.18 -42.98
N ASN C 554 -27.18 -23.45 -42.93
CA ASN C 554 -26.86 -22.43 -43.93
C ASN C 554 -25.57 -22.75 -44.67
N ASN C 555 -25.18 -24.02 -44.72
CA ASN C 555 -23.93 -24.45 -45.35
C ASN C 555 -22.73 -23.76 -44.71
N CYS C 556 -22.84 -23.40 -43.45
CA CYS C 556 -21.80 -22.69 -42.72
C CYS C 556 -21.26 -23.57 -41.60
N LYS C 557 -19.94 -23.78 -41.60
CA LYS C 557 -19.28 -24.62 -40.61
C LYS C 557 -18.33 -23.75 -39.80
N GLY C 558 -18.43 -23.85 -38.47
CA GLY C 558 -17.59 -23.11 -37.56
C GLY C 558 -18.40 -22.26 -36.61
N ILE C 559 -17.68 -21.47 -35.80
CA ILE C 559 -18.32 -20.61 -34.81
C ILE C 559 -18.59 -19.21 -35.32
N ARG C 560 -18.12 -18.86 -36.53
CA ARG C 560 -18.42 -17.57 -37.14
C ARG C 560 -19.74 -17.57 -37.88
N CYS C 561 -20.61 -18.55 -37.61
CA CYS C 561 -21.91 -18.66 -38.24
C CYS C 561 -22.99 -18.20 -37.26
N GLU C 562 -24.17 -17.90 -37.81
CA GLU C 562 -25.29 -17.46 -36.97
C GLU C 562 -25.67 -18.55 -35.97
N LYS C 563 -25.73 -19.80 -36.42
CA LYS C 563 -25.91 -20.95 -35.55
C LYS C 563 -24.56 -21.64 -35.43
N GLN C 564 -23.85 -21.38 -34.33
CA GLN C 564 -22.52 -21.92 -34.16
C GLN C 564 -22.54 -23.44 -34.12
N ASN C 565 -21.55 -24.06 -34.76
CA ASN C 565 -21.48 -25.50 -34.85
C ASN C 565 -20.02 -25.90 -35.06
N ASN C 566 -19.73 -27.18 -34.79
CA ASN C 566 -18.40 -27.75 -34.98
C ASN C 566 -17.33 -26.94 -34.25
N ALA C 567 -17.67 -26.50 -33.03
CA ALA C 567 -16.76 -25.63 -32.28
C ALA C 567 -15.49 -26.35 -31.87
N PHE C 568 -15.58 -27.66 -31.59
CA PHE C 568 -14.43 -28.44 -31.13
C PHE C 568 -14.15 -29.61 -32.07
N SER C 569 -14.53 -29.48 -33.34
CA SER C 569 -14.29 -30.56 -34.30
C SER C 569 -12.79 -30.69 -34.61
N THR C 570 -12.14 -29.57 -34.89
CA THR C 570 -10.71 -29.55 -35.16
C THR C 570 -9.98 -28.78 -34.06
N LEU C 571 -8.66 -28.90 -34.07
CA LEU C 571 -7.85 -28.28 -33.02
C LEU C 571 -7.82 -26.76 -33.18
N PHE C 572 -7.66 -26.28 -34.41
CA PHE C 572 -7.64 -24.84 -34.64
C PHE C 572 -8.99 -24.20 -34.31
N GLU C 573 -10.08 -24.86 -34.72
CA GLU C 573 -11.41 -24.36 -34.37
C GLU C 573 -11.63 -24.42 -32.87
N THR C 574 -11.12 -25.45 -32.21
CA THR C 574 -11.23 -25.52 -30.75
C THR C 574 -10.49 -24.37 -30.08
N LEU C 575 -9.29 -24.06 -30.59
CA LEU C 575 -8.54 -22.92 -30.04
C LEU C 575 -9.30 -21.62 -30.23
N GLN C 576 -9.88 -21.41 -31.43
CA GLN C 576 -10.65 -20.20 -31.67
C GLN C 576 -11.87 -20.13 -30.77
N SER C 577 -12.56 -21.26 -30.58
CA SER C 577 -13.74 -21.29 -29.73
C SER C 577 -13.39 -20.98 -28.28
N LEU C 578 -12.29 -21.55 -27.78
CA LEU C 578 -11.90 -21.29 -26.40
C LEU C 578 -11.40 -19.86 -26.23
N PHE C 579 -10.78 -19.28 -27.27
CA PHE C 579 -10.44 -17.87 -27.23
C PHE C 579 -11.69 -17.00 -27.16
N TRP C 580 -12.69 -17.31 -27.98
CA TRP C 580 -13.88 -16.48 -28.05
C TRP C 580 -14.80 -16.69 -26.85
N SER C 581 -14.65 -17.80 -26.13
CA SER C 581 -15.39 -17.99 -24.89
C SER C 581 -14.98 -17.02 -23.80
N VAL C 582 -13.77 -16.46 -23.89
CA VAL C 582 -13.32 -15.48 -22.91
C VAL C 582 -14.19 -14.23 -22.95
N PHE C 583 -14.66 -13.86 -24.14
CA PHE C 583 -15.49 -12.69 -24.32
C PHE C 583 -16.97 -13.01 -24.39
N GLY C 584 -17.34 -14.26 -24.12
CA GLY C 584 -18.74 -14.65 -24.14
C GLY C 584 -19.36 -14.82 -25.50
N LEU C 585 -18.55 -14.83 -26.56
CA LEU C 585 -19.06 -14.90 -27.92
C LEU C 585 -19.30 -16.33 -28.39
N LEU C 586 -18.99 -17.33 -27.57
CA LEU C 586 -19.26 -18.73 -27.89
C LEU C 586 -20.48 -19.18 -27.11
N ASN C 587 -21.53 -19.57 -27.83
CA ASN C 587 -22.78 -19.97 -27.21
C ASN C 587 -22.63 -21.35 -26.57
N LEU C 588 -23.52 -21.62 -25.61
CA LEU C 588 -23.44 -22.84 -24.82
C LEU C 588 -23.86 -24.09 -25.59
N TYR C 589 -24.69 -23.94 -26.63
CA TYR C 589 -25.18 -25.11 -27.34
C TYR C 589 -24.10 -25.77 -28.19
N VAL C 590 -22.93 -25.15 -28.34
CA VAL C 590 -21.84 -25.77 -29.09
C VAL C 590 -21.28 -27.00 -28.40
N THR C 591 -21.62 -27.23 -27.13
CA THR C 591 -21.21 -28.42 -26.40
C THR C 591 -22.18 -29.57 -26.59
N ASN C 592 -23.18 -29.42 -27.45
CA ASN C 592 -24.18 -30.45 -27.72
C ASN C 592 -23.89 -31.09 -29.07
N VAL C 593 -23.90 -32.42 -29.09
CA VAL C 593 -23.67 -33.16 -30.32
C VAL C 593 -25.01 -33.55 -30.92
N LYS C 594 -24.99 -33.89 -32.21
CA LYS C 594 -26.24 -34.24 -32.90
C LYS C 594 -26.86 -35.50 -32.32
N ALA C 595 -26.04 -36.48 -31.96
CA ALA C 595 -26.54 -37.72 -31.38
C ALA C 595 -26.99 -37.48 -29.93
N ARG C 596 -27.65 -38.48 -29.37
CA ARG C 596 -28.17 -38.40 -28.00
C ARG C 596 -27.15 -38.97 -27.01
N HIS C 597 -25.96 -38.37 -27.01
CA HIS C 597 -24.88 -38.74 -26.12
C HIS C 597 -24.86 -37.74 -24.97
N GLU C 598 -25.73 -37.97 -23.99
CA GLU C 598 -25.86 -37.04 -22.88
C GLU C 598 -24.60 -37.01 -22.02
N PHE C 599 -23.97 -38.18 -21.82
CA PHE C 599 -22.75 -38.20 -21.01
C PHE C 599 -21.62 -37.46 -21.69
N THR C 600 -21.44 -37.68 -23.00
CA THR C 600 -20.40 -36.96 -23.74
C THR C 600 -20.64 -35.46 -23.75
N GLU C 601 -21.90 -35.06 -23.97
CA GLU C 601 -22.23 -33.64 -23.97
C GLU C 601 -21.99 -33.02 -22.61
N PHE C 602 -22.34 -33.74 -21.54
CA PHE C 602 -22.11 -33.22 -20.19
C PHE C 602 -20.62 -33.11 -19.89
N VAL C 603 -19.82 -34.10 -20.33
CA VAL C 603 -18.38 -34.03 -20.11
C VAL C 603 -17.78 -32.86 -20.86
N GLY C 604 -18.22 -32.64 -22.10
CA GLY C 604 -17.73 -31.49 -22.86
C GLY C 604 -18.13 -30.17 -22.24
N ALA C 605 -19.38 -30.07 -21.76
CA ALA C 605 -19.82 -28.86 -21.08
C ALA C 605 -19.07 -28.65 -19.78
N THR C 606 -18.68 -29.74 -19.10
CA THR C 606 -17.92 -29.60 -17.87
C THR C 606 -16.49 -29.16 -18.13
N MET C 607 -15.87 -29.67 -19.20
CA MET C 607 -14.58 -29.13 -19.62
C MET C 607 -14.68 -27.66 -19.98
N PHE C 608 -15.75 -27.30 -20.71
CA PHE C 608 -15.93 -25.90 -21.10
C PHE C 608 -16.12 -25.01 -19.88
N GLY C 609 -16.90 -25.48 -18.90
CA GLY C 609 -17.09 -24.71 -17.69
C GLY C 609 -15.83 -24.60 -16.84
N THR C 610 -15.05 -25.68 -16.76
CA THR C 610 -13.79 -25.63 -16.04
C THR C 610 -12.82 -24.67 -16.71
N TYR C 611 -12.77 -24.69 -18.05
CA TYR C 611 -11.93 -23.73 -18.77
C TYR C 611 -12.41 -22.30 -18.52
N ASN C 612 -13.72 -22.07 -18.56
CA ASN C 612 -14.24 -20.73 -18.30
C ASN C 612 -13.85 -20.26 -16.90
N VAL C 613 -14.09 -21.10 -15.89
CA VAL C 613 -13.71 -20.76 -14.52
C VAL C 613 -12.23 -20.42 -14.45
N ILE C 614 -11.38 -21.40 -14.78
CA ILE C 614 -9.94 -21.25 -14.66
C ILE C 614 -9.50 -20.00 -15.39
N SER C 615 -9.66 -19.99 -16.72
CA SER C 615 -9.17 -18.88 -17.54
C SER C 615 -9.75 -17.57 -17.04
N LEU C 616 -11.06 -17.37 -17.21
CA LEU C 616 -11.62 -16.06 -16.89
C LEU C 616 -11.34 -15.69 -15.45
N VAL C 617 -11.96 -16.39 -14.48
CA VAL C 617 -11.86 -15.95 -13.11
C VAL C 617 -10.40 -15.94 -12.67
N VAL C 618 -9.78 -17.12 -12.61
CA VAL C 618 -8.47 -17.21 -11.97
C VAL C 618 -7.44 -16.43 -12.76
N LEU C 619 -7.31 -16.71 -14.07
CA LEU C 619 -6.21 -16.13 -14.83
C LEU C 619 -6.42 -14.64 -15.05
N LEU C 620 -7.63 -14.20 -15.42
CA LEU C 620 -7.84 -12.78 -15.68
C LEU C 620 -7.71 -11.97 -14.39
N ASN C 621 -8.24 -12.48 -13.27
CA ASN C 621 -8.12 -11.73 -12.03
C ASN C 621 -6.69 -11.76 -11.50
N MET C 622 -5.97 -12.86 -11.73
CA MET C 622 -4.53 -12.90 -11.44
C MET C 622 -3.80 -11.84 -12.25
N LEU C 623 -4.12 -11.72 -13.54
CA LEU C 623 -3.52 -10.69 -14.36
C LEU C 623 -3.85 -9.29 -13.84
N ILE C 624 -5.09 -9.10 -13.39
CA ILE C 624 -5.48 -7.82 -12.80
C ILE C 624 -4.63 -7.51 -11.58
N ALA C 625 -4.41 -8.52 -10.72
CA ALA C 625 -3.60 -8.30 -9.53
C ALA C 625 -2.14 -7.99 -9.88
N MET C 626 -1.58 -8.74 -10.84
CA MET C 626 -0.20 -8.47 -11.26
C MET C 626 -0.06 -7.07 -11.84
N MET C 627 -1.02 -6.66 -12.68
CA MET C 627 -0.98 -5.31 -13.24
C MET C 627 -1.15 -4.24 -12.17
N ASN C 628 -2.01 -4.49 -11.19
CA ASN C 628 -2.16 -3.54 -10.09
C ASN C 628 -0.83 -3.35 -9.35
N ASN C 629 -0.20 -4.46 -8.97
CA ASN C 629 1.07 -4.37 -8.25
C ASN C 629 2.15 -3.72 -9.12
N SER C 630 2.20 -4.08 -10.40
CA SER C 630 3.17 -3.47 -11.31
C SER C 630 2.94 -1.97 -11.42
N TYR C 631 1.67 -1.54 -11.44
CA TYR C 631 1.36 -0.12 -11.50
C TYR C 631 1.86 0.60 -10.25
N GLN C 632 1.66 0.01 -9.06
CA GLN C 632 2.19 0.62 -7.85
C GLN C 632 3.71 0.72 -7.90
N LEU C 633 4.38 -0.31 -8.41
CA LEU C 633 5.83 -0.26 -8.52
C LEU C 633 6.29 0.83 -9.49
N ILE C 634 5.61 0.98 -10.63
CA ILE C 634 6.11 1.93 -11.64
C ILE C 634 5.74 3.36 -11.30
N ALA C 635 4.66 3.57 -10.54
CA ALA C 635 4.19 4.93 -10.27
C ALA C 635 5.24 5.79 -9.59
N ASP C 636 6.10 5.18 -8.76
CA ASP C 636 7.16 5.94 -8.11
C ASP C 636 8.18 6.46 -9.12
N HIS C 637 8.53 5.63 -10.11
CA HIS C 637 9.54 5.98 -11.09
C HIS C 637 8.96 6.35 -12.46
N ALA C 638 7.65 6.60 -12.53
CA ALA C 638 7.02 6.87 -13.82
C ALA C 638 7.53 8.19 -14.42
N ASP C 639 7.71 9.21 -13.60
CA ASP C 639 8.11 10.51 -14.10
C ASP C 639 9.50 10.46 -14.73
N ILE C 640 10.45 9.81 -14.07
CA ILE C 640 11.81 9.74 -14.60
C ILE C 640 11.84 8.94 -15.89
N GLU C 641 11.09 7.83 -15.95
CA GLU C 641 11.01 7.03 -17.16
C GLU C 641 10.44 7.85 -18.32
N TRP C 642 9.36 8.60 -18.05
CA TRP C 642 8.77 9.42 -19.10
C TRP C 642 9.73 10.51 -19.56
N LYS C 643 10.45 11.15 -18.62
CA LYS C 643 11.40 12.17 -19.01
C LYS C 643 12.52 11.60 -19.86
N PHE C 644 13.01 10.41 -19.52
CA PHE C 644 14.05 9.77 -20.33
C PHE C 644 13.54 9.45 -21.73
N ALA C 645 12.33 8.90 -21.83
CA ALA C 645 11.78 8.57 -23.13
C ALA C 645 11.55 9.83 -23.96
N ARG C 646 11.05 10.90 -23.33
CA ARG C 646 10.84 12.15 -24.04
C ARG C 646 12.14 12.80 -24.47
N THR C 647 13.20 12.65 -23.65
CA THR C 647 14.51 13.12 -24.07
C THR C 647 15.01 12.36 -25.28
N LYS C 648 14.81 11.03 -25.31
CA LYS C 648 15.18 10.26 -26.50
C LYS C 648 14.41 10.75 -27.72
N LEU C 649 13.11 10.98 -27.56
CA LEU C 649 12.31 11.49 -28.67
C LEU C 649 12.80 12.86 -29.14
N TRP C 650 13.16 13.73 -28.20
CA TRP C 650 13.63 15.06 -28.56
C TRP C 650 14.96 15.01 -29.30
N MET C 651 15.93 14.26 -28.77
CA MET C 651 17.21 14.13 -29.45
C MET C 651 17.09 13.39 -30.78
N SER C 652 16.02 12.61 -30.98
CA SER C 652 15.78 12.05 -32.30
C SER C 652 15.52 13.14 -33.34
N TYR C 653 15.06 14.32 -32.92
CA TYR C 653 14.78 15.42 -33.83
C TYR C 653 15.87 16.49 -33.80
N PHE C 654 16.95 16.29 -33.05
CA PHE C 654 18.02 17.28 -32.99
C PHE C 654 18.98 17.16 -34.17
N ASP C 655 19.13 15.97 -34.73
CA ASP C 655 20.15 15.73 -35.74
C ASP C 655 19.79 16.38 -37.07
N GLU C 656 20.82 16.67 -37.86
CA GLU C 656 20.61 17.28 -39.18
C GLU C 656 19.86 16.33 -40.10
N GLY C 657 20.22 15.05 -40.09
CA GLY C 657 19.58 14.10 -40.98
C GLY C 657 18.16 13.76 -40.56
N GLY C 658 17.39 13.30 -41.53
CA GLY C 658 16.01 12.93 -41.28
C GLY C 658 15.10 14.09 -40.97
N THR C 659 15.46 15.30 -41.45
CA THR C 659 14.63 16.47 -41.18
C THR C 659 13.36 16.45 -42.02
N LEU C 660 13.46 16.04 -43.27
CA LEU C 660 12.31 16.04 -44.17
C LEU C 660 11.40 14.86 -43.86
N PRO C 661 10.13 15.08 -43.55
CA PRO C 661 9.21 13.95 -43.35
C PRO C 661 8.76 13.37 -44.68
N PRO C 662 8.20 12.17 -44.67
CA PRO C 662 7.67 11.62 -45.91
C PRO C 662 6.50 12.47 -46.40
N PRO C 663 6.29 12.53 -47.73
CA PRO C 663 7.06 11.83 -48.76
C PRO C 663 8.22 12.65 -49.30
N PHE C 664 8.62 13.69 -48.58
CA PHE C 664 9.67 14.59 -49.05
C PHE C 664 11.07 14.06 -48.77
N ASN C 665 11.21 12.95 -48.05
CA ASN C 665 12.52 12.39 -47.80
C ASN C 665 13.05 11.54 -48.95
N ILE C 666 12.21 11.23 -49.93
CA ILE C 666 12.63 10.45 -51.10
C ILE C 666 12.80 11.33 -52.32
N ILE C 667 12.78 12.65 -52.16
CA ILE C 667 12.98 13.59 -53.26
C ILE C 667 14.46 13.95 -53.28
N PRO C 668 15.21 13.57 -54.32
CA PRO C 668 16.64 13.90 -54.37
C PRO C 668 16.86 15.40 -54.41
N SER C 669 17.60 15.91 -53.43
CA SER C 669 17.91 17.32 -53.38
C SER C 669 18.91 17.69 -54.48
N PRO C 670 18.90 18.94 -54.93
CA PRO C 670 19.88 19.36 -55.94
C PRO C 670 21.32 19.19 -55.49
N LYS C 671 21.59 19.31 -54.19
CA LYS C 671 22.95 19.14 -53.67
C LYS C 671 23.44 17.71 -53.87
N ASN C 706 44.32 17.46 -30.08
CA ASN C 706 44.31 18.79 -30.68
C ASN C 706 44.26 19.86 -29.59
N ALA C 707 44.64 21.09 -29.96
CA ALA C 707 44.63 22.20 -29.01
C ALA C 707 43.20 22.52 -28.57
N ASP C 708 42.25 22.49 -29.50
CA ASP C 708 40.86 22.78 -29.16
C ASP C 708 40.30 21.73 -28.21
N SER C 709 40.66 20.46 -28.41
CA SER C 709 40.20 19.41 -27.52
C SER C 709 40.79 19.58 -26.11
N LEU C 710 42.06 19.99 -26.03
CA LEU C 710 42.73 20.10 -24.74
C LEU C 710 42.08 21.15 -23.85
N ILE C 711 41.72 22.31 -24.42
CA ILE C 711 41.11 23.36 -23.61
C ILE C 711 39.72 22.94 -23.14
N GLN C 712 38.98 22.20 -23.98
CA GLN C 712 37.71 21.65 -23.54
C GLN C 712 37.91 20.68 -22.38
N ASN C 713 38.94 19.85 -22.46
CA ASN C 713 39.25 18.94 -21.35
C ASN C 713 39.59 19.70 -20.08
N GLN C 714 40.36 20.79 -20.20
CA GLN C 714 40.71 21.58 -19.03
C GLN C 714 39.48 22.22 -18.40
N HIS C 715 38.59 22.78 -19.22
CA HIS C 715 37.36 23.36 -18.70
C HIS C 715 36.50 22.32 -18.02
N TYR C 716 36.38 21.14 -18.63
CA TYR C 716 35.61 20.06 -18.03
C TYR C 716 36.24 19.62 -16.71
N GLN C 717 37.57 19.57 -16.64
CA GLN C 717 38.25 19.17 -15.42
C GLN C 717 38.01 20.18 -14.30
N GLU C 718 38.07 21.48 -14.62
CA GLU C 718 37.78 22.49 -13.61
C GLU C 718 36.34 22.40 -13.12
N VAL C 719 35.39 22.24 -14.05
CA VAL C 719 33.99 22.10 -13.66
C VAL C 719 33.80 20.87 -12.80
N ILE C 720 34.46 19.77 -13.16
CA ILE C 720 34.34 18.52 -12.40
C ILE C 720 34.95 18.68 -11.01
N ARG C 721 36.06 19.40 -10.90
CA ARG C 721 36.66 19.66 -9.59
C ARG C 721 35.69 20.43 -8.70
N ASN C 722 35.07 21.48 -9.25
CA ASN C 722 34.09 22.24 -8.48
C ASN C 722 32.90 21.37 -8.08
N LEU C 723 32.41 20.55 -9.02
CA LEU C 723 31.29 19.67 -8.73
C LEU C 723 31.63 18.66 -7.64
N VAL C 724 32.84 18.11 -7.69
CA VAL C 724 33.25 17.12 -6.69
C VAL C 724 33.35 17.76 -5.32
N LYS C 725 33.94 18.96 -5.26
CA LYS C 725 34.02 19.66 -3.97
C LYS C 725 32.63 19.92 -3.40
N ARG C 726 31.72 20.42 -4.25
CA ARG C 726 30.35 20.69 -3.80
C ARG C 726 29.65 19.42 -3.37
N TYR C 727 29.83 18.33 -4.12
CA TYR C 727 29.17 17.07 -3.79
C TYR C 727 29.68 16.51 -2.47
N VAL C 728 31.00 16.60 -2.23
CA VAL C 728 31.54 16.10 -0.98
C VAL C 728 31.01 16.92 0.19
N ALA C 729 30.99 18.24 0.05
CA ALA C 729 30.44 19.08 1.11
C ALA C 729 28.97 18.76 1.36
N ALA C 730 28.18 18.60 0.29
CA ALA C 730 26.77 18.32 0.43
C ALA C 730 26.52 16.96 1.08
N MET C 731 27.33 15.96 0.73
CA MET C 731 27.16 14.63 1.31
C MET C 731 27.54 14.63 2.79
N ILE C 732 28.60 15.36 3.15
CA ILE C 732 28.95 15.48 4.56
C ILE C 732 27.83 16.17 5.32
N ARG C 733 27.27 17.24 4.74
CA ARG C 733 26.16 17.92 5.39
C ARG C 733 24.95 17.00 5.54
N ASN C 734 24.65 16.21 4.52
CA ASN C 734 23.52 15.28 4.59
C ASN C 734 23.74 14.23 5.67
N SER C 735 24.96 13.70 5.77
CA SER C 735 25.26 12.73 6.82
C SER C 735 25.15 13.35 8.20
N LYS C 736 25.63 14.59 8.36
CA LYS C 736 25.61 15.23 9.68
C LYS C 736 24.19 15.54 10.14
N THR C 737 23.28 15.88 9.22
CA THR C 737 21.92 16.26 9.56
C THR C 737 20.93 15.12 9.39
N HIS C 738 21.34 13.89 9.68
CA HIS C 738 20.47 12.73 9.60
C HIS C 738 19.94 12.42 11.00
N GLU C 739 18.63 12.42 11.16
CA GLU C 739 18.02 12.17 12.46
C GLU C 739 18.26 10.73 12.90
N GLY C 740 18.56 10.54 14.18
CA GLY C 740 18.76 9.22 14.73
C GLY C 740 20.20 8.93 15.09
N LEU C 741 20.47 8.82 16.38
CA LEU C 741 21.80 8.48 16.89
C LEU C 741 21.84 7.00 17.27
N THR C 742 22.91 6.34 16.87
CA THR C 742 23.14 4.96 17.26
C THR C 742 23.82 4.92 18.63
N GLU C 743 23.76 3.75 19.27
CA GLU C 743 24.27 3.63 20.63
C GLU C 743 25.79 3.63 20.72
N GLU C 744 26.50 3.49 19.59
CA GLU C 744 27.96 3.62 19.67
C GLU C 744 28.34 5.05 20.03
N ASN C 745 27.57 6.04 19.57
CA ASN C 745 27.80 7.41 19.98
C ASN C 745 27.53 7.58 21.47
N PHE C 746 26.48 6.94 21.99
CA PHE C 746 26.20 6.98 23.42
C PHE C 746 27.35 6.37 24.22
N LYS C 747 27.88 5.22 23.77
CA LYS C 747 28.98 4.59 24.49
C LYS C 747 30.24 5.44 24.44
N GLU C 748 30.50 6.09 23.31
CA GLU C 748 31.71 6.91 23.21
C GLU C 748 31.56 8.19 24.04
N LEU C 749 30.35 8.74 24.11
CA LEU C 749 30.10 9.85 25.02
C LEU C 749 30.32 9.44 26.47
N LYS C 750 29.83 8.25 26.83
CA LYS C 750 30.13 7.67 28.13
C LYS C 750 31.62 7.54 28.34
N GLN C 751 32.36 7.13 27.31
CA GLN C 751 33.80 6.98 27.41
C GLN C 751 34.47 8.33 27.68
N ASP C 752 34.07 9.37 26.98
CA ASP C 752 34.63 10.70 27.22
C ASP C 752 34.34 11.17 28.64
N ILE C 753 33.09 11.01 29.08
CA ILE C 753 32.70 11.45 30.42
C ILE C 753 33.47 10.69 31.48
N SER C 754 33.60 9.37 31.31
CA SER C 754 34.32 8.55 32.28
C SER C 754 35.81 8.88 32.31
N SER C 755 36.41 9.09 31.15
CA SER C 755 37.81 9.49 31.11
C SER C 755 38.03 10.82 31.82
N PHE C 756 37.12 11.77 31.61
CA PHE C 756 37.21 13.05 32.31
C PHE C 756 37.08 12.85 33.82
N ARG C 757 36.13 12.01 34.25
CA ARG C 757 35.94 11.76 35.68
C ARG C 757 37.20 11.16 36.30
N TYR C 758 37.75 10.12 35.67
CA TYR C 758 38.93 9.47 36.22
C TYR C 758 40.15 10.39 36.19
N GLU C 759 40.29 11.19 35.14
CA GLU C 759 41.40 12.14 35.07
C GLU C 759 41.31 13.18 36.17
N VAL C 760 40.10 13.69 36.45
CA VAL C 760 39.92 14.63 37.54
C VAL C 760 40.24 13.96 38.88
N LEU C 761 39.80 12.71 39.05
CA LEU C 761 40.09 11.99 40.28
C LEU C 761 41.59 11.81 40.48
N ASP C 762 42.31 11.47 39.41
CA ASP C 762 43.76 11.34 39.49
C ASP C 762 44.42 12.66 39.82
N LEU C 763 43.96 13.75 39.20
CA LEU C 763 44.51 15.06 39.51
C LEU C 763 44.18 15.48 40.94
N LEU C 764 42.96 15.21 41.39
CA LEU C 764 42.54 15.57 42.74
C LEU C 764 42.58 14.35 43.66
N PRO D 1 -29.39 20.83 34.59
CA PRO D 1 -28.30 20.47 33.68
C PRO D 1 -28.01 18.97 33.66
N GLU D 2 -28.20 18.34 32.50
CA GLU D 2 -27.94 16.92 32.36
C GLU D 2 -26.44 16.65 32.46
N PHE D 3 -26.08 15.69 33.31
CA PHE D 3 -24.69 15.35 33.57
C PHE D 3 -24.46 13.87 33.33
N MET D 4 -23.18 13.52 33.17
CA MET D 4 -22.76 12.11 33.17
C MET D 4 -22.79 11.65 34.63
N ALA D 5 -23.79 10.86 34.97
CA ALA D 5 -24.07 10.55 36.37
C ALA D 5 -22.90 9.84 37.04
N GLN D 6 -22.37 8.81 36.39
CA GLN D 6 -21.30 7.99 36.97
C GLN D 6 -20.26 7.69 35.91
N LEU D 7 -19.08 8.30 36.07
CA LEU D 7 -17.94 8.02 35.21
C LEU D 7 -16.82 7.33 35.97
N TYR D 8 -16.39 7.89 37.09
CA TYR D 8 -15.31 7.33 37.89
C TYR D 8 -15.78 6.71 39.19
N TYR D 9 -16.97 7.07 39.68
CA TYR D 9 -17.48 6.58 40.95
C TYR D 9 -18.96 6.26 40.81
N LYS D 10 -19.44 5.35 41.65
CA LYS D 10 -20.84 4.93 41.63
C LYS D 10 -21.63 5.58 42.77
N LYS D 11 -21.19 5.38 44.02
CA LYS D 11 -21.96 5.83 45.17
C LYS D 11 -21.78 7.32 45.47
N VAL D 12 -20.75 7.96 44.92
CA VAL D 12 -20.53 9.38 45.19
C VAL D 12 -21.69 10.21 44.67
N ASN D 13 -22.13 9.92 43.44
CA ASN D 13 -23.25 10.58 42.75
C ASN D 13 -23.60 11.99 43.22
N ARG D 18 -21.65 17.97 42.49
CA ARG D 18 -22.66 17.61 41.51
C ARG D 18 -22.16 17.91 40.09
N ASP D 19 -21.65 19.11 39.89
CA ASP D 19 -21.11 19.54 38.60
C ASP D 19 -19.62 19.28 38.47
N ARG D 20 -19.00 18.68 39.47
CA ARG D 20 -17.57 18.38 39.46
C ARG D 20 -17.35 16.88 39.61
N ILE D 21 -16.11 16.46 39.37
CA ILE D 21 -15.69 15.08 39.57
C ILE D 21 -14.51 15.08 40.53
N PRO D 22 -14.74 14.95 41.84
CA PRO D 22 -13.63 14.94 42.79
C PRO D 22 -12.70 13.76 42.53
N LEU D 23 -11.40 14.00 42.70
CA LEU D 23 -10.37 13.00 42.46
C LEU D 23 -9.69 12.62 43.76
N GLN D 24 -9.54 11.31 44.00
CA GLN D 24 -8.91 10.79 45.19
C GLN D 24 -8.12 9.54 44.81
N ILE D 25 -7.17 9.16 45.67
CA ILE D 25 -6.42 7.93 45.47
C ILE D 25 -7.30 6.79 45.96
N VAL D 26 -8.04 6.17 45.04
CA VAL D 26 -8.99 5.12 45.41
C VAL D 26 -8.24 3.89 45.92
N ARG D 27 -7.22 3.45 45.20
CA ARG D 27 -6.37 2.35 45.67
C ARG D 27 -5.11 2.95 46.30
N ALA D 28 -5.30 3.54 47.48
CA ALA D 28 -4.23 4.23 48.16
C ALA D 28 -3.16 3.24 48.62
N GLU D 29 -1.91 3.68 48.55
CA GLU D 29 -0.76 2.90 48.99
C GLU D 29 -0.04 3.65 50.11
N THR D 30 1.10 3.12 50.53
CA THR D 30 1.89 3.74 51.59
C THR D 30 2.86 4.73 50.97
N GLU D 31 2.69 6.00 51.30
CA GLU D 31 3.55 7.04 50.73
C GLU D 31 4.92 7.04 51.41
N LEU D 32 5.92 7.48 50.66
CA LEU D 32 7.26 7.59 51.20
C LEU D 32 7.36 8.83 52.09
N SER D 33 8.16 8.72 53.15
CA SER D 33 8.38 9.83 54.05
C SER D 33 9.37 10.82 53.44
N ALA D 34 9.68 11.87 54.19
CA ALA D 34 10.57 12.92 53.68
C ALA D 34 12.00 12.40 53.52
N GLU D 35 12.53 11.72 54.56
CA GLU D 35 13.90 11.25 54.50
C GLU D 35 14.06 10.12 53.49
N GLU D 36 13.07 9.24 53.39
CA GLU D 36 13.13 8.18 52.39
C GLU D 36 13.09 8.76 50.97
N LYS D 37 12.23 9.76 50.76
CA LYS D 37 12.19 10.43 49.46
C LYS D 37 13.52 11.10 49.15
N ALA D 38 14.13 11.75 50.13
CA ALA D 38 15.42 12.39 49.92
C ALA D 38 16.50 11.37 49.59
N PHE D 39 16.49 10.22 50.28
CA PHE D 39 17.47 9.18 50.00
C PHE D 39 17.30 8.61 48.60
N LEU D 40 16.05 8.36 48.19
CA LEU D 40 15.82 7.85 46.85
C LEU D 40 16.18 8.89 45.79
N ASN D 41 15.93 10.17 46.06
CA ASN D 41 16.34 11.21 45.12
C ASN D 41 17.86 11.30 45.01
N ALA D 42 18.56 11.15 46.14
CA ALA D 42 20.02 11.13 46.10
C ALA D 42 20.52 9.94 45.28
N VAL D 43 19.88 8.79 45.43
CA VAL D 43 20.25 7.62 44.62
C VAL D 43 19.99 7.89 43.15
N GLU D 44 18.86 8.52 42.82
CA GLU D 44 18.54 8.84 41.43
C GLU D 44 19.57 9.81 40.84
N LYS D 45 19.95 10.84 41.59
CA LYS D 45 20.96 11.78 41.13
C LYS D 45 22.36 11.19 41.13
N GLY D 46 22.58 10.05 41.79
CA GLY D 46 23.84 9.34 41.75
C GLY D 46 24.96 9.90 42.61
N ASP D 47 24.67 10.82 43.52
CA ASP D 47 25.71 11.36 44.40
C ASP D 47 26.03 10.31 45.46
N TYR D 48 27.25 9.76 45.41
CA TYR D 48 27.65 8.72 46.36
C TYR D 48 27.66 9.27 47.79
N ALA D 49 27.87 10.58 47.94
CA ALA D 49 28.15 11.17 49.25
C ALA D 49 26.96 11.04 50.20
N THR D 50 25.83 11.73 49.92
CA THR D 50 24.72 11.68 50.86
C THR D 50 24.05 10.32 50.84
N VAL D 51 24.19 9.55 49.76
CA VAL D 51 23.69 8.17 49.76
C VAL D 51 24.40 7.36 50.84
N LYS D 52 25.74 7.41 50.85
CA LYS D 52 26.50 6.72 51.88
C LYS D 52 26.17 7.27 53.26
N GLN D 53 26.07 8.60 53.38
CA GLN D 53 25.79 9.22 54.67
C GLN D 53 24.44 8.76 55.22
N ALA D 54 23.42 8.72 54.37
CA ALA D 54 22.11 8.25 54.80
C ALA D 54 22.13 6.77 55.13
N LEU D 55 22.92 5.98 54.41
CA LEU D 55 23.04 4.56 54.74
C LEU D 55 23.62 4.37 56.14
N GLN D 56 24.70 5.09 56.45
CA GLN D 56 25.28 5.00 57.79
C GLN D 56 24.31 5.53 58.85
N GLU D 57 23.59 6.62 58.53
CA GLU D 57 22.66 7.20 59.49
C GLU D 57 21.52 6.23 59.79
N ALA D 58 21.03 5.53 58.77
CA ALA D 58 19.99 4.53 58.98
C ALA D 58 20.53 3.32 59.74
N GLU D 59 21.79 2.94 59.48
CA GLU D 59 22.39 1.85 60.24
C GLU D 59 22.51 2.20 61.72
N ILE D 60 22.85 3.45 62.03
CA ILE D 60 23.08 3.84 63.41
C ILE D 60 21.78 4.13 64.14
N TYR D 61 20.88 4.90 63.52
CA TYR D 61 19.69 5.40 64.20
C TYR D 61 18.39 4.74 63.76
N TYR D 62 18.40 3.95 62.69
CA TYR D 62 17.22 3.28 62.16
C TYR D 62 16.13 4.28 61.77
N ASN D 63 16.53 5.50 61.41
CA ASN D 63 15.56 6.53 61.04
C ASN D 63 15.02 6.33 59.63
N VAL D 64 15.78 5.71 58.75
CA VAL D 64 15.43 5.58 57.33
C VAL D 64 15.37 4.11 56.99
N ASN D 65 14.30 3.71 56.29
CA ASN D 65 14.17 2.35 55.78
C ASN D 65 14.91 2.28 54.46
N ILE D 66 16.09 1.66 54.46
CA ILE D 66 16.91 1.56 53.26
C ILE D 66 16.30 0.67 52.19
N ASN D 67 15.24 -0.06 52.52
CA ASN D 67 14.50 -0.87 51.55
C ASN D 67 13.23 -0.18 51.08
N CYS D 68 13.13 1.13 51.29
CA CYS D 68 11.93 1.86 50.87
C CYS D 68 11.74 1.79 49.36
N MET D 69 10.50 1.68 48.94
CA MET D 69 10.15 1.53 47.53
C MET D 69 9.47 2.79 47.03
N ASP D 70 9.96 3.31 45.91
CA ASP D 70 9.25 4.36 45.20
C ASP D 70 7.86 3.83 44.85
N PRO D 71 6.79 4.61 45.11
CA PRO D 71 5.42 4.13 44.84
C PRO D 71 5.22 3.53 43.45
N LEU D 72 6.16 3.76 42.54
CA LEU D 72 6.14 3.11 41.24
C LEU D 72 6.74 1.70 41.28
N GLY D 73 7.25 1.27 42.43
CA GLY D 73 7.78 -0.07 42.60
C GLY D 73 9.30 -0.16 42.66
N ARG D 74 10.02 0.88 42.27
CA ARG D 74 11.47 0.84 42.28
C ARG D 74 12.02 1.14 43.67
N SER D 75 13.05 0.39 44.06
CA SER D 75 13.76 0.61 45.31
C SER D 75 15.09 1.30 45.02
N ALA D 76 15.90 1.48 46.06
CA ALA D 76 17.22 2.08 45.87
C ALA D 76 18.10 1.20 44.99
N LEU D 77 18.08 -0.11 45.22
CA LEU D 77 18.86 -1.02 44.39
C LEU D 77 18.35 -1.01 42.94
N LEU D 78 17.03 -0.98 42.77
CA LEU D 78 16.47 -0.95 41.42
C LEU D 78 16.85 0.35 40.71
N ILE D 79 16.81 1.47 41.42
CA ILE D 79 17.21 2.75 40.82
C ILE D 79 18.69 2.73 40.45
N ALA D 80 19.54 2.19 41.32
CA ALA D 80 20.96 2.11 41.03
C ALA D 80 21.22 1.23 39.81
N ILE D 81 20.49 0.11 39.70
CA ILE D 81 20.63 -0.75 38.52
C ILE D 81 20.18 -0.01 37.27
N GLU D 82 19.05 0.71 37.35
CA GLU D 82 18.55 1.45 36.20
C GLU D 82 19.50 2.57 35.79
N ASN D 83 20.18 3.19 36.76
CA ASN D 83 21.14 4.23 36.46
C ASN D 83 22.49 3.70 36.02
N GLU D 84 22.67 2.37 36.02
CA GLU D 84 23.92 1.72 35.61
C GLU D 84 25.10 2.23 36.45
N ASN D 85 24.84 2.53 37.71
CA ASN D 85 25.85 3.03 38.63
C ASN D 85 26.33 1.87 39.49
N LEU D 86 27.52 1.36 39.17
CA LEU D 86 28.05 0.20 39.88
C LEU D 86 28.57 0.54 41.27
N GLU D 87 29.05 1.77 41.47
CA GLU D 87 29.59 2.13 42.79
C GLU D 87 28.49 2.22 43.83
N ILE D 88 27.39 2.90 43.51
CA ILE D 88 26.26 2.98 44.44
C ILE D 88 25.65 1.60 44.66
N MET D 89 25.60 0.77 43.61
CA MET D 89 25.09 -0.59 43.77
C MET D 89 25.99 -1.40 44.71
N GLU D 90 27.30 -1.26 44.58
CA GLU D 90 28.22 -1.92 45.50
C GLU D 90 28.00 -1.43 46.93
N LEU D 91 27.82 -0.12 47.10
CA LEU D 91 27.58 0.44 48.42
C LEU D 91 26.31 -0.11 49.03
N LEU D 92 25.24 -0.20 48.25
CA LEU D 92 23.98 -0.75 48.74
C LEU D 92 24.12 -2.23 49.09
N LEU D 93 24.80 -3.00 48.25
CA LEU D 93 24.98 -4.42 48.52
C LEU D 93 25.80 -4.64 49.79
N ASN D 94 26.81 -3.80 50.02
CA ASN D 94 27.60 -3.90 51.23
C ASN D 94 26.79 -3.51 52.47
N HIS D 95 25.67 -2.82 52.30
CA HIS D 95 24.80 -2.46 53.41
C HIS D 95 23.59 -3.40 53.53
N SER D 96 23.60 -4.50 52.78
CA SER D 96 22.57 -5.55 52.85
C SER D 96 21.17 -4.98 52.61
N VAL D 97 20.96 -4.46 51.40
CA VAL D 97 19.62 -4.12 50.95
C VAL D 97 18.92 -5.38 50.45
N TYR D 98 17.60 -5.30 50.30
CA TYR D 98 16.85 -6.41 49.76
C TYR D 98 17.20 -6.62 48.29
N VAL D 99 17.63 -7.83 47.95
CA VAL D 99 18.16 -8.14 46.63
C VAL D 99 17.19 -8.99 45.82
N GLY D 100 15.98 -9.25 46.35
CA GLY D 100 15.02 -10.09 45.68
C GLY D 100 14.64 -9.60 44.29
N ASP D 101 14.79 -10.47 43.30
CA ASP D 101 14.45 -10.23 41.90
C ASP D 101 15.23 -9.09 41.26
N ALA D 102 16.23 -8.54 41.96
CA ALA D 102 17.03 -7.48 41.37
C ALA D 102 17.91 -8.00 40.24
N LEU D 103 18.28 -9.28 40.29
CA LEU D 103 19.05 -9.87 39.20
C LEU D 103 18.26 -9.85 37.90
N LEU D 104 16.94 -10.10 37.98
CA LEU D 104 16.10 -10.03 36.79
C LEU D 104 16.09 -8.63 36.20
N TYR D 105 15.99 -7.60 37.05
CA TYR D 105 16.01 -6.22 36.55
C TYR D 105 17.35 -5.89 35.91
N ALA D 106 18.45 -6.32 36.53
CA ALA D 106 19.77 -6.08 35.95
C ALA D 106 19.90 -6.79 34.60
N ILE D 107 19.39 -8.02 34.51
CA ILE D 107 19.45 -8.76 33.25
C ILE D 107 18.65 -8.05 32.18
N ARG D 108 17.43 -7.61 32.52
CA ARG D 108 16.59 -6.94 31.54
C ARG D 108 17.23 -5.63 31.07
N LYS D 109 17.80 -4.86 31.98
CA LYS D 109 18.51 -3.66 31.58
C LYS D 109 19.84 -3.96 30.90
N GLU D 110 20.29 -5.21 30.95
CA GLU D 110 21.50 -5.66 30.25
C GLU D 110 22.74 -4.93 30.74
N VAL D 111 22.91 -4.91 32.07
CA VAL D 111 24.11 -4.37 32.71
C VAL D 111 24.96 -5.55 33.11
N VAL D 112 26.03 -5.80 32.36
CA VAL D 112 26.90 -6.95 32.63
C VAL D 112 27.54 -6.82 34.01
N GLY D 113 28.05 -5.63 34.33
CA GLY D 113 28.66 -5.42 35.64
C GLY D 113 27.70 -5.64 36.78
N ALA D 114 26.45 -5.17 36.62
CA ALA D 114 25.44 -5.44 37.63
C ALA D 114 25.16 -6.92 37.76
N VAL D 115 25.15 -7.65 36.64
CA VAL D 115 24.90 -9.09 36.68
C VAL D 115 26.00 -9.79 37.48
N GLU D 116 27.26 -9.45 37.19
CA GLU D 116 28.35 -10.05 37.95
C GLU D 116 28.29 -9.66 39.42
N LEU D 117 27.95 -8.40 39.71
CA LEU D 117 27.86 -7.95 41.10
C LEU D 117 26.79 -8.73 41.86
N LEU D 118 25.63 -8.95 41.24
CA LEU D 118 24.55 -9.65 41.91
C LEU D 118 24.80 -11.15 41.99
N LEU D 119 25.51 -11.72 41.02
CA LEU D 119 25.87 -13.13 41.10
C LEU D 119 26.93 -13.38 42.16
N SER D 120 27.83 -12.41 42.37
CA SER D 120 28.85 -12.53 43.39
C SER D 120 28.37 -12.15 44.78
N TYR D 121 27.13 -11.70 44.91
CA TYR D 121 26.54 -11.29 46.19
C TYR D 121 27.38 -10.20 46.86
N GLN D 138 6.45 -9.46 47.42
CA GLN D 138 6.28 -8.07 47.01
C GLN D 138 5.86 -7.98 45.54
N PHE D 139 5.82 -6.75 45.03
CA PHE D 139 5.47 -6.53 43.63
C PHE D 139 6.70 -6.72 42.74
N SER D 140 6.49 -7.34 41.58
CA SER D 140 7.56 -7.56 40.61
C SER D 140 7.02 -7.32 39.22
N GLU D 141 7.91 -6.89 38.33
CA GLU D 141 7.55 -6.67 36.93
C GLU D 141 7.65 -7.95 36.10
N PHE D 142 8.03 -9.07 36.70
CA PHE D 142 8.20 -10.33 36.00
C PHE D 142 7.29 -11.38 36.60
N THR D 143 6.81 -12.29 35.74
CA THR D 143 5.97 -13.38 36.19
C THR D 143 6.79 -14.34 37.07
N PRO D 144 6.12 -15.05 37.99
CA PRO D 144 6.87 -15.91 38.93
C PRO D 144 7.67 -17.02 38.26
N ASP D 145 7.29 -17.46 37.06
CA ASP D 145 8.01 -18.53 36.40
C ASP D 145 9.33 -18.08 35.77
N ILE D 146 9.53 -16.77 35.64
CA ILE D 146 10.73 -16.26 34.99
C ILE D 146 11.95 -16.55 35.84
N THR D 147 12.97 -17.15 35.23
CA THR D 147 14.25 -17.43 35.85
C THR D 147 15.33 -16.56 35.22
N PRO D 148 16.45 -16.33 35.92
CA PRO D 148 17.48 -15.46 35.36
C PRO D 148 17.99 -15.90 33.99
N ILE D 149 18.18 -17.21 33.78
CA ILE D 149 18.65 -17.70 32.49
C ILE D 149 17.57 -17.52 31.42
N MET D 150 16.31 -17.76 31.79
CA MET D 150 15.20 -17.56 30.85
C MET D 150 15.10 -16.11 30.41
N LEU D 151 15.18 -15.18 31.36
CA LEU D 151 15.11 -13.77 31.01
C LEU D 151 16.34 -13.32 30.22
N ALA D 152 17.51 -13.87 30.55
CA ALA D 152 18.72 -13.54 29.79
C ALA D 152 18.58 -14.01 28.35
N ALA D 153 18.02 -15.20 28.14
CA ALA D 153 17.77 -15.68 26.79
C ALA D 153 16.73 -14.81 26.08
N HIS D 154 15.72 -14.35 26.83
CA HIS D 154 14.73 -13.45 26.25
C HIS D 154 15.37 -12.16 25.77
N THR D 155 16.30 -11.61 26.54
CA THR D 155 17.00 -10.40 26.14
C THR D 155 18.00 -10.64 25.01
N ASN D 156 18.38 -11.90 24.79
CA ASN D 156 19.30 -12.29 23.71
C ASN D 156 20.66 -11.60 23.85
N ASN D 157 21.10 -11.37 25.09
CA ASN D 157 22.41 -10.78 25.36
C ASN D 157 23.42 -11.90 25.53
N TYR D 158 24.38 -11.98 24.62
CA TYR D 158 25.33 -13.09 24.62
C TYR D 158 26.18 -13.09 25.89
N GLU D 159 26.59 -11.90 26.36
CA GLU D 159 27.44 -11.83 27.53
C GLU D 159 26.74 -12.34 28.78
N ILE D 160 25.52 -11.87 29.02
CA ILE D 160 24.80 -12.27 30.23
C ILE D 160 24.38 -13.74 30.15
N ILE D 161 23.98 -14.20 28.96
CA ILE D 161 23.64 -15.61 28.80
C ILE D 161 24.85 -16.49 29.08
N LYS D 162 26.01 -16.12 28.54
CA LYS D 162 27.21 -16.90 28.81
C LYS D 162 27.57 -16.87 30.29
N LEU D 163 27.46 -15.70 30.92
CA LEU D 163 27.79 -15.57 32.34
C LEU D 163 26.89 -16.47 33.19
N LEU D 164 25.60 -16.52 32.87
CA LEU D 164 24.69 -17.37 33.64
C LEU D 164 24.91 -18.84 33.33
N VAL D 165 25.27 -19.17 32.08
CA VAL D 165 25.48 -20.57 31.72
C VAL D 165 26.75 -21.12 32.36
N GLN D 166 27.77 -20.28 32.56
CA GLN D 166 28.96 -20.75 33.27
C GLN D 166 28.63 -21.31 34.64
N LYS D 167 27.60 -20.78 35.28
CA LYS D 167 27.02 -21.42 36.45
C LYS D 167 25.97 -22.45 36.00
N ARG D 168 25.86 -23.53 36.76
CA ARG D 168 25.02 -24.64 36.32
C ARG D 168 23.54 -24.29 36.41
N VAL D 169 23.01 -23.70 35.34
CA VAL D 169 21.60 -23.36 35.26
C VAL D 169 20.92 -24.35 34.32
N THR D 170 19.60 -24.46 34.45
CA THR D 170 18.81 -25.36 33.63
C THR D 170 17.57 -24.65 33.13
N ILE D 171 17.07 -25.11 31.99
CA ILE D 171 15.80 -24.67 31.43
C ILE D 171 14.83 -25.84 31.50
N PRO D 172 13.65 -25.68 32.09
CA PRO D 172 12.69 -26.79 32.14
C PRO D 172 12.34 -27.28 30.75
N ARG D 173 12.30 -28.61 30.60
CA ARG D 173 12.08 -29.20 29.29
C ARG D 173 10.59 -29.12 28.94
N PRO D 174 10.23 -28.46 27.85
CA PRO D 174 8.81 -28.38 27.48
C PRO D 174 8.26 -29.74 27.09
N HIS D 175 6.97 -29.92 27.35
CA HIS D 175 6.28 -31.15 26.98
C HIS D 175 5.89 -31.09 25.50
N GLN D 176 5.51 -32.25 24.97
CA GLN D 176 5.09 -32.31 23.58
C GLN D 176 3.71 -31.66 23.43
N ILE D 177 3.36 -31.34 22.18
CA ILE D 177 2.10 -30.69 21.89
C ILE D 177 0.94 -31.61 22.25
N ARG D 178 1.04 -32.88 21.88
CA ARG D 178 -0.01 -33.85 22.14
C ARG D 178 0.15 -34.57 23.47
N CYS D 179 0.96 -34.02 24.38
CA CYS D 179 1.14 -34.63 25.69
C CYS D 179 -0.15 -34.56 26.49
N ASN D 180 -0.46 -35.66 27.18
CA ASN D 180 -1.65 -35.76 28.02
C ASN D 180 -1.30 -36.35 29.37
N CYS D 181 -0.15 -35.97 29.92
CA CYS D 181 0.28 -36.47 31.21
C CYS D 181 -0.53 -35.81 32.33
N VAL D 182 -0.41 -36.37 33.53
CA VAL D 182 -1.14 -35.85 34.67
C VAL D 182 -0.68 -34.45 35.02
N GLU D 183 0.63 -34.19 34.91
CA GLU D 183 1.17 -32.88 35.24
C GLU D 183 0.62 -31.81 34.29
N CYS D 184 0.65 -32.08 32.99
CA CYS D 184 0.21 -31.09 32.01
C CYS D 184 -1.28 -30.77 32.17
N VAL D 185 -2.11 -31.81 32.31
CA VAL D 185 -3.55 -31.58 32.42
C VAL D 185 -3.88 -30.91 33.75
N SER D 186 -3.20 -31.29 34.82
CA SER D 186 -3.44 -30.66 36.12
C SER D 186 -3.06 -29.19 36.09
N SER D 187 -1.92 -28.86 35.48
CA SER D 187 -1.52 -27.46 35.36
C SER D 187 -2.49 -26.69 34.48
N SER D 188 -2.96 -27.30 33.40
CA SER D 188 -3.89 -26.60 32.50
C SER D 188 -5.22 -26.33 33.18
N GLU D 189 -5.76 -27.30 33.92
CA GLU D 189 -7.03 -27.09 34.60
C GLU D 189 -6.89 -26.11 35.76
N VAL D 190 -5.82 -26.23 36.55
CA VAL D 190 -5.64 -25.34 37.68
C VAL D 190 -5.37 -23.92 37.22
N ASP D 191 -4.43 -23.76 36.27
CA ASP D 191 -4.08 -22.42 35.78
C ASP D 191 -3.67 -22.55 34.31
N SER D 192 -4.64 -22.33 33.41
CA SER D 192 -4.35 -22.37 31.99
C SER D 192 -3.50 -21.18 31.55
N LEU D 193 -3.80 -19.99 32.10
CA LEU D 193 -3.04 -18.80 31.75
C LEU D 193 -1.59 -18.94 32.15
N ARG D 194 -1.35 -19.37 33.39
CA ARG D 194 0.03 -19.54 33.86
C ARG D 194 0.76 -20.62 33.07
N HIS D 195 0.07 -21.72 32.75
CA HIS D 195 0.72 -22.79 31.97
C HIS D 195 1.10 -22.30 30.58
N SER D 196 0.18 -21.58 29.92
CA SER D 196 0.48 -21.06 28.58
C SER D 196 1.63 -20.05 28.63
N ARG D 197 1.62 -19.17 29.63
CA ARG D 197 2.70 -18.19 29.76
C ARG D 197 4.03 -18.87 30.03
N SER D 198 4.04 -19.91 30.88
CA SER D 198 5.27 -20.63 31.17
C SER D 198 5.80 -21.33 29.92
N ARG D 199 4.91 -21.96 29.16
CA ARG D 199 5.33 -22.62 27.92
C ARG D 199 5.91 -21.62 26.94
N LEU D 200 5.23 -20.48 26.78
CA LEU D 200 5.71 -19.46 25.85
C LEU D 200 7.05 -18.90 26.30
N ASN D 201 7.24 -18.69 27.60
CA ASN D 201 8.51 -18.19 28.10
C ASN D 201 9.62 -19.21 27.90
N ILE D 202 9.34 -20.49 28.14
CA ILE D 202 10.33 -21.54 27.93
C ILE D 202 10.75 -21.60 26.47
N TYR D 203 9.79 -21.53 25.56
CA TYR D 203 10.12 -21.57 24.13
C TYR D 203 10.82 -20.29 23.68
N LYS D 204 10.48 -19.14 24.28
CA LYS D 204 11.20 -17.91 23.98
C LYS D 204 12.65 -18.01 24.41
N ALA D 205 12.89 -18.61 25.58
CA ALA D 205 14.26 -18.81 26.03
C ALA D 205 14.99 -19.78 25.11
N LEU D 206 14.35 -20.89 24.74
CA LEU D 206 14.98 -21.87 23.88
C LEU D 206 15.27 -21.31 22.49
N ALA D 207 14.34 -20.54 21.94
CA ALA D 207 14.48 -19.99 20.60
C ALA D 207 15.40 -18.78 20.56
N SER D 208 16.12 -18.49 21.63
CA SER D 208 17.03 -17.36 21.65
C SER D 208 18.25 -17.67 20.78
N PRO D 209 18.54 -16.85 19.76
CA PRO D 209 19.72 -17.13 18.92
C PRO D 209 21.02 -17.17 19.70
N SER D 210 21.17 -16.33 20.73
CA SER D 210 22.38 -16.36 21.53
C SER D 210 22.47 -17.62 22.38
N LEU D 211 21.34 -18.10 22.89
CA LEU D 211 21.34 -19.34 23.67
C LEU D 211 21.50 -20.56 22.78
N ILE D 212 21.05 -20.49 21.53
CA ILE D 212 21.31 -21.59 20.59
C ILE D 212 22.77 -21.57 20.16
N ALA D 213 23.37 -20.39 20.06
CA ALA D 213 24.78 -20.30 19.71
C ALA D 213 25.64 -21.04 20.74
N LEU D 214 25.35 -20.83 22.02
CA LEU D 214 25.93 -21.65 23.07
C LEU D 214 25.05 -22.90 23.28
N SER D 215 25.48 -23.76 24.19
CA SER D 215 24.65 -24.81 24.78
C SER D 215 23.96 -25.71 23.77
N SER D 216 24.37 -25.67 22.50
CA SER D 216 23.75 -26.48 21.47
C SER D 216 24.82 -27.22 20.69
N GLU D 217 24.68 -28.55 20.61
CA GLU D 217 25.65 -29.35 19.87
C GLU D 217 25.61 -29.03 18.38
N ASP D 218 24.41 -28.87 17.82
CA ASP D 218 24.23 -28.52 16.41
C ASP D 218 23.29 -27.33 16.35
N PRO D 219 23.83 -26.10 16.32
CA PRO D 219 22.94 -24.92 16.30
C PRO D 219 22.02 -24.86 15.10
N ILE D 220 22.51 -25.27 13.94
CA ILE D 220 21.73 -25.24 12.73
C ILE D 220 20.58 -26.21 12.82
N LEU D 221 20.88 -27.42 13.26
CA LEU D 221 19.87 -28.44 13.42
C LEU D 221 18.86 -28.05 14.51
N THR D 222 19.35 -27.48 15.60
CA THR D 222 18.47 -27.05 16.67
C THR D 222 17.51 -25.99 16.20
N ALA D 223 18.01 -25.05 15.41
CA ALA D 223 17.17 -24.00 14.87
C ALA D 223 16.10 -24.56 13.94
N PHE D 224 16.46 -25.56 13.14
CA PHE D 224 15.52 -26.19 12.22
C PHE D 224 14.39 -26.88 12.97
N ARG D 225 14.74 -27.59 14.04
CA ARG D 225 13.79 -28.31 14.86
C ARG D 225 12.95 -27.37 15.71
N LEU D 226 13.56 -26.31 16.22
CA LEU D 226 12.83 -25.35 17.05
C LEU D 226 11.84 -24.57 16.20
N GLY D 227 12.25 -24.13 15.01
CA GLY D 227 11.31 -23.44 14.14
C GLY D 227 10.15 -24.32 13.74
N TRP D 228 10.42 -25.59 13.44
CA TRP D 228 9.35 -26.51 13.06
C TRP D 228 8.34 -26.67 14.20
N GLU D 229 8.83 -26.97 15.41
CA GLU D 229 7.90 -27.18 16.52
C GLU D 229 7.21 -25.89 16.93
N LEU D 230 7.85 -24.73 16.75
CA LEU D 230 7.19 -23.47 17.05
C LEU D 230 6.07 -23.18 16.05
N LYS D 231 6.29 -23.52 14.77
CA LYS D 231 5.22 -23.39 13.80
C LYS D 231 4.06 -24.35 14.12
N GLU D 232 4.39 -25.58 14.52
CA GLU D 232 3.35 -26.53 14.92
C GLU D 232 2.58 -26.01 16.13
N LEU D 233 3.27 -25.41 17.10
CA LEU D 233 2.61 -24.83 18.25
C LEU D 233 1.70 -23.67 17.84
N SER D 234 2.17 -22.82 16.94
CA SER D 234 1.34 -21.72 16.45
C SER D 234 0.08 -22.26 15.77
N LYS D 235 0.21 -23.38 15.05
CA LYS D 235 -0.97 -24.04 14.50
C LYS D 235 -1.91 -24.51 15.61
N VAL D 236 -1.36 -25.24 16.58
CA VAL D 236 -2.20 -25.83 17.62
C VAL D 236 -2.69 -24.77 18.59
N GLU D 237 -1.78 -23.92 19.07
CA GLU D 237 -2.18 -22.83 19.96
C GLU D 237 -2.83 -21.73 19.14
N ASN D 238 -4.17 -21.77 19.02
CA ASN D 238 -4.89 -20.77 18.26
C ASN D 238 -4.66 -19.38 18.85
N GLU D 239 -4.74 -19.26 20.17
CA GLU D 239 -4.31 -18.06 20.85
C GLU D 239 -2.80 -18.07 21.00
N PHE D 240 -2.22 -16.87 21.20
CA PHE D 240 -0.77 -16.67 21.25
C PHE D 240 -0.08 -17.16 19.98
N LYS D 241 -0.81 -17.18 18.87
CA LYS D 241 -0.26 -17.70 17.61
C LYS D 241 0.86 -16.82 17.08
N ALA D 242 0.71 -15.50 17.21
CA ALA D 242 1.72 -14.58 16.68
C ALA D 242 3.06 -14.75 17.36
N GLU D 243 3.05 -14.99 18.68
CA GLU D 243 4.30 -15.17 19.41
C GLU D 243 5.05 -16.40 18.91
N TYR D 244 4.35 -17.52 18.74
CA TYR D 244 5.00 -18.73 18.25
C TYR D 244 5.47 -18.56 16.81
N GLU D 245 4.68 -17.88 15.98
CA GLU D 245 5.11 -17.64 14.60
C GLU D 245 6.37 -16.78 14.56
N GLU D 246 6.44 -15.74 15.38
CA GLU D 246 7.64 -14.89 15.36
C GLU D 246 8.83 -15.61 15.97
N LEU D 247 8.62 -16.50 16.94
CA LEU D 247 9.71 -17.31 17.45
C LEU D 247 10.25 -18.26 16.37
N SER D 248 9.35 -18.89 15.61
CA SER D 248 9.80 -19.75 14.52
C SER D 248 10.53 -18.94 13.45
N GLN D 249 10.03 -17.74 13.14
CA GLN D 249 10.72 -16.88 12.19
C GLN D 249 12.10 -16.48 12.71
N GLN D 250 12.21 -16.25 14.03
CA GLN D 250 13.50 -15.94 14.63
C GLN D 250 14.47 -17.11 14.47
N CYS D 251 14.00 -18.33 14.70
CA CYS D 251 14.85 -19.51 14.52
C CYS D 251 15.30 -19.64 13.06
N LYS D 252 14.38 -19.44 12.12
CA LYS D 252 14.73 -19.52 10.70
C LYS D 252 15.75 -18.44 10.33
N LEU D 253 15.57 -17.22 10.84
CA LEU D 253 16.51 -16.15 10.56
C LEU D 253 17.88 -16.45 11.16
N PHE D 254 17.91 -17.03 12.36
CA PHE D 254 19.17 -17.40 12.97
C PHE D 254 19.91 -18.44 12.13
N ALA D 255 19.20 -19.45 11.64
CA ALA D 255 19.83 -20.44 10.78
C ALA D 255 20.34 -19.81 9.48
N LYS D 256 19.53 -18.93 8.89
CA LYS D 256 19.94 -18.28 7.64
C LYS D 256 21.17 -17.41 7.85
N ASP D 257 21.24 -16.70 8.98
CA ASP D 257 22.41 -15.86 9.26
C ASP D 257 23.64 -16.70 9.54
N LEU D 258 23.47 -17.84 10.22
CA LEU D 258 24.59 -18.75 10.42
C LEU D 258 25.14 -19.22 9.08
N LEU D 259 24.25 -19.57 8.15
CA LEU D 259 24.70 -19.90 6.80
C LEU D 259 25.33 -18.69 6.10
N ASP D 260 24.84 -17.49 6.40
CA ASP D 260 25.40 -16.28 5.82
C ASP D 260 26.84 -16.05 6.26
N GLN D 261 27.18 -16.43 7.49
CA GLN D 261 28.51 -16.18 8.01
C GLN D 261 29.59 -17.02 7.33
N ALA D 262 29.21 -18.00 6.51
CA ALA D 262 30.19 -18.82 5.81
C ALA D 262 31.08 -17.95 4.93
N ARG D 263 32.39 -18.19 5.00
CA ARG D 263 33.38 -17.38 4.31
C ARG D 263 34.10 -18.10 3.18
N SER D 264 33.91 -19.41 3.05
CA SER D 264 34.56 -20.17 1.99
C SER D 264 33.65 -21.30 1.53
N SER D 265 33.92 -21.81 0.33
CA SER D 265 33.13 -22.91 -0.20
C SER D 265 33.34 -24.20 0.60
N ARG D 266 34.55 -24.41 1.12
CA ARG D 266 34.81 -25.61 1.91
C ARG D 266 33.92 -25.65 3.15
N GLU D 267 33.80 -24.52 3.84
CA GLU D 267 32.91 -24.47 5.00
C GLU D 267 31.47 -24.74 4.61
N LEU D 268 31.03 -24.19 3.47
CA LEU D 268 29.65 -24.42 3.02
C LEU D 268 29.40 -25.89 2.72
N GLU D 269 30.35 -26.56 2.05
CA GLU D 269 30.20 -27.99 1.80
C GLU D 269 30.22 -28.79 3.09
N ILE D 270 31.03 -28.37 4.06
CA ILE D 270 31.04 -29.05 5.35
C ILE D 270 29.69 -28.93 6.04
N ILE D 271 29.10 -27.73 6.00
CA ILE D 271 27.81 -27.51 6.64
C ILE D 271 26.72 -28.33 5.95
N LEU D 272 26.64 -28.22 4.62
CA LEU D 272 25.51 -28.78 3.90
C LEU D 272 25.57 -30.30 3.78
N ASN D 273 26.77 -30.88 3.77
CA ASN D 273 26.92 -32.32 3.63
C ASN D 273 27.00 -33.04 4.97
N HIS D 274 26.84 -32.33 6.07
CA HIS D 274 26.94 -32.94 7.39
C HIS D 274 25.70 -33.77 7.70
N ARG D 275 25.93 -35.01 8.15
CA ARG D 275 24.85 -35.89 8.59
C ARG D 275 24.86 -35.96 10.10
N ASP D 276 23.71 -35.69 10.71
CA ASP D 276 23.61 -35.77 12.17
C ASP D 276 23.87 -37.19 12.66
N ASP D 277 23.33 -38.18 11.97
CA ASP D 277 23.54 -39.58 12.34
C ASP D 277 24.94 -40.04 11.97
N ASP D 289 24.87 -36.93 -0.59
CA ASP D 289 25.40 -35.69 -0.07
C ASP D 289 24.28 -34.68 0.18
N LEU D 290 24.66 -33.48 0.64
CA LEU D 290 23.71 -32.41 0.97
C LEU D 290 22.66 -32.89 1.97
N ALA D 291 23.12 -33.63 2.99
CA ALA D 291 22.20 -34.15 3.99
C ALA D 291 21.53 -33.03 4.77
N LYS D 292 22.30 -32.04 5.21
CA LYS D 292 21.72 -30.95 6.00
C LYS D 292 20.79 -30.08 5.15
N LEU D 293 21.09 -29.95 3.86
CA LEU D 293 20.17 -29.23 2.98
C LEU D 293 18.86 -29.98 2.82
N LYS D 294 18.92 -31.31 2.74
CA LYS D 294 17.69 -32.10 2.71
C LYS D 294 16.92 -31.98 4.01
N VAL D 295 17.62 -31.91 5.14
CA VAL D 295 16.97 -31.69 6.42
C VAL D 295 16.28 -30.33 6.45
N ALA D 296 16.96 -29.31 5.92
CA ALA D 296 16.36 -27.98 5.84
C ALA D 296 15.12 -27.97 4.96
N ILE D 297 15.17 -28.69 3.85
CA ILE D 297 14.00 -28.79 2.97
C ILE D 297 12.86 -29.52 3.69
N LYS D 298 13.20 -30.54 4.49
CA LYS D 298 12.18 -31.26 5.23
C LYS D 298 11.45 -30.36 6.22
N TYR D 299 12.18 -29.47 6.90
CA TYR D 299 11.59 -28.53 7.83
C TYR D 299 11.10 -27.25 7.16
N HIS D 300 11.14 -27.20 5.83
CA HIS D 300 10.67 -26.03 5.06
C HIS D 300 11.40 -24.76 5.48
N GLN D 301 12.71 -24.87 5.66
CA GLN D 301 13.55 -23.71 5.97
C GLN D 301 13.88 -22.96 4.68
N LYS D 302 12.87 -22.24 4.19
CA LYS D 302 12.96 -21.60 2.87
C LYS D 302 14.04 -20.53 2.85
N GLU D 303 14.15 -19.73 3.91
CA GLU D 303 15.20 -18.71 3.96
C GLU D 303 16.58 -19.32 3.98
N PHE D 304 16.77 -20.40 4.74
CA PHE D 304 18.06 -21.09 4.76
C PHE D 304 18.40 -21.67 3.40
N VAL D 305 17.41 -22.27 2.73
CA VAL D 305 17.65 -22.89 1.44
C VAL D 305 17.93 -21.85 0.37
N ALA D 306 17.19 -20.74 0.40
CA ALA D 306 17.34 -19.68 -0.61
C ALA D 306 18.55 -18.79 -0.36
N GLN D 307 19.47 -19.20 0.50
CA GLN D 307 20.66 -18.41 0.75
C GLN D 307 21.52 -18.34 -0.51
N PRO D 308 22.10 -17.18 -0.82
CA PRO D 308 22.85 -17.05 -2.09
C PRO D 308 23.99 -18.05 -2.26
N ASN D 309 24.73 -18.35 -1.19
CA ASN D 309 25.83 -19.30 -1.32
C ASN D 309 25.32 -20.73 -1.53
N CYS D 310 24.29 -21.11 -0.78
CA CYS D 310 23.68 -22.42 -0.98
C CYS D 310 23.11 -22.56 -2.38
N GLN D 311 22.46 -21.51 -2.88
CA GLN D 311 21.95 -21.53 -4.25
C GLN D 311 23.08 -21.58 -5.27
N GLN D 312 24.21 -20.92 -4.99
CA GLN D 312 25.36 -21.01 -5.88
C GLN D 312 25.89 -22.43 -5.96
N LEU D 313 26.01 -23.09 -4.80
CA LEU D 313 26.46 -24.48 -4.79
C LEU D 313 25.46 -25.39 -5.51
N LEU D 314 24.17 -25.15 -5.29
CA LEU D 314 23.14 -25.94 -5.97
C LEU D 314 23.18 -25.74 -7.48
N ALA D 315 23.42 -24.51 -7.93
CA ALA D 315 23.56 -24.26 -9.36
C ALA D 315 24.81 -24.91 -9.93
N THR D 316 25.91 -24.92 -9.17
CA THR D 316 27.12 -25.60 -9.61
C THR D 316 26.87 -27.10 -9.78
N LEU D 317 26.16 -27.71 -8.83
CA LEU D 317 25.82 -29.12 -8.95
C LEU D 317 24.79 -29.35 -10.07
N TRP D 318 23.92 -28.38 -10.31
CA TRP D 318 22.85 -28.53 -11.29
C TRP D 318 23.40 -28.53 -12.71
N TYR D 319 24.26 -27.56 -13.02
CA TYR D 319 24.91 -27.47 -14.33
C TYR D 319 26.25 -28.22 -14.32
N ASP D 320 26.16 -29.53 -14.08
CA ASP D 320 27.36 -30.34 -13.98
C ASP D 320 28.10 -30.39 -15.31
N GLY D 321 27.38 -30.61 -16.41
CA GLY D 321 28.02 -30.72 -17.71
C GLY D 321 28.61 -29.41 -18.20
N PHE D 322 27.89 -28.31 -17.98
CA PHE D 322 28.30 -27.01 -18.52
C PHE D 322 28.92 -26.17 -17.42
N PRO D 323 30.24 -25.94 -17.42
CA PRO D 323 30.83 -25.09 -16.39
C PRO D 323 30.54 -23.61 -16.58
N GLY D 324 30.12 -23.18 -17.77
CA GLY D 324 29.87 -21.79 -18.03
C GLY D 324 28.48 -21.51 -18.58
N TRP D 325 27.48 -22.26 -18.12
CA TRP D 325 26.11 -22.04 -18.56
C TRP D 325 25.61 -20.66 -18.16
N ARG D 326 26.09 -20.14 -17.02
CA ARG D 326 25.62 -18.84 -16.55
C ARG D 326 25.96 -17.72 -17.54
N ARG D 327 27.19 -17.74 -18.07
CA ARG D 327 27.62 -16.75 -19.05
C ARG D 327 27.51 -17.33 -20.45
N LYS D 328 26.27 -17.41 -20.93
CA LYS D 328 25.99 -17.89 -22.28
C LYS D 328 24.81 -17.12 -22.85
N HIS D 329 24.86 -16.90 -24.17
CA HIS D 329 23.81 -16.16 -24.84
C HIS D 329 22.54 -17.01 -24.93
N TRP D 330 21.39 -16.35 -24.88
CA TRP D 330 20.11 -17.05 -24.79
C TRP D 330 19.89 -17.97 -25.99
N VAL D 331 20.34 -17.55 -27.18
CA VAL D 331 20.22 -18.40 -28.36
C VAL D 331 21.02 -19.67 -28.19
N VAL D 332 22.23 -19.56 -27.63
CA VAL D 332 23.06 -20.75 -27.40
C VAL D 332 22.38 -21.69 -26.42
N LYS D 333 21.81 -21.15 -25.34
CA LYS D 333 21.11 -21.98 -24.37
C LYS D 333 19.93 -22.69 -25.01
N LEU D 334 19.15 -21.97 -25.81
CA LEU D 334 17.99 -22.55 -26.46
C LEU D 334 18.41 -23.65 -27.44
N LEU D 335 19.45 -23.41 -28.22
CA LEU D 335 19.93 -24.42 -29.16
C LEU D 335 20.43 -25.66 -28.43
N THR D 336 21.18 -25.47 -27.34
CA THR D 336 21.67 -26.62 -26.57
C THR D 336 20.51 -27.41 -25.98
N CYS D 337 19.51 -26.71 -25.44
CA CYS D 337 18.35 -27.39 -24.86
C CYS D 337 17.60 -28.18 -25.91
N MET D 338 17.38 -27.60 -27.09
CA MET D 338 16.69 -28.32 -28.16
C MET D 338 17.51 -29.53 -28.62
N THR D 339 18.82 -29.37 -28.73
CA THR D 339 19.67 -30.48 -29.16
C THR D 339 19.61 -31.63 -28.17
N ILE D 340 19.69 -31.32 -26.87
CA ILE D 340 19.63 -32.37 -25.86
C ILE D 340 18.26 -33.02 -25.83
N GLY D 341 17.20 -32.21 -26.01
CA GLY D 341 15.86 -32.77 -26.04
C GLY D 341 15.64 -33.71 -27.21
N PHE D 342 16.15 -33.34 -28.38
CA PHE D 342 16.05 -34.23 -29.54
C PHE D 342 16.88 -35.49 -29.34
N LEU D 343 18.00 -35.37 -28.63
CA LEU D 343 18.89 -36.49 -28.38
C LEU D 343 18.51 -37.32 -27.17
N PHE D 344 17.38 -37.00 -26.52
CA PHE D 344 16.97 -37.73 -25.32
C PHE D 344 16.80 -39.24 -25.53
N PRO D 345 16.21 -39.72 -26.64
CA PRO D 345 16.09 -41.18 -26.78
C PRO D 345 17.45 -41.88 -26.85
N MET D 346 18.41 -41.30 -27.57
CA MET D 346 19.72 -41.92 -27.67
C MET D 346 20.44 -41.91 -26.33
N LEU D 347 20.31 -40.82 -25.57
CA LEU D 347 20.90 -40.77 -24.24
C LEU D 347 20.29 -41.82 -23.31
N SER D 348 18.97 -41.97 -23.36
CA SER D 348 18.31 -42.98 -22.54
C SER D 348 18.76 -44.39 -22.92
N ILE D 349 18.85 -44.66 -24.22
CA ILE D 349 19.29 -45.99 -24.67
C ILE D 349 20.74 -46.24 -24.27
N ALA D 350 21.58 -45.21 -24.37
CA ALA D 350 22.98 -45.35 -23.97
C ALA D 350 23.11 -45.65 -22.49
N TYR D 351 22.32 -44.95 -21.65
CA TYR D 351 22.32 -45.27 -20.23
C TYR D 351 21.81 -46.67 -19.97
N LEU D 352 20.80 -47.11 -20.72
CA LEU D 352 20.26 -48.45 -20.53
C LEU D 352 21.29 -49.52 -20.86
N ILE D 353 22.03 -49.34 -21.96
CA ILE D 353 22.96 -50.36 -22.40
C ILE D 353 24.28 -50.27 -21.63
N SER D 354 24.97 -49.14 -21.76
CA SER D 354 26.28 -48.94 -21.14
C SER D 354 26.24 -47.71 -20.26
N PRO D 355 25.96 -47.86 -18.96
CA PRO D 355 25.95 -46.70 -18.06
C PRO D 355 27.30 -46.01 -17.94
N ARG D 356 28.40 -46.70 -18.24
CA ARG D 356 29.75 -46.13 -18.13
C ARG D 356 30.28 -45.91 -19.54
N SER D 357 30.13 -44.68 -20.04
CA SER D 357 30.62 -44.30 -21.36
C SER D 357 30.53 -42.78 -21.44
N ASN D 358 30.92 -42.24 -22.61
CA ASN D 358 30.84 -40.80 -22.82
C ASN D 358 29.39 -40.32 -22.83
N LEU D 359 28.47 -41.17 -23.30
CA LEU D 359 27.06 -40.83 -23.33
C LEU D 359 26.23 -41.57 -22.28
N GLY D 360 26.77 -42.64 -21.69
CA GLY D 360 26.01 -43.39 -20.70
C GLY D 360 25.73 -42.60 -19.44
N LEU D 361 26.74 -41.89 -18.92
CA LEU D 361 26.58 -41.09 -17.73
C LEU D 361 26.27 -39.64 -18.03
N PHE D 362 26.08 -39.29 -19.31
CA PHE D 362 25.72 -37.92 -19.65
C PHE D 362 24.33 -37.58 -19.13
N ILE D 363 23.39 -38.52 -19.22
CA ILE D 363 22.04 -38.29 -18.71
C ILE D 363 22.01 -38.30 -17.19
N LYS D 364 23.07 -38.81 -16.54
CA LYS D 364 23.13 -38.80 -15.09
C LYS D 364 23.24 -37.38 -14.54
N LYS D 365 23.66 -36.42 -15.36
CA LYS D 365 23.77 -35.04 -14.90
C LYS D 365 22.37 -34.46 -14.65
N PRO D 366 22.19 -33.73 -13.56
CA PRO D 366 20.83 -33.27 -13.20
C PRO D 366 20.15 -32.43 -14.26
N PHE D 367 20.88 -31.52 -14.91
CA PHE D 367 20.26 -30.69 -15.94
C PHE D 367 19.99 -31.48 -17.20
N ILE D 368 20.90 -32.38 -17.58
CA ILE D 368 20.66 -33.26 -18.71
C ILE D 368 19.45 -34.14 -18.45
N LYS D 369 19.36 -34.68 -17.23
CA LYS D 369 18.21 -35.49 -16.85
C LYS D 369 16.91 -34.69 -16.93
N PHE D 370 16.94 -33.45 -16.44
CA PHE D 370 15.75 -32.61 -16.50
C PHE D 370 15.33 -32.33 -17.95
N ILE D 371 16.30 -32.04 -18.81
CA ILE D 371 16.00 -31.79 -20.22
C ILE D 371 15.43 -33.03 -20.88
N CYS D 372 16.00 -34.20 -20.58
CA CYS D 372 15.51 -35.45 -21.17
C CYS D 372 14.10 -35.75 -20.71
N HIS D 373 13.80 -35.55 -19.43
CA HIS D 373 12.45 -35.80 -18.92
C HIS D 373 11.45 -34.82 -19.52
N THR D 374 11.84 -33.55 -19.65
CA THR D 374 10.96 -32.57 -20.27
C THR D 374 10.69 -32.92 -21.73
N ALA D 375 11.72 -33.36 -22.45
CA ALA D 375 11.54 -33.76 -23.84
C ALA D 375 10.63 -34.98 -23.95
N SER D 376 10.78 -35.95 -23.05
CA SER D 376 9.90 -37.11 -23.07
C SER D 376 8.45 -36.72 -22.81
N TYR D 377 8.23 -35.83 -21.85
CA TYR D 377 6.85 -35.42 -21.55
C TYR D 377 6.27 -34.60 -22.69
N LEU D 378 7.09 -33.77 -23.34
CA LEU D 378 6.62 -33.01 -24.50
C LEU D 378 6.28 -33.95 -25.66
N THR D 379 7.08 -35.00 -25.85
CA THR D 379 6.75 -36.00 -26.85
C THR D 379 5.43 -36.70 -26.53
N PHE D 380 5.21 -37.00 -25.25
CA PHE D 380 3.93 -37.59 -24.84
C PHE D 380 2.76 -36.66 -25.16
N LEU D 381 2.92 -35.37 -24.89
CA LEU D 381 1.84 -34.41 -25.17
C LEU D 381 1.63 -34.26 -26.67
N PHE D 382 2.71 -34.27 -27.46
CA PHE D 382 2.58 -34.23 -28.91
C PHE D 382 1.84 -35.47 -29.42
N MET D 383 2.13 -36.63 -28.85
CA MET D 383 1.41 -37.84 -29.22
C MET D 383 -0.06 -37.76 -28.81
N LEU D 384 -0.36 -37.14 -27.68
CA LEU D 384 -1.76 -36.91 -27.30
C LEU D 384 -2.45 -36.04 -28.34
N LEU D 385 -1.78 -34.96 -28.77
CA LEU D 385 -2.35 -34.09 -29.79
C LEU D 385 -2.57 -34.83 -31.10
N LEU D 386 -1.61 -35.69 -31.47
CA LEU D 386 -1.78 -36.49 -32.69
C LEU D 386 -2.94 -37.46 -32.54
N ALA D 387 -3.12 -38.04 -31.36
CA ALA D 387 -4.27 -38.90 -31.11
C ALA D 387 -5.57 -38.12 -31.27
N SER D 388 -5.57 -36.84 -30.87
CA SER D 388 -6.73 -35.99 -31.11
C SER D 388 -7.02 -35.84 -32.60
N GLN D 389 -5.99 -35.90 -33.44
CA GLN D 389 -6.17 -35.78 -34.89
C GLN D 389 -6.79 -37.04 -35.47
N LEU D 396 -14.90 -44.77 -36.64
CA LEU D 396 -15.82 -43.80 -36.07
C LEU D 396 -17.16 -44.45 -35.73
N HIS D 397 -17.38 -45.65 -36.24
CA HIS D 397 -18.62 -46.38 -35.99
C HIS D 397 -18.35 -47.80 -35.51
N VAL D 398 -17.14 -48.08 -35.08
CA VAL D 398 -16.78 -49.41 -34.58
C VAL D 398 -16.92 -49.41 -33.07
N GLN D 399 -17.75 -50.31 -32.54
CA GLN D 399 -17.89 -50.45 -31.09
C GLN D 399 -16.70 -51.22 -30.55
N GLY D 400 -15.91 -50.57 -29.71
CA GLY D 400 -14.70 -51.16 -29.18
C GLY D 400 -13.67 -51.44 -30.26
N PRO D 401 -13.15 -50.39 -30.88
CA PRO D 401 -12.14 -50.57 -31.93
C PRO D 401 -10.78 -50.88 -31.32
N PRO D 402 -9.91 -51.54 -32.07
CA PRO D 402 -8.54 -51.75 -31.58
C PRO D 402 -7.81 -50.43 -31.50
N PRO D 403 -6.89 -50.28 -30.54
CA PRO D 403 -6.14 -49.02 -30.44
C PRO D 403 -5.31 -48.76 -31.69
N THR D 404 -5.22 -47.49 -32.05
CA THR D 404 -4.47 -47.09 -33.23
C THR D 404 -2.97 -47.10 -32.94
N VAL D 405 -2.17 -46.74 -33.95
CA VAL D 405 -0.74 -46.67 -33.77
C VAL D 405 -0.37 -45.61 -32.75
N VAL D 406 -1.10 -44.49 -32.74
CA VAL D 406 -0.82 -43.43 -31.78
C VAL D 406 -1.10 -43.90 -30.36
N GLU D 407 -2.21 -44.61 -30.14
CA GLU D 407 -2.50 -45.14 -28.82
C GLU D 407 -1.51 -46.22 -28.42
N TRP D 408 -1.07 -47.03 -29.38
CA TRP D 408 -0.05 -48.04 -29.09
C TRP D 408 1.26 -47.39 -28.67
N MET D 409 1.61 -46.26 -29.29
CA MET D 409 2.81 -45.54 -28.88
C MET D 409 2.62 -44.83 -27.54
N ILE D 410 1.39 -44.40 -27.24
CA ILE D 410 1.10 -43.73 -25.98
C ILE D 410 1.20 -44.71 -24.81
N LEU D 411 0.76 -45.96 -25.02
CA LEU D 411 0.68 -46.94 -23.94
C LEU D 411 1.98 -47.11 -23.15
N PRO D 412 3.16 -47.25 -23.75
CA PRO D 412 4.39 -47.34 -22.94
C PRO D 412 4.62 -46.10 -22.09
N TRP D 413 4.27 -44.91 -22.57
CA TRP D 413 4.40 -43.71 -21.76
C TRP D 413 3.50 -43.77 -20.53
N VAL D 414 2.26 -44.24 -20.70
CA VAL D 414 1.34 -44.36 -19.57
C VAL D 414 1.87 -45.39 -18.57
N LEU D 415 2.37 -46.52 -19.07
CA LEU D 415 2.94 -47.53 -18.19
C LEU D 415 4.14 -46.99 -17.45
N GLY D 416 4.98 -46.19 -18.13
CA GLY D 416 6.11 -45.58 -17.47
C GLY D 416 5.69 -44.60 -16.39
N PHE D 417 4.66 -43.80 -16.65
CA PHE D 417 4.16 -42.88 -15.64
C PHE D 417 3.64 -43.65 -14.42
N ILE D 418 2.89 -44.72 -14.64
CA ILE D 418 2.35 -45.51 -13.53
C ILE D 418 3.49 -46.15 -12.74
N TRP D 419 4.47 -46.70 -13.44
CA TRP D 419 5.60 -47.34 -12.76
C TRP D 419 6.42 -46.33 -11.98
N GLY D 420 6.62 -45.13 -12.53
CA GLY D 420 7.31 -44.09 -11.79
C GLY D 420 6.54 -43.64 -10.57
N GLU D 421 5.21 -43.58 -10.67
CA GLU D 421 4.39 -43.25 -9.52
C GLU D 421 4.56 -44.28 -8.40
N ILE D 422 4.42 -45.57 -8.74
CA ILE D 422 4.53 -46.60 -7.71
C ILE D 422 5.97 -46.69 -7.20
N LYS D 423 6.96 -46.38 -8.03
CA LYS D 423 8.34 -46.37 -7.56
C LYS D 423 8.60 -45.21 -6.62
N GLU D 424 7.98 -44.05 -6.86
CA GLU D 424 8.06 -42.95 -5.90
C GLU D 424 7.39 -43.34 -4.59
N MET D 425 6.26 -44.04 -4.65
CA MET D 425 5.64 -44.57 -3.44
C MET D 425 6.59 -45.48 -2.69
N TRP D 426 7.25 -46.38 -3.42
CA TRP D 426 8.11 -47.38 -2.77
C TRP D 426 9.36 -46.73 -2.18
N ASP D 427 9.94 -45.75 -2.86
CA ASP D 427 11.21 -45.16 -2.44
C ASP D 427 11.00 -44.03 -1.43
N GLY D 428 10.28 -42.99 -1.82
CA GLY D 428 10.10 -41.85 -0.94
C GLY D 428 9.15 -42.11 0.21
N GLY D 429 8.33 -43.14 0.13
CA GLY D 429 7.35 -43.46 1.14
C GLY D 429 5.98 -42.92 0.77
N PHE D 430 5.01 -43.28 1.61
CA PHE D 430 3.63 -42.85 1.39
C PHE D 430 3.36 -41.44 1.89
N THR D 431 3.92 -41.08 3.05
CA THR D 431 3.69 -39.76 3.61
C THR D 431 4.27 -38.65 2.73
N GLU D 432 5.48 -38.86 2.21
CA GLU D 432 6.11 -37.84 1.39
C GLU D 432 5.36 -37.62 0.08
N TYR D 433 4.86 -38.70 -0.52
CA TYR D 433 4.16 -38.58 -1.80
C TYR D 433 2.87 -37.76 -1.65
N ILE D 434 2.07 -38.07 -0.62
CA ILE D 434 0.76 -37.45 -0.51
C ILE D 434 0.84 -35.98 -0.14
N HIS D 435 1.97 -35.53 0.38
CA HIS D 435 2.13 -34.10 0.69
C HIS D 435 2.07 -33.25 -0.56
N ASP D 436 2.72 -33.69 -1.64
CA ASP D 436 2.70 -32.95 -2.89
C ASP D 436 1.33 -33.03 -3.54
N TRP D 437 0.90 -31.90 -4.11
CA TRP D 437 -0.37 -31.84 -4.82
C TRP D 437 -0.22 -32.17 -6.31
N TRP D 438 0.95 -31.88 -6.88
CA TRP D 438 1.26 -32.40 -8.21
C TRP D 438 1.25 -33.92 -8.20
N ASN D 439 1.62 -34.54 -7.09
CA ASN D 439 1.48 -35.98 -6.94
C ASN D 439 0.02 -36.40 -6.99
N LEU D 440 -0.86 -35.61 -6.37
CA LEU D 440 -2.29 -35.89 -6.46
C LEU D 440 -2.79 -35.79 -7.90
N MET D 441 -2.34 -34.76 -8.62
CA MET D 441 -2.73 -34.63 -10.02
C MET D 441 -2.21 -35.79 -10.85
N ASP D 442 -0.98 -36.22 -10.60
CA ASP D 442 -0.43 -37.38 -11.30
C ASP D 442 -1.23 -38.65 -11.00
N PHE D 443 -1.63 -38.82 -9.73
CA PHE D 443 -2.46 -39.98 -9.38
C PHE D 443 -3.79 -39.94 -10.10
N ALA D 444 -4.43 -38.77 -10.15
CA ALA D 444 -5.70 -38.66 -10.86
C ALA D 444 -5.53 -38.97 -12.34
N MET D 445 -4.49 -38.42 -12.96
CA MET D 445 -4.26 -38.64 -14.38
C MET D 445 -3.96 -40.11 -14.67
N ASN D 446 -3.14 -40.75 -13.84
CA ASN D 446 -2.83 -42.16 -14.05
C ASN D 446 -4.03 -43.06 -13.83
N SER D 447 -4.86 -42.74 -12.84
CA SER D 447 -6.09 -43.50 -12.63
C SER D 447 -7.03 -43.34 -13.80
N LEU D 448 -7.12 -42.13 -14.36
CA LEU D 448 -7.96 -41.91 -15.53
C LEU D 448 -7.44 -42.68 -16.74
N TYR D 449 -6.11 -42.72 -16.93
CA TYR D 449 -5.55 -43.50 -18.02
C TYR D 449 -5.79 -44.99 -17.83
N LEU D 450 -5.66 -45.48 -16.59
CA LEU D 450 -5.94 -46.90 -16.32
C LEU D 450 -7.41 -47.23 -16.60
N ALA D 451 -8.32 -46.34 -16.18
CA ALA D 451 -9.73 -46.55 -16.46
C ALA D 451 -10.00 -46.53 -17.95
N THR D 452 -9.34 -45.64 -18.68
CA THR D 452 -9.50 -45.60 -20.14
C THR D 452 -9.03 -46.89 -20.78
N ILE D 453 -7.88 -47.42 -20.33
CA ILE D 453 -7.37 -48.67 -20.89
C ILE D 453 -8.33 -49.82 -20.58
N SER D 454 -8.82 -49.87 -19.34
CA SER D 454 -9.75 -50.94 -18.96
C SER D 454 -11.05 -50.86 -19.76
N LEU D 455 -11.57 -49.65 -19.95
CA LEU D 455 -12.80 -49.49 -20.72
C LEU D 455 -12.59 -49.84 -22.18
N LYS D 456 -11.43 -49.48 -22.74
CA LYS D 456 -11.13 -49.87 -24.12
C LYS D 456 -11.05 -51.38 -24.26
N ILE D 457 -10.43 -52.07 -23.29
CA ILE D 457 -10.36 -53.52 -23.33
C ILE D 457 -11.77 -54.12 -23.23
N VAL D 458 -12.59 -53.58 -22.32
CA VAL D 458 -13.95 -54.09 -22.15
C VAL D 458 -14.76 -53.90 -23.43
N ALA D 459 -14.64 -52.73 -24.06
CA ALA D 459 -15.36 -52.48 -25.30
C ALA D 459 -14.88 -53.39 -26.42
N TYR D 460 -13.56 -53.64 -26.47
CA TYR D 460 -13.02 -54.53 -27.49
C TYR D 460 -13.52 -55.95 -27.31
N VAL D 461 -13.60 -56.44 -26.07
CA VAL D 461 -13.97 -57.82 -25.83
C VAL D 461 -15.48 -58.05 -25.79
N LYS D 462 -16.28 -57.01 -25.57
CA LYS D 462 -17.72 -57.15 -25.49
C LYS D 462 -18.45 -56.52 -26.68
N TYR D 463 -17.72 -56.06 -27.69
CA TYR D 463 -18.32 -55.46 -28.88
C TYR D 463 -17.48 -55.81 -30.09
N ASN D 464 -18.14 -56.31 -31.13
CA ASN D 464 -17.46 -56.72 -32.36
C ASN D 464 -17.99 -56.02 -33.60
N GLY D 465 -19.30 -55.78 -33.68
CA GLY D 465 -19.88 -55.20 -34.87
C GLY D 465 -19.59 -53.73 -35.00
N SER D 466 -20.01 -53.18 -36.14
CA SER D 466 -19.81 -51.77 -36.48
C SER D 466 -21.18 -51.10 -36.54
N ARG D 467 -21.66 -50.62 -35.39
CA ARG D 467 -22.93 -49.92 -35.28
C ARG D 467 -22.70 -48.42 -35.33
N PRO D 468 -23.49 -47.66 -36.08
CA PRO D 468 -23.28 -46.21 -36.15
C PRO D 468 -23.40 -45.57 -34.77
N ARG D 469 -22.57 -44.55 -34.54
CA ARG D 469 -22.46 -43.96 -33.22
C ARG D 469 -23.74 -43.26 -32.77
N GLU D 470 -24.61 -42.90 -33.71
CA GLU D 470 -25.83 -42.17 -33.34
C GLU D 470 -26.77 -43.02 -32.49
N GLU D 471 -26.72 -44.34 -32.64
CA GLU D 471 -27.61 -45.23 -31.89
C GLU D 471 -26.89 -45.93 -30.74
N TRP D 472 -25.69 -45.49 -30.38
CA TRP D 472 -25.00 -46.07 -29.24
C TRP D 472 -25.70 -45.71 -27.94
N GLU D 473 -25.48 -46.54 -26.91
CA GLU D 473 -26.01 -46.26 -25.59
C GLU D 473 -25.33 -45.04 -24.99
N MET D 474 -26.03 -44.35 -24.08
CA MET D 474 -25.46 -43.18 -23.43
C MET D 474 -24.23 -43.53 -22.63
N TRP D 475 -24.25 -44.67 -21.95
CA TRP D 475 -23.11 -45.16 -21.17
C TRP D 475 -22.33 -46.24 -21.93
N HIS D 476 -22.21 -46.09 -23.25
CA HIS D 476 -21.43 -47.02 -24.04
C HIS D 476 -19.97 -46.98 -23.57
N PRO D 477 -19.31 -48.13 -23.47
CA PRO D 477 -17.92 -48.13 -22.96
C PRO D 477 -16.98 -47.28 -23.81
N THR D 478 -17.17 -47.25 -25.12
CA THR D 478 -16.29 -46.44 -25.97
C THR D 478 -16.43 -44.96 -25.67
N LEU D 479 -17.66 -44.49 -25.47
CA LEU D 479 -17.88 -43.08 -25.17
C LEU D 479 -17.25 -42.69 -23.84
N ILE D 480 -17.42 -43.53 -22.81
CA ILE D 480 -16.84 -43.23 -21.50
C ILE D 480 -15.33 -43.28 -21.57
N ALA D 481 -14.78 -44.23 -22.33
CA ALA D 481 -13.33 -44.30 -22.50
C ALA D 481 -12.80 -43.05 -23.19
N GLU D 482 -13.50 -42.57 -24.22
CA GLU D 482 -13.08 -41.35 -24.89
C GLU D 482 -13.15 -40.15 -23.95
N ALA D 483 -14.20 -40.06 -23.14
CA ALA D 483 -14.32 -38.94 -22.20
C ALA D 483 -13.19 -38.96 -21.18
N LEU D 484 -12.91 -40.14 -20.63
CA LEU D 484 -11.82 -40.25 -19.65
C LEU D 484 -10.48 -39.95 -20.29
N PHE D 485 -10.28 -40.39 -21.53
CA PHE D 485 -9.03 -40.09 -22.23
C PHE D 485 -8.88 -38.59 -22.47
N ALA D 486 -9.96 -37.90 -22.81
CA ALA D 486 -9.90 -36.46 -23.01
C ALA D 486 -9.59 -35.73 -21.70
N ILE D 487 -10.22 -36.15 -20.60
CA ILE D 487 -9.91 -35.55 -19.31
C ILE D 487 -8.46 -35.81 -18.93
N SER D 488 -7.96 -37.01 -19.21
CA SER D 488 -6.56 -37.34 -18.94
C SER D 488 -5.64 -36.47 -19.78
N ASN D 489 -6.01 -36.21 -21.03
CA ASN D 489 -5.23 -35.32 -21.88
C ASN D 489 -5.18 -33.92 -21.30
N ILE D 490 -6.31 -33.42 -20.80
CA ILE D 490 -6.33 -32.10 -20.17
C ILE D 490 -5.39 -32.06 -18.98
N LEU D 491 -5.47 -33.09 -18.12
CA LEU D 491 -4.63 -33.13 -16.93
C LEU D 491 -3.15 -33.24 -17.30
N SER D 492 -2.84 -34.07 -18.30
CA SER D 492 -1.44 -34.24 -18.72
C SER D 492 -0.88 -32.94 -19.28
N SER D 493 -1.66 -32.22 -20.07
CA SER D 493 -1.19 -30.96 -20.61
C SER D 493 -1.07 -29.88 -19.53
N LEU D 494 -1.96 -29.91 -18.53
CA LEU D 494 -1.84 -28.97 -17.42
C LEU D 494 -0.70 -29.32 -16.47
N ARG D 495 -0.21 -30.56 -16.51
CA ARG D 495 0.94 -30.93 -15.70
C ARG D 495 2.19 -30.15 -16.06
N LEU D 496 2.24 -29.50 -17.23
CA LEU D 496 3.39 -28.71 -17.61
C LEU D 496 3.61 -27.51 -16.70
N ILE D 497 2.60 -27.09 -15.95
CA ILE D 497 2.73 -25.92 -15.08
C ILE D 497 3.77 -26.16 -14.00
N SER D 498 3.96 -27.41 -13.59
CA SER D 498 4.97 -27.71 -12.58
C SER D 498 6.38 -27.40 -13.09
N LEU D 499 6.59 -27.46 -14.40
CA LEU D 499 7.90 -27.14 -14.97
C LEU D 499 8.19 -25.65 -14.96
N PHE D 500 7.20 -24.80 -14.66
CA PHE D 500 7.45 -23.37 -14.55
C PHE D 500 8.41 -23.03 -13.43
N THR D 501 8.58 -23.93 -12.46
CA THR D 501 9.44 -23.65 -11.31
C THR D 501 10.89 -23.46 -11.74
N ALA D 502 11.35 -24.23 -12.73
CA ALA D 502 12.75 -24.16 -13.15
C ALA D 502 13.09 -22.86 -13.86
N ASN D 503 12.10 -22.06 -14.24
CA ASN D 503 12.34 -20.82 -14.95
C ASN D 503 12.34 -19.63 -14.00
N SER D 504 13.15 -18.62 -14.33
CA SER D 504 13.27 -17.46 -13.45
C SER D 504 12.06 -16.56 -13.52
N HIS D 505 11.37 -16.53 -14.66
CA HIS D 505 10.21 -15.66 -14.83
C HIS D 505 8.90 -16.38 -14.50
N LEU D 506 8.75 -17.63 -14.93
CA LEU D 506 7.52 -18.37 -14.69
C LEU D 506 7.46 -18.99 -13.30
N GLY D 507 8.58 -19.04 -12.58
CA GLY D 507 8.62 -19.63 -11.27
C GLY D 507 7.81 -18.88 -10.22
N PRO D 508 8.19 -17.62 -9.96
CA PRO D 508 7.40 -16.82 -9.02
C PRO D 508 5.95 -16.63 -9.45
N LEU D 509 5.69 -16.63 -10.76
CA LEU D 509 4.31 -16.59 -11.23
C LEU D 509 3.55 -17.83 -10.78
N GLN D 510 4.17 -19.01 -10.93
CA GLN D 510 3.54 -20.25 -10.47
C GLN D 510 3.34 -20.23 -8.96
N ILE D 511 4.31 -19.70 -8.23
CA ILE D 511 4.17 -19.57 -6.78
C ILE D 511 2.97 -18.67 -6.44
N SER D 512 2.82 -17.55 -7.16
CA SER D 512 1.72 -16.64 -6.90
C SER D 512 0.38 -17.29 -7.18
N LEU D 513 0.27 -18.02 -8.29
CA LEU D 513 -0.97 -18.74 -8.56
C LEU D 513 -1.26 -19.77 -7.48
N GLY D 514 -0.24 -20.49 -7.03
CA GLY D 514 -0.44 -21.45 -5.96
C GLY D 514 -0.92 -20.81 -4.68
N ARG D 515 -0.37 -19.65 -4.33
CA ARG D 515 -0.81 -18.95 -3.12
C ARG D 515 -2.24 -18.45 -3.25
N MET D 516 -2.61 -17.93 -4.42
CA MET D 516 -3.97 -17.41 -4.57
C MET D 516 -5.02 -18.50 -4.78
N LEU D 517 -4.61 -19.73 -5.10
CA LEU D 517 -5.60 -20.80 -5.17
C LEU D 517 -6.26 -21.05 -3.82
N LEU D 518 -5.57 -20.75 -2.73
CA LEU D 518 -6.19 -20.86 -1.41
C LEU D 518 -7.35 -19.88 -1.27
N ASP D 519 -7.15 -18.63 -1.70
CA ASP D 519 -8.25 -17.68 -1.71
C ASP D 519 -9.35 -18.12 -2.68
N ILE D 520 -8.96 -18.73 -3.80
CA ILE D 520 -9.95 -19.28 -4.72
C ILE D 520 -10.86 -20.27 -4.00
N LEU D 521 -10.26 -21.19 -3.23
CA LEU D 521 -11.06 -22.19 -2.52
C LEU D 521 -11.91 -21.54 -1.42
N LYS D 522 -11.33 -20.59 -0.68
CA LYS D 522 -12.07 -19.95 0.40
C LYS D 522 -13.29 -19.22 -0.14
N PHE D 523 -13.13 -18.51 -1.25
CA PHE D 523 -14.27 -17.83 -1.87
C PHE D 523 -15.22 -18.83 -2.52
N LEU D 524 -14.71 -19.94 -3.05
CA LEU D 524 -15.54 -20.95 -3.69
C LEU D 524 -16.48 -21.61 -2.71
N PHE D 525 -16.06 -21.74 -1.44
CA PHE D 525 -16.97 -22.29 -0.43
C PHE D 525 -18.27 -21.49 -0.36
N ILE D 526 -18.16 -20.18 -0.18
CA ILE D 526 -19.36 -19.37 -0.03
C ILE D 526 -20.05 -19.15 -1.38
N TYR D 527 -19.29 -19.20 -2.48
CA TYR D 527 -19.92 -19.17 -3.80
C TYR D 527 -20.83 -20.37 -3.98
N CYS D 528 -20.36 -21.55 -3.58
CA CYS D 528 -21.19 -22.75 -3.65
C CYS D 528 -22.38 -22.66 -2.70
N LEU D 529 -22.19 -22.07 -1.52
CA LEU D 529 -23.31 -21.90 -0.60
C LEU D 529 -24.40 -21.02 -1.21
N VAL D 530 -24.01 -19.87 -1.76
CA VAL D 530 -24.98 -18.97 -2.40
C VAL D 530 -25.61 -19.63 -3.61
N LEU D 531 -24.81 -20.37 -4.39
CA LEU D 531 -25.32 -21.09 -5.54
C LEU D 531 -26.38 -22.10 -5.12
N LEU D 532 -26.12 -22.86 -4.05
CA LEU D 532 -27.10 -23.83 -3.57
C LEU D 532 -28.36 -23.13 -3.08
N ALA D 533 -28.23 -22.02 -2.37
CA ALA D 533 -29.41 -21.30 -1.89
C ALA D 533 -30.28 -20.84 -3.05
N PHE D 534 -29.68 -20.17 -4.03
CA PHE D 534 -30.48 -19.63 -5.13
C PHE D 534 -30.97 -20.74 -6.05
N ALA D 535 -30.21 -21.82 -6.20
CA ALA D 535 -30.70 -22.96 -6.98
C ALA D 535 -31.89 -23.62 -6.31
N ASN D 536 -31.85 -23.77 -4.99
CA ASN D 536 -32.99 -24.29 -4.25
C ASN D 536 -34.21 -23.41 -4.48
N GLY D 537 -34.05 -22.10 -4.34
CA GLY D 537 -35.19 -21.21 -4.54
C GLY D 537 -35.75 -21.26 -5.95
N LEU D 538 -34.87 -21.19 -6.95
CA LEU D 538 -35.32 -21.17 -8.34
C LEU D 538 -35.96 -22.49 -8.73
N ASN D 539 -35.39 -23.62 -8.29
CA ASN D 539 -35.98 -24.91 -8.60
C ASN D 539 -37.32 -25.07 -7.89
N GLN D 540 -37.42 -24.64 -6.63
CA GLN D 540 -38.70 -24.70 -5.92
C GLN D 540 -39.76 -23.88 -6.65
N LEU D 541 -39.35 -22.76 -7.25
CA LEU D 541 -40.33 -21.96 -8.01
C LEU D 541 -40.70 -22.62 -9.34
N TYR D 542 -39.72 -23.17 -10.05
CA TYR D 542 -39.89 -23.50 -11.45
C TYR D 542 -40.11 -24.99 -11.73
N PHE D 543 -40.10 -25.85 -10.71
CA PHE D 543 -40.24 -27.27 -11.01
C PHE D 543 -41.66 -27.66 -11.41
N TYR D 544 -42.65 -26.79 -11.18
CA TYR D 544 -44.01 -27.09 -11.63
C TYR D 544 -44.14 -27.01 -13.15
N TYR D 545 -43.26 -26.27 -13.83
CA TYR D 545 -43.36 -26.03 -15.25
C TYR D 545 -42.37 -26.85 -16.06
N GLU D 546 -41.84 -27.94 -15.48
CA GLU D 546 -40.97 -28.83 -16.22
C GLU D 546 -41.73 -29.43 -17.41
N THR D 547 -41.11 -29.41 -18.58
CA THR D 547 -41.72 -29.88 -19.81
C THR D 547 -40.92 -31.03 -20.40
N ARG D 548 -41.62 -31.93 -21.07
CA ARG D 548 -40.96 -33.05 -21.74
C ARG D 548 -40.13 -32.56 -22.91
N ALA D 549 -39.06 -33.31 -23.22
CA ALA D 549 -38.20 -32.95 -24.34
C ALA D 549 -38.96 -32.99 -25.66
N ILE D 550 -39.99 -33.83 -25.76
CA ILE D 550 -40.75 -33.95 -27.00
C ILE D 550 -41.43 -32.62 -27.33
N ASP D 551 -41.93 -31.92 -26.32
CA ASP D 551 -42.62 -30.65 -26.53
C ASP D 551 -41.68 -29.53 -26.96
N GLU D 552 -40.37 -29.74 -26.89
CA GLU D 552 -39.42 -28.72 -27.26
C GLU D 552 -39.30 -28.62 -28.78
N PRO D 553 -38.91 -27.44 -29.30
CA PRO D 553 -38.87 -27.28 -30.77
C PRO D 553 -37.97 -28.28 -31.48
N ASN D 554 -36.83 -28.64 -30.90
CA ASN D 554 -35.88 -29.55 -31.53
C ASN D 554 -35.69 -30.82 -30.72
N ASN D 555 -36.66 -31.19 -29.90
CA ASN D 555 -36.57 -32.36 -29.02
C ASN D 555 -35.38 -32.25 -28.08
N CYS D 556 -34.98 -31.04 -27.75
CA CYS D 556 -33.82 -30.77 -26.90
C CYS D 556 -34.28 -30.13 -25.59
N LYS D 557 -33.90 -30.75 -24.48
CA LYS D 557 -34.28 -30.27 -23.15
C LYS D 557 -33.02 -29.87 -22.40
N GLY D 558 -33.02 -28.66 -21.84
CA GLY D 558 -31.91 -28.14 -21.08
C GLY D 558 -31.40 -26.83 -21.65
N ILE D 559 -30.30 -26.35 -21.05
CA ILE D 559 -29.71 -25.08 -21.46
C ILE D 559 -28.61 -25.25 -22.50
N ARG D 560 -28.22 -26.48 -22.83
CA ARG D 560 -27.24 -26.74 -23.88
C ARG D 560 -27.88 -26.81 -25.25
N CYS D 561 -29.11 -26.29 -25.40
CA CYS D 561 -29.82 -26.28 -26.66
C CYS D 561 -29.77 -24.87 -27.26
N GLU D 562 -30.06 -24.80 -28.56
CA GLU D 562 -30.06 -23.50 -29.24
C GLU D 562 -31.12 -22.57 -28.63
N LYS D 563 -32.31 -23.09 -28.35
CA LYS D 563 -33.33 -22.37 -27.61
C LYS D 563 -33.36 -22.96 -26.20
N GLN D 564 -32.71 -22.27 -25.26
CA GLN D 564 -32.62 -22.78 -23.90
C GLN D 564 -33.99 -22.91 -23.26
N ASN D 565 -34.18 -24.00 -22.52
CA ASN D 565 -35.46 -24.28 -21.89
C ASN D 565 -35.22 -25.16 -20.68
N ASN D 566 -36.21 -25.21 -19.78
CA ASN D 566 -36.17 -26.05 -18.59
C ASN D 566 -34.92 -25.78 -17.76
N ALA D 567 -34.55 -24.50 -17.66
CA ALA D 567 -33.31 -24.14 -16.97
C ALA D 567 -33.38 -24.43 -15.48
N PHE D 568 -34.56 -24.30 -14.87
CA PHE D 568 -34.73 -24.50 -13.43
C PHE D 568 -35.75 -25.58 -13.14
N SER D 569 -35.92 -26.53 -14.07
CA SER D 569 -36.88 -27.62 -13.86
C SER D 569 -36.38 -28.57 -12.78
N THR D 570 -35.12 -28.98 -12.86
CA THR D 570 -34.51 -29.86 -11.87
C THR D 570 -33.41 -29.13 -11.13
N LEU D 571 -32.95 -29.73 -10.04
CA LEU D 571 -31.95 -29.09 -9.20
C LEU D 571 -30.58 -29.07 -9.88
N PHE D 572 -30.21 -30.18 -10.52
CA PHE D 572 -28.92 -30.22 -11.21
C PHE D 572 -28.90 -29.24 -12.39
N GLU D 573 -29.99 -29.20 -13.16
CA GLU D 573 -30.08 -28.24 -14.25
C GLU D 573 -30.08 -26.81 -13.72
N THR D 574 -30.73 -26.57 -12.59
CA THR D 574 -30.70 -25.24 -11.98
C THR D 574 -29.28 -24.84 -11.58
N LEU D 575 -28.53 -25.79 -11.00
CA LEU D 575 -27.14 -25.51 -10.64
C LEU D 575 -26.31 -25.19 -11.88
N GLN D 576 -26.49 -25.96 -12.96
CA GLN D 576 -25.76 -25.69 -14.19
C GLN D 576 -26.13 -24.34 -14.77
N SER D 577 -27.42 -23.99 -14.75
CA SER D 577 -27.87 -22.71 -15.28
C SER D 577 -27.30 -21.55 -14.47
N LEU D 578 -27.30 -21.67 -13.14
CA LEU D 578 -26.76 -20.58 -12.32
C LEU D 578 -25.25 -20.49 -12.45
N PHE D 579 -24.57 -21.62 -12.69
CA PHE D 579 -23.14 -21.57 -13.00
C PHE D 579 -22.89 -20.85 -14.31
N TRP D 580 -23.67 -21.16 -15.34
CA TRP D 580 -23.45 -20.58 -16.66
C TRP D 580 -23.91 -19.14 -16.74
N SER D 581 -24.78 -18.70 -15.83
CA SER D 581 -25.15 -17.29 -15.77
C SER D 581 -23.99 -16.40 -15.37
N VAL D 582 -22.98 -16.95 -14.69
CA VAL D 582 -21.81 -16.16 -14.30
C VAL D 582 -21.07 -15.67 -15.53
N PHE D 583 -21.05 -16.46 -16.60
CA PHE D 583 -20.37 -16.11 -17.83
C PHE D 583 -21.30 -15.54 -18.89
N GLY D 584 -22.55 -15.30 -18.53
CA GLY D 584 -23.51 -14.73 -19.46
C GLY D 584 -24.05 -15.68 -20.50
N LEU D 585 -23.82 -16.99 -20.34
CA LEU D 585 -24.23 -17.97 -21.32
C LEU D 585 -25.67 -18.45 -21.13
N LEU D 586 -26.35 -17.98 -20.09
CA LEU D 586 -27.75 -18.31 -19.85
C LEU D 586 -28.60 -17.12 -20.27
N ASN D 587 -29.48 -17.34 -21.26
CA ASN D 587 -30.32 -16.27 -21.79
C ASN D 587 -31.43 -15.93 -20.80
N LEU D 588 -31.96 -14.71 -20.95
CA LEU D 588 -32.94 -14.20 -20.00
C LEU D 588 -34.32 -14.84 -20.16
N TYR D 589 -34.64 -15.37 -21.34
CA TYR D 589 -35.97 -15.92 -21.55
C TYR D 589 -36.19 -17.24 -20.82
N VAL D 590 -35.14 -17.82 -20.23
CA VAL D 590 -35.30 -19.05 -19.45
C VAL D 590 -36.11 -18.83 -18.18
N THR D 591 -36.33 -17.58 -17.77
CA THR D 591 -37.15 -17.26 -16.62
C THR D 591 -38.62 -17.13 -16.98
N ASN D 592 -38.99 -17.43 -18.22
CA ASN D 592 -40.37 -17.34 -18.69
C ASN D 592 -40.96 -18.74 -18.80
N VAL D 593 -42.16 -18.92 -18.26
CA VAL D 593 -42.85 -20.19 -18.32
C VAL D 593 -43.83 -20.17 -19.48
N LYS D 594 -44.25 -21.36 -19.91
CA LYS D 594 -45.16 -21.46 -21.05
C LYS D 594 -46.51 -20.81 -20.74
N ALA D 595 -47.00 -20.99 -19.52
CA ALA D 595 -48.27 -20.39 -19.13
C ALA D 595 -48.11 -18.88 -18.93
N ARG D 596 -49.24 -18.20 -18.77
CA ARG D 596 -49.26 -16.75 -18.59
C ARG D 596 -49.23 -16.39 -17.10
N HIS D 597 -48.19 -16.86 -16.42
CA HIS D 597 -47.97 -16.60 -15.01
C HIS D 597 -46.96 -15.47 -14.90
N GLU D 598 -47.45 -14.23 -15.04
CA GLU D 598 -46.55 -13.08 -15.03
C GLU D 598 -45.91 -12.88 -13.66
N PHE D 599 -46.66 -13.12 -12.58
CA PHE D 599 -46.09 -12.95 -11.25
C PHE D 599 -45.00 -13.98 -10.99
N THR D 600 -45.24 -15.23 -11.35
CA THR D 600 -44.23 -16.28 -11.17
C THR D 600 -42.99 -16.00 -11.99
N GLU D 601 -43.18 -15.59 -13.25
CA GLU D 601 -42.05 -15.27 -14.11
C GLU D 601 -41.26 -14.10 -13.57
N PHE D 602 -41.96 -13.07 -13.05
CA PHE D 602 -41.26 -11.93 -12.48
C PHE D 602 -40.49 -12.31 -11.23
N VAL D 603 -41.08 -13.17 -10.38
CA VAL D 603 -40.38 -13.62 -9.18
C VAL D 603 -39.15 -14.42 -9.54
N GLY D 604 -39.25 -15.29 -10.54
CA GLY D 604 -38.09 -16.05 -10.98
C GLY D 604 -37.01 -15.16 -11.58
N ALA D 605 -37.41 -14.17 -12.38
CA ALA D 605 -36.44 -13.22 -12.93
C ALA D 605 -35.81 -12.38 -11.83
N THR D 606 -36.55 -12.08 -10.76
CA THR D 606 -35.99 -11.31 -9.67
C THR D 606 -35.01 -12.14 -8.85
N MET D 607 -35.30 -13.42 -8.64
CA MET D 607 -34.30 -14.30 -8.04
C MET D 607 -33.07 -14.41 -8.90
N PHE D 608 -33.26 -14.53 -10.22
CA PHE D 608 -32.12 -14.63 -11.13
C PHE D 608 -31.29 -13.36 -11.11
N GLY D 609 -31.94 -12.20 -11.08
CA GLY D 609 -31.22 -10.94 -11.00
C GLY D 609 -30.50 -10.75 -9.68
N THR D 610 -31.13 -11.15 -8.57
CA THR D 610 -30.47 -11.08 -7.28
C THR D 610 -29.26 -11.99 -7.23
N TYR D 611 -29.38 -13.20 -7.78
CA TYR D 611 -28.24 -14.10 -7.86
C TYR D 611 -27.13 -13.50 -8.72
N ASN D 612 -27.49 -12.92 -9.87
CA ASN D 612 -26.49 -12.29 -10.72
C ASN D 612 -25.76 -11.18 -9.98
N VAL D 613 -26.52 -10.27 -9.36
CA VAL D 613 -25.92 -9.18 -8.58
C VAL D 613 -24.98 -9.75 -7.53
N ILE D 614 -25.52 -10.54 -6.60
CA ILE D 614 -24.76 -11.05 -5.48
C ILE D 614 -23.52 -11.76 -5.99
N SER D 615 -23.71 -12.86 -6.73
CA SER D 615 -22.58 -13.67 -7.17
C SER D 615 -21.60 -12.82 -7.97
N LEU D 616 -22.00 -12.35 -9.16
CA LEU D 616 -21.03 -11.66 -10.00
C LEU D 616 -20.44 -10.47 -9.28
N VAL D 617 -21.24 -9.42 -9.03
CA VAL D 617 -20.67 -8.19 -8.52
C VAL D 617 -19.99 -8.46 -7.18
N VAL D 618 -20.78 -8.83 -6.17
CA VAL D 618 -20.24 -8.85 -4.81
C VAL D 618 -19.18 -9.92 -4.69
N LEU D 619 -19.50 -11.17 -5.06
CA LEU D 619 -18.58 -12.27 -4.79
C LEU D 619 -17.35 -12.20 -5.68
N LEU D 620 -17.51 -11.93 -6.98
CA LEU D 620 -16.35 -11.89 -7.87
C LEU D 620 -15.44 -10.72 -7.52
N ASN D 621 -16.02 -9.54 -7.23
CA ASN D 621 -15.17 -8.41 -6.87
C ASN D 621 -14.54 -8.58 -5.50
N MET D 622 -15.23 -9.24 -4.57
CA MET D 622 -14.63 -9.63 -3.30
C MET D 622 -13.44 -10.55 -3.53
N LEU D 623 -13.60 -11.54 -4.43
CA LEU D 623 -12.49 -12.41 -4.76
C LEU D 623 -11.33 -11.64 -5.37
N ILE D 624 -11.64 -10.66 -6.22
CA ILE D 624 -10.60 -9.82 -6.80
C ILE D 624 -9.84 -9.08 -5.71
N ALA D 625 -10.57 -8.53 -4.73
CA ALA D 625 -9.92 -7.82 -3.64
C ALA D 625 -9.05 -8.74 -2.79
N MET D 626 -9.57 -9.93 -2.46
CA MET D 626 -8.77 -10.89 -1.69
C MET D 626 -7.52 -11.30 -2.43
N MET D 627 -7.64 -11.57 -3.74
CA MET D 627 -6.47 -11.93 -4.53
C MET D 627 -5.48 -10.78 -4.63
N ASN D 628 -5.97 -9.55 -4.76
CA ASN D 628 -5.08 -8.39 -4.78
C ASN D 628 -4.27 -8.31 -3.48
N ASN D 629 -4.96 -8.38 -2.34
CA ASN D 629 -4.26 -8.31 -1.05
C ASN D 629 -3.30 -9.49 -0.88
N SER D 630 -3.73 -10.68 -1.27
CA SER D 630 -2.85 -11.85 -1.18
C SER D 630 -1.60 -11.67 -2.04
N TYR D 631 -1.77 -11.07 -3.22
CA TYR D 631 -0.63 -10.81 -4.09
C TYR D 631 0.35 -9.84 -3.44
N GLN D 632 -0.16 -8.77 -2.81
CA GLN D 632 0.74 -7.86 -2.10
C GLN D 632 1.47 -8.57 -0.98
N LEU D 633 0.78 -9.45 -0.25
CA LEU D 633 1.45 -10.19 0.82
C LEU D 633 2.53 -11.13 0.28
N ILE D 634 2.26 -11.82 -0.83
CA ILE D 634 3.23 -12.82 -1.30
C ILE D 634 4.39 -12.18 -2.04
N ALA D 635 4.19 -11.00 -2.63
CA ALA D 635 5.24 -10.39 -3.45
C ALA D 635 6.52 -10.16 -2.68
N ASP D 636 6.42 -9.88 -1.37
CA ASP D 636 7.63 -9.69 -0.56
C ASP D 636 8.43 -10.98 -0.44
N HIS D 637 7.74 -12.11 -0.27
CA HIS D 637 8.39 -13.40 -0.06
C HIS D 637 8.34 -14.30 -1.29
N ALA D 638 8.00 -13.75 -2.46
CA ALA D 638 7.85 -14.58 -3.66
C ALA D 638 9.19 -15.18 -4.09
N ASP D 639 10.27 -14.41 -4.00
CA ASP D 639 11.57 -14.89 -4.47
C ASP D 639 12.05 -16.07 -3.64
N ILE D 640 11.93 -15.98 -2.32
CA ILE D 640 12.40 -17.07 -1.46
C ILE D 640 11.57 -18.33 -1.69
N GLU D 641 10.25 -18.17 -1.83
CA GLU D 641 9.39 -19.31 -2.11
C GLU D 641 9.76 -19.97 -3.44
N TRP D 642 10.00 -19.16 -4.47
CA TRP D 642 10.38 -19.74 -5.75
C TRP D 642 11.73 -20.44 -5.67
N LYS D 643 12.70 -19.86 -4.95
CA LYS D 643 13.99 -20.51 -4.81
C LYS D 643 13.88 -21.84 -4.08
N PHE D 644 13.04 -21.89 -3.03
CA PHE D 644 12.84 -23.15 -2.31
C PHE D 644 12.20 -24.20 -3.21
N ALA D 645 11.17 -23.81 -3.98
CA ALA D 645 10.52 -24.76 -4.86
C ALA D 645 11.47 -25.24 -5.95
N ARG D 646 12.28 -24.33 -6.51
CA ARG D 646 13.24 -24.71 -7.53
C ARG D 646 14.34 -25.60 -6.97
N THR D 647 14.74 -25.37 -5.71
CA THR D 647 15.68 -26.28 -5.06
C THR D 647 15.10 -27.66 -4.90
N LYS D 648 13.82 -27.76 -4.51
CA LYS D 648 13.17 -29.06 -4.43
C LYS D 648 13.16 -29.75 -5.80
N LEU D 649 12.83 -28.99 -6.84
CA LEU D 649 12.84 -29.56 -8.19
C LEU D 649 14.23 -30.04 -8.59
N TRP D 650 15.26 -29.25 -8.26
CA TRP D 650 16.62 -29.63 -8.61
C TRP D 650 17.07 -30.89 -7.88
N MET D 651 16.87 -30.94 -6.56
CA MET D 651 17.23 -32.14 -5.81
C MET D 651 16.38 -33.35 -6.20
N SER D 652 15.21 -33.13 -6.80
CA SER D 652 14.48 -34.26 -7.35
C SER D 652 15.24 -34.94 -8.49
N TYR D 653 16.15 -34.22 -9.16
CA TYR D 653 16.94 -34.77 -10.25
C TYR D 653 18.36 -35.10 -9.84
N PHE D 654 18.71 -34.95 -8.56
CA PHE D 654 20.07 -35.26 -8.12
C PHE D 654 20.26 -36.74 -7.84
N ASP D 655 19.20 -37.45 -7.47
CA ASP D 655 19.32 -38.84 -7.03
C ASP D 655 19.63 -39.77 -8.20
N GLU D 656 20.26 -40.90 -7.86
CA GLU D 656 20.58 -41.91 -8.88
C GLU D 656 19.32 -42.50 -9.49
N GLY D 657 18.32 -42.80 -8.66
CA GLY D 657 17.11 -43.41 -9.16
C GLY D 657 16.24 -42.44 -9.94
N GLY D 658 15.40 -43.01 -10.80
CA GLY D 658 14.50 -42.21 -11.61
C GLY D 658 15.19 -41.40 -12.68
N THR D 659 16.38 -41.84 -13.12
CA THR D 659 17.10 -41.09 -14.14
C THR D 659 16.47 -41.27 -15.51
N LEU D 660 16.02 -42.48 -15.83
CA LEU D 660 15.44 -42.75 -17.14
C LEU D 660 14.01 -42.21 -17.21
N PRO D 661 13.70 -41.34 -18.17
CA PRO D 661 12.31 -40.88 -18.31
C PRO D 661 11.47 -41.93 -19.03
N PRO D 662 10.15 -41.82 -18.96
CA PRO D 662 9.31 -42.74 -19.71
C PRO D 662 9.53 -42.55 -21.20
N PRO D 663 9.37 -43.63 -21.99
CA PRO D 663 8.96 -44.97 -21.56
C PRO D 663 10.15 -45.87 -21.24
N PHE D 664 11.32 -45.28 -21.05
CA PHE D 664 12.54 -46.06 -20.81
C PHE D 664 12.69 -46.51 -19.36
N ASN D 665 11.82 -46.07 -18.46
CA ASN D 665 11.90 -46.49 -17.08
C ASN D 665 11.25 -47.85 -16.83
N ILE D 666 10.52 -48.38 -17.80
CA ILE D 666 9.88 -49.70 -17.67
C ILE D 666 10.63 -50.75 -18.47
N ILE D 667 11.82 -50.44 -18.96
CA ILE D 667 12.65 -51.40 -19.70
C ILE D 667 13.60 -52.05 -18.70
N PRO D 668 13.49 -53.34 -18.43
CA PRO D 668 14.39 -53.98 -17.47
C PRO D 668 15.82 -53.94 -17.94
N SER D 669 16.69 -53.34 -17.13
CA SER D 669 18.10 -53.27 -17.46
C SER D 669 18.75 -54.65 -17.33
N PRO D 670 19.83 -54.90 -18.07
CA PRO D 670 20.53 -56.18 -17.93
C PRO D 670 21.04 -56.45 -16.53
N LYS D 671 21.38 -55.40 -15.78
CA LYS D 671 21.86 -55.57 -14.41
C LYS D 671 20.76 -56.14 -13.51
N ASN D 706 31.77 -44.44 13.78
CA ASN D 706 32.90 -44.81 12.94
C ASN D 706 33.95 -43.70 12.94
N ALA D 707 35.18 -44.05 12.55
CA ALA D 707 36.26 -43.07 12.50
C ALA D 707 35.98 -42.01 11.45
N ASP D 708 35.46 -42.41 10.29
CA ASP D 708 35.15 -41.44 9.23
C ASP D 708 34.06 -40.47 9.66
N SER D 709 33.06 -40.97 10.39
CA SER D 709 32.00 -40.09 10.88
C SER D 709 32.54 -39.10 11.91
N LEU D 710 33.47 -39.54 12.77
CA LEU D 710 33.97 -38.69 13.83
C LEU D 710 34.73 -37.48 13.28
N ILE D 711 35.55 -37.69 12.26
CA ILE D 711 36.31 -36.57 11.70
C ILE D 711 35.39 -35.58 10.99
N GLN D 712 34.33 -36.08 10.35
CA GLN D 712 33.33 -35.19 9.78
C GLN D 712 32.66 -34.36 10.87
N ASN D 713 32.35 -34.99 12.00
CA ASN D 713 31.77 -34.26 13.13
C ASN D 713 32.72 -33.20 13.65
N GLN D 714 34.01 -33.51 13.74
CA GLN D 714 34.99 -32.54 14.21
C GLN D 714 35.10 -31.35 13.26
N HIS D 715 35.14 -31.63 11.95
CA HIS D 715 35.19 -30.54 10.98
C HIS D 715 33.94 -29.68 11.06
N TYR D 716 32.77 -30.30 11.18
CA TYR D 716 31.53 -29.55 11.30
C TYR D 716 31.53 -28.72 12.58
N GLN D 717 32.07 -29.26 13.68
CA GLN D 717 32.11 -28.53 14.94
C GLN D 717 33.03 -27.32 14.84
N GLU D 718 34.19 -27.47 14.18
CA GLU D 718 35.07 -26.32 13.99
C GLU D 718 34.42 -25.25 13.11
N VAL D 719 33.78 -25.67 12.01
CA VAL D 719 33.10 -24.72 11.15
C VAL D 719 31.99 -24.01 11.91
N ILE D 720 31.25 -24.76 12.73
CA ILE D 720 30.15 -24.18 13.51
C ILE D 720 30.68 -23.20 14.55
N ARG D 721 31.82 -23.52 15.17
CA ARG D 721 32.43 -22.60 16.12
C ARG D 721 32.80 -21.28 15.44
N ASN D 722 33.42 -21.36 14.26
CA ASN D 722 33.76 -20.15 13.52
C ASN D 722 32.50 -19.37 13.14
N LEU D 723 31.48 -20.08 12.67
CA LEU D 723 30.23 -19.42 12.29
C LEU D 723 29.57 -18.74 13.48
N VAL D 724 29.59 -19.38 14.64
CA VAL D 724 28.98 -18.80 15.83
C VAL D 724 29.72 -17.56 16.26
N LYS D 725 31.06 -17.62 16.25
CA LYS D 725 31.84 -16.43 16.60
C LYS D 725 31.54 -15.27 15.65
N ARG D 726 31.52 -15.55 14.34
CA ARG D 726 31.22 -14.51 13.36
C ARG D 726 29.82 -13.97 13.54
N TYR D 727 28.84 -14.84 13.80
CA TYR D 727 27.46 -14.42 13.97
C TYR D 727 27.31 -13.53 15.21
N VAL D 728 27.97 -13.90 16.31
CA VAL D 728 27.87 -13.09 17.52
C VAL D 728 28.49 -11.72 17.28
N ALA D 729 29.66 -11.68 16.65
CA ALA D 729 30.28 -10.40 16.34
C ALA D 729 29.39 -9.55 15.44
N ALA D 730 28.80 -10.17 14.41
CA ALA D 730 27.96 -9.44 13.47
C ALA D 730 26.70 -8.92 14.15
N MET D 731 26.10 -9.71 15.04
CA MET D 731 24.90 -9.27 15.73
C MET D 731 25.20 -8.14 16.70
N ILE D 732 26.34 -8.20 17.40
CA ILE D 732 26.74 -7.09 18.26
C ILE D 732 26.96 -5.84 17.43
N ARG D 733 27.62 -5.97 16.28
CA ARG D 733 27.82 -4.82 15.41
C ARG D 733 26.49 -4.25 14.92
N ASN D 734 25.55 -5.11 14.55
CA ASN D 734 24.24 -4.66 14.09
C ASN D 734 23.50 -3.92 15.19
N SER D 735 23.55 -4.45 16.42
CA SER D 735 22.91 -3.77 17.54
C SER D 735 23.55 -2.41 17.82
N LYS D 736 24.89 -2.34 17.74
CA LYS D 736 25.57 -1.10 18.06
C LYS D 736 25.29 -0.01 17.02
N THR D 737 25.12 -0.38 15.75
CA THR D 737 24.91 0.58 14.68
C THR D 737 23.45 0.74 14.30
N HIS D 738 22.55 0.66 15.27
CA HIS D 738 21.12 0.85 15.05
C HIS D 738 20.75 2.29 15.40
N GLU D 739 20.21 3.02 14.44
CA GLU D 739 19.84 4.41 14.66
C GLU D 739 18.69 4.52 15.65
N GLY D 740 18.78 5.50 16.55
CA GLY D 740 17.72 5.74 17.51
C GLY D 740 18.12 5.38 18.92
N LEU D 741 18.26 6.39 19.77
CA LEU D 741 18.57 6.20 21.18
C LEU D 741 17.30 6.35 22.02
N THR D 742 17.12 5.42 22.96
CA THR D 742 16.02 5.52 23.90
C THR D 742 16.40 6.42 25.07
N GLU D 743 15.39 6.88 25.80
CA GLU D 743 15.63 7.84 26.87
C GLU D 743 16.29 7.24 28.11
N GLU D 744 16.36 5.90 28.22
CA GLU D 744 17.11 5.33 29.33
C GLU D 744 18.60 5.65 29.20
N ASN D 745 19.11 5.69 27.97
CA ASN D 745 20.48 6.13 27.75
C ASN D 745 20.66 7.59 28.14
N PHE D 746 19.68 8.43 27.83
CA PHE D 746 19.73 9.83 28.24
C PHE D 746 19.75 9.96 29.76
N LYS D 747 18.91 9.20 30.45
CA LYS D 747 18.88 9.26 31.91
C LYS D 747 20.18 8.74 32.53
N GLU D 748 20.76 7.71 31.94
CA GLU D 748 22.01 7.18 32.49
C GLU D 748 23.17 8.13 32.21
N LEU D 749 23.16 8.81 31.06
CA LEU D 749 24.14 9.85 30.81
C LEU D 749 24.00 10.99 31.82
N LYS D 750 22.76 11.38 32.10
CA LYS D 750 22.49 12.34 33.16
C LYS D 750 23.04 11.84 34.49
N GLN D 751 22.88 10.54 34.77
CA GLN D 751 23.38 9.97 36.01
C GLN D 751 24.90 10.07 36.10
N ASP D 752 25.60 9.75 35.02
CA ASP D 752 27.05 9.87 35.01
C ASP D 752 27.48 11.31 35.22
N ILE D 753 26.85 12.24 34.51
CA ILE D 753 27.21 13.66 34.63
C ILE D 753 26.95 14.17 36.03
N SER D 754 25.81 13.80 36.61
CA SER D 754 25.47 14.24 37.96
C SER D 754 26.41 13.64 39.01
N SER D 755 26.75 12.36 38.86
CA SER D 755 27.70 11.75 39.78
C SER D 755 29.05 12.44 39.71
N PHE D 756 29.50 12.77 38.50
CA PHE D 756 30.75 13.50 38.35
C PHE D 756 30.67 14.88 39.02
N ARG D 757 29.55 15.58 38.82
CA ARG D 757 29.38 16.91 39.43
C ARG D 757 29.44 16.82 40.94
N TYR D 758 28.68 15.89 41.53
CA TYR D 758 28.65 15.77 42.99
C TYR D 758 30.00 15.31 43.53
N GLU D 759 30.68 14.41 42.83
CA GLU D 759 32.00 13.96 43.27
C GLU D 759 33.00 15.10 43.26
N VAL D 760 32.97 15.95 42.22
CA VAL D 760 33.84 17.11 42.18
C VAL D 760 33.51 18.07 43.32
N LEU D 761 32.21 18.28 43.58
CA LEU D 761 31.81 19.16 44.67
C LEU D 761 32.30 18.64 46.01
N ASP D 762 32.20 17.32 46.23
CA ASP D 762 32.71 16.73 47.47
C ASP D 762 34.21 16.89 47.58
N LEU D 763 34.94 16.66 46.47
CA LEU D 763 36.38 16.85 46.49
C LEU D 763 36.75 18.32 46.71
N LEU D 764 36.03 19.22 46.07
CA LEU D 764 36.31 20.65 46.20
C LEU D 764 35.32 21.31 47.16
#